data_8SSL
#
_entry.id   8SSL
#
_cell.length_a   1.00
_cell.length_b   1.00
_cell.length_c   1.00
_cell.angle_alpha   90.00
_cell.angle_beta   90.00
_cell.angle_gamma   90.00
#
_symmetry.space_group_name_H-M   'P 1'
#
loop_
_entity.id
_entity.type
_entity.pdbx_description
1 polymer 'Fused isobutyryl-CoA mutase'
2 non-polymer "GUANOSINE-5'-DIPHOSPHATE"
3 non-polymer 'MAGNESIUM ION'
#
_entity_poly.entity_id   1
_entity_poly.type   'polypeptide(L)'
_entity_poly.pdbx_seq_one_letter_code
;MGSSHHHHHHSSGLVPRGSHMTDLSDVSRTAAAKPPAVPGRGPANKVRFVTAASLFDGHDASINIMRRILQSQGCEVIHL
GHNRSVQEVVTAALQEDVQGIAISSYQGGHVEYFKYMIDLLREHGGEHIQVFGGGGGVIVPDEIRELQAYGVARIYSPED
GQRMGLAGMITDMAQRCDIDLTRYAPTTLDTVVAGDRRALAQLITALENGKADPELVSALHAQAKAAAVPVLGITGTGGA
GKSSLTDELIRRFRLDQDDALSIAVISIDPSRRKSGGALLGDRIRMNAINHPNIFMRSLATREAGSEISQALPDVIAACK
AARFDLVIVETSGIGQGDAAIVPHVDLSLYVMTPEFGAASALEKIDMLDFADFVAINKFDRKGAQDAWRDVAKQVQRNRE
QWHSRAEDMPVYGTQASRFNDDGVTMLYQGLVGALGARGMSLKPGTLPNLEGRISTGQNVIVPPARSRYLAELADTVRAY
HRRVVAQSKLARERQQLRAAHDMLQGAGHESAALETLASERDVSLGAVERKLLAMWPQMQQAYSGDEYVVKIRDKEIRTG
LISTTLSGTKIRKVVLPRFEDEGEILKWLMRENVPGSFPYTAGVFAFKREGEDPTRMFAGEGDAFRTNRRFKLVSEGMEA
KRLSTAFDSVTLYGEDPHERPDIYGKVGNSGVSIATLEDMKVLYDGFDLTNPSTSVSMTINGPAPTILAMFMNTAIDQQI
DRFRADNGRDPTADEEAKIRAWVLQNVRGTVQADILKEDQGQNTCIFSTEFSLKVMGDIQEYFVHHQVRNFYSVSISGYH
IAEAGANPISQLAFTLANGFTYVEAYLARGMHIDDFAPNLSFFFSNGMDPEYSVLGRVARRIWAVTMRDKYGANDRSQKL
KYHIQTSGRSLHAQEIDFNDIRTTLQALIAIYDNCNSLHTNAYDEAITTPTAESVRRALAIQLIINREWGVAKCENPNQG
SFLIEELTDLVEEAVLQEFERIAERGGVLGAMETGYQRGKIQEESLYYEQLKHDGTLPIIGVNTFRNPNGDPTPQTLELA
RSSEDEKQSQLHRLTEFHGAHQADAEAMLARLRQAVIDNRNVFAVLMDAVRVCSLGQITHALFEVGGQYRRNM
;
_entity_poly.pdbx_strand_id   A,B,C
#
loop_
_chem_comp.id
_chem_comp.type
_chem_comp.name
_chem_comp.formula
GDP RNA linking GUANOSINE-5'-DIPHOSPHATE 'C10 H15 N5 O11 P2'
MG non-polymer 'MAGNESIUM ION' 'Mg 2'
#
# COMPACT_ATOMS: atom_id res chain seq x y z
N GLY A 42 46.98 14.30 -30.02
CA GLY A 42 47.63 13.05 -29.67
C GLY A 42 47.96 12.20 -30.87
N PRO A 43 48.15 10.90 -30.65
CA PRO A 43 48.44 10.00 -31.75
C PRO A 43 47.24 9.85 -32.66
N ALA A 44 47.53 9.78 -33.96
CA ALA A 44 46.45 9.72 -34.96
C ALA A 44 45.56 8.49 -34.75
N ASN A 45 46.11 7.43 -34.20
CA ASN A 45 45.33 6.24 -33.92
C ASN A 45 44.31 6.52 -32.81
N LYS A 46 43.21 5.79 -32.85
CA LYS A 46 42.17 5.89 -31.85
C LYS A 46 42.09 4.59 -31.07
N VAL A 47 41.71 4.69 -29.80
CA VAL A 47 41.59 3.49 -28.97
C VAL A 47 40.23 2.85 -29.19
N ARG A 48 40.23 1.60 -29.64
CA ARG A 48 39.01 0.85 -29.90
C ARG A 48 38.88 -0.25 -28.86
N PHE A 49 37.74 -0.28 -28.18
CA PHE A 49 37.51 -1.26 -27.12
C PHE A 49 36.19 -1.98 -27.35
N VAL A 50 36.02 -3.08 -26.62
CA VAL A 50 34.76 -3.82 -26.58
C VAL A 50 34.52 -4.25 -25.14
N THR A 51 33.28 -4.08 -24.69
CA THR A 51 32.90 -4.43 -23.32
C THR A 51 31.64 -5.29 -23.33
N ALA A 52 31.52 -6.15 -22.33
CA ALA A 52 30.40 -7.08 -22.24
C ALA A 52 30.46 -7.77 -20.88
N ALA A 53 29.45 -8.60 -20.63
CA ALA A 53 29.36 -9.39 -19.41
C ALA A 53 29.33 -10.88 -19.75
N SER A 54 29.90 -11.69 -18.86
CA SER A 54 29.96 -13.12 -19.09
C SER A 54 28.57 -13.72 -18.97
N LEU A 55 28.46 -14.97 -19.44
CA LEU A 55 27.16 -15.61 -19.54
C LEU A 55 26.49 -15.66 -18.17
N PHE A 56 25.21 -15.29 -18.16
CA PHE A 56 24.33 -15.48 -17.01
C PHE A 56 24.77 -14.68 -15.79
N ASP A 57 24.86 -13.36 -15.94
CA ASP A 57 25.01 -12.44 -14.83
C ASP A 57 24.11 -11.23 -15.13
N GLY A 58 22.94 -11.19 -14.49
CA GLY A 58 21.92 -10.23 -14.87
C GLY A 58 22.25 -8.78 -14.63
N HIS A 59 23.21 -8.49 -13.77
CA HIS A 59 23.64 -7.12 -13.52
C HIS A 59 24.34 -6.56 -14.74
N ASP A 60 24.20 -5.25 -14.98
CA ASP A 60 24.80 -4.61 -16.13
C ASP A 60 25.47 -3.28 -15.82
N ALA A 61 25.19 -2.68 -14.67
CA ALA A 61 25.66 -1.32 -14.40
C ALA A 61 27.17 -1.21 -14.45
N SER A 62 27.89 -2.29 -14.12
CA SER A 62 29.33 -2.25 -14.15
C SER A 62 29.85 -1.98 -15.55
N ILE A 63 29.23 -2.64 -16.55
CA ILE A 63 29.57 -2.37 -17.94
C ILE A 63 29.41 -0.89 -18.24
N ASN A 64 28.28 -0.31 -17.82
CA ASN A 64 28.01 1.09 -18.10
C ASN A 64 29.04 2.00 -17.44
N ILE A 65 29.40 1.71 -16.19
CA ILE A 65 30.35 2.56 -15.48
C ILE A 65 31.71 2.49 -16.14
N MET A 66 32.12 1.29 -16.56
CA MET A 66 33.38 1.16 -17.28
C MET A 66 33.34 1.93 -18.59
N ARG A 67 32.25 1.79 -19.36
CA ARG A 67 32.23 2.29 -20.72
C ARG A 67 32.12 3.81 -20.75
N ARG A 68 31.34 4.40 -19.84
CA ARG A 68 31.22 5.85 -19.84
C ARG A 68 32.55 6.50 -19.46
N ILE A 69 33.29 5.90 -18.53
CA ILE A 69 34.61 6.43 -18.19
C ILE A 69 35.56 6.29 -19.37
N LEU A 70 35.55 5.12 -20.03
CA LEU A 70 36.40 4.96 -21.20
C LEU A 70 36.07 6.00 -22.26
N GLN A 71 34.78 6.27 -22.47
CA GLN A 71 34.36 7.29 -23.43
C GLN A 71 34.86 8.66 -23.00
N SER A 72 34.76 8.97 -21.71
CA SER A 72 35.31 10.22 -21.21
C SER A 72 36.79 10.34 -21.54
N GLN A 73 37.50 9.22 -21.54
CA GLN A 73 38.90 9.24 -21.95
C GLN A 73 39.08 9.35 -23.46
N GLY A 74 38.01 9.61 -24.20
CA GLY A 74 38.12 9.83 -25.63
C GLY A 74 38.55 8.60 -26.40
N CYS A 75 37.96 7.45 -26.09
CA CYS A 75 38.25 6.21 -26.77
C CYS A 75 36.97 5.61 -27.33
N GLU A 76 37.02 5.19 -28.60
CA GLU A 76 35.86 4.58 -29.23
C GLU A 76 35.70 3.14 -28.77
N VAL A 77 34.50 2.77 -28.38
CA VAL A 77 34.22 1.45 -27.86
C VAL A 77 32.90 0.97 -28.44
N ILE A 78 32.87 -0.29 -28.86
CA ILE A 78 31.64 -0.94 -29.32
C ILE A 78 31.13 -1.77 -28.16
N HIS A 79 30.04 -1.32 -27.55
CA HIS A 79 29.45 -2.01 -26.41
C HIS A 79 28.36 -2.95 -26.90
N LEU A 80 28.58 -4.25 -26.74
CA LEU A 80 27.65 -5.25 -27.27
C LEU A 80 26.81 -5.92 -26.20
N GLY A 81 26.59 -5.26 -25.07
CA GLY A 81 25.64 -5.76 -24.09
C GLY A 81 26.18 -6.90 -23.26
N HIS A 82 25.28 -7.50 -22.49
CA HIS A 82 25.61 -8.55 -21.56
C HIS A 82 25.22 -9.92 -22.12
N ASN A 83 25.56 -10.97 -21.38
CA ASN A 83 25.07 -12.33 -21.62
C ASN A 83 25.41 -12.79 -23.03
N ARG A 84 26.70 -12.93 -23.30
CA ARG A 84 27.17 -13.35 -24.61
C ARG A 84 28.15 -14.50 -24.47
N SER A 85 28.23 -15.32 -25.50
CA SER A 85 29.12 -16.48 -25.47
C SER A 85 30.55 -16.04 -25.73
N VAL A 86 31.49 -16.89 -25.30
CA VAL A 86 32.90 -16.64 -25.58
C VAL A 86 33.13 -16.56 -27.07
N GLN A 87 32.59 -17.52 -27.83
CA GLN A 87 32.77 -17.52 -29.27
C GLN A 87 32.20 -16.27 -29.91
N GLU A 88 31.01 -15.84 -29.46
CA GLU A 88 30.39 -14.65 -30.03
C GLU A 88 31.28 -13.43 -29.85
N VAL A 89 31.71 -13.16 -28.62
CA VAL A 89 32.49 -11.97 -28.33
C VAL A 89 33.83 -12.01 -29.05
N VAL A 90 34.51 -13.16 -29.00
CA VAL A 90 35.82 -13.27 -29.62
C VAL A 90 35.71 -13.07 -31.13
N THR A 91 34.71 -13.68 -31.76
CA THR A 91 34.52 -13.51 -33.19
C THR A 91 34.21 -12.06 -33.54
N ALA A 92 33.34 -11.41 -32.78
CA ALA A 92 33.01 -10.03 -33.07
C ALA A 92 34.24 -9.14 -32.95
N ALA A 93 35.03 -9.33 -31.89
CA ALA A 93 36.22 -8.52 -31.69
C ALA A 93 37.24 -8.78 -32.79
N LEU A 94 37.43 -10.04 -33.17
CA LEU A 94 38.34 -10.35 -34.26
C LEU A 94 37.87 -9.70 -35.56
N GLN A 95 36.56 -9.63 -35.76
CA GLN A 95 36.04 -8.96 -36.95
C GLN A 95 36.35 -7.47 -36.91
N GLU A 96 36.07 -6.82 -35.79
CA GLU A 96 36.31 -5.38 -35.71
C GLU A 96 37.77 -5.04 -35.41
N ASP A 97 38.52 -5.97 -34.83
CA ASP A 97 39.93 -5.78 -34.48
C ASP A 97 40.11 -4.60 -33.53
N VAL A 98 39.44 -4.72 -32.39
CA VAL A 98 39.62 -3.78 -31.29
C VAL A 98 40.89 -4.15 -30.57
N GLN A 99 41.31 -3.28 -29.66
CA GLN A 99 42.54 -3.53 -28.93
C GLN A 99 42.31 -4.21 -27.59
N GLY A 100 41.12 -4.09 -27.02
CA GLY A 100 40.86 -4.63 -25.70
C GLY A 100 39.46 -5.18 -25.59
N ILE A 101 39.34 -6.24 -24.80
CA ILE A 101 38.07 -6.89 -24.51
C ILE A 101 37.79 -6.68 -23.04
N ALA A 102 36.75 -5.91 -22.73
CA ALA A 102 36.37 -5.61 -21.36
C ALA A 102 35.27 -6.58 -20.94
N ILE A 103 35.39 -7.14 -19.75
CA ILE A 103 34.51 -8.19 -19.30
C ILE A 103 34.24 -8.02 -17.81
N SER A 104 33.04 -7.59 -17.46
CA SER A 104 32.65 -7.42 -16.07
C SER A 104 32.08 -8.74 -15.60
N SER A 105 32.87 -9.50 -14.83
CA SER A 105 32.52 -10.85 -14.44
C SER A 105 32.23 -10.85 -12.94
N TYR A 106 30.96 -10.79 -12.58
CA TYR A 106 30.57 -10.77 -11.17
C TYR A 106 29.52 -11.83 -10.84
N GLN A 107 29.73 -13.07 -11.27
CA GLN A 107 28.85 -14.17 -10.92
C GLN A 107 29.59 -15.46 -10.59
N GLY A 108 30.89 -15.55 -10.87
CA GLY A 108 31.65 -16.74 -10.58
C GLY A 108 31.90 -17.61 -11.80
N GLY A 109 32.76 -18.60 -11.61
CA GLY A 109 33.15 -19.48 -12.69
C GLY A 109 33.99 -18.81 -13.76
N HIS A 110 34.46 -17.60 -13.49
CA HIS A 110 35.19 -16.82 -14.48
C HIS A 110 36.54 -17.41 -14.86
N VAL A 111 37.08 -18.33 -14.06
CA VAL A 111 38.42 -18.85 -14.34
C VAL A 111 38.45 -19.57 -15.68
N GLU A 112 37.53 -20.51 -15.89
CA GLU A 112 37.51 -21.24 -17.15
C GLU A 112 37.11 -20.31 -18.29
N TYR A 113 36.25 -19.32 -18.00
CA TYR A 113 35.87 -18.34 -19.01
C TYR A 113 37.10 -17.64 -19.56
N PHE A 114 37.94 -17.10 -18.68
CA PHE A 114 39.13 -16.39 -19.12
C PHE A 114 40.12 -17.33 -19.78
N LYS A 115 40.24 -18.56 -19.26
CA LYS A 115 41.13 -19.52 -19.89
C LYS A 115 40.74 -19.75 -21.35
N TYR A 116 39.45 -20.00 -21.58
CA TYR A 116 38.98 -20.24 -22.94
C TYR A 116 39.15 -18.99 -23.80
N MET A 117 38.92 -17.81 -23.21
CA MET A 117 39.16 -16.57 -23.94
C MET A 117 40.59 -16.49 -24.44
N ILE A 118 41.56 -16.72 -23.56
CA ILE A 118 42.96 -16.64 -23.95
C ILE A 118 43.29 -17.69 -24.99
N ASP A 119 42.80 -18.91 -24.79
CA ASP A 119 43.10 -19.98 -25.73
C ASP A 119 42.59 -19.66 -27.13
N LEU A 120 41.34 -19.19 -27.23
CA LEU A 120 40.79 -18.89 -28.54
C LEU A 120 41.44 -17.65 -29.15
N LEU A 121 41.84 -16.70 -28.30
CA LEU A 121 42.61 -15.56 -28.81
C LEU A 121 43.89 -16.03 -29.48
N ARG A 122 44.67 -16.86 -28.78
CA ARG A 122 45.90 -17.39 -29.38
C ARG A 122 45.60 -18.32 -30.55
N GLU A 123 44.39 -18.85 -30.63
CA GLU A 123 44.05 -19.76 -31.71
C GLU A 123 44.15 -19.09 -33.07
N HIS A 124 43.96 -17.78 -33.14
CA HIS A 124 44.00 -17.07 -34.41
C HIS A 124 44.82 -15.79 -34.33
N GLY A 125 46.00 -15.88 -33.72
CA GLY A 125 47.00 -14.82 -33.79
C GLY A 125 46.53 -13.47 -33.28
N GLY A 126 45.93 -13.44 -32.11
CA GLY A 126 45.48 -12.19 -31.53
C GLY A 126 46.37 -11.73 -30.40
N GLU A 127 47.63 -12.14 -30.43
CA GLU A 127 48.54 -11.86 -29.31
C GLU A 127 48.65 -10.37 -29.03
N HIS A 128 48.45 -9.53 -30.03
CA HIS A 128 48.45 -8.09 -29.81
C HIS A 128 47.38 -7.64 -28.82
N ILE A 129 46.24 -8.33 -28.78
CA ILE A 129 45.15 -7.93 -27.92
C ILE A 129 45.49 -8.25 -26.47
N GLN A 130 45.10 -7.35 -25.57
CA GLN A 130 45.19 -7.58 -24.14
C GLN A 130 43.80 -7.77 -23.58
N VAL A 131 43.72 -8.26 -22.34
CA VAL A 131 42.46 -8.62 -21.72
C VAL A 131 42.34 -7.87 -20.41
N PHE A 132 41.17 -7.30 -20.15
CA PHE A 132 40.88 -6.59 -18.91
C PHE A 132 39.42 -6.80 -18.55
N GLY A 133 39.15 -6.87 -17.24
CA GLY A 133 37.80 -7.09 -16.78
C GLY A 133 37.66 -6.78 -15.29
N GLY A 134 36.44 -6.96 -14.81
CA GLY A 134 36.14 -6.76 -13.41
C GLY A 134 35.54 -7.99 -12.75
N GLY A 135 36.10 -8.42 -11.63
CA GLY A 135 35.62 -9.61 -10.95
C GLY A 135 35.61 -9.52 -9.44
N GLY A 136 35.92 -8.34 -8.90
CA GLY A 136 35.85 -8.15 -7.46
C GLY A 136 36.89 -8.98 -6.74
N GLY A 137 36.68 -9.13 -5.43
CA GLY A 137 37.57 -9.92 -4.61
C GLY A 137 37.40 -11.40 -4.73
N VAL A 138 36.63 -11.86 -5.72
CA VAL A 138 36.36 -13.28 -5.88
C VAL A 138 37.65 -14.05 -6.13
N ILE A 139 38.51 -13.54 -7.00
CA ILE A 139 39.77 -14.20 -7.32
C ILE A 139 40.76 -13.92 -6.19
N VAL A 140 41.14 -14.97 -5.48
CA VAL A 140 42.12 -14.85 -4.40
C VAL A 140 43.46 -14.43 -5.01
N PRO A 141 44.28 -13.66 -4.27
CA PRO A 141 45.42 -12.97 -4.90
C PRO A 141 46.34 -13.85 -5.72
N ASP A 142 46.85 -14.95 -5.16
CA ASP A 142 47.82 -15.74 -5.90
C ASP A 142 47.17 -16.41 -7.10
N GLU A 143 45.88 -16.77 -6.98
CA GLU A 143 45.18 -17.38 -8.11
C GLU A 143 45.11 -16.43 -9.30
N ILE A 144 44.61 -15.21 -9.07
CA ILE A 144 44.50 -14.25 -10.17
C ILE A 144 45.88 -13.86 -10.67
N ARG A 145 46.87 -13.78 -9.78
CA ARG A 145 48.23 -13.46 -10.22
C ARG A 145 48.79 -14.56 -11.10
N GLU A 146 48.56 -15.82 -10.74
CA GLU A 146 49.01 -16.93 -11.58
C GLU A 146 48.31 -16.90 -12.93
N LEU A 147 47.01 -16.61 -12.93
CA LEU A 147 46.31 -16.48 -14.21
C LEU A 147 46.89 -15.35 -15.04
N GLN A 148 47.29 -14.25 -14.38
CA GLN A 148 47.98 -13.17 -15.07
C GLN A 148 49.26 -13.68 -15.71
N ALA A 149 50.03 -14.46 -14.96
CA ALA A 149 51.24 -15.05 -15.52
C ALA A 149 50.92 -15.97 -16.69
N TYR A 150 49.72 -16.55 -16.71
CA TYR A 150 49.32 -17.36 -17.85
C TYR A 150 49.21 -16.53 -19.12
N GLY A 151 49.00 -15.22 -18.99
CA GLY A 151 48.96 -14.35 -20.14
C GLY A 151 47.97 -13.21 -20.08
N VAL A 152 46.97 -13.30 -19.20
CA VAL A 152 46.00 -12.21 -19.09
C VAL A 152 46.68 -11.01 -18.42
N ALA A 153 46.32 -9.82 -18.88
CA ALA A 153 47.11 -8.64 -18.55
C ALA A 153 46.81 -8.15 -17.13
N ARG A 154 45.59 -7.68 -16.89
CA ARG A 154 45.29 -6.99 -15.64
C ARG A 154 43.89 -7.30 -15.18
N ILE A 155 43.73 -7.46 -13.88
CA ILE A 155 42.42 -7.58 -13.24
C ILE A 155 42.39 -6.62 -12.07
N TYR A 156 41.31 -5.86 -11.96
CA TYR A 156 41.23 -4.80 -10.96
C TYR A 156 40.73 -5.36 -9.64
N SER A 157 41.57 -5.22 -8.60
CA SER A 157 41.13 -5.63 -7.27
C SER A 157 40.17 -4.61 -6.68
N PRO A 158 39.13 -5.07 -5.99
CA PRO A 158 38.15 -4.12 -5.46
C PRO A 158 38.74 -3.19 -4.42
N GLU A 159 39.46 -3.73 -3.42
CA GLU A 159 40.12 -2.88 -2.45
C GLU A 159 41.19 -2.02 -3.11
N ASP A 160 41.99 -2.62 -4.00
CA ASP A 160 42.98 -1.83 -4.72
C ASP A 160 42.32 -0.85 -5.67
N GLY A 161 41.19 -1.24 -6.27
CA GLY A 161 40.46 -0.32 -7.13
C GLY A 161 39.94 0.88 -6.37
N GLN A 162 39.52 0.67 -5.12
CA GLN A 162 39.10 1.78 -4.28
C GLN A 162 40.29 2.61 -3.79
N ARG A 163 41.44 1.96 -3.61
CA ARG A 163 42.61 2.68 -3.09
C ARG A 163 43.24 3.54 -4.17
N MET A 164 43.74 2.93 -5.25
CA MET A 164 44.37 3.71 -6.31
C MET A 164 43.35 4.44 -7.18
N GLY A 165 42.09 4.05 -7.12
CA GLY A 165 41.07 4.75 -7.90
C GLY A 165 40.85 4.13 -9.27
N LEU A 166 39.57 3.98 -9.61
CA LEU A 166 39.23 3.46 -10.93
C LEU A 166 39.65 4.43 -12.03
N ALA A 167 39.52 5.73 -11.78
CA ALA A 167 39.95 6.71 -12.77
C ALA A 167 41.42 6.55 -13.13
N GLY A 168 42.30 6.48 -12.13
CA GLY A 168 43.72 6.32 -12.39
C GLY A 168 44.04 4.99 -13.03
N MET A 169 43.34 3.94 -12.61
CA MET A 169 43.52 2.63 -13.23
C MET A 169 43.19 2.68 -14.71
N ILE A 170 42.08 3.34 -15.06
CA ILE A 170 41.71 3.46 -16.46
C ILE A 170 42.72 4.30 -17.22
N THR A 171 43.24 5.35 -16.59
CA THR A 171 44.25 6.17 -17.26
C THR A 171 45.50 5.36 -17.59
N ASP A 172 45.96 4.55 -16.63
CA ASP A 172 47.11 3.69 -16.87
C ASP A 172 46.80 2.66 -17.94
N MET A 173 45.58 2.10 -17.92
CA MET A 173 45.19 1.14 -18.95
C MET A 173 45.20 1.78 -20.33
N ALA A 174 44.67 3.00 -20.43
CA ALA A 174 44.61 3.70 -21.71
C ALA A 174 46.00 4.02 -22.23
N GLN A 175 46.87 4.53 -21.35
CA GLN A 175 48.20 4.92 -21.80
C GLN A 175 49.07 3.72 -22.12
N ARG A 176 48.90 2.61 -21.41
CA ARG A 176 49.73 1.42 -21.64
C ARG A 176 49.45 0.79 -22.99
N CYS A 177 48.18 0.65 -23.37
CA CYS A 177 47.83 0.01 -24.63
C CYS A 177 48.14 0.88 -25.85
N ASP A 178 48.78 2.03 -25.65
CA ASP A 178 48.96 3.01 -26.73
C ASP A 178 50.11 2.59 -27.64
N ILE A 179 49.74 1.95 -28.74
CA ILE A 179 50.63 1.75 -29.88
C ILE A 179 49.78 1.36 -31.08
N ASP A 180 50.11 1.90 -32.24
CA ASP A 180 49.38 1.61 -33.47
C ASP A 180 49.99 0.39 -34.14
N LEU A 181 49.17 -0.32 -34.92
CA LEU A 181 49.60 -1.50 -35.64
C LEU A 181 49.72 -1.26 -37.14
N THR A 182 50.11 -0.04 -37.53
CA THR A 182 50.18 0.34 -38.94
C THR A 182 51.14 -0.53 -39.74
N ARG A 183 52.26 -0.95 -39.16
CA ARG A 183 53.26 -1.69 -39.91
C ARG A 183 52.80 -3.09 -40.28
N TYR A 184 51.70 -3.56 -39.72
CA TYR A 184 51.29 -4.95 -39.86
C TYR A 184 50.33 -5.17 -41.02
N ALA A 185 50.17 -4.20 -41.90
CA ALA A 185 49.26 -4.37 -43.02
C ALA A 185 49.91 -5.19 -44.13
N PRO A 186 49.12 -5.90 -44.92
CA PRO A 186 49.67 -6.61 -46.08
C PRO A 186 49.95 -5.65 -47.24
N THR A 187 50.39 -6.24 -48.35
CA THR A 187 50.75 -5.47 -49.54
C THR A 187 50.09 -5.99 -50.81
N THR A 188 49.09 -6.86 -50.71
CA THR A 188 48.46 -7.45 -51.89
C THR A 188 47.00 -7.78 -51.58
N LEU A 189 46.27 -8.11 -52.65
CA LEU A 189 44.88 -8.51 -52.54
C LEU A 189 44.64 -9.99 -52.83
N ASP A 190 45.69 -10.74 -53.13
CA ASP A 190 45.52 -12.16 -53.45
C ASP A 190 44.94 -12.92 -52.26
N THR A 191 45.55 -12.81 -51.08
CA THR A 191 45.02 -13.48 -49.91
C THR A 191 43.65 -12.91 -49.54
N VAL A 192 43.37 -11.68 -49.97
CA VAL A 192 42.07 -11.07 -49.68
C VAL A 192 40.98 -11.77 -50.48
N VAL A 193 41.13 -11.81 -51.80
CA VAL A 193 40.16 -12.52 -52.62
C VAL A 193 40.16 -14.00 -52.30
N ALA A 194 41.22 -14.51 -51.66
CA ALA A 194 41.21 -15.90 -51.22
C ALA A 194 40.10 -16.17 -50.23
N GLY A 195 39.91 -15.30 -49.25
CA GLY A 195 38.82 -15.46 -48.31
C GLY A 195 39.18 -15.29 -46.84
N ASP A 196 40.35 -14.74 -46.54
CA ASP A 196 40.70 -14.51 -45.15
C ASP A 196 39.82 -13.44 -44.54
N ARG A 197 39.72 -13.43 -43.22
CA ARG A 197 38.96 -12.39 -42.53
C ARG A 197 39.86 -11.42 -41.76
N ARG A 198 40.87 -11.95 -41.06
CA ARG A 198 41.74 -11.08 -40.28
C ARG A 198 42.50 -10.11 -41.18
N ALA A 199 43.02 -10.60 -42.30
CA ALA A 199 43.64 -9.71 -43.27
C ALA A 199 42.62 -8.74 -43.87
N LEU A 200 41.37 -9.18 -43.99
CA LEU A 200 40.32 -8.27 -44.45
C LEU A 200 40.17 -7.10 -43.50
N ALA A 201 40.10 -7.37 -42.20
CA ALA A 201 40.02 -6.30 -41.22
C ALA A 201 41.28 -5.44 -41.26
N GLN A 202 42.43 -6.06 -41.48
CA GLN A 202 43.67 -5.31 -41.61
C GLN A 202 43.58 -4.30 -42.74
N LEU A 203 43.11 -4.74 -43.91
CA LEU A 203 42.95 -3.83 -45.04
C LEU A 203 41.94 -2.73 -44.72
N ILE A 204 40.84 -3.09 -44.05
CA ILE A 204 39.84 -2.08 -43.69
C ILE A 204 40.48 -0.99 -42.84
N THR A 205 41.23 -1.39 -41.81
CA THR A 205 41.86 -0.42 -40.93
C THR A 205 42.88 0.42 -41.67
N ALA A 206 43.71 -0.21 -42.50
CA ALA A 206 44.72 0.54 -43.24
C ALA A 206 44.08 1.59 -44.14
N LEU A 207 42.98 1.22 -44.81
CA LEU A 207 42.26 2.20 -45.61
C LEU A 207 41.67 3.29 -44.74
N GLU A 208 41.16 2.93 -43.56
CA GLU A 208 40.58 3.93 -42.68
C GLU A 208 41.59 4.99 -42.30
N ASN A 209 42.80 4.59 -41.96
CA ASN A 209 43.84 5.57 -41.66
C ASN A 209 44.58 6.04 -42.89
N GLY A 210 44.24 5.52 -44.07
CA GLY A 210 44.92 5.93 -45.28
C GLY A 210 46.40 5.61 -45.32
N LYS A 211 46.77 4.41 -44.88
CA LYS A 211 48.16 3.98 -44.86
C LYS A 211 48.51 3.06 -46.02
N ALA A 212 47.64 2.94 -47.00
CA ALA A 212 47.87 2.07 -48.15
C ALA A 212 48.37 2.87 -49.34
N ASP A 213 49.09 2.20 -50.22
CA ASP A 213 49.57 2.84 -51.43
C ASP A 213 48.41 3.15 -52.37
N PRO A 214 48.47 4.24 -53.12
CA PRO A 214 47.41 4.52 -54.10
C PRO A 214 47.29 3.45 -55.17
N GLU A 215 48.37 2.71 -55.42
CA GLU A 215 48.30 1.59 -56.35
C GLU A 215 47.32 0.52 -55.86
N LEU A 216 47.33 0.23 -54.56
CA LEU A 216 46.40 -0.73 -54.00
C LEU A 216 44.96 -0.28 -54.21
N VAL A 217 44.69 1.01 -53.95
CA VAL A 217 43.33 1.53 -54.09
C VAL A 217 42.91 1.51 -55.56
N SER A 218 43.85 1.79 -56.46
CA SER A 218 43.53 1.72 -57.88
C SER A 218 43.17 0.31 -58.31
N ALA A 219 43.91 -0.68 -57.81
CA ALA A 219 43.56 -2.08 -58.09
C ALA A 219 42.20 -2.43 -57.50
N LEU A 220 41.93 -1.93 -56.30
CA LEU A 220 40.62 -2.13 -55.67
C LEU A 220 39.50 -1.59 -56.55
N HIS A 221 39.65 -0.36 -57.03
CA HIS A 221 38.65 0.23 -57.90
C HIS A 221 38.49 -0.56 -59.19
N ALA A 222 39.62 -1.00 -59.76
CA ALA A 222 39.56 -1.80 -60.97
C ALA A 222 38.73 -3.05 -60.76
N GLN A 223 38.96 -3.76 -59.67
CA GLN A 223 38.18 -4.96 -59.38
C GLN A 223 36.73 -4.62 -59.09
N ALA A 224 36.48 -3.51 -58.41
CA ALA A 224 35.12 -3.10 -58.13
C ALA A 224 34.35 -2.81 -59.41
N LYS A 225 35.03 -2.30 -60.42
CA LYS A 225 34.38 -2.07 -61.71
C LYS A 225 33.87 -3.39 -62.30
N ALA A 226 34.43 -4.51 -61.89
CA ALA A 226 33.95 -5.83 -62.27
C ALA A 226 33.14 -6.52 -61.18
N ALA A 227 32.98 -5.87 -60.02
CA ALA A 227 32.24 -6.49 -58.92
C ALA A 227 30.79 -6.75 -59.30
N ALA A 228 30.10 -5.72 -59.78
CA ALA A 228 28.69 -5.80 -60.18
C ALA A 228 27.85 -6.43 -59.08
N VAL A 229 27.79 -5.74 -57.94
CA VAL A 229 27.15 -6.28 -56.75
C VAL A 229 26.20 -5.25 -56.14
N PRO A 230 25.18 -5.68 -55.43
CA PRO A 230 24.22 -4.72 -54.85
C PRO A 230 24.83 -3.92 -53.70
N VAL A 231 24.62 -2.61 -53.77
CA VAL A 231 25.02 -1.67 -52.73
C VAL A 231 23.75 -0.94 -52.28
N LEU A 232 23.26 -1.30 -51.09
CA LEU A 232 22.01 -0.76 -50.58
C LEU A 232 22.30 0.01 -49.31
N GLY A 233 21.87 1.27 -49.27
CA GLY A 233 22.04 2.12 -48.11
C GLY A 233 20.70 2.36 -47.44
N ILE A 234 20.74 2.40 -46.11
CA ILE A 234 19.57 2.70 -45.29
C ILE A 234 19.93 3.84 -44.37
N THR A 235 19.15 4.91 -44.40
CA THR A 235 19.41 6.09 -43.59
C THR A 235 18.10 6.71 -43.11
N GLY A 236 18.22 7.74 -42.30
CA GLY A 236 17.06 8.43 -41.78
C GLY A 236 17.44 9.31 -40.61
N THR A 237 16.40 9.71 -39.87
CA THR A 237 16.59 10.55 -38.70
C THR A 237 17.27 9.75 -37.59
N GLY A 238 17.94 10.48 -36.70
CA GLY A 238 18.52 9.85 -35.53
C GLY A 238 17.44 9.25 -34.66
N GLY A 239 17.74 8.11 -34.04
CA GLY A 239 16.76 7.47 -33.18
C GLY A 239 15.58 6.88 -33.90
N ALA A 240 15.61 6.84 -35.23
CA ALA A 240 14.51 6.24 -35.97
C ALA A 240 14.42 4.75 -35.68
N GLY A 241 15.56 4.07 -35.63
CA GLY A 241 15.56 2.65 -35.39
C GLY A 241 15.98 1.86 -36.61
N LYS A 242 16.74 2.51 -37.50
CA LYS A 242 17.14 1.85 -38.74
C LYS A 242 17.87 0.54 -38.48
N SER A 243 18.62 0.47 -37.38
CA SER A 243 19.41 -0.72 -37.09
C SER A 243 18.51 -1.94 -36.95
N SER A 244 17.38 -1.78 -36.25
CA SER A 244 16.44 -2.88 -36.08
C SER A 244 15.88 -3.32 -37.42
N LEU A 245 15.56 -2.37 -38.29
CA LEU A 245 15.06 -2.74 -39.61
C LEU A 245 16.11 -3.53 -40.37
N THR A 246 17.37 -3.12 -40.29
CA THR A 246 18.45 -3.86 -40.93
C THR A 246 18.53 -5.28 -40.38
N ASP A 247 18.43 -5.42 -39.06
CA ASP A 247 18.47 -6.75 -38.47
C ASP A 247 17.34 -7.61 -39.00
N GLU A 248 16.12 -7.05 -39.06
CA GLU A 248 14.99 -7.82 -39.55
C GLU A 248 15.19 -8.22 -41.00
N LEU A 249 15.72 -7.31 -41.82
CA LEU A 249 15.97 -7.63 -43.22
C LEU A 249 16.98 -8.77 -43.35
N ILE A 250 18.05 -8.72 -42.55
CA ILE A 250 19.06 -9.77 -42.61
C ILE A 250 18.45 -11.10 -42.18
N ARG A 251 17.62 -11.07 -41.14
CA ARG A 251 16.98 -12.29 -40.68
C ARG A 251 16.08 -12.87 -41.76
N ARG A 252 15.30 -12.02 -42.43
CA ARG A 252 14.44 -12.51 -43.51
C ARG A 252 15.26 -13.08 -44.65
N PHE A 253 16.38 -12.42 -44.98
CA PHE A 253 17.28 -12.95 -46.01
C PHE A 253 17.73 -14.36 -45.66
N ARG A 254 18.24 -14.54 -44.44
CA ARG A 254 18.69 -15.87 -44.03
C ARG A 254 17.53 -16.86 -44.08
N LEU A 255 16.37 -16.47 -43.59
CA LEU A 255 15.24 -17.39 -43.52
C LEU A 255 14.81 -17.84 -44.90
N ASP A 256 14.77 -16.93 -45.86
CA ASP A 256 14.25 -17.31 -47.17
C ASP A 256 15.28 -18.02 -48.03
N GLN A 257 16.55 -17.58 -47.98
CA GLN A 257 17.54 -18.07 -48.93
C GLN A 257 18.41 -19.17 -48.36
N ASP A 258 18.02 -19.76 -47.23
CA ASP A 258 18.69 -20.94 -46.68
C ASP A 258 20.18 -20.68 -46.45
N ASP A 259 20.50 -19.46 -46.01
CA ASP A 259 21.88 -19.09 -45.70
C ASP A 259 22.82 -19.37 -46.87
N ALA A 260 22.35 -19.09 -48.07
CA ALA A 260 23.13 -19.32 -49.28
C ALA A 260 23.69 -18.04 -49.88
N LEU A 261 23.71 -16.94 -49.13
CA LEU A 261 24.17 -15.66 -49.63
C LEU A 261 25.39 -15.20 -48.84
N SER A 262 26.09 -14.21 -49.38
CA SER A 262 27.27 -13.63 -48.74
C SER A 262 26.97 -12.18 -48.40
N ILE A 263 26.59 -11.94 -47.15
CA ILE A 263 26.07 -10.65 -46.71
C ILE A 263 27.17 -9.86 -46.03
N ALA A 264 27.33 -8.60 -46.44
CA ALA A 264 28.26 -7.68 -45.81
C ALA A 264 27.48 -6.48 -45.28
N VAL A 265 27.81 -6.02 -44.08
CA VAL A 265 27.12 -4.93 -43.42
C VAL A 265 28.14 -3.92 -42.91
N ILE A 266 27.91 -2.65 -43.20
CA ILE A 266 28.79 -1.56 -42.79
C ILE A 266 27.94 -0.52 -42.09
N SER A 267 28.33 -0.14 -40.87
CA SER A 267 27.66 0.91 -40.13
C SER A 267 28.61 2.06 -39.86
N ILE A 268 28.06 3.26 -39.78
CA ILE A 268 28.83 4.47 -39.52
C ILE A 268 28.14 5.23 -38.38
N ASP A 269 28.92 5.58 -37.37
CA ASP A 269 28.38 6.22 -36.19
C ASP A 269 29.09 7.53 -35.92
N PRO A 270 28.42 8.50 -35.31
CA PRO A 270 29.03 9.80 -35.06
C PRO A 270 30.15 9.72 -34.03
N SER A 271 31.09 10.65 -34.17
CA SER A 271 32.15 10.82 -33.19
C SER A 271 31.76 11.92 -32.22
N ARG A 272 32.45 11.96 -31.08
CA ARG A 272 32.26 13.08 -30.16
C ARG A 272 33.21 14.22 -30.51
N ARG A 273 32.64 15.33 -31.00
CA ARG A 273 33.47 16.41 -31.52
C ARG A 273 34.25 17.11 -30.40
N LYS A 274 33.84 16.92 -29.15
CA LYS A 274 34.53 17.56 -28.04
C LYS A 274 35.59 16.66 -27.43
N SER A 275 35.18 15.49 -26.94
CA SER A 275 36.11 14.62 -26.24
C SER A 275 37.12 13.98 -27.19
N GLY A 276 36.71 13.72 -28.42
CA GLY A 276 37.54 13.05 -29.39
C GLY A 276 37.23 11.58 -29.59
N GLY A 277 36.55 10.95 -28.64
CA GLY A 277 36.16 9.57 -28.75
C GLY A 277 34.80 9.42 -29.41
N ALA A 278 34.22 8.24 -29.23
CA ALA A 278 32.91 7.95 -29.82
C ALA A 278 32.34 6.70 -29.16
N LEU A 279 31.07 6.42 -29.48
CA LEU A 279 30.36 5.26 -28.97
C LEU A 279 29.67 4.58 -30.17
N LEU A 280 30.39 3.68 -30.83
CA LEU A 280 29.87 3.00 -32.02
C LEU A 280 28.84 1.96 -31.57
N GLY A 281 27.71 2.46 -31.09
CA GLY A 281 26.69 1.62 -30.51
C GLY A 281 25.56 1.19 -31.43
N ASP A 282 25.87 0.39 -32.45
CA ASP A 282 24.82 -0.15 -33.29
C ASP A 282 24.87 -1.65 -33.46
N ARG A 283 26.03 -2.28 -33.28
CA ARG A 283 26.10 -3.74 -33.38
C ARG A 283 25.29 -4.42 -32.29
N ILE A 284 25.03 -3.71 -31.19
CA ILE A 284 24.35 -4.31 -30.05
C ILE A 284 22.94 -4.74 -30.43
N ARG A 285 22.20 -3.89 -31.14
CA ARG A 285 20.81 -4.21 -31.47
C ARG A 285 20.72 -5.45 -32.33
N MET A 286 21.60 -5.57 -33.33
CA MET A 286 21.58 -6.74 -34.17
C MET A 286 22.03 -7.97 -33.39
N ASN A 287 21.44 -9.11 -33.71
CA ASN A 287 21.76 -10.33 -32.98
C ASN A 287 21.96 -11.52 -33.90
N ALA A 288 21.56 -11.41 -35.17
CA ALA A 288 21.52 -12.57 -36.04
C ALA A 288 22.74 -12.70 -36.94
N ILE A 289 23.92 -12.31 -36.47
CA ILE A 289 25.13 -12.40 -37.28
C ILE A 289 26.03 -13.56 -36.85
N ASN A 290 25.51 -14.50 -36.07
CA ASN A 290 26.31 -15.62 -35.58
C ASN A 290 26.50 -16.64 -36.69
N HIS A 291 27.27 -16.24 -37.70
CA HIS A 291 27.52 -17.14 -38.82
C HIS A 291 28.72 -16.70 -39.62
N PRO A 292 29.52 -17.63 -40.12
CA PRO A 292 30.68 -17.25 -40.93
C PRO A 292 30.32 -16.57 -42.24
N ASN A 293 29.08 -16.70 -42.70
CA ASN A 293 28.72 -16.23 -44.03
C ASN A 293 28.14 -14.82 -44.02
N ILE A 294 28.01 -14.19 -42.86
CA ILE A 294 27.52 -12.82 -42.76
C ILE A 294 28.53 -12.03 -41.94
N PHE A 295 29.05 -10.95 -42.52
CA PHE A 295 30.09 -10.16 -41.87
C PHE A 295 29.63 -8.74 -41.65
N MET A 296 30.04 -8.16 -40.53
CA MET A 296 29.62 -6.82 -40.14
C MET A 296 30.85 -6.02 -39.76
N ARG A 297 30.75 -4.70 -39.89
CA ARG A 297 31.85 -3.80 -39.55
C ARG A 297 31.30 -2.43 -39.22
N SER A 298 31.91 -1.77 -38.24
CA SER A 298 31.49 -0.44 -37.81
C SER A 298 32.64 0.53 -37.99
N LEU A 299 32.30 1.78 -38.30
CA LEU A 299 33.26 2.86 -38.43
C LEU A 299 32.70 4.11 -37.79
N ALA A 300 33.58 5.00 -37.37
CA ALA A 300 33.19 6.24 -36.70
C ALA A 300 33.23 7.41 -37.68
N THR A 301 32.84 8.58 -37.18
CA THR A 301 32.89 9.78 -38.02
C THR A 301 34.31 10.30 -38.15
N ARG A 302 34.92 10.69 -37.03
CA ARG A 302 36.31 11.12 -36.98
C ARG A 302 36.54 12.44 -37.73
N GLU A 303 35.52 12.95 -38.42
CA GLU A 303 35.65 14.19 -39.17
C GLU A 303 34.68 15.21 -38.60
N ALA A 304 35.05 16.48 -38.68
CA ALA A 304 34.27 17.53 -38.03
C ALA A 304 32.89 17.69 -38.67
N GLY A 305 32.84 17.80 -39.99
CA GLY A 305 31.63 18.27 -40.63
C GLY A 305 30.64 17.27 -41.20
N SER A 306 31.12 16.29 -41.94
CA SER A 306 30.20 15.40 -42.64
C SER A 306 29.70 14.29 -41.72
N GLU A 307 28.94 13.37 -42.30
CA GLU A 307 28.46 12.17 -41.62
C GLU A 307 28.94 10.90 -42.31
N ILE A 308 29.96 10.97 -43.15
CA ILE A 308 30.52 9.81 -43.82
C ILE A 308 32.04 9.85 -43.68
N SER A 309 32.66 8.71 -43.97
CA SER A 309 34.10 8.61 -43.83
C SER A 309 34.82 9.46 -44.87
N GLN A 310 36.05 9.86 -44.52
CA GLN A 310 36.93 10.49 -45.49
C GLN A 310 37.43 9.50 -46.53
N ALA A 311 37.19 8.21 -46.32
CA ALA A 311 37.55 7.17 -47.29
C ALA A 311 36.43 6.16 -47.46
N LEU A 312 35.18 6.58 -47.24
CA LEU A 312 34.05 5.65 -47.37
C LEU A 312 33.98 4.96 -48.72
N PRO A 313 34.13 5.64 -49.86
CA PRO A 313 34.14 4.91 -51.14
C PRO A 313 35.25 3.88 -51.21
N ASP A 314 36.40 4.16 -50.59
CA ASP A 314 37.50 3.22 -50.62
C ASP A 314 37.15 1.93 -49.90
N VAL A 315 36.61 2.05 -48.68
CA VAL A 315 36.24 0.85 -47.94
C VAL A 315 35.08 0.14 -48.62
N ILE A 316 34.18 0.89 -49.26
CA ILE A 316 33.10 0.27 -50.00
C ILE A 316 33.67 -0.59 -51.12
N ALA A 317 34.63 -0.04 -51.87
CA ALA A 317 35.24 -0.82 -52.95
C ALA A 317 35.98 -2.03 -52.41
N ALA A 318 36.68 -1.86 -51.29
CA ALA A 318 37.39 -2.99 -50.70
C ALA A 318 36.43 -4.10 -50.30
N CYS A 319 35.33 -3.75 -49.64
CA CYS A 319 34.34 -4.74 -49.25
C CYS A 319 33.72 -5.41 -50.47
N LYS A 320 33.44 -4.63 -51.53
CA LYS A 320 32.89 -5.21 -52.75
C LYS A 320 33.87 -6.21 -53.37
N ALA A 321 35.17 -5.91 -53.34
CA ALA A 321 36.14 -6.78 -53.98
C ALA A 321 36.18 -8.18 -53.38
N ALA A 322 35.65 -8.34 -52.16
CA ALA A 322 35.74 -9.60 -51.44
C ALA A 322 34.79 -10.67 -51.99
N ARG A 323 34.20 -10.46 -53.15
CA ARG A 323 33.33 -11.45 -53.79
C ARG A 323 32.17 -11.85 -52.87
N PHE A 324 31.53 -10.85 -52.29
CA PHE A 324 30.35 -11.07 -51.47
C PHE A 324 29.08 -10.96 -52.32
N ASP A 325 27.95 -11.30 -51.71
CA ASP A 325 26.69 -11.24 -52.44
C ASP A 325 26.09 -9.83 -52.43
N LEU A 326 25.82 -9.28 -51.25
CA LEU A 326 25.12 -8.01 -51.15
C LEU A 326 25.67 -7.21 -49.98
N VAL A 327 25.85 -5.90 -50.19
CA VAL A 327 26.40 -5.02 -49.17
C VAL A 327 25.33 -4.03 -48.74
N ILE A 328 25.07 -3.99 -47.43
CA ILE A 328 24.17 -3.03 -46.81
C ILE A 328 25.01 -2.06 -46.00
N VAL A 329 24.70 -0.76 -46.12
CA VAL A 329 25.45 0.27 -45.42
C VAL A 329 24.46 1.24 -44.78
N GLU A 330 24.78 1.67 -43.57
CA GLU A 330 24.01 2.67 -42.84
C GLU A 330 24.94 3.73 -42.28
N THR A 331 24.53 4.99 -42.40
CA THR A 331 25.27 6.10 -41.83
C THR A 331 24.70 6.43 -40.45
N SER A 332 25.11 7.58 -39.91
CA SER A 332 24.55 8.07 -38.67
C SER A 332 23.21 8.77 -38.95
N GLY A 333 22.51 9.12 -37.87
CA GLY A 333 21.26 9.84 -38.00
C GLY A 333 21.43 11.13 -38.75
N ILE A 334 20.59 11.35 -39.76
CA ILE A 334 20.77 12.46 -40.68
C ILE A 334 19.89 13.62 -40.25
N GLY A 335 20.23 14.81 -40.73
CA GLY A 335 19.39 15.97 -40.56
C GLY A 335 18.34 16.02 -41.63
N GLN A 336 18.20 17.15 -42.32
CA GLN A 336 17.25 17.27 -43.41
C GLN A 336 17.92 17.67 -44.72
N GLY A 337 19.02 18.39 -44.65
CA GLY A 337 19.75 18.85 -45.82
C GLY A 337 20.90 18.00 -46.26
N ASP A 338 20.93 16.72 -45.87
CA ASP A 338 22.06 15.86 -46.11
C ASP A 338 21.71 14.76 -47.10
N ALA A 339 22.62 14.52 -48.05
CA ALA A 339 22.41 13.47 -49.05
C ALA A 339 23.71 12.74 -49.32
N ALA A 340 24.53 12.55 -48.27
CA ALA A 340 25.84 11.96 -48.45
C ALA A 340 25.80 10.50 -48.86
N ILE A 341 24.65 9.86 -48.81
CA ILE A 341 24.54 8.46 -49.21
C ILE A 341 24.02 8.29 -50.63
N VAL A 342 23.55 9.36 -51.27
CA VAL A 342 22.87 9.22 -52.56
C VAL A 342 23.81 8.76 -53.67
N PRO A 343 24.84 9.51 -54.06
CA PRO A 343 25.56 9.18 -55.29
C PRO A 343 26.42 7.93 -55.21
N HIS A 344 26.89 7.56 -54.03
CA HIS A 344 27.85 6.47 -53.89
C HIS A 344 27.21 5.09 -53.91
N VAL A 345 25.96 4.97 -53.49
CA VAL A 345 25.31 3.68 -53.35
C VAL A 345 24.35 3.49 -54.51
N ASP A 346 23.82 2.27 -54.61
CA ASP A 346 22.91 1.92 -55.69
C ASP A 346 21.45 2.05 -55.32
N LEU A 347 21.06 1.61 -54.13
CA LEU A 347 19.65 1.63 -53.73
C LEU A 347 19.49 2.33 -52.39
N SER A 348 18.36 3.00 -52.22
CA SER A 348 18.15 3.89 -51.09
C SER A 348 16.89 3.52 -50.31
N LEU A 349 17.06 3.30 -49.02
CA LEU A 349 15.97 3.04 -48.08
C LEU A 349 16.02 4.11 -47.01
N TYR A 350 14.90 4.77 -46.78
CA TYR A 350 14.82 5.84 -45.80
C TYR A 350 13.77 5.53 -44.76
N VAL A 351 14.14 5.67 -43.50
CA VAL A 351 13.26 5.38 -42.37
C VAL A 351 12.66 6.68 -41.87
N MET A 352 11.45 6.60 -41.32
CA MET A 352 10.74 7.75 -40.80
C MET A 352 9.88 7.32 -39.62
N THR A 353 9.41 8.31 -38.86
CA THR A 353 8.59 8.07 -37.71
C THR A 353 7.29 8.85 -37.81
N PRO A 354 6.21 8.39 -37.17
CA PRO A 354 4.96 9.16 -37.20
C PRO A 354 5.09 10.54 -36.60
N GLU A 355 5.86 10.69 -35.53
CA GLU A 355 6.08 11.99 -34.90
C GLU A 355 7.17 12.71 -35.66
N PHE A 356 6.78 13.39 -36.73
CA PHE A 356 7.73 14.09 -37.59
C PHE A 356 7.31 15.52 -37.86
N GLY A 357 6.21 15.97 -37.29
CA GLY A 357 5.77 17.34 -37.49
C GLY A 357 4.57 17.50 -38.39
N ALA A 358 4.36 18.71 -38.89
CA ALA A 358 3.17 19.04 -39.66
C ALA A 358 3.21 18.38 -41.03
N ALA A 359 2.03 18.25 -41.63
CA ALA A 359 1.94 17.68 -42.97
C ALA A 359 2.71 18.51 -43.99
N SER A 360 2.62 19.83 -43.90
CA SER A 360 3.41 20.68 -44.80
C SER A 360 4.90 20.45 -44.62
N ALA A 361 5.34 20.20 -43.38
CA ALA A 361 6.74 19.92 -43.13
C ALA A 361 7.25 18.74 -43.94
N LEU A 362 6.37 17.80 -44.29
CA LEU A 362 6.79 16.66 -45.10
C LEU A 362 7.33 17.09 -46.45
N GLU A 363 7.01 18.29 -46.89
CA GLU A 363 7.39 18.73 -48.24
C GLU A 363 8.81 19.24 -48.33
N LYS A 364 9.53 19.34 -47.21
CA LYS A 364 10.88 19.87 -47.22
C LYS A 364 11.93 18.89 -46.72
N ILE A 365 11.61 17.59 -46.66
CA ILE A 365 12.59 16.57 -46.29
C ILE A 365 13.32 16.18 -47.58
N ASP A 366 14.50 16.75 -47.80
CA ASP A 366 15.17 16.58 -49.07
C ASP A 366 15.52 15.12 -49.36
N MET A 367 15.64 14.30 -48.32
CA MET A 367 15.99 12.90 -48.53
C MET A 367 14.97 12.19 -49.41
N LEU A 368 13.69 12.56 -49.29
CA LEU A 368 12.66 11.97 -50.12
C LEU A 368 12.90 12.18 -51.60
N ASP A 369 13.68 13.21 -51.96
CA ASP A 369 13.93 13.52 -53.36
C ASP A 369 14.65 12.40 -54.11
N PHE A 370 15.68 11.81 -53.53
CA PHE A 370 16.34 10.67 -54.14
C PHE A 370 15.89 9.35 -53.59
N ALA A 371 14.98 9.32 -52.62
CA ALA A 371 14.61 8.08 -51.96
C ALA A 371 14.07 7.07 -52.94
N ASP A 372 14.56 5.83 -52.83
CA ASP A 372 13.98 4.74 -53.61
C ASP A 372 12.80 4.12 -52.87
N PHE A 373 12.94 3.88 -51.57
CA PHE A 373 11.85 3.33 -50.79
C PHE A 373 11.87 3.91 -49.39
N VAL A 374 10.72 4.34 -48.92
CA VAL A 374 10.56 4.98 -47.62
C VAL A 374 9.66 4.12 -46.76
N ALA A 375 10.10 3.85 -45.55
CA ALA A 375 9.35 3.05 -44.59
C ALA A 375 9.21 3.84 -43.30
N ILE A 376 8.04 3.74 -42.68
CA ILE A 376 7.79 4.37 -41.39
C ILE A 376 7.80 3.25 -40.35
N ASN A 377 8.49 3.49 -39.24
CA ASN A 377 8.66 2.47 -38.22
C ASN A 377 7.80 2.77 -37.00
N LYS A 378 7.60 1.74 -36.19
CA LYS A 378 6.89 1.84 -34.92
C LYS A 378 5.48 2.40 -35.11
N PHE A 379 4.66 1.63 -35.82
CA PHE A 379 3.28 2.02 -36.08
C PHE A 379 2.43 2.03 -34.85
N ASP A 380 2.97 1.71 -33.68
CA ASP A 380 2.17 1.69 -32.47
C ASP A 380 1.51 3.03 -32.20
N ARG A 381 2.24 4.12 -32.44
CA ARG A 381 1.81 5.44 -32.02
C ARG A 381 0.67 5.94 -32.89
N LYS A 382 0.11 7.08 -32.47
CA LYS A 382 -1.02 7.67 -33.17
C LYS A 382 -0.65 8.07 -34.59
N GLY A 383 -1.69 8.33 -35.39
CA GLY A 383 -1.49 8.89 -36.71
C GLY A 383 -0.84 7.97 -37.72
N ALA A 384 -0.72 6.68 -37.40
CA ALA A 384 -0.07 5.76 -38.33
C ALA A 384 -0.69 5.84 -39.71
N GLN A 385 -2.01 5.66 -39.80
CA GLN A 385 -2.67 5.71 -41.09
C GLN A 385 -2.57 7.10 -41.71
N ASP A 386 -2.77 8.15 -40.90
CA ASP A 386 -2.69 9.51 -41.44
C ASP A 386 -1.29 9.83 -41.94
N ALA A 387 -0.28 9.44 -41.17
CA ALA A 387 1.10 9.66 -41.60
C ALA A 387 1.38 8.92 -42.89
N TRP A 388 0.92 7.68 -43.00
CA TRP A 388 1.14 6.91 -44.23
C TRP A 388 0.45 7.59 -45.40
N ARG A 389 -0.77 8.08 -45.21
CA ARG A 389 -1.49 8.77 -46.27
C ARG A 389 -0.69 9.98 -46.75
N ASP A 390 -0.26 10.81 -45.81
CA ASP A 390 0.46 12.02 -46.21
C ASP A 390 1.77 11.68 -46.90
N VAL A 391 2.49 10.68 -46.38
CA VAL A 391 3.74 10.28 -47.00
C VAL A 391 3.52 9.81 -48.42
N ALA A 392 2.51 8.96 -48.61
CA ALA A 392 2.24 8.45 -49.95
C ALA A 392 1.86 9.57 -50.90
N LYS A 393 1.02 10.50 -50.44
CA LYS A 393 0.61 11.61 -51.28
C LYS A 393 1.82 12.47 -51.66
N GLN A 394 2.69 12.76 -50.70
CA GLN A 394 3.86 13.58 -50.99
C GLN A 394 4.83 12.87 -51.93
N VAL A 395 5.02 11.56 -51.74
CA VAL A 395 5.87 10.80 -52.64
C VAL A 395 5.31 10.85 -54.06
N GLN A 396 4.00 10.67 -54.19
CA GLN A 396 3.38 10.78 -55.50
C GLN A 396 3.61 12.15 -56.11
N ARG A 397 3.44 13.20 -55.32
CA ARG A 397 3.62 14.56 -55.84
C ARG A 397 5.05 14.79 -56.30
N ASN A 398 6.02 14.34 -55.51
CA ASN A 398 7.41 14.57 -55.87
C ASN A 398 7.80 13.75 -57.09
N ARG A 399 7.23 12.55 -57.23
CA ARG A 399 7.45 11.74 -58.41
C ARG A 399 6.80 12.31 -59.66
N GLU A 400 5.73 13.08 -59.52
CA GLU A 400 4.99 13.65 -60.64
C GLU A 400 4.46 12.58 -61.57
N GLN A 401 4.18 11.39 -61.03
CA GLN A 401 3.54 10.33 -61.80
C GLN A 401 2.03 10.36 -61.54
N TRP A 402 1.40 11.37 -62.14
CA TRP A 402 -0.02 11.60 -61.91
C TRP A 402 -0.88 10.47 -62.46
N HIS A 403 -0.32 9.59 -63.28
CA HIS A 403 -1.08 8.54 -63.93
C HIS A 403 -1.53 7.42 -62.99
N SER A 404 -1.04 7.40 -61.76
CA SER A 404 -1.35 6.34 -60.82
C SER A 404 -2.30 6.83 -59.74
N ARG A 405 -2.93 5.89 -59.05
CA ARG A 405 -3.66 6.20 -57.85
C ARG A 405 -2.75 6.06 -56.64
N ALA A 406 -3.18 6.64 -55.52
CA ALA A 406 -2.28 6.87 -54.40
C ALA A 406 -1.74 5.58 -53.80
N GLU A 407 -2.61 4.58 -53.62
CA GLU A 407 -2.26 3.41 -52.83
C GLU A 407 -1.13 2.59 -53.45
N ASP A 408 -0.82 2.79 -54.73
CA ASP A 408 0.12 1.93 -55.42
C ASP A 408 1.55 2.44 -55.39
N MET A 409 1.80 3.60 -54.78
CA MET A 409 3.14 4.13 -54.73
C MET A 409 4.03 3.22 -53.89
N PRO A 410 5.33 3.13 -54.20
CA PRO A 410 6.22 2.17 -53.53
C PRO A 410 6.67 2.60 -52.14
N VAL A 411 5.72 2.87 -51.27
CA VAL A 411 6.00 3.30 -49.90
C VAL A 411 5.20 2.41 -48.96
N TYR A 412 5.91 1.64 -48.13
CA TYR A 412 5.29 0.76 -47.16
C TYR A 412 6.05 0.90 -45.84
N GLY A 413 5.32 0.98 -44.74
CA GLY A 413 5.92 1.16 -43.42
C GLY A 413 5.63 -0.04 -42.53
N THR A 414 6.60 -0.37 -41.67
CA THR A 414 6.54 -1.57 -40.86
C THR A 414 6.85 -1.28 -39.40
N GLN A 415 6.56 -2.27 -38.56
CA GLN A 415 6.81 -2.19 -37.12
C GLN A 415 7.90 -3.21 -36.80
N ALA A 416 9.12 -2.72 -36.60
CA ALA A 416 10.27 -3.60 -36.53
C ALA A 416 10.24 -4.49 -35.29
N SER A 417 10.00 -3.90 -34.12
CA SER A 417 10.26 -4.58 -32.86
C SER A 417 9.47 -5.88 -32.72
N ARG A 418 8.16 -5.84 -32.96
CA ARG A 418 7.33 -7.02 -32.74
C ARG A 418 7.64 -8.07 -33.80
N PHE A 419 7.70 -9.33 -33.38
CA PHE A 419 8.20 -10.39 -34.24
C PHE A 419 7.27 -10.64 -35.42
N ASN A 420 7.86 -11.03 -36.54
CA ASN A 420 7.14 -11.48 -37.74
C ASN A 420 6.08 -10.47 -38.17
N ASP A 421 6.52 -9.24 -38.39
CA ASP A 421 5.63 -8.21 -38.91
C ASP A 421 5.33 -8.46 -40.37
N ASP A 422 4.05 -8.36 -40.73
CA ASP A 422 3.65 -8.60 -42.11
C ASP A 422 4.26 -7.57 -43.06
N GLY A 423 4.29 -6.31 -42.65
CA GLY A 423 4.89 -5.29 -43.48
C GLY A 423 6.35 -5.55 -43.77
N VAL A 424 7.07 -6.16 -42.83
CA VAL A 424 8.44 -6.56 -43.08
C VAL A 424 8.51 -7.49 -44.28
N THR A 425 7.63 -8.50 -44.30
CA THR A 425 7.60 -9.42 -45.42
C THR A 425 7.23 -8.70 -46.72
N MET A 426 6.29 -7.76 -46.64
CA MET A 426 5.93 -7.01 -47.84
C MET A 426 7.11 -6.23 -48.39
N LEU A 427 7.85 -5.56 -47.50
CA LEU A 427 9.01 -4.80 -47.94
C LEU A 427 10.07 -5.72 -48.51
N TYR A 428 10.26 -6.89 -47.90
CA TYR A 428 11.22 -7.86 -48.44
C TYR A 428 10.81 -8.30 -49.84
N GLN A 429 9.52 -8.53 -50.05
CA GLN A 429 9.03 -8.89 -51.37
C GLN A 429 9.32 -7.79 -52.38
N GLY A 430 9.04 -6.54 -51.99
CA GLY A 430 9.35 -5.43 -52.88
C GLY A 430 10.82 -5.34 -53.22
N LEU A 431 11.69 -5.50 -52.21
CA LEU A 431 13.12 -5.37 -52.46
C LEU A 431 13.64 -6.54 -53.29
N VAL A 432 13.06 -7.72 -53.12
CA VAL A 432 13.39 -8.83 -54.01
C VAL A 432 13.05 -8.47 -55.44
N GLY A 433 11.87 -7.89 -55.65
CA GLY A 433 11.52 -7.42 -56.98
C GLY A 433 12.50 -6.39 -57.51
N ALA A 434 12.94 -5.48 -56.64
CA ALA A 434 13.87 -4.44 -57.05
C ALA A 434 15.21 -5.03 -57.47
N LEU A 435 15.73 -5.97 -56.69
CA LEU A 435 16.99 -6.62 -57.04
C LEU A 435 16.86 -7.41 -58.33
N GLY A 436 15.75 -8.11 -58.50
CA GLY A 436 15.52 -8.83 -59.75
C GLY A 436 15.49 -7.91 -60.94
N ALA A 437 14.85 -6.75 -60.79
CA ALA A 437 14.86 -5.75 -61.86
C ALA A 437 16.27 -5.27 -62.16
N ARG A 438 17.14 -5.23 -61.16
CA ARG A 438 18.54 -4.94 -61.37
C ARG A 438 19.36 -6.20 -61.60
N GLY A 439 18.75 -7.36 -61.45
CA GLY A 439 19.35 -8.61 -61.89
C GLY A 439 20.53 -9.15 -61.10
N MET A 440 20.28 -9.65 -59.88
CA MET A 440 21.30 -10.37 -59.12
C MET A 440 20.83 -11.81 -58.92
N SER A 441 21.79 -12.74 -58.95
CA SER A 441 21.48 -14.16 -58.85
C SER A 441 20.87 -14.47 -57.49
N LEU A 442 19.77 -15.23 -57.48
CA LEU A 442 19.11 -15.62 -56.24
C LEU A 442 18.15 -16.77 -56.54
N LYS A 443 17.84 -17.53 -55.49
CA LYS A 443 16.93 -18.66 -55.64
C LYS A 443 15.49 -18.19 -55.69
N PRO A 444 14.59 -19.00 -56.24
CA PRO A 444 13.17 -18.61 -56.26
C PRO A 444 12.62 -18.50 -54.85
N GLY A 445 11.60 -17.65 -54.71
CA GLY A 445 11.02 -17.41 -53.40
C GLY A 445 10.39 -18.65 -52.80
N THR A 446 10.34 -18.65 -51.47
CA THR A 446 9.85 -19.79 -50.72
C THR A 446 8.90 -19.43 -49.59
N LEU A 447 8.84 -18.18 -49.21
CA LEU A 447 7.97 -17.76 -48.11
C LEU A 447 6.60 -17.39 -48.65
N PRO A 448 5.58 -17.36 -47.78
CA PRO A 448 4.27 -16.87 -48.22
C PRO A 448 4.38 -15.42 -48.69
N ASN A 449 4.26 -15.22 -50.00
CA ASN A 449 4.48 -13.91 -50.61
C ASN A 449 3.14 -13.18 -50.73
N LEU A 450 2.70 -12.62 -49.61
CA LEU A 450 1.42 -11.92 -49.56
C LEU A 450 1.48 -10.62 -50.33
N GLU A 451 0.32 -10.01 -50.51
CA GLU A 451 0.21 -8.64 -50.98
C GLU A 451 -0.23 -7.75 -49.81
N GLY A 452 -0.34 -6.47 -50.10
CA GLY A 452 -0.77 -5.50 -49.12
C GLY A 452 0.11 -4.27 -49.11
N ARG A 453 -0.25 -3.34 -48.22
CA ARG A 453 0.47 -2.09 -48.10
C ARG A 453 0.87 -1.73 -46.68
N ILE A 454 0.04 -2.03 -45.69
CA ILE A 454 0.36 -1.71 -44.30
C ILE A 454 -0.03 -2.90 -43.44
N SER A 455 0.81 -3.20 -42.45
CA SER A 455 0.53 -4.35 -41.60
C SER A 455 -0.73 -4.10 -40.78
N THR A 456 -1.51 -5.16 -40.62
CA THR A 456 -2.76 -5.10 -39.89
C THR A 456 -2.58 -5.27 -38.39
N GLY A 457 -1.36 -5.12 -37.89
CA GLY A 457 -1.12 -5.33 -36.46
C GLY A 457 -1.40 -6.76 -36.03
N GLN A 458 -0.96 -7.73 -36.83
CA GLN A 458 -1.31 -9.11 -36.58
C GLN A 458 -0.71 -9.60 -35.27
N ASN A 459 -1.45 -10.49 -34.60
CA ASN A 459 -0.98 -11.17 -33.39
C ASN A 459 -0.73 -10.20 -32.24
N VAL A 460 -1.17 -8.96 -32.38
CA VAL A 460 -0.94 -7.95 -31.35
C VAL A 460 -1.57 -8.43 -30.05
N ILE A 461 -0.87 -8.18 -28.93
CA ILE A 461 -1.37 -8.63 -27.64
C ILE A 461 -2.62 -7.87 -27.24
N VAL A 462 -2.59 -6.56 -27.31
CA VAL A 462 -3.79 -5.84 -26.94
C VAL A 462 -4.16 -4.86 -28.01
N PRO A 463 -5.27 -5.14 -28.69
CA PRO A 463 -5.95 -4.13 -29.51
C PRO A 463 -6.10 -2.91 -28.65
N PRO A 464 -5.52 -1.79 -29.08
CA PRO A 464 -5.55 -0.55 -28.32
C PRO A 464 -6.95 -0.20 -27.90
N ALA A 465 -7.96 -0.89 -28.40
CA ALA A 465 -9.30 -0.50 -27.97
C ALA A 465 -9.51 -0.71 -26.48
N ARG A 466 -8.63 -1.48 -25.83
CA ARG A 466 -8.67 -1.67 -24.38
C ARG A 466 -7.36 -1.28 -23.71
N SER A 467 -6.75 -0.16 -24.12
CA SER A 467 -5.46 0.21 -23.57
C SER A 467 -5.53 0.58 -22.09
N ARG A 468 -6.45 1.45 -21.70
CA ARG A 468 -6.45 2.06 -20.37
C ARG A 468 -7.40 1.36 -19.40
N TYR A 469 -7.42 0.04 -19.43
CA TYR A 469 -8.32 -0.73 -18.57
C TYR A 469 -8.12 -0.43 -17.09
N LEU A 470 -6.89 -0.16 -16.66
CA LEU A 470 -6.62 0.05 -15.24
C LEU A 470 -7.42 1.23 -14.70
N ALA A 471 -7.51 2.31 -15.46
CA ALA A 471 -8.32 3.44 -15.04
C ALA A 471 -9.77 3.02 -14.84
N GLU A 472 -10.27 2.17 -15.75
CA GLU A 472 -11.63 1.67 -15.60
C GLU A 472 -11.79 0.88 -14.31
N LEU A 473 -10.82 0.03 -14.00
CA LEU A 473 -10.90 -0.75 -12.76
C LEU A 473 -10.90 0.15 -11.54
N ALA A 474 -10.03 1.16 -11.55
CA ALA A 474 -9.99 2.11 -10.43
C ALA A 474 -11.31 2.83 -10.28
N ASP A 475 -11.90 3.25 -11.40
CA ASP A 475 -13.20 3.90 -11.34
C ASP A 475 -14.25 2.96 -10.78
N THR A 476 -14.18 1.68 -11.15
CA THR A 476 -15.10 0.70 -10.60
C THR A 476 -14.99 0.62 -9.09
N VAL A 477 -13.76 0.58 -8.58
CA VAL A 477 -13.56 0.49 -7.13
C VAL A 477 -14.10 1.72 -6.42
N ARG A 478 -13.78 2.89 -6.95
CA ARG A 478 -14.25 4.13 -6.34
C ARG A 478 -15.77 4.19 -6.36
N ALA A 479 -16.38 3.77 -7.47
CA ALA A 479 -17.83 3.73 -7.55
C ALA A 479 -18.40 2.76 -6.52
N TYR A 480 -17.72 1.64 -6.29
CA TYR A 480 -18.19 0.68 -5.30
C TYR A 480 -18.24 1.33 -3.93
N HIS A 481 -17.18 2.03 -3.55
CA HIS A 481 -17.19 2.69 -2.25
C HIS A 481 -18.27 3.77 -2.18
N ARG A 482 -18.48 4.50 -3.28
CA ARG A 482 -19.53 5.51 -3.29
C ARG A 482 -20.91 4.88 -3.08
N ARG A 483 -21.16 3.76 -3.74
CA ARG A 483 -22.39 3.00 -3.53
C ARG A 483 -22.52 2.57 -2.08
N VAL A 484 -21.41 2.15 -1.47
CA VAL A 484 -21.42 1.78 -0.06
C VAL A 484 -21.93 2.94 0.78
N VAL A 485 -21.37 4.12 0.55
CA VAL A 485 -21.78 5.29 1.34
C VAL A 485 -23.27 5.57 1.17
N ALA A 486 -23.72 5.58 -0.09
CA ALA A 486 -25.11 5.93 -0.37
C ALA A 486 -26.07 4.97 0.29
N GLN A 487 -25.86 3.67 0.09
CA GLN A 487 -26.76 2.68 0.67
C GLN A 487 -26.67 2.66 2.19
N SER A 488 -25.50 2.96 2.76
CA SER A 488 -25.42 3.03 4.21
C SER A 488 -26.32 4.12 4.75
N LYS A 489 -26.24 5.32 4.18
CA LYS A 489 -27.10 6.40 4.66
C LYS A 489 -28.57 6.06 4.40
N LEU A 490 -28.85 5.36 3.31
CA LEU A 490 -30.23 4.95 3.04
C LEU A 490 -30.75 4.00 4.12
N ALA A 491 -29.94 3.03 4.51
CA ALA A 491 -30.36 2.11 5.56
C ALA A 491 -30.54 2.84 6.89
N ARG A 492 -29.65 3.80 7.17
CA ARG A 492 -29.85 4.65 8.33
C ARG A 492 -31.22 5.30 8.29
N GLU A 493 -31.60 5.83 7.13
CA GLU A 493 -32.90 6.46 6.98
C GLU A 493 -34.04 5.47 7.21
N ARG A 494 -33.91 4.25 6.69
CA ARG A 494 -34.97 3.26 6.82
C ARG A 494 -35.20 2.89 8.28
N GLN A 495 -34.13 2.51 8.98
CA GLN A 495 -34.29 2.16 10.39
C GLN A 495 -34.74 3.37 11.19
N GLN A 496 -34.34 4.57 10.76
CA GLN A 496 -34.77 5.79 11.42
C GLN A 496 -36.29 5.94 11.36
N LEU A 497 -36.85 5.83 10.16
CA LEU A 497 -38.30 5.96 10.01
C LEU A 497 -39.02 4.84 10.76
N ARG A 498 -38.50 3.62 10.69
CA ARG A 498 -39.13 2.52 11.42
C ARG A 498 -39.22 2.82 12.90
N ALA A 499 -38.09 3.08 13.55
CA ALA A 499 -38.12 3.36 14.98
C ALA A 499 -38.90 4.62 15.29
N ALA A 500 -38.93 5.57 14.36
CA ALA A 500 -39.69 6.80 14.58
C ALA A 500 -41.17 6.49 14.68
N HIS A 501 -41.72 5.76 13.73
CA HIS A 501 -43.13 5.39 13.82
C HIS A 501 -43.39 4.52 15.04
N ASP A 502 -42.44 3.65 15.37
CA ASP A 502 -42.57 2.82 16.56
C ASP A 502 -42.73 3.68 17.81
N MET A 503 -41.91 4.72 17.94
CA MET A 503 -42.03 5.60 19.10
C MET A 503 -43.29 6.45 19.03
N LEU A 504 -43.71 6.84 17.82
CA LEU A 504 -44.89 7.67 17.68
C LEU A 504 -46.14 6.92 18.10
N GLN A 505 -46.16 5.60 17.87
CA GLN A 505 -47.35 4.83 18.19
C GLN A 505 -47.68 4.83 19.69
N GLY A 506 -46.72 5.19 20.54
CA GLY A 506 -46.97 5.21 21.97
C GLY A 506 -47.54 6.50 22.50
N ALA A 507 -47.53 7.56 21.70
CA ALA A 507 -47.99 8.87 22.17
C ALA A 507 -49.45 9.11 21.87
N GLY A 508 -50.04 8.36 20.95
CA GLY A 508 -51.46 8.51 20.63
C GLY A 508 -51.70 9.12 19.27
N HIS A 509 -50.93 10.14 18.92
CA HIS A 509 -51.07 10.78 17.63
C HIS A 509 -50.37 9.95 16.57
N GLU A 510 -51.00 9.82 15.41
CA GLU A 510 -50.48 9.01 14.30
C GLU A 510 -50.73 9.74 12.99
N SER A 511 -49.73 10.47 12.51
CA SER A 511 -49.76 11.07 11.20
C SER A 511 -48.96 10.18 10.25
N ALA A 512 -49.63 9.70 9.19
CA ALA A 512 -49.13 8.57 8.42
C ALA A 512 -48.10 8.93 7.36
N ALA A 513 -47.71 10.20 7.25
CA ALA A 513 -46.75 10.58 6.22
C ALA A 513 -45.42 9.86 6.40
N LEU A 514 -45.06 9.56 7.66
CA LEU A 514 -43.81 8.88 7.94
C LEU A 514 -43.78 7.50 7.28
N GLU A 515 -44.90 6.77 7.32
CA GLU A 515 -44.97 5.47 6.67
C GLU A 515 -44.79 5.60 5.17
N THR A 516 -45.34 6.66 4.58
CA THR A 516 -45.13 6.90 3.15
C THR A 516 -43.66 7.14 2.84
N LEU A 517 -42.99 7.91 3.69
CA LEU A 517 -41.55 8.11 3.52
C LEU A 517 -40.81 6.78 3.62
N ALA A 518 -41.22 5.93 4.56
CA ALA A 518 -40.59 4.62 4.70
C ALA A 518 -40.79 3.78 3.44
N SER A 519 -42.00 3.79 2.89
CA SER A 519 -42.25 3.06 1.66
C SER A 519 -41.39 3.58 0.52
N GLU A 520 -41.29 4.91 0.38
CA GLU A 520 -40.49 5.47 -0.69
C GLU A 520 -39.02 5.09 -0.53
N ARG A 521 -38.50 5.15 0.69
CA ARG A 521 -37.12 4.78 0.90
C ARG A 521 -36.88 3.31 0.61
N ASP A 522 -37.80 2.44 1.03
CA ASP A 522 -37.66 1.02 0.74
C ASP A 522 -37.64 0.78 -0.77
N VAL A 523 -38.50 1.49 -1.50
CA VAL A 523 -38.48 1.38 -2.96
C VAL A 523 -37.15 1.85 -3.51
N SER A 524 -36.63 2.97 -3.01
CA SER A 524 -35.31 3.44 -3.43
C SER A 524 -34.20 2.52 -2.96
N LEU A 525 -34.46 1.73 -1.92
CA LEU A 525 -33.45 0.84 -1.38
C LEU A 525 -33.09 -0.24 -2.40
N GLY A 526 -31.83 -0.66 -2.35
CA GLY A 526 -31.37 -1.71 -3.24
C GLY A 526 -32.05 -3.04 -2.96
N ALA A 527 -31.88 -3.97 -3.89
CA ALA A 527 -32.58 -5.25 -3.80
C ALA A 527 -31.72 -6.33 -3.16
N VAL A 528 -30.58 -6.65 -3.77
CA VAL A 528 -29.73 -7.72 -3.25
C VAL A 528 -29.24 -7.39 -1.86
N GLU A 529 -28.83 -6.13 -1.66
CA GLU A 529 -28.45 -5.69 -0.33
C GLU A 529 -29.62 -5.80 0.65
N ARG A 530 -30.85 -5.53 0.19
CA ARG A 530 -32.01 -5.70 1.07
C ARG A 530 -32.15 -7.15 1.49
N LYS A 531 -31.98 -8.07 0.55
CA LYS A 531 -32.02 -9.49 0.88
C LYS A 531 -30.93 -9.84 1.89
N LEU A 532 -29.72 -9.33 1.67
CA LEU A 532 -28.61 -9.62 2.56
C LEU A 532 -28.89 -9.10 3.96
N LEU A 533 -29.44 -7.88 4.06
CA LEU A 533 -29.80 -7.35 5.36
C LEU A 533 -30.89 -8.19 6.02
N ALA A 534 -31.89 -8.63 5.24
CA ALA A 534 -32.91 -9.51 5.79
C ALA A 534 -32.32 -10.82 6.29
N MET A 535 -31.19 -11.24 5.72
CA MET A 535 -30.53 -12.46 6.17
C MET A 535 -29.97 -12.36 7.59
N TRP A 536 -29.92 -11.15 8.17
CA TRP A 536 -29.15 -10.95 9.39
C TRP A 536 -29.60 -11.81 10.56
N PRO A 537 -30.88 -11.91 10.90
CA PRO A 537 -31.26 -12.82 12.00
C PRO A 537 -30.87 -14.26 11.71
N GLN A 538 -30.97 -14.68 10.45
CA GLN A 538 -30.51 -16.00 10.07
C GLN A 538 -29.01 -16.13 10.29
N MET A 539 -28.26 -15.05 10.05
CA MET A 539 -26.84 -15.07 10.37
C MET A 539 -26.62 -15.24 11.86
N GLN A 540 -27.37 -14.52 12.68
CA GLN A 540 -27.22 -14.63 14.13
C GLN A 540 -27.45 -16.06 14.59
N GLN A 541 -28.51 -16.69 14.10
CA GLN A 541 -28.74 -18.09 14.43
C GLN A 541 -27.68 -18.98 13.80
N ALA A 542 -27.03 -18.53 12.73
CA ALA A 542 -26.09 -19.37 12.01
C ALA A 542 -24.85 -19.68 12.83
N TYR A 543 -24.64 -18.93 13.91
CA TYR A 543 -23.47 -19.12 14.75
C TYR A 543 -23.82 -19.18 16.23
N SER A 544 -25.08 -19.40 16.57
CA SER A 544 -25.48 -19.44 17.96
C SER A 544 -24.86 -20.62 18.69
N GLY A 545 -24.97 -21.82 18.13
CA GLY A 545 -24.63 -23.04 18.83
C GLY A 545 -23.14 -23.35 18.78
N ASP A 546 -22.84 -24.63 18.99
CA ASP A 546 -21.47 -25.10 19.04
C ASP A 546 -20.92 -25.49 17.67
N GLU A 547 -21.71 -26.18 16.86
CA GLU A 547 -21.28 -26.58 15.53
C GLU A 547 -22.23 -25.99 14.51
N TYR A 548 -21.86 -26.10 13.25
CA TYR A 548 -22.71 -25.67 12.14
C TYR A 548 -22.78 -26.76 11.08
N VAL A 549 -23.94 -26.89 10.46
CA VAL A 549 -24.18 -27.86 9.39
C VAL A 549 -24.80 -27.11 8.22
N VAL A 550 -24.38 -27.46 7.01
CA VAL A 550 -24.86 -26.85 5.79
C VAL A 550 -25.18 -27.94 4.78
N LYS A 551 -26.30 -27.78 4.06
CA LYS A 551 -26.73 -28.73 3.04
C LYS A 551 -26.29 -28.21 1.68
N ILE A 552 -25.68 -29.08 0.87
CA ILE A 552 -25.14 -28.69 -0.42
C ILE A 552 -25.10 -29.90 -1.33
N ARG A 553 -25.41 -29.69 -2.61
CA ARG A 553 -25.40 -30.73 -3.64
C ARG A 553 -26.33 -31.84 -3.16
N ASP A 554 -25.84 -33.06 -2.92
CA ASP A 554 -26.67 -34.12 -2.38
C ASP A 554 -26.44 -34.37 -0.91
N LYS A 555 -25.37 -33.82 -0.33
CA LYS A 555 -24.96 -34.17 1.02
C LYS A 555 -25.09 -32.96 1.95
N GLU A 556 -24.61 -33.13 3.18
CA GLU A 556 -24.53 -32.04 4.14
C GLU A 556 -23.28 -32.25 4.98
N ILE A 557 -22.77 -31.14 5.52
CA ILE A 557 -21.50 -31.13 6.22
C ILE A 557 -21.70 -30.49 7.59
N ARG A 558 -21.14 -31.12 8.62
CA ARG A 558 -21.19 -30.62 9.99
C ARG A 558 -19.76 -30.40 10.49
N THR A 559 -19.54 -29.29 11.18
CA THR A 559 -18.23 -29.01 11.76
C THR A 559 -18.39 -28.18 13.03
N GLY A 560 -17.56 -28.48 14.03
CA GLY A 560 -17.67 -27.81 15.31
C GLY A 560 -16.89 -26.51 15.37
N LEU A 561 -17.35 -25.62 16.26
CA LEU A 561 -16.83 -24.26 16.30
C LEU A 561 -16.55 -23.73 17.70
N ILE A 562 -16.52 -24.58 18.72
CA ILE A 562 -16.29 -24.15 20.09
C ILE A 562 -14.98 -24.75 20.58
N SER A 563 -14.17 -23.94 21.24
CA SER A 563 -12.94 -24.41 21.85
C SER A 563 -12.97 -24.15 23.35
N THR A 564 -12.24 -24.98 24.10
CA THR A 564 -12.21 -24.91 25.55
C THR A 564 -10.79 -24.69 26.02
N THR A 565 -10.59 -23.68 26.87
CA THR A 565 -9.29 -23.36 27.42
C THR A 565 -9.03 -24.16 28.69
N LEU A 566 -7.78 -24.08 29.16
CA LEU A 566 -7.44 -24.63 30.46
C LEU A 566 -8.23 -23.96 31.57
N SER A 567 -8.58 -22.69 31.38
CA SER A 567 -9.41 -21.96 32.32
C SER A 567 -10.87 -22.36 32.23
N GLY A 568 -11.24 -23.18 31.26
CA GLY A 568 -12.63 -23.44 31.00
C GLY A 568 -13.35 -22.29 30.34
N THR A 569 -12.62 -21.30 29.85
CA THR A 569 -13.21 -20.18 29.15
C THR A 569 -13.56 -20.59 27.72
N LYS A 570 -14.85 -20.67 27.43
CA LYS A 570 -15.33 -21.14 26.15
C LYS A 570 -15.12 -20.06 25.10
N ILE A 571 -14.52 -20.42 23.97
CA ILE A 571 -14.19 -19.47 22.91
C ILE A 571 -14.88 -19.89 21.62
N ARG A 572 -15.62 -18.96 21.03
CA ARG A 572 -16.16 -19.16 19.69
C ARG A 572 -15.04 -18.99 18.66
N LYS A 573 -15.07 -19.82 17.62
CA LYS A 573 -14.08 -19.68 16.55
C LYS A 573 -14.26 -18.36 15.81
N VAL A 574 -15.52 -17.94 15.63
CA VAL A 574 -15.83 -16.71 14.90
C VAL A 574 -16.74 -15.87 15.79
N VAL A 575 -16.51 -14.56 15.79
CA VAL A 575 -17.32 -13.62 16.56
C VAL A 575 -18.10 -12.76 15.58
N LEU A 576 -19.24 -12.30 15.99
CA LEU A 576 -20.03 -11.43 15.14
C LEU A 576 -20.18 -10.04 15.75
N PRO A 577 -20.43 -9.03 14.94
CA PRO A 577 -20.63 -7.68 15.49
C PRO A 577 -21.83 -7.62 16.40
N ARG A 578 -21.73 -6.75 17.40
CA ARG A 578 -22.77 -6.57 18.41
C ARG A 578 -23.55 -5.28 18.18
N PHE A 579 -23.41 -4.71 16.98
CA PHE A 579 -24.13 -3.50 16.64
C PHE A 579 -25.62 -3.80 16.49
N GLU A 580 -26.42 -2.75 16.54
CA GLU A 580 -27.84 -2.88 16.30
C GLU A 580 -28.36 -1.90 15.26
N ASP A 581 -27.74 -0.73 15.13
CA ASP A 581 -28.13 0.20 14.09
C ASP A 581 -27.68 -0.33 12.73
N GLU A 582 -28.61 -0.31 11.77
CA GLU A 582 -28.40 -1.05 10.54
C GLU A 582 -27.32 -0.44 9.66
N GLY A 583 -26.92 0.81 9.88
CA GLY A 583 -25.92 1.42 9.01
C GLY A 583 -24.56 0.73 9.11
N GLU A 584 -24.07 0.57 10.33
CA GLU A 584 -22.80 -0.12 10.52
C GLU A 584 -22.90 -1.57 10.08
N ILE A 585 -24.05 -2.20 10.33
CA ILE A 585 -24.23 -3.58 9.92
C ILE A 585 -24.13 -3.70 8.40
N LEU A 586 -24.77 -2.78 7.70
CA LEU A 586 -24.72 -2.81 6.24
C LEU A 586 -23.31 -2.58 5.73
N LYS A 587 -22.60 -1.62 6.33
CA LYS A 587 -21.23 -1.38 5.89
C LYS A 587 -20.37 -2.61 6.14
N TRP A 588 -20.56 -3.27 7.27
CA TRP A 588 -19.77 -4.46 7.58
C TRP A 588 -20.10 -5.58 6.61
N LEU A 589 -21.38 -5.74 6.27
CA LEU A 589 -21.75 -6.81 5.34
C LEU A 589 -21.33 -6.50 3.92
N MET A 590 -21.07 -5.23 3.61
CA MET A 590 -20.62 -4.86 2.28
C MET A 590 -19.09 -4.82 2.17
N ARG A 591 -18.39 -4.64 3.28
CA ARG A 591 -16.93 -4.57 3.26
C ARG A 591 -16.26 -5.87 3.67
N GLU A 592 -16.55 -6.35 4.87
CA GLU A 592 -15.83 -7.51 5.43
C GLU A 592 -16.86 -8.47 6.04
N ASN A 593 -17.09 -9.59 5.36
CA ASN A 593 -17.95 -10.64 5.90
C ASN A 593 -17.10 -11.66 6.65
N VAL A 594 -17.73 -12.75 7.07
CA VAL A 594 -17.00 -13.89 7.62
C VAL A 594 -16.28 -14.57 6.46
N PRO A 595 -15.13 -15.19 6.69
CA PRO A 595 -14.42 -15.85 5.58
C PRO A 595 -15.27 -16.94 4.96
N GLY A 596 -15.20 -17.03 3.63
CA GLY A 596 -16.02 -17.95 2.89
C GLY A 596 -17.32 -17.38 2.36
N SER A 597 -17.36 -16.09 2.03
CA SER A 597 -18.56 -15.46 1.53
C SER A 597 -18.19 -14.26 0.68
N PHE A 598 -19.17 -13.76 -0.08
CA PHE A 598 -18.95 -12.55 -0.84
C PHE A 598 -18.65 -11.39 0.10
N PRO A 599 -17.61 -10.59 -0.18
CA PRO A 599 -16.68 -10.69 -1.30
C PRO A 599 -15.36 -11.30 -0.88
N TYR A 600 -15.38 -12.19 0.11
CA TYR A 600 -14.19 -12.93 0.53
C TYR A 600 -13.06 -11.99 0.96
N THR A 601 -13.44 -10.87 1.57
CA THR A 601 -12.45 -9.93 2.07
C THR A 601 -11.60 -10.56 3.16
N ALA A 602 -12.22 -11.28 4.08
CA ALA A 602 -11.52 -11.79 5.26
C ALA A 602 -10.94 -13.18 5.04
N GLY A 603 -11.16 -13.79 3.90
CA GLY A 603 -10.63 -15.11 3.62
C GLY A 603 -11.52 -15.94 2.70
N VAL A 604 -10.87 -16.61 1.74
CA VAL A 604 -11.62 -17.36 0.74
C VAL A 604 -12.32 -18.58 1.32
N PHE A 605 -11.62 -19.41 2.08
CA PHE A 605 -12.22 -20.61 2.61
C PHE A 605 -13.32 -20.27 3.61
N ALA A 606 -14.33 -21.14 3.68
CA ALA A 606 -15.42 -20.93 4.62
C ALA A 606 -14.91 -21.01 6.06
N PHE A 607 -14.18 -22.07 6.39
CA PHE A 607 -13.59 -22.23 7.70
C PHE A 607 -12.19 -22.77 7.55
N LYS A 608 -11.36 -22.49 8.55
CA LYS A 608 -9.95 -22.83 8.47
C LYS A 608 -9.78 -24.32 8.23
N ARG A 609 -8.99 -24.67 7.23
CA ARG A 609 -8.67 -26.08 7.00
C ARG A 609 -7.92 -26.64 8.20
N GLU A 610 -8.18 -27.90 8.52
CA GLU A 610 -7.61 -28.50 9.72
C GLU A 610 -6.11 -28.69 9.57
N GLY A 611 -5.48 -29.28 10.59
CA GLY A 611 -4.03 -29.42 10.61
C GLY A 611 -3.46 -30.35 9.56
N GLU A 612 -2.24 -30.82 9.79
CA GLU A 612 -1.53 -31.69 8.86
C GLU A 612 -1.39 -31.03 7.49
N ASP A 613 -0.71 -29.90 7.47
CA ASP A 613 -0.50 -29.18 6.22
C ASP A 613 0.40 -29.98 5.29
N PRO A 614 0.25 -29.79 3.98
CA PRO A 614 1.08 -30.52 3.00
C PRO A 614 2.48 -29.95 2.87
N THR A 615 3.36 -30.35 3.79
CA THR A 615 4.73 -29.88 3.80
C THR A 615 5.50 -30.58 2.70
N ARG A 616 5.82 -29.84 1.63
CA ARG A 616 6.57 -30.42 0.52
C ARG A 616 8.04 -30.54 0.87
N MET A 617 8.74 -31.39 0.12
CA MET A 617 10.17 -31.63 0.30
C MET A 617 10.90 -31.25 -0.98
N PHE A 618 11.54 -30.09 -0.98
CA PHE A 618 12.24 -29.60 -2.16
C PHE A 618 13.69 -30.04 -2.11
N ALA A 619 14.14 -30.69 -3.18
CA ALA A 619 15.51 -31.18 -3.25
C ALA A 619 15.89 -31.51 -4.69
N GLY A 620 17.11 -31.15 -5.08
CA GLY A 620 17.60 -31.53 -6.38
C GLY A 620 18.98 -30.94 -6.64
N GLU A 621 19.92 -31.77 -7.07
CA GLU A 621 21.27 -31.32 -7.34
C GLU A 621 22.04 -32.41 -8.08
N GLY A 622 22.69 -32.03 -9.17
CA GLY A 622 23.53 -32.96 -9.88
C GLY A 622 22.80 -33.69 -10.99
N ASP A 623 23.18 -34.95 -11.19
CA ASP A 623 22.67 -35.75 -12.29
C ASP A 623 21.26 -36.27 -11.98
N ALA A 624 20.60 -36.76 -13.02
CA ALA A 624 19.26 -37.32 -12.85
C ALA A 624 19.28 -38.51 -11.89
N PHE A 625 20.29 -39.37 -12.01
CA PHE A 625 20.34 -40.56 -11.15
C PHE A 625 20.41 -40.17 -9.69
N ARG A 626 21.24 -39.18 -9.35
CA ARG A 626 21.37 -38.75 -7.97
C ARG A 626 20.05 -38.21 -7.45
N THR A 627 19.36 -37.41 -8.26
CA THR A 627 18.08 -36.86 -7.84
C THR A 627 17.04 -37.96 -7.64
N ASN A 628 17.02 -38.94 -8.53
CA ASN A 628 16.08 -40.05 -8.38
C ASN A 628 16.37 -40.82 -7.11
N ARG A 629 17.65 -41.06 -6.82
CA ARG A 629 18.01 -41.76 -5.59
C ARG A 629 17.57 -40.98 -4.37
N ARG A 630 17.79 -39.66 -4.37
CA ARG A 630 17.35 -38.83 -3.26
C ARG A 630 15.85 -38.88 -3.09
N PHE A 631 15.11 -38.79 -4.19
CA PHE A 631 13.65 -38.81 -4.13
C PHE A 631 13.15 -40.14 -3.58
N LYS A 632 13.70 -41.25 -4.07
CA LYS A 632 13.37 -42.55 -3.50
C LYS A 632 13.68 -42.60 -2.01
N LEU A 633 14.78 -41.97 -1.61
CA LEU A 633 15.17 -41.99 -0.20
C LEU A 633 14.16 -41.24 0.66
N VAL A 634 13.68 -40.10 0.19
CA VAL A 634 12.90 -39.22 1.05
C VAL A 634 11.51 -39.79 1.35
N SER A 635 10.82 -40.29 0.33
CA SER A 635 9.39 -40.54 0.44
C SER A 635 9.06 -41.94 0.94
N GLU A 636 10.02 -42.64 1.54
CA GLU A 636 9.74 -43.98 2.05
C GLU A 636 8.67 -43.92 3.14
N GLY A 637 7.73 -44.86 3.09
CA GLY A 637 6.68 -44.93 4.09
C GLY A 637 5.77 -43.74 4.11
N MET A 638 5.40 -43.22 2.94
CA MET A 638 4.55 -42.05 2.85
C MET A 638 3.33 -42.34 2.01
N GLU A 639 2.19 -41.85 2.48
CA GLU A 639 0.94 -41.98 1.73
C GLU A 639 0.90 -41.00 0.58
N ALA A 640 1.11 -39.71 0.87
CA ALA A 640 1.15 -38.67 -0.14
C ALA A 640 2.60 -38.29 -0.40
N LYS A 641 2.90 -37.88 -1.63
CA LYS A 641 4.25 -37.47 -2.02
C LYS A 641 4.15 -36.19 -2.84
N ARG A 642 4.95 -35.19 -2.47
CA ARG A 642 4.91 -33.88 -3.10
C ARG A 642 6.35 -33.46 -3.40
N LEU A 643 6.72 -33.47 -4.68
CA LEU A 643 8.08 -33.17 -5.10
C LEU A 643 8.19 -31.74 -5.59
N SER A 644 9.35 -31.13 -5.35
CA SER A 644 9.65 -29.78 -5.81
C SER A 644 11.08 -29.75 -6.32
N THR A 645 11.26 -29.46 -7.60
CA THR A 645 12.54 -29.58 -8.26
C THR A 645 12.91 -28.29 -8.97
N ALA A 646 14.13 -27.82 -8.73
CA ALA A 646 14.70 -26.67 -9.40
C ALA A 646 15.82 -27.15 -10.31
N PHE A 647 15.78 -26.72 -11.56
CA PHE A 647 16.80 -27.09 -12.52
C PHE A 647 18.01 -26.19 -12.40
N ASP A 648 19.03 -26.47 -13.20
CA ASP A 648 20.24 -25.68 -13.14
C ASP A 648 20.09 -24.40 -13.96
N SER A 649 21.17 -23.61 -13.96
CA SER A 649 21.20 -22.42 -14.80
C SER A 649 21.13 -22.79 -16.27
N VAL A 650 21.79 -23.87 -16.67
CA VAL A 650 21.84 -24.24 -18.08
C VAL A 650 20.45 -24.59 -18.60
N THR A 651 19.70 -25.38 -17.83
CA THR A 651 18.33 -25.69 -18.22
C THR A 651 17.46 -24.45 -18.22
N LEU A 652 17.64 -23.58 -17.22
CA LEU A 652 16.82 -22.37 -17.14
C LEU A 652 16.98 -21.52 -18.39
N TYR A 653 18.18 -21.46 -18.97
CA TYR A 653 18.39 -20.79 -20.24
C TYR A 653 18.17 -21.71 -21.43
N GLY A 654 18.00 -23.00 -21.19
CA GLY A 654 17.59 -23.91 -22.25
C GLY A 654 18.62 -24.19 -23.33
N GLU A 655 19.90 -24.06 -23.04
CA GLU A 655 20.94 -24.37 -24.01
C GLU A 655 21.54 -25.74 -23.71
N ASP A 656 21.81 -26.50 -24.75
CA ASP A 656 22.41 -27.80 -24.58
C ASP A 656 23.92 -27.67 -24.42
N PRO A 657 24.53 -28.47 -23.55
CA PRO A 657 25.97 -28.36 -23.32
C PRO A 657 26.77 -28.86 -24.52
N HIS A 658 28.08 -28.70 -24.42
CA HIS A 658 28.98 -29.11 -25.48
C HIS A 658 30.34 -29.40 -24.86
N GLU A 659 31.31 -29.73 -25.70
CA GLU A 659 32.66 -29.94 -25.21
C GLU A 659 33.29 -28.65 -24.70
N ARG A 660 32.76 -27.50 -25.08
CA ARG A 660 33.35 -26.22 -24.69
C ARG A 660 33.30 -26.09 -23.17
N PRO A 661 34.43 -25.79 -22.52
CA PRO A 661 34.42 -25.64 -21.06
C PRO A 661 33.55 -24.48 -20.58
N ASP A 662 33.34 -23.48 -21.43
CA ASP A 662 32.61 -22.28 -21.02
C ASP A 662 31.26 -22.59 -20.42
N ILE A 663 30.57 -23.60 -20.95
CA ILE A 663 29.29 -24.01 -20.35
C ILE A 663 29.56 -25.26 -19.52
N TYR A 664 30.59 -26.01 -19.89
CA TYR A 664 30.86 -27.28 -19.24
C TYR A 664 31.17 -27.08 -17.76
N GLY A 665 31.95 -26.05 -17.44
CA GLY A 665 32.33 -25.84 -16.06
C GLY A 665 31.16 -25.57 -15.14
N LYS A 666 30.26 -24.69 -15.54
CA LYS A 666 29.15 -24.29 -14.68
C LYS A 666 28.03 -25.30 -14.64
N VAL A 667 27.95 -26.22 -15.61
CA VAL A 667 26.86 -27.19 -15.63
C VAL A 667 27.00 -28.14 -14.46
N GLY A 668 25.90 -28.79 -14.09
CA GLY A 668 25.91 -29.82 -13.08
C GLY A 668 25.93 -29.31 -11.66
N ASN A 669 25.94 -28.01 -11.43
CA ASN A 669 25.87 -27.48 -10.09
C ASN A 669 24.63 -26.61 -9.96
N SER A 670 23.97 -26.73 -8.81
CA SER A 670 22.75 -26.00 -8.51
C SER A 670 21.63 -26.34 -9.49
N GLY A 671 21.43 -27.63 -9.75
CA GLY A 671 20.32 -28.04 -10.56
C GLY A 671 20.48 -29.45 -11.07
N VAL A 672 19.43 -29.93 -11.70
CA VAL A 672 19.44 -31.23 -12.38
C VAL A 672 19.43 -30.99 -13.87
N SER A 673 20.48 -31.41 -14.55
CA SER A 673 20.65 -31.14 -15.98
C SER A 673 19.85 -32.17 -16.77
N ILE A 674 18.83 -31.70 -17.48
CA ILE A 674 18.03 -32.55 -18.36
C ILE A 674 17.98 -31.88 -19.73
N ALA A 675 18.00 -32.71 -20.78
CA ALA A 675 18.01 -32.20 -22.14
C ALA A 675 16.99 -32.84 -23.08
N THR A 676 16.56 -34.07 -22.83
CA THR A 676 15.68 -34.78 -23.74
C THR A 676 14.49 -35.34 -22.97
N LEU A 677 13.58 -35.94 -23.73
CA LEU A 677 12.47 -36.66 -23.12
C LEU A 677 12.97 -37.83 -22.27
N GLU A 678 14.06 -38.46 -22.68
CA GLU A 678 14.56 -39.62 -21.95
C GLU A 678 14.94 -39.26 -20.53
N ASP A 679 15.72 -38.20 -20.35
CA ASP A 679 16.19 -37.84 -19.01
C ASP A 679 15.05 -37.43 -18.11
N MET A 680 14.15 -36.58 -18.60
CA MET A 680 13.02 -36.18 -17.79
C MET A 680 12.16 -37.37 -17.40
N LYS A 681 11.96 -38.30 -18.35
CA LYS A 681 11.19 -39.49 -18.07
C LYS A 681 11.87 -40.35 -17.02
N VAL A 682 13.19 -40.55 -17.14
CA VAL A 682 13.89 -41.43 -16.20
C VAL A 682 14.01 -40.77 -14.84
N LEU A 683 13.82 -39.45 -14.77
CA LEU A 683 13.89 -38.77 -13.48
C LEU A 683 12.84 -39.31 -12.52
N TYR A 684 11.62 -39.55 -13.02
CA TYR A 684 10.49 -39.87 -12.17
C TYR A 684 10.19 -41.36 -12.13
N ASP A 685 11.21 -42.21 -12.26
CA ASP A 685 10.99 -43.65 -12.26
C ASP A 685 10.34 -44.10 -10.96
N GLY A 686 9.48 -45.12 -11.08
CA GLY A 686 8.84 -45.69 -9.92
C GLY A 686 7.93 -44.76 -9.16
N PHE A 687 7.49 -43.66 -9.78
CA PHE A 687 6.63 -42.69 -9.13
C PHE A 687 5.31 -42.61 -9.90
N ASP A 688 4.21 -42.76 -9.18
CA ASP A 688 2.89 -42.74 -9.79
C ASP A 688 2.51 -41.30 -10.12
N LEU A 689 2.56 -40.96 -11.41
CA LEU A 689 2.10 -39.66 -11.85
C LEU A 689 0.59 -39.58 -11.95
N THR A 690 -0.10 -40.72 -11.84
CA THR A 690 -1.56 -40.77 -11.89
C THR A 690 -2.19 -40.91 -10.51
N ASN A 691 -1.39 -41.18 -9.48
CA ASN A 691 -1.92 -41.25 -8.12
C ASN A 691 -2.47 -39.89 -7.73
N PRO A 692 -3.77 -39.73 -7.54
CA PRO A 692 -4.33 -38.39 -7.29
C PRO A 692 -3.83 -37.75 -6.01
N SER A 693 -3.32 -38.53 -5.07
CA SER A 693 -2.84 -38.00 -3.80
C SER A 693 -1.35 -37.72 -3.80
N THR A 694 -0.79 -37.40 -4.97
CA THR A 694 0.61 -37.05 -5.10
C THR A 694 0.73 -35.92 -6.12
N SER A 695 1.80 -35.14 -6.03
CA SER A 695 1.98 -34.02 -6.93
C SER A 695 3.45 -33.73 -7.17
N VAL A 696 3.76 -33.23 -8.36
CA VAL A 696 5.10 -32.80 -8.74
C VAL A 696 5.05 -31.31 -9.01
N SER A 697 6.15 -30.63 -8.76
CA SER A 697 6.25 -29.19 -8.93
C SER A 697 7.67 -28.86 -9.38
N MET A 698 7.83 -28.59 -10.67
CA MET A 698 9.12 -28.15 -11.19
C MET A 698 9.07 -26.66 -11.47
N THR A 699 10.12 -25.96 -11.04
CA THR A 699 10.15 -24.49 -11.15
C THR A 699 11.05 -24.10 -12.30
N ILE A 700 10.48 -23.34 -13.24
CA ILE A 700 11.23 -22.82 -14.38
C ILE A 700 10.34 -21.77 -15.05
N ASN A 701 10.96 -20.77 -15.67
CA ASN A 701 10.21 -19.67 -16.26
C ASN A 701 10.40 -19.57 -17.77
N GLY A 702 11.63 -19.53 -18.26
CA GLY A 702 11.87 -19.33 -19.67
C GLY A 702 11.41 -20.48 -20.54
N PRO A 703 12.06 -21.63 -20.39
CA PRO A 703 11.75 -22.77 -21.26
C PRO A 703 10.45 -23.44 -20.87
N ALA A 704 9.64 -22.73 -20.08
CA ALA A 704 8.36 -23.26 -19.62
C ALA A 704 7.56 -23.99 -20.71
N PRO A 705 7.46 -23.51 -21.95
CA PRO A 705 6.75 -24.32 -22.96
C PRO A 705 7.34 -25.69 -23.16
N THR A 706 8.60 -25.76 -23.62
CA THR A 706 9.17 -27.04 -24.01
C THR A 706 9.19 -28.02 -22.85
N ILE A 707 9.75 -27.60 -21.71
CA ILE A 707 9.72 -28.43 -20.51
C ILE A 707 8.34 -29.03 -20.31
N LEU A 708 7.31 -28.18 -20.35
CA LEU A 708 5.96 -28.64 -20.11
C LEU A 708 5.60 -29.79 -21.04
N ALA A 709 5.80 -29.58 -22.35
CA ALA A 709 5.50 -30.64 -23.29
C ALA A 709 6.18 -31.94 -22.90
N MET A 710 7.48 -31.86 -22.57
CA MET A 710 8.20 -33.07 -22.19
C MET A 710 7.49 -33.77 -21.05
N PHE A 711 7.18 -33.03 -19.98
CA PHE A 711 6.48 -33.64 -18.85
C PHE A 711 5.19 -34.27 -19.33
N MET A 712 4.41 -33.54 -20.12
CA MET A 712 3.16 -34.08 -20.63
C MET A 712 3.39 -35.39 -21.36
N ASN A 713 4.42 -35.43 -22.21
CA ASN A 713 4.70 -36.67 -22.93
C ASN A 713 4.93 -37.81 -21.95
N THR A 714 5.72 -37.56 -20.91
CA THR A 714 5.98 -38.61 -19.93
C THR A 714 4.68 -39.11 -19.32
N ALA A 715 3.74 -38.19 -19.05
CA ALA A 715 2.48 -38.59 -18.44
C ALA A 715 1.80 -39.66 -19.26
N ILE A 716 1.98 -39.65 -20.57
CA ILE A 716 1.50 -40.75 -21.39
C ILE A 716 2.34 -42.00 -21.14
N ASP A 717 3.64 -41.91 -21.47
CA ASP A 717 4.40 -43.12 -21.75
C ASP A 717 4.43 -44.06 -20.56
N GLN A 718 4.70 -43.53 -19.36
CA GLN A 718 4.78 -44.38 -18.18
C GLN A 718 3.52 -45.22 -18.05
N GLN A 719 2.34 -44.58 -18.08
CA GLN A 719 1.11 -45.37 -17.98
C GLN A 719 1.00 -46.34 -19.13
N ILE A 720 1.34 -45.91 -20.34
CA ILE A 720 1.33 -46.82 -21.48
C ILE A 720 2.18 -48.04 -21.16
N ASP A 721 3.39 -47.81 -20.64
CA ASP A 721 4.26 -48.93 -20.30
C ASP A 721 3.54 -49.93 -19.42
N ARG A 722 2.84 -49.44 -18.39
CA ARG A 722 2.12 -50.33 -17.49
C ARG A 722 1.22 -51.28 -18.27
N PHE A 723 0.41 -50.74 -19.18
CA PHE A 723 -0.49 -51.60 -19.94
C PHE A 723 0.29 -52.56 -20.81
N ARG A 724 1.34 -52.06 -21.46
CA ARG A 724 2.20 -52.95 -22.23
C ARG A 724 2.88 -53.96 -21.33
N ALA A 725 3.19 -53.57 -20.10
CA ALA A 725 3.76 -54.51 -19.15
C ALA A 725 2.77 -55.60 -18.76
N ASP A 726 1.47 -55.36 -18.97
CA ASP A 726 0.47 -56.29 -18.48
C ASP A 726 -0.30 -57.00 -19.60
N ASN A 727 -0.74 -56.28 -20.63
CA ASN A 727 -1.56 -56.89 -21.67
C ASN A 727 -0.75 -57.63 -22.72
N GLY A 728 0.58 -57.55 -22.68
CA GLY A 728 1.40 -58.30 -23.62
C GLY A 728 1.21 -57.91 -25.06
N ARG A 729 0.91 -56.65 -25.35
CA ARG A 729 0.77 -56.18 -26.71
C ARG A 729 0.83 -54.67 -26.73
N ASP A 730 1.13 -54.12 -27.91
CA ASP A 730 1.11 -52.68 -28.08
C ASP A 730 -0.32 -52.22 -28.34
N PRO A 731 -0.82 -51.26 -27.56
CA PRO A 731 -2.23 -50.86 -27.68
C PRO A 731 -2.54 -50.28 -29.05
N THR A 732 -3.76 -50.54 -29.51
CA THR A 732 -4.22 -50.02 -30.79
C THR A 732 -4.60 -48.54 -30.67
N ALA A 733 -5.10 -48.00 -31.77
CA ALA A 733 -5.39 -46.57 -31.84
C ALA A 733 -6.49 -46.17 -30.85
N ASP A 734 -7.56 -46.96 -30.79
CA ASP A 734 -8.70 -46.59 -29.95
C ASP A 734 -8.32 -46.56 -28.47
N GLU A 735 -7.67 -47.63 -28.00
CA GLU A 735 -7.21 -47.66 -26.62
C GLU A 735 -6.17 -46.58 -26.37
N GLU A 736 -5.31 -46.32 -27.35
CA GLU A 736 -4.37 -45.21 -27.23
C GLU A 736 -5.11 -43.91 -26.97
N ALA A 737 -6.14 -43.61 -27.75
CA ALA A 737 -6.88 -42.37 -27.58
C ALA A 737 -7.57 -42.32 -26.23
N LYS A 738 -8.19 -43.44 -25.83
CA LYS A 738 -8.84 -43.47 -24.52
C LYS A 738 -7.85 -43.17 -23.41
N ILE A 739 -6.69 -43.82 -23.44
CA ILE A 739 -5.69 -43.62 -22.41
C ILE A 739 -5.21 -42.19 -22.41
N ARG A 740 -4.93 -41.63 -23.60
CA ARG A 740 -4.44 -40.26 -23.68
C ARG A 740 -5.45 -39.29 -23.08
N ALA A 741 -6.71 -39.43 -23.45
CA ALA A 741 -7.74 -38.54 -22.91
C ALA A 741 -7.81 -38.64 -21.39
N TRP A 742 -7.87 -39.88 -20.88
CA TRP A 742 -8.03 -40.03 -19.43
C TRP A 742 -6.82 -39.51 -18.67
N VAL A 743 -5.61 -39.79 -19.17
CA VAL A 743 -4.43 -39.35 -18.46
C VAL A 743 -4.31 -37.84 -18.52
N LEU A 744 -4.70 -37.23 -19.64
CA LEU A 744 -4.70 -35.78 -19.71
C LEU A 744 -5.67 -35.17 -18.72
N GLN A 745 -6.85 -35.78 -18.57
CA GLN A 745 -7.84 -35.22 -17.66
C GLN A 745 -7.43 -35.39 -16.21
N ASN A 746 -6.96 -36.59 -15.84
CA ASN A 746 -6.73 -36.93 -14.44
C ASN A 746 -5.41 -36.40 -13.89
N VAL A 747 -4.45 -36.05 -14.74
CA VAL A 747 -3.10 -35.76 -14.26
C VAL A 747 -3.10 -34.51 -13.39
N ARG A 748 -2.09 -34.41 -12.53
CA ARG A 748 -1.91 -33.30 -11.62
C ARG A 748 -0.46 -32.87 -11.63
N GLY A 749 -0.19 -31.66 -11.14
CA GLY A 749 1.17 -31.19 -11.03
C GLY A 749 1.23 -29.70 -10.80
N THR A 750 2.43 -29.15 -10.99
CA THR A 750 2.66 -27.72 -10.85
C THR A 750 3.91 -27.33 -11.61
N VAL A 751 3.84 -26.24 -12.37
CA VAL A 751 4.98 -25.70 -13.09
C VAL A 751 5.06 -24.21 -12.76
N GLN A 752 5.92 -23.86 -11.81
CA GLN A 752 6.03 -22.48 -11.33
C GLN A 752 6.72 -21.64 -12.40
N ALA A 753 5.90 -21.09 -13.28
CA ALA A 753 6.37 -20.29 -14.40
C ALA A 753 5.81 -18.88 -14.29
N ASP A 754 6.58 -17.89 -14.75
CA ASP A 754 6.14 -16.51 -14.80
C ASP A 754 7.06 -15.76 -15.77
N ILE A 755 6.49 -15.21 -16.83
CA ILE A 755 7.31 -14.57 -17.85
C ILE A 755 7.70 -13.16 -17.44
N LEU A 756 6.75 -12.38 -16.96
CA LEU A 756 6.97 -10.94 -16.82
C LEU A 756 8.02 -10.62 -15.77
N LYS A 757 8.14 -11.46 -14.74
CA LYS A 757 9.07 -11.15 -13.66
C LYS A 757 10.50 -11.11 -14.15
N GLU A 758 10.91 -12.11 -14.94
CA GLU A 758 12.29 -12.14 -15.42
C GLU A 758 12.57 -10.94 -16.33
N ASP A 759 11.61 -10.61 -17.20
CA ASP A 759 11.80 -9.44 -18.05
C ASP A 759 11.93 -8.16 -17.23
N GLN A 760 11.13 -8.03 -16.19
CA GLN A 760 11.20 -6.84 -15.35
C GLN A 760 12.48 -6.78 -14.53
N GLY A 761 13.07 -7.92 -14.20
CA GLY A 761 14.11 -7.92 -13.19
C GLY A 761 15.55 -8.22 -13.61
N GLN A 762 15.76 -8.95 -14.69
CA GLN A 762 17.11 -9.45 -14.98
C GLN A 762 17.64 -9.08 -16.36
N ASN A 763 16.76 -8.92 -17.36
CA ASN A 763 17.16 -8.63 -18.74
C ASN A 763 17.98 -9.76 -19.36
N THR A 764 17.83 -10.97 -18.83
CA THR A 764 18.50 -12.15 -19.36
C THR A 764 17.58 -13.02 -20.19
N CYS A 765 16.40 -12.50 -20.56
CA CYS A 765 15.41 -13.30 -21.25
C CYS A 765 15.98 -13.85 -22.55
N ILE A 766 15.60 -15.09 -22.86
CA ILE A 766 16.04 -15.72 -24.09
C ILE A 766 15.02 -15.57 -25.21
N PHE A 767 13.80 -15.17 -24.91
CA PHE A 767 12.76 -14.95 -25.90
C PHE A 767 12.19 -13.56 -25.72
N SER A 768 11.69 -12.98 -26.81
CA SER A 768 10.98 -11.72 -26.71
C SER A 768 9.75 -11.89 -25.85
N THR A 769 9.41 -10.85 -25.09
CA THR A 769 8.35 -10.93 -24.10
C THR A 769 7.03 -11.35 -24.72
N GLU A 770 6.52 -10.54 -25.65
CA GLU A 770 5.21 -10.81 -26.23
C GLU A 770 5.20 -12.14 -26.96
N PHE A 771 6.34 -12.57 -27.48
CA PHE A 771 6.40 -13.88 -28.11
C PHE A 771 6.07 -14.98 -27.10
N SER A 772 6.74 -14.96 -25.95
CA SER A 772 6.43 -15.92 -24.90
C SER A 772 4.99 -15.76 -24.43
N LEU A 773 4.47 -14.54 -24.43
CA LEU A 773 3.08 -14.33 -24.05
C LEU A 773 2.14 -15.05 -24.99
N LYS A 774 2.37 -14.91 -26.29
CA LYS A 774 1.57 -15.63 -27.28
C LYS A 774 1.69 -17.13 -27.09
N VAL A 775 2.90 -17.61 -26.80
CA VAL A 775 3.10 -19.03 -26.59
C VAL A 775 2.28 -19.53 -25.40
N MET A 776 2.37 -18.81 -24.27
CA MET A 776 1.58 -19.19 -23.09
C MET A 776 0.09 -19.18 -23.41
N GLY A 777 -0.36 -18.17 -24.16
CA GLY A 777 -1.77 -18.12 -24.51
C GLY A 777 -2.20 -19.31 -25.36
N ASP A 778 -1.37 -19.69 -26.33
CA ASP A 778 -1.67 -20.86 -27.12
C ASP A 778 -1.73 -22.11 -26.25
N ILE A 779 -0.80 -22.22 -25.30
CA ILE A 779 -0.78 -23.37 -24.41
C ILE A 779 -2.06 -23.43 -23.58
N GLN A 780 -2.48 -22.30 -23.05
CA GLN A 780 -3.71 -22.27 -22.27
C GLN A 780 -4.91 -22.61 -23.13
N GLU A 781 -4.93 -22.14 -24.38
CA GLU A 781 -6.01 -22.48 -25.29
C GLU A 781 -6.07 -23.99 -25.51
N TYR A 782 -4.92 -24.61 -25.75
CA TYR A 782 -4.89 -26.05 -25.94
C TYR A 782 -5.39 -26.77 -24.70
N PHE A 783 -4.98 -26.31 -23.52
CA PHE A 783 -5.48 -26.90 -22.29
C PHE A 783 -7.00 -26.81 -22.22
N VAL A 784 -7.55 -25.64 -22.55
CA VAL A 784 -8.99 -25.45 -22.49
C VAL A 784 -9.68 -26.38 -23.47
N HIS A 785 -9.08 -26.61 -24.63
CA HIS A 785 -9.78 -27.35 -25.68
C HIS A 785 -9.67 -28.86 -25.49
N HIS A 786 -9.05 -29.32 -24.42
CA HIS A 786 -8.93 -30.76 -24.19
C HIS A 786 -9.31 -31.19 -22.78
N GLN A 787 -10.01 -30.33 -22.03
CA GLN A 787 -10.67 -30.73 -20.79
C GLN A 787 -9.68 -31.18 -19.72
N VAL A 788 -8.69 -30.35 -19.42
CA VAL A 788 -7.88 -30.52 -18.23
C VAL A 788 -8.40 -29.54 -17.20
N ARG A 789 -8.92 -30.06 -16.09
CA ARG A 789 -9.65 -29.25 -15.14
C ARG A 789 -9.05 -29.29 -13.74
N ASN A 790 -7.78 -29.66 -13.61
CA ASN A 790 -7.17 -29.79 -12.29
C ASN A 790 -5.76 -29.24 -12.19
N PHE A 791 -5.04 -29.06 -13.29
CA PHE A 791 -3.65 -28.64 -13.27
C PHE A 791 -3.50 -27.27 -13.91
N TYR A 792 -2.57 -26.48 -13.41
CA TYR A 792 -2.30 -25.13 -13.92
C TYR A 792 -0.83 -24.80 -13.71
N SER A 793 -0.30 -23.92 -14.57
CA SER A 793 1.11 -23.56 -14.54
C SER A 793 1.34 -22.05 -14.59
N VAL A 794 0.32 -21.23 -14.40
CA VAL A 794 0.45 -19.79 -14.48
C VAL A 794 0.65 -19.26 -13.07
N SER A 795 1.91 -19.22 -12.64
CA SER A 795 2.28 -18.84 -11.29
C SER A 795 2.62 -17.36 -11.29
N ILE A 796 1.66 -16.51 -10.93
CA ILE A 796 1.87 -15.07 -10.99
C ILE A 796 2.68 -14.69 -9.75
N SER A 797 4.00 -14.70 -9.87
CA SER A 797 4.87 -14.46 -8.74
C SER A 797 5.49 -13.08 -8.82
N GLY A 798 5.81 -12.53 -7.65
CA GLY A 798 6.52 -11.27 -7.58
C GLY A 798 7.54 -11.32 -6.46
N TYR A 799 7.82 -12.53 -5.98
CA TYR A 799 8.72 -12.69 -4.84
C TYR A 799 10.05 -12.01 -5.08
N HIS A 800 10.60 -12.16 -6.28
CA HIS A 800 11.90 -11.56 -6.56
C HIS A 800 11.79 -10.04 -6.66
N ILE A 801 10.62 -9.51 -6.99
CA ILE A 801 10.46 -8.06 -7.01
C ILE A 801 10.71 -7.48 -5.62
N ALA A 802 10.14 -8.12 -4.61
CA ALA A 802 10.43 -7.70 -3.24
C ALA A 802 11.86 -8.07 -2.85
N GLU A 803 12.35 -9.21 -3.35
CA GLU A 803 13.71 -9.62 -3.06
C GLU A 803 14.72 -8.55 -3.46
N ALA A 804 14.49 -7.88 -4.59
CA ALA A 804 15.35 -6.77 -4.98
C ALA A 804 15.26 -5.63 -3.98
N GLY A 805 14.16 -5.54 -3.24
CA GLY A 805 14.03 -4.52 -2.22
C GLY A 805 12.85 -3.59 -2.43
N ALA A 806 11.84 -4.06 -3.16
CA ALA A 806 10.74 -3.20 -3.54
C ALA A 806 9.96 -2.71 -2.32
N ASN A 807 9.27 -1.60 -2.48
CA ASN A 807 8.34 -1.13 -1.47
C ASN A 807 7.11 -2.02 -1.42
N PRO A 808 6.45 -2.10 -0.27
CA PRO A 808 5.27 -2.99 -0.17
C PRO A 808 4.16 -2.62 -1.13
N ILE A 809 3.70 -1.37 -1.11
CA ILE A 809 2.60 -0.97 -1.98
C ILE A 809 2.97 -1.17 -3.44
N SER A 810 4.20 -0.82 -3.80
CA SER A 810 4.65 -1.02 -5.17
C SER A 810 4.65 -2.50 -5.53
N GLN A 811 5.09 -3.35 -4.60
CA GLN A 811 5.09 -4.79 -4.86
C GLN A 811 3.67 -5.28 -5.14
N LEU A 812 2.73 -4.93 -4.28
CA LEU A 812 1.35 -5.36 -4.48
C LEU A 812 0.83 -4.84 -5.81
N ALA A 813 1.09 -3.58 -6.11
CA ALA A 813 0.56 -2.98 -7.33
C ALA A 813 1.11 -3.66 -8.57
N PHE A 814 2.43 -3.89 -8.60
CA PHE A 814 3.02 -4.52 -9.78
C PHE A 814 2.53 -5.94 -9.95
N THR A 815 2.44 -6.70 -8.85
CA THR A 815 1.94 -8.06 -8.95
C THR A 815 0.52 -8.09 -9.51
N LEU A 816 -0.37 -7.28 -8.94
CA LEU A 816 -1.74 -7.28 -9.42
C LEU A 816 -1.82 -6.79 -10.86
N ALA A 817 -0.95 -5.85 -11.23
CA ALA A 817 -0.91 -5.39 -12.60
C ALA A 817 -0.54 -6.52 -13.54
N ASN A 818 0.46 -7.32 -13.17
CA ASN A 818 0.85 -8.46 -13.99
C ASN A 818 -0.30 -9.44 -14.12
N GLY A 819 -0.98 -9.72 -13.01
CA GLY A 819 -2.10 -10.66 -13.06
C GLY A 819 -3.20 -10.17 -13.97
N PHE A 820 -3.59 -8.91 -13.82
CA PHE A 820 -4.66 -8.38 -14.66
C PHE A 820 -4.24 -8.34 -16.12
N THR A 821 -2.97 -8.05 -16.38
CA THR A 821 -2.49 -8.07 -17.76
C THR A 821 -2.62 -9.46 -18.37
N TYR A 822 -2.24 -10.49 -17.61
CA TYR A 822 -2.44 -11.84 -18.10
C TYR A 822 -3.91 -12.13 -18.34
N VAL A 823 -4.77 -11.66 -17.43
CA VAL A 823 -6.20 -11.91 -17.58
C VAL A 823 -6.73 -11.31 -18.86
N GLU A 824 -6.41 -10.04 -19.11
CA GLU A 824 -6.91 -9.39 -20.32
C GLU A 824 -6.31 -10.03 -21.57
N ALA A 825 -5.04 -10.43 -21.51
CA ALA A 825 -4.41 -11.05 -22.66
C ALA A 825 -5.10 -12.36 -23.02
N TYR A 826 -5.43 -13.17 -22.01
CA TYR A 826 -6.23 -14.36 -22.28
C TYR A 826 -7.61 -13.99 -22.80
N LEU A 827 -8.22 -12.96 -22.23
CA LEU A 827 -9.58 -12.58 -22.61
C LEU A 827 -9.66 -12.22 -24.08
N ALA A 828 -8.69 -11.46 -24.58
CA ALA A 828 -8.75 -10.97 -25.96
C ALA A 828 -8.63 -12.08 -26.98
N ARG A 829 -8.32 -13.30 -26.57
CA ARG A 829 -8.17 -14.43 -27.47
C ARG A 829 -9.44 -15.25 -27.62
N GLY A 830 -10.61 -14.66 -27.38
CA GLY A 830 -11.86 -15.35 -27.63
C GLY A 830 -12.16 -16.50 -26.71
N MET A 831 -11.47 -16.59 -25.58
CA MET A 831 -11.69 -17.65 -24.62
C MET A 831 -12.51 -17.13 -23.46
N HIS A 832 -13.53 -17.90 -23.07
CA HIS A 832 -14.44 -17.45 -22.03
C HIS A 832 -13.76 -17.47 -20.68
N ILE A 833 -14.26 -16.63 -19.77
CA ILE A 833 -13.58 -16.39 -18.49
C ILE A 833 -13.59 -17.64 -17.63
N ASP A 834 -14.74 -18.30 -17.53
CA ASP A 834 -14.98 -19.30 -16.49
C ASP A 834 -14.14 -20.56 -16.64
N ASP A 835 -13.21 -20.61 -17.58
CA ASP A 835 -12.43 -21.82 -17.80
C ASP A 835 -11.05 -21.75 -17.18
N PHE A 836 -10.59 -20.58 -16.74
CA PHE A 836 -9.23 -20.43 -16.26
C PHE A 836 -9.09 -19.65 -14.96
N ALA A 837 -10.05 -18.81 -14.59
CA ALA A 837 -9.85 -17.90 -13.47
C ALA A 837 -9.46 -18.61 -12.18
N PRO A 838 -10.16 -19.64 -11.72
CA PRO A 838 -9.78 -20.27 -10.45
C PRO A 838 -8.44 -20.96 -10.48
N ASN A 839 -7.70 -20.90 -11.59
CA ASN A 839 -6.45 -21.63 -11.68
C ASN A 839 -5.23 -20.73 -11.57
N LEU A 840 -5.39 -19.42 -11.74
CA LEU A 840 -4.26 -18.51 -11.57
C LEU A 840 -3.80 -18.53 -10.13
N SER A 841 -2.49 -18.44 -9.91
CA SER A 841 -1.93 -18.47 -8.58
C SER A 841 -0.89 -17.37 -8.41
N PHE A 842 -0.70 -16.93 -7.18
CA PHE A 842 0.16 -15.81 -6.86
C PHE A 842 1.25 -16.22 -5.87
N PHE A 843 2.33 -15.44 -5.84
CA PHE A 843 3.48 -15.76 -5.02
C PHE A 843 4.20 -14.46 -4.69
N PHE A 844 4.03 -13.99 -3.45
CA PHE A 844 4.63 -12.77 -2.97
C PHE A 844 4.87 -12.86 -1.47
N SER A 845 5.82 -12.05 -0.99
CA SER A 845 6.33 -12.19 0.37
C SER A 845 5.87 -11.05 1.25
N ASN A 846 6.10 -11.21 2.55
CA ASN A 846 5.80 -10.20 3.55
C ASN A 846 7.08 -9.76 4.23
N GLY A 847 7.30 -8.45 4.29
CA GLY A 847 8.46 -7.87 4.91
C GLY A 847 8.20 -7.36 6.30
N MET A 848 8.97 -6.35 6.70
CA MET A 848 8.95 -5.86 8.06
C MET A 848 7.97 -4.73 8.28
N ASP A 849 7.63 -3.99 7.22
CA ASP A 849 6.79 -2.81 7.37
C ASP A 849 5.37 -3.20 7.77
N PRO A 850 4.65 -2.31 8.47
CA PRO A 850 3.32 -2.67 8.97
C PRO A 850 2.31 -2.99 7.88
N GLU A 851 2.52 -2.49 6.67
CA GLU A 851 1.55 -2.71 5.60
C GLU A 851 1.40 -4.20 5.29
N TYR A 852 2.50 -4.95 5.37
CA TYR A 852 2.41 -6.39 5.18
C TYR A 852 1.40 -7.02 6.13
N SER A 853 1.29 -6.49 7.35
CA SER A 853 0.36 -7.05 8.32
C SER A 853 -1.07 -7.02 7.81
N VAL A 854 -1.37 -6.15 6.85
CA VAL A 854 -2.68 -6.11 6.21
C VAL A 854 -2.61 -6.40 4.72
N LEU A 855 -1.41 -6.63 4.18
CA LEU A 855 -1.23 -6.63 2.73
C LEU A 855 -2.17 -7.60 2.04
N GLY A 856 -2.17 -8.85 2.48
CA GLY A 856 -3.01 -9.85 1.85
C GLY A 856 -4.46 -9.43 1.77
N ARG A 857 -4.96 -8.75 2.81
CA ARG A 857 -6.33 -8.28 2.80
C ARG A 857 -6.64 -7.51 1.53
N VAL A 858 -5.79 -6.54 1.20
CA VAL A 858 -6.03 -5.74 0.00
C VAL A 858 -6.10 -6.63 -1.23
N ALA A 859 -5.19 -7.60 -1.32
CA ALA A 859 -5.17 -8.49 -2.47
C ALA A 859 -6.48 -9.23 -2.61
N ARG A 860 -7.10 -9.57 -1.48
CA ARG A 860 -8.42 -10.18 -1.55
C ARG A 860 -9.43 -9.21 -2.15
N ARG A 861 -9.48 -7.98 -1.62
CA ARG A 861 -10.56 -7.08 -2.00
C ARG A 861 -10.43 -6.63 -3.44
N ILE A 862 -9.26 -6.12 -3.82
CA ILE A 862 -9.09 -5.50 -5.14
C ILE A 862 -9.49 -6.47 -6.23
N TRP A 863 -9.07 -7.72 -6.11
CA TRP A 863 -9.46 -8.72 -7.10
C TRP A 863 -10.97 -8.89 -7.13
N ALA A 864 -11.56 -9.14 -5.96
CA ALA A 864 -12.93 -9.68 -5.92
C ALA A 864 -13.89 -8.78 -6.66
N VAL A 865 -13.92 -7.49 -6.30
CA VAL A 865 -14.86 -6.58 -6.94
C VAL A 865 -14.64 -6.56 -8.44
N THR A 866 -13.38 -6.48 -8.87
CA THR A 866 -13.09 -6.41 -10.29
C THR A 866 -13.64 -7.61 -11.03
N MET A 867 -13.74 -8.76 -10.36
CA MET A 867 -14.19 -9.96 -11.04
C MET A 867 -15.70 -10.06 -11.12
N ARG A 868 -16.45 -9.22 -10.39
CA ARG A 868 -17.89 -9.43 -10.33
C ARG A 868 -18.63 -8.58 -11.36
N ASP A 869 -18.48 -7.26 -11.26
CA ASP A 869 -19.25 -6.38 -12.14
C ASP A 869 -18.67 -6.34 -13.55
N LYS A 870 -17.35 -6.49 -13.69
CA LYS A 870 -16.72 -6.23 -14.97
C LYS A 870 -16.94 -7.39 -15.94
N TYR A 871 -16.99 -8.61 -15.44
CA TYR A 871 -17.10 -9.78 -16.30
C TYR A 871 -18.20 -10.75 -15.89
N GLY A 872 -18.57 -10.77 -14.62
CA GLY A 872 -19.61 -11.67 -14.17
C GLY A 872 -19.25 -13.14 -14.26
N ALA A 873 -18.04 -13.50 -13.85
CA ALA A 873 -17.67 -14.91 -13.81
C ALA A 873 -18.34 -15.62 -12.65
N ASN A 874 -18.05 -16.90 -12.51
CA ASN A 874 -18.59 -17.67 -11.40
C ASN A 874 -17.92 -17.28 -10.09
N ASP A 875 -18.66 -17.47 -9.00
CA ASP A 875 -18.10 -17.15 -7.69
C ASP A 875 -16.86 -17.98 -7.40
N ARG A 876 -16.89 -19.28 -7.71
CA ARG A 876 -15.71 -20.11 -7.51
C ARG A 876 -14.54 -19.60 -8.32
N SER A 877 -14.81 -19.08 -9.52
CA SER A 877 -13.75 -18.44 -10.29
C SER A 877 -13.28 -17.16 -9.61
N GLN A 878 -14.20 -16.40 -9.03
CA GLN A 878 -13.88 -15.09 -8.47
C GLN A 878 -12.92 -15.16 -7.29
N LYS A 879 -13.03 -16.16 -6.44
CA LYS A 879 -12.20 -16.27 -5.24
C LYS A 879 -10.73 -16.37 -5.65
N LEU A 880 -9.85 -15.72 -4.90
CA LEU A 880 -8.46 -15.58 -5.27
C LEU A 880 -7.56 -16.26 -4.25
N LYS A 881 -6.63 -17.08 -4.73
CA LYS A 881 -5.69 -17.79 -3.87
C LYS A 881 -4.33 -17.11 -3.93
N TYR A 882 -3.58 -17.19 -2.84
CA TYR A 882 -2.28 -16.54 -2.78
C TYR A 882 -1.33 -17.31 -1.88
N HIS A 883 -0.04 -17.10 -2.09
CA HIS A 883 1.03 -17.73 -1.32
C HIS A 883 1.83 -16.66 -0.60
N ILE A 884 2.37 -17.03 0.56
CA ILE A 884 3.16 -16.11 1.39
C ILE A 884 4.40 -16.85 1.86
N GLN A 885 5.55 -16.21 1.71
CA GLN A 885 6.83 -16.78 2.13
C GLN A 885 7.59 -15.73 2.91
N THR A 886 8.41 -16.18 3.86
CA THR A 886 9.22 -15.24 4.63
C THR A 886 10.13 -14.46 3.71
N SER A 887 10.44 -13.24 4.12
CA SER A 887 11.26 -12.36 3.30
C SER A 887 12.70 -12.39 3.80
N GLY A 888 13.59 -13.00 3.00
CA GLY A 888 14.98 -13.13 3.39
C GLY A 888 15.79 -11.86 3.33
N ARG A 889 15.28 -10.83 2.67
CA ARG A 889 15.99 -9.55 2.63
C ARG A 889 16.10 -8.96 4.02
N SER A 890 15.02 -9.03 4.80
CA SER A 890 15.06 -8.51 6.17
C SER A 890 16.12 -9.22 6.99
N LEU A 891 16.23 -10.53 6.84
CA LEU A 891 17.31 -11.27 7.48
C LEU A 891 18.63 -10.86 6.85
N HIS A 892 19.59 -10.47 7.67
CA HIS A 892 20.91 -10.12 7.17
C HIS A 892 21.95 -11.11 7.69
N ALA A 893 22.92 -11.43 6.84
CA ALA A 893 23.93 -12.42 7.18
C ALA A 893 24.63 -12.06 8.48
N GLN A 894 24.94 -10.78 8.68
CA GLN A 894 25.50 -10.35 9.95
C GLN A 894 24.52 -10.64 11.07
N GLU A 895 25.05 -11.19 12.16
CA GLU A 895 24.24 -11.55 13.34
C GLU A 895 23.04 -12.40 12.95
N ILE A 896 23.31 -13.40 12.11
CA ILE A 896 22.24 -14.23 11.56
C ILE A 896 21.47 -14.93 12.66
N ASP A 897 22.05 -15.04 13.86
CA ASP A 897 21.34 -15.62 14.98
C ASP A 897 20.05 -14.86 15.29
N PHE A 898 20.05 -13.55 15.05
CA PHE A 898 18.86 -12.74 15.32
C PHE A 898 17.77 -12.97 14.29
N ASN A 899 18.14 -13.42 13.09
CA ASN A 899 17.15 -13.61 12.04
C ASN A 899 16.12 -14.65 12.44
N ASP A 900 16.56 -15.73 13.09
CA ASP A 900 15.61 -16.75 13.53
C ASP A 900 14.58 -16.14 14.47
N ILE A 901 15.02 -15.28 15.39
CA ILE A 901 14.09 -14.62 16.29
C ILE A 901 13.15 -13.71 15.53
N ARG A 902 13.69 -12.93 14.58
CA ARG A 902 12.88 -11.87 13.98
C ARG A 902 11.96 -12.40 12.90
N THR A 903 12.15 -13.65 12.48
CA THR A 903 11.23 -14.24 11.51
C THR A 903 9.85 -14.53 12.11
N THR A 904 9.76 -14.62 13.44
CA THR A 904 8.50 -14.99 14.07
C THR A 904 7.43 -13.92 13.84
N LEU A 905 7.82 -12.65 13.88
CA LEU A 905 6.86 -11.59 13.60
C LEU A 905 6.31 -11.71 12.19
N GLN A 906 7.18 -11.99 11.21
CA GLN A 906 6.71 -12.21 9.86
C GLN A 906 5.73 -13.37 9.80
N ALA A 907 6.04 -14.47 10.48
CA ALA A 907 5.16 -15.62 10.44
C ALA A 907 3.79 -15.30 11.03
N LEU A 908 3.77 -14.61 12.16
CA LEU A 908 2.51 -14.40 12.88
C LEU A 908 1.55 -13.53 12.07
N ILE A 909 2.05 -12.46 11.46
CA ILE A 909 1.17 -11.59 10.69
C ILE A 909 0.58 -12.34 9.50
N ALA A 910 1.38 -13.20 8.87
CA ALA A 910 0.85 -14.01 7.78
C ALA A 910 -0.24 -14.95 8.28
N ILE A 911 -0.03 -15.58 9.42
CA ILE A 911 -1.03 -16.51 9.95
C ILE A 911 -2.32 -15.78 10.30
N TYR A 912 -2.20 -14.62 10.93
CA TYR A 912 -3.40 -13.85 11.29
C TYR A 912 -4.19 -13.44 10.07
N ASP A 913 -3.58 -13.44 8.89
CA ASP A 913 -4.23 -13.01 7.67
C ASP A 913 -4.88 -14.16 6.92
N ASN A 914 -5.06 -15.32 7.56
CA ASN A 914 -5.72 -16.48 6.96
C ASN A 914 -5.06 -16.86 5.63
N CYS A 915 -3.80 -17.22 5.71
CA CYS A 915 -3.05 -17.57 4.52
C CYS A 915 -3.57 -18.87 3.91
N ASN A 916 -3.43 -18.98 2.58
CA ASN A 916 -3.65 -20.25 1.89
C ASN A 916 -2.50 -21.23 2.10
N SER A 917 -1.34 -20.74 2.51
CA SER A 917 -0.16 -21.58 2.70
C SER A 917 0.91 -20.73 3.37
N LEU A 918 1.92 -21.38 3.94
CA LEU A 918 3.05 -20.68 4.51
C LEU A 918 4.32 -21.47 4.19
N HIS A 919 5.38 -20.76 3.84
CA HIS A 919 6.70 -21.35 3.70
C HIS A 919 7.66 -20.66 4.66
N THR A 920 8.33 -21.44 5.49
CA THR A 920 9.38 -20.94 6.37
C THR A 920 10.70 -21.47 5.81
N ASN A 921 11.47 -20.59 5.17
CA ASN A 921 12.63 -21.01 4.40
C ASN A 921 13.85 -20.23 4.83
N ALA A 922 15.00 -20.87 4.70
CA ALA A 922 16.28 -20.28 5.07
C ALA A 922 16.70 -19.29 3.99
N TYR A 923 17.96 -18.87 4.01
CA TYR A 923 18.45 -17.89 3.06
C TYR A 923 18.42 -18.42 1.64
N ASP A 924 19.17 -19.50 1.37
CA ASP A 924 19.23 -20.06 0.04
C ASP A 924 17.98 -20.88 -0.27
N GLU A 925 17.13 -20.33 -1.15
CA GLU A 925 15.88 -20.98 -1.48
C GLU A 925 16.10 -22.37 -2.06
N ALA A 926 17.17 -22.56 -2.83
CA ALA A 926 17.53 -23.87 -3.34
C ALA A 926 18.51 -24.57 -2.42
N ILE A 927 18.86 -23.95 -1.29
CA ILE A 927 19.88 -24.46 -0.37
C ILE A 927 21.15 -24.79 -1.16
N THR A 928 21.75 -23.78 -1.78
CA THR A 928 22.98 -23.99 -2.54
C THR A 928 24.01 -24.72 -1.68
N THR A 929 24.23 -24.24 -0.48
CA THR A 929 24.83 -25.14 0.49
C THR A 929 23.74 -26.01 1.07
N PRO A 930 23.87 -27.34 0.98
CA PRO A 930 22.80 -28.22 1.49
C PRO A 930 22.43 -27.93 2.92
N THR A 931 21.16 -27.62 3.16
CA THR A 931 20.72 -27.24 4.50
C THR A 931 20.81 -28.41 5.46
N ALA A 932 20.59 -28.15 6.74
CA ALA A 932 20.90 -29.10 7.78
C ALA A 932 19.88 -28.97 8.90
N GLU A 933 20.28 -29.40 10.10
CA GLU A 933 19.49 -29.42 11.32
C GLU A 933 18.57 -28.23 11.48
N SER A 934 19.03 -27.04 11.08
CA SER A 934 18.30 -25.82 11.38
C SER A 934 16.87 -25.84 10.84
N VAL A 935 16.61 -26.61 9.78
CA VAL A 935 15.27 -26.65 9.21
C VAL A 935 14.27 -27.12 10.24
N ARG A 936 14.66 -28.06 11.11
CA ARG A 936 13.82 -28.42 12.24
C ARG A 936 13.24 -27.17 12.90
N ARG A 937 14.12 -26.27 13.32
CA ARG A 937 13.67 -25.01 13.90
C ARG A 937 12.70 -24.29 12.97
N ALA A 938 13.10 -24.11 11.70
CA ALA A 938 12.25 -23.38 10.77
C ALA A 938 10.87 -24.02 10.65
N LEU A 939 10.80 -25.33 10.84
CA LEU A 939 9.50 -25.97 10.82
C LEU A 939 8.76 -25.81 12.13
N ALA A 940 9.44 -26.04 13.25
CA ALA A 940 8.74 -26.16 14.53
C ALA A 940 7.98 -24.88 14.85
N ILE A 941 8.60 -23.73 14.58
CA ILE A 941 7.95 -22.45 14.87
C ILE A 941 6.59 -22.39 14.21
N GLN A 942 6.53 -22.76 12.91
CA GLN A 942 5.23 -22.82 12.25
C GLN A 942 4.29 -23.74 13.02
N LEU A 943 4.75 -24.96 13.30
CA LEU A 943 4.00 -25.86 14.17
C LEU A 943 3.63 -25.17 15.47
N ILE A 944 4.59 -24.50 16.12
CA ILE A 944 4.31 -23.84 17.39
C ILE A 944 3.09 -22.95 17.26
N ILE A 945 3.00 -22.20 16.16
CA ILE A 945 1.93 -21.24 16.01
C ILE A 945 0.60 -21.95 15.80
N ASN A 946 0.61 -23.02 15.01
CA ASN A 946 -0.64 -23.48 14.42
C ASN A 946 -1.35 -24.54 15.25
N ARG A 947 -0.64 -25.24 16.13
CA ARG A 947 -1.23 -26.36 16.85
C ARG A 947 -1.49 -26.09 18.31
N GLU A 948 -0.73 -25.19 18.94
CA GLU A 948 -0.80 -25.02 20.39
C GLU A 948 -1.23 -23.63 20.83
N TRP A 949 -0.67 -22.58 20.23
CA TRP A 949 -1.01 -21.21 20.62
C TRP A 949 -2.51 -20.97 20.49
N GLY A 950 -3.14 -20.59 21.60
CA GLY A 950 -4.59 -20.55 21.64
C GLY A 950 -5.19 -19.52 20.72
N VAL A 951 -4.63 -18.30 20.71
CA VAL A 951 -5.21 -17.22 19.92
C VAL A 951 -5.26 -17.58 18.44
N ALA A 952 -4.45 -18.54 18.01
CA ALA A 952 -4.53 -19.01 16.64
C ALA A 952 -5.91 -19.55 16.29
N LYS A 953 -6.70 -19.94 17.29
CA LYS A 953 -8.08 -20.33 17.03
C LYS A 953 -8.93 -19.17 16.54
N CYS A 954 -8.42 -17.94 16.66
CA CYS A 954 -9.05 -16.79 16.03
C CYS A 954 -8.74 -16.81 14.54
N GLU A 955 -9.69 -16.35 13.73
CA GLU A 955 -9.49 -16.17 12.31
C GLU A 955 -10.08 -14.86 11.80
N ASN A 956 -10.57 -14.00 12.70
CA ASN A 956 -11.33 -12.82 12.29
C ASN A 956 -11.10 -11.69 13.29
N PRO A 957 -9.94 -11.04 13.25
CA PRO A 957 -9.80 -9.76 13.95
C PRO A 957 -10.52 -8.61 13.27
N ASN A 958 -11.78 -8.31 13.63
CA ASN A 958 -12.50 -7.26 12.91
C ASN A 958 -13.37 -6.37 13.80
N GLN A 959 -13.25 -6.44 15.14
CA GLN A 959 -13.78 -5.38 16.00
C GLN A 959 -13.01 -5.31 17.31
N GLY A 960 -12.03 -4.39 17.37
CA GLY A 960 -10.98 -4.40 18.37
C GLY A 960 -9.57 -4.06 17.89
N SER A 961 -9.41 -3.52 16.67
CA SER A 961 -8.15 -2.91 16.22
C SER A 961 -8.38 -1.96 15.04
N PHE A 962 -8.34 -0.64 15.30
CA PHE A 962 -8.65 0.36 14.27
C PHE A 962 -7.65 0.32 13.11
N LEU A 963 -6.37 0.13 13.43
CA LEU A 963 -5.31 0.28 12.44
C LEU A 963 -5.55 -0.64 11.25
N ILE A 964 -6.14 -1.81 11.47
CA ILE A 964 -6.42 -2.71 10.37
C ILE A 964 -7.26 -2.00 9.31
N GLU A 965 -8.43 -1.51 9.69
CA GLU A 965 -9.32 -0.88 8.72
C GLU A 965 -8.68 0.38 8.12
N GLU A 966 -8.07 1.20 8.97
CA GLU A 966 -7.53 2.46 8.46
C GLU A 966 -6.42 2.23 7.43
N LEU A 967 -5.45 1.39 7.79
CA LEU A 967 -4.37 1.07 6.86
C LEU A 967 -4.91 0.37 5.62
N THR A 968 -5.97 -0.43 5.77
CA THR A 968 -6.57 -1.07 4.61
C THR A 968 -7.03 -0.03 3.61
N ASP A 969 -7.82 0.95 4.07
CA ASP A 969 -8.31 1.97 3.16
C ASP A 969 -7.17 2.76 2.55
N LEU A 970 -6.19 3.15 3.36
CA LEU A 970 -5.08 3.96 2.85
C LEU A 970 -4.29 3.20 1.79
N VAL A 971 -3.98 1.93 2.06
CA VAL A 971 -3.23 1.12 1.10
C VAL A 971 -4.02 0.93 -0.17
N GLU A 972 -5.33 0.71 -0.06
CA GLU A 972 -6.15 0.56 -1.26
C GLU A 972 -6.08 1.81 -2.12
N GLU A 973 -6.23 2.98 -1.51
CA GLU A 973 -6.18 4.21 -2.29
C GLU A 973 -4.82 4.39 -2.95
N ALA A 974 -3.75 4.11 -2.22
CA ALA A 974 -2.41 4.26 -2.81
C ALA A 974 -2.22 3.30 -3.98
N VAL A 975 -2.65 2.05 -3.83
CA VAL A 975 -2.49 1.09 -4.90
C VAL A 975 -3.29 1.51 -6.13
N LEU A 976 -4.51 2.02 -5.92
CA LEU A 976 -5.29 2.48 -7.06
C LEU A 976 -4.61 3.66 -7.74
N GLN A 977 -4.00 4.56 -6.97
CA GLN A 977 -3.28 5.67 -7.59
C GLN A 977 -2.11 5.15 -8.43
N GLU A 978 -1.37 4.17 -7.91
CA GLU A 978 -0.28 3.61 -8.69
C GLU A 978 -0.82 2.95 -9.96
N PHE A 979 -1.97 2.29 -9.87
CA PHE A 979 -2.60 1.73 -11.06
C PHE A 979 -2.90 2.83 -12.07
N GLU A 980 -3.40 3.96 -11.60
CA GLU A 980 -3.69 5.07 -12.51
C GLU A 980 -2.42 5.55 -13.19
N ARG A 981 -1.34 5.67 -12.44
CA ARG A 981 -0.07 6.07 -13.05
C ARG A 981 0.37 5.08 -14.10
N ILE A 982 0.28 3.78 -13.80
CA ILE A 982 0.69 2.76 -14.76
C ILE A 982 -0.13 2.86 -16.02
N ALA A 983 -1.46 3.02 -15.87
CA ALA A 983 -2.31 3.12 -17.05
C ALA A 983 -1.93 4.34 -17.88
N GLU A 984 -1.70 5.48 -17.23
CA GLU A 984 -1.27 6.65 -17.97
C GLU A 984 0.09 6.47 -18.61
N ARG A 985 0.89 5.52 -18.15
CA ARG A 985 2.20 5.28 -18.73
C ARG A 985 2.14 4.56 -20.07
N GLY A 986 0.96 4.39 -20.64
CA GLY A 986 0.85 3.78 -21.95
C GLY A 986 0.85 2.28 -21.98
N GLY A 987 0.02 1.63 -21.16
CA GLY A 987 -0.07 0.19 -21.17
C GLY A 987 1.08 -0.48 -20.44
N VAL A 988 0.77 -1.63 -19.84
CA VAL A 988 1.79 -2.39 -19.13
C VAL A 988 2.88 -2.85 -20.09
N LEU A 989 2.50 -3.22 -21.31
CA LEU A 989 3.49 -3.56 -22.31
C LEU A 989 4.38 -2.37 -22.63
N GLY A 990 3.81 -1.17 -22.74
CA GLY A 990 4.62 0.01 -22.94
C GLY A 990 5.58 0.26 -21.80
N ALA A 991 5.12 0.05 -20.57
CA ALA A 991 5.99 0.19 -19.41
C ALA A 991 7.13 -0.80 -19.47
N MET A 992 6.82 -2.07 -19.77
CA MET A 992 7.86 -3.06 -19.93
C MET A 992 8.86 -2.66 -21.00
N GLU A 993 8.39 -1.99 -22.05
CA GLU A 993 9.29 -1.52 -23.09
C GLU A 993 10.21 -0.43 -22.55
N THR A 994 9.64 0.62 -21.97
CA THR A 994 10.41 1.80 -21.59
C THR A 994 11.07 1.66 -20.23
N GLY A 995 10.80 0.59 -19.50
CA GLY A 995 11.46 0.36 -18.23
C GLY A 995 11.11 1.35 -17.13
N TYR A 996 9.85 1.78 -17.05
CA TYR A 996 9.43 2.66 -15.96
C TYR A 996 9.60 1.97 -14.61
N GLN A 997 9.17 0.72 -14.53
CA GLN A 997 9.21 0.00 -13.26
C GLN A 997 10.64 -0.25 -12.80
N ARG A 998 11.55 -0.56 -13.74
CA ARG A 998 12.95 -0.73 -13.36
C ARG A 998 13.48 0.52 -12.68
N GLY A 999 13.19 1.69 -13.28
CA GLY A 999 13.67 2.93 -12.70
C GLY A 999 13.06 3.20 -11.33
N LYS A 1000 11.75 2.96 -11.19
CA LYS A 1000 11.13 3.17 -9.89
C LYS A 1000 11.75 2.27 -8.83
N ILE A 1001 11.96 1.00 -9.16
CA ILE A 1001 12.52 0.05 -8.21
C ILE A 1001 13.95 0.45 -7.85
N GLN A 1002 14.74 0.82 -8.85
CA GLN A 1002 16.12 1.23 -8.59
C GLN A 1002 16.14 2.43 -7.64
N GLU A 1003 15.31 3.43 -7.91
CA GLU A 1003 15.32 4.63 -7.10
C GLU A 1003 14.93 4.32 -5.67
N GLU A 1004 13.88 3.52 -5.48
CA GLU A 1004 13.44 3.24 -4.12
C GLU A 1004 14.45 2.37 -3.38
N SER A 1005 15.09 1.45 -4.08
CA SER A 1005 16.13 0.63 -3.46
C SER A 1005 17.31 1.48 -3.01
N LEU A 1006 17.72 2.43 -3.85
CA LEU A 1006 18.80 3.32 -3.46
C LEU A 1006 18.40 4.16 -2.26
N TYR A 1007 17.16 4.64 -2.25
CA TYR A 1007 16.66 5.38 -1.10
C TYR A 1007 16.75 4.55 0.17
N TYR A 1008 16.32 3.29 0.09
CA TYR A 1008 16.37 2.40 1.24
C TYR A 1008 17.79 2.18 1.72
N GLU A 1009 18.73 1.96 0.80
CA GLU A 1009 20.10 1.72 1.22
C GLU A 1009 20.72 2.97 1.81
N GLN A 1010 20.39 4.14 1.28
CA GLN A 1010 20.86 5.39 1.86
C GLN A 1010 20.39 5.52 3.30
N LEU A 1011 19.09 5.31 3.52
CA LEU A 1011 18.58 5.35 4.88
C LEU A 1011 19.27 4.31 5.76
N LYS A 1012 19.52 3.12 5.20
CA LYS A 1012 20.13 2.05 5.98
C LYS A 1012 21.50 2.46 6.49
N HIS A 1013 22.41 2.81 5.59
CA HIS A 1013 23.75 3.19 6.02
C HIS A 1013 23.76 4.50 6.80
N ASP A 1014 22.70 5.31 6.68
CA ASP A 1014 22.65 6.54 7.47
C ASP A 1014 22.47 6.24 8.95
N GLY A 1015 21.53 5.39 9.30
CA GLY A 1015 21.17 5.20 10.68
C GLY A 1015 20.04 6.07 11.19
N THR A 1016 19.56 7.02 10.39
CA THR A 1016 18.36 7.75 10.78
C THR A 1016 17.16 6.81 10.91
N LEU A 1017 16.99 5.87 9.98
CA LEU A 1017 16.03 4.80 10.15
C LEU A 1017 16.75 3.61 10.74
N PRO A 1018 16.52 3.28 12.01
CA PRO A 1018 17.30 2.22 12.65
C PRO A 1018 16.98 0.87 12.04
N ILE A 1019 17.95 -0.04 12.13
CA ILE A 1019 17.73 -1.45 11.86
C ILE A 1019 18.41 -2.23 12.97
N ILE A 1020 17.66 -3.11 13.62
CA ILE A 1020 18.13 -3.72 14.86
C ILE A 1020 19.34 -4.59 14.58
N GLY A 1021 20.27 -4.61 15.52
CA GLY A 1021 21.39 -5.54 15.48
C GLY A 1021 22.51 -5.20 14.52
N VAL A 1022 22.39 -4.13 13.74
CA VAL A 1022 23.42 -3.75 12.79
C VAL A 1022 23.93 -2.34 13.03
N ASN A 1023 23.06 -1.33 12.93
CA ASN A 1023 23.51 0.04 13.07
C ASN A 1023 23.90 0.39 14.50
N THR A 1024 23.61 -0.48 15.46
CA THR A 1024 24.00 -0.26 16.84
C THR A 1024 24.12 -1.60 17.53
N PHE A 1025 24.41 -1.54 18.83
CA PHE A 1025 24.39 -2.71 19.69
C PHE A 1025 25.35 -3.79 19.22
N ARG A 1026 26.41 -3.38 18.54
CA ARG A 1026 27.40 -4.32 18.03
C ARG A 1026 28.21 -4.89 19.18
N ASN A 1027 28.57 -6.15 19.07
CA ASN A 1027 29.30 -6.81 20.14
C ASN A 1027 30.73 -6.29 20.21
N PRO A 1028 31.17 -5.76 21.35
CA PRO A 1028 32.58 -5.33 21.46
C PRO A 1028 33.56 -6.47 21.32
N ASN A 1029 33.11 -7.71 21.50
CA ASN A 1029 33.94 -8.89 21.34
C ASN A 1029 34.24 -9.19 19.87
N GLY A 1030 33.92 -8.28 18.96
CA GLY A 1030 34.07 -8.54 17.56
C GLY A 1030 32.95 -9.44 17.07
N ASP A 1031 33.02 -9.79 15.79
CA ASP A 1031 32.05 -10.69 15.16
C ASP A 1031 32.78 -11.73 14.34
N PRO A 1032 33.42 -12.70 14.99
CA PRO A 1032 34.04 -13.80 14.23
C PRO A 1032 33.06 -14.52 13.34
N THR A 1033 31.84 -14.79 13.85
CA THR A 1033 30.70 -15.36 13.12
C THR A 1033 31.15 -16.38 12.09
N PRO A 1034 31.69 -17.52 12.51
CA PRO A 1034 32.28 -18.46 11.55
C PRO A 1034 31.22 -19.01 10.59
N GLN A 1035 31.66 -19.33 9.38
CA GLN A 1035 30.79 -19.85 8.33
C GLN A 1035 31.66 -20.42 7.22
N THR A 1036 31.02 -20.83 6.13
CA THR A 1036 31.71 -21.28 4.93
C THR A 1036 30.77 -21.04 3.76
N LEU A 1037 31.23 -21.40 2.56
CA LEU A 1037 30.38 -21.26 1.38
C LEU A 1037 29.64 -22.57 1.09
N GLU A 1038 30.38 -23.61 0.69
CA GLU A 1038 29.80 -24.92 0.44
C GLU A 1038 30.87 -25.94 0.07
N LEU A 1039 30.48 -27.21 0.02
CA LEU A 1039 31.27 -28.27 -0.62
C LEU A 1039 30.28 -29.04 -1.47
N ALA A 1040 30.00 -28.53 -2.68
CA ALA A 1040 28.95 -29.10 -3.51
C ALA A 1040 29.38 -28.98 -4.98
N ARG A 1041 29.96 -30.05 -5.49
CA ARG A 1041 30.30 -30.12 -6.90
C ARG A 1041 29.73 -31.39 -7.49
N SER A 1042 30.21 -31.81 -8.66
CA SER A 1042 29.76 -33.06 -9.24
C SER A 1042 30.95 -33.80 -9.80
N SER A 1043 30.81 -35.12 -9.91
CA SER A 1043 31.85 -35.93 -10.51
C SER A 1043 32.03 -35.56 -11.98
N GLU A 1044 33.28 -35.53 -12.41
CA GLU A 1044 33.58 -35.32 -13.82
C GLU A 1044 32.99 -36.43 -14.68
N ASP A 1045 33.07 -37.67 -14.20
CA ASP A 1045 32.52 -38.79 -14.93
C ASP A 1045 31.02 -38.60 -15.19
N GLU A 1046 30.33 -37.95 -14.25
CA GLU A 1046 28.91 -37.67 -14.45
C GLU A 1046 28.70 -36.75 -15.65
N LYS A 1047 29.48 -35.68 -15.74
CA LYS A 1047 29.36 -34.78 -16.89
C LYS A 1047 29.67 -35.51 -18.18
N GLN A 1048 30.76 -36.29 -18.20
CA GLN A 1048 31.13 -36.97 -19.44
C GLN A 1048 30.08 -38.00 -19.84
N SER A 1049 29.50 -38.69 -18.85
CA SER A 1049 28.44 -39.65 -19.14
C SER A 1049 27.21 -38.94 -19.70
N GLN A 1050 26.89 -37.77 -19.16
CA GLN A 1050 25.77 -37.00 -19.70
C GLN A 1050 26.04 -36.62 -21.15
N LEU A 1051 27.28 -36.21 -21.44
CA LEU A 1051 27.65 -35.90 -22.81
C LEU A 1051 27.49 -37.12 -23.71
N HIS A 1052 27.93 -38.28 -23.22
CA HIS A 1052 27.81 -39.51 -24.00
C HIS A 1052 26.37 -39.86 -24.29
N ARG A 1053 25.49 -39.74 -23.28
CA ARG A 1053 24.08 -40.03 -23.48
C ARG A 1053 23.47 -39.06 -24.49
N LEU A 1054 23.82 -37.78 -24.39
CA LEU A 1054 23.31 -36.82 -25.36
C LEU A 1054 23.78 -37.18 -26.75
N THR A 1055 25.03 -37.57 -26.90
CA THR A 1055 25.54 -37.98 -28.21
C THR A 1055 24.76 -39.15 -28.77
N GLU A 1056 24.52 -40.16 -27.93
CA GLU A 1056 23.80 -41.33 -28.38
C GLU A 1056 22.39 -40.96 -28.84
N PHE A 1057 21.66 -40.22 -28.00
CA PHE A 1057 20.29 -39.88 -28.36
C PHE A 1057 20.24 -39.00 -29.60
N HIS A 1058 21.17 -38.07 -29.72
CA HIS A 1058 21.24 -37.23 -30.91
C HIS A 1058 21.47 -38.09 -32.15
N GLY A 1059 22.40 -39.03 -32.08
CA GLY A 1059 22.64 -39.93 -33.19
C GLY A 1059 21.48 -40.86 -33.48
N ALA A 1060 20.57 -41.04 -32.51
CA ALA A 1060 19.46 -41.96 -32.71
C ALA A 1060 18.60 -41.53 -33.89
N HIS A 1061 18.34 -40.24 -34.02
CA HIS A 1061 17.37 -39.73 -35.00
C HIS A 1061 17.97 -38.62 -35.84
N GLN A 1062 19.13 -38.88 -36.44
CA GLN A 1062 19.77 -37.88 -37.28
C GLN A 1062 18.89 -37.48 -38.46
N ALA A 1063 17.95 -38.34 -38.85
CA ALA A 1063 17.19 -38.10 -40.08
C ALA A 1063 15.97 -37.22 -39.84
N ASP A 1064 15.00 -37.73 -39.07
CA ASP A 1064 13.66 -37.16 -39.04
C ASP A 1064 13.61 -35.75 -38.45
N ALA A 1065 14.63 -35.34 -37.70
CA ALA A 1065 14.55 -34.08 -36.98
C ALA A 1065 14.38 -32.88 -37.91
N GLU A 1066 14.98 -32.96 -39.10
CA GLU A 1066 14.89 -31.83 -40.03
C GLU A 1066 13.45 -31.55 -40.42
N ALA A 1067 12.67 -32.59 -40.69
CA ALA A 1067 11.27 -32.38 -41.06
C ALA A 1067 10.49 -31.74 -39.92
N MET A 1068 10.74 -32.19 -38.68
CA MET A 1068 10.07 -31.59 -37.53
C MET A 1068 10.43 -30.12 -37.40
N LEU A 1069 11.71 -29.79 -37.58
CA LEU A 1069 12.11 -28.39 -37.49
C LEU A 1069 11.43 -27.56 -38.56
N ALA A 1070 11.36 -28.08 -39.78
CA ALA A 1070 10.69 -27.36 -40.86
C ALA A 1070 9.22 -27.14 -40.51
N ARG A 1071 8.56 -28.16 -39.97
CA ARG A 1071 7.17 -28.01 -39.58
C ARG A 1071 7.02 -26.97 -38.48
N LEU A 1072 7.99 -26.93 -37.56
CA LEU A 1072 7.96 -25.92 -36.51
C LEU A 1072 8.03 -24.52 -37.12
N ARG A 1073 8.93 -24.31 -38.08
CA ARG A 1073 9.02 -23.02 -38.73
C ARG A 1073 7.70 -22.66 -39.41
N GLN A 1074 7.18 -23.59 -40.22
CA GLN A 1074 5.94 -23.33 -40.94
C GLN A 1074 4.82 -22.97 -39.98
N ALA A 1075 4.68 -23.71 -38.90
CA ALA A 1075 3.59 -23.48 -37.95
C ALA A 1075 3.77 -22.14 -37.24
N VAL A 1076 5.01 -21.75 -36.98
CA VAL A 1076 5.24 -20.45 -36.35
C VAL A 1076 4.81 -19.33 -37.30
N ILE A 1077 5.07 -19.49 -38.59
CA ILE A 1077 4.80 -18.40 -39.52
C ILE A 1077 3.31 -18.08 -39.57
N ASP A 1078 2.46 -19.10 -39.64
CA ASP A 1078 1.05 -18.88 -39.90
C ASP A 1078 0.20 -18.73 -38.65
N ASN A 1079 0.79 -18.33 -37.52
CA ASN A 1079 0.07 -18.14 -36.26
C ASN A 1079 -0.74 -19.39 -35.89
N ARG A 1080 -0.13 -20.55 -36.07
CA ARG A 1080 -0.74 -21.81 -35.69
C ARG A 1080 -0.54 -22.05 -34.20
N ASN A 1081 -0.80 -23.27 -33.76
CA ASN A 1081 -0.63 -23.60 -32.35
C ASN A 1081 0.77 -24.16 -32.12
N VAL A 1082 1.65 -23.33 -31.55
CA VAL A 1082 3.03 -23.72 -31.37
C VAL A 1082 3.15 -24.93 -30.46
N PHE A 1083 2.43 -24.92 -29.33
CA PHE A 1083 2.49 -26.05 -28.42
C PHE A 1083 2.00 -27.32 -29.08
N ALA A 1084 1.07 -27.21 -30.03
CA ALA A 1084 0.58 -28.40 -30.73
C ALA A 1084 1.72 -29.12 -31.42
N VAL A 1085 2.44 -28.41 -32.29
CA VAL A 1085 3.56 -29.05 -32.99
C VAL A 1085 4.65 -29.42 -32.01
N LEU A 1086 4.82 -28.64 -30.94
CA LEU A 1086 5.79 -29.00 -29.91
C LEU A 1086 5.49 -30.36 -29.30
N MET A 1087 4.21 -30.67 -29.10
CA MET A 1087 3.81 -31.93 -28.50
C MET A 1087 4.33 -33.13 -29.27
N ASP A 1088 4.56 -32.97 -30.57
CA ASP A 1088 5.17 -34.04 -31.36
C ASP A 1088 6.67 -33.85 -31.51
N ALA A 1089 7.14 -32.61 -31.63
CA ALA A 1089 8.57 -32.39 -31.84
C ALA A 1089 9.40 -32.84 -30.65
N VAL A 1090 8.92 -32.60 -29.43
CA VAL A 1090 9.69 -32.94 -28.25
C VAL A 1090 10.03 -34.42 -28.17
N ARG A 1091 9.28 -35.27 -28.86
CA ARG A 1091 9.52 -36.70 -28.79
C ARG A 1091 10.89 -37.08 -29.34
N VAL A 1092 11.36 -36.39 -30.38
CA VAL A 1092 12.61 -36.76 -31.02
C VAL A 1092 13.56 -35.58 -31.20
N CYS A 1093 13.25 -34.41 -30.65
CA CYS A 1093 14.09 -33.25 -30.81
C CYS A 1093 14.64 -32.79 -29.46
N SER A 1094 15.91 -32.43 -29.45
CA SER A 1094 16.58 -32.00 -28.22
C SER A 1094 16.16 -30.60 -27.83
N LEU A 1095 16.28 -30.31 -26.53
CA LEU A 1095 15.94 -28.99 -26.03
C LEU A 1095 16.73 -27.92 -26.76
N GLY A 1096 18.04 -28.13 -26.91
CA GLY A 1096 18.85 -27.15 -27.62
C GLY A 1096 18.43 -26.98 -29.05
N GLN A 1097 18.07 -28.08 -29.72
CA GLN A 1097 17.62 -27.99 -31.10
C GLN A 1097 16.36 -27.13 -31.22
N ILE A 1098 15.37 -27.36 -30.35
CA ILE A 1098 14.15 -26.57 -30.41
C ILE A 1098 14.45 -25.11 -30.09
N THR A 1099 15.29 -24.86 -29.08
CA THR A 1099 15.61 -23.49 -28.72
C THR A 1099 16.26 -22.75 -29.88
N HIS A 1100 17.24 -23.39 -30.53
CA HIS A 1100 17.93 -22.74 -31.64
C HIS A 1100 17.01 -22.58 -32.84
N ALA A 1101 16.10 -23.53 -33.07
CA ALA A 1101 15.16 -23.35 -34.16
C ALA A 1101 14.25 -22.16 -33.91
N LEU A 1102 13.74 -22.04 -32.68
CA LEU A 1102 12.90 -20.89 -32.34
C LEU A 1102 13.70 -19.60 -32.49
N PHE A 1103 14.98 -19.63 -32.13
CA PHE A 1103 15.85 -18.50 -32.40
C PHE A 1103 15.88 -18.17 -33.89
N GLU A 1104 16.07 -19.20 -34.72
CA GLU A 1104 16.10 -19.02 -36.17
C GLU A 1104 14.83 -18.37 -36.68
N VAL A 1105 13.68 -18.67 -36.07
CA VAL A 1105 12.45 -18.02 -36.48
C VAL A 1105 12.41 -16.55 -36.06
N GLY A 1106 13.18 -16.16 -35.06
CA GLY A 1106 13.33 -14.77 -34.72
C GLY A 1106 12.50 -14.27 -33.54
N GLY A 1107 12.26 -15.09 -32.54
CA GLY A 1107 11.54 -14.65 -31.35
C GLY A 1107 12.40 -14.23 -30.19
N GLN A 1108 13.71 -14.14 -30.36
CA GLN A 1108 14.60 -13.91 -29.23
C GLN A 1108 14.44 -12.49 -28.68
N TYR A 1109 14.63 -12.35 -27.37
CA TYR A 1109 14.64 -11.04 -26.75
C TYR A 1109 15.87 -10.26 -27.20
N ARG A 1110 15.65 -9.07 -27.75
CA ARG A 1110 16.73 -8.22 -28.21
C ARG A 1110 17.08 -7.21 -27.13
N ARG A 1111 18.25 -6.62 -27.28
CA ARG A 1111 18.75 -5.67 -26.29
C ARG A 1111 18.19 -4.28 -26.53
N ASN A 1112 16.97 -4.04 -26.06
CA ASN A 1112 16.32 -2.75 -26.24
C ASN A 1112 16.56 -1.81 -25.07
N MET A 1113 17.38 -2.21 -24.11
CA MET A 1113 17.69 -1.35 -22.98
C MET A 1113 18.49 -0.13 -23.45
N GLY B 42 20.75 29.09 -64.36
CA GLY B 42 20.12 30.38 -64.54
C GLY B 42 20.88 31.51 -63.88
N PRO B 43 20.22 32.65 -63.68
CA PRO B 43 20.87 33.80 -63.04
C PRO B 43 21.24 33.47 -61.59
N ALA B 44 22.34 34.08 -61.15
CA ALA B 44 22.80 33.86 -59.77
C ALA B 44 21.77 34.32 -58.76
N ASN B 45 21.16 35.48 -58.99
CA ASN B 45 20.06 35.94 -58.16
C ASN B 45 18.92 34.95 -58.20
N LYS B 46 18.48 34.53 -57.02
CA LYS B 46 17.40 33.58 -56.89
C LYS B 46 16.08 34.33 -56.85
N VAL B 47 15.08 33.79 -57.55
CA VAL B 47 13.78 34.45 -57.63
C VAL B 47 13.11 34.39 -56.27
N ARG B 48 12.73 35.55 -55.74
CA ARG B 48 12.10 35.67 -54.44
C ARG B 48 10.64 36.05 -54.60
N PHE B 49 9.74 35.26 -54.01
CA PHE B 49 8.32 35.54 -54.10
C PHE B 49 7.69 35.41 -52.72
N VAL B 50 6.51 36.01 -52.58
CA VAL B 50 5.68 35.85 -51.39
C VAL B 50 4.24 35.72 -51.84
N THR B 51 3.52 34.76 -51.27
CA THR B 51 2.14 34.47 -51.66
C THR B 51 1.27 34.39 -50.42
N ALA B 52 -0.01 34.71 -50.60
CA ALA B 52 -0.97 34.71 -49.51
C ALA B 52 -2.35 34.92 -50.10
N ALA B 53 -3.35 34.96 -49.22
CA ALA B 53 -4.72 35.26 -49.59
C ALA B 53 -5.18 36.53 -48.89
N SER B 54 -6.04 37.28 -49.58
CA SER B 54 -6.60 38.48 -48.98
C SER B 54 -7.55 38.09 -47.85
N LEU B 55 -7.88 39.06 -47.01
CA LEU B 55 -8.67 38.78 -45.83
C LEU B 55 -10.06 38.30 -46.20
N PHE B 56 -10.63 37.46 -45.34
CA PHE B 56 -12.02 37.04 -45.40
C PHE B 56 -12.32 36.12 -46.58
N ASP B 57 -11.37 35.28 -46.96
CA ASP B 57 -11.60 34.22 -47.93
C ASP B 57 -11.20 32.90 -47.30
N GLY B 58 -12.16 31.99 -47.15
CA GLY B 58 -11.94 30.76 -46.42
C GLY B 58 -11.16 29.68 -47.11
N HIS B 59 -11.08 29.70 -48.44
CA HIS B 59 -10.39 28.64 -49.18
C HIS B 59 -8.90 28.94 -49.27
N ASP B 60 -8.09 27.88 -49.38
CA ASP B 60 -6.65 28.01 -49.42
C ASP B 60 -5.97 27.12 -50.44
N ALA B 61 -6.68 26.17 -51.06
CA ALA B 61 -6.03 25.15 -51.87
C ALA B 61 -5.28 25.74 -53.05
N SER B 62 -5.91 26.65 -53.80
CA SER B 62 -5.28 27.19 -55.00
C SER B 62 -3.96 27.89 -54.67
N ILE B 63 -3.87 28.48 -53.47
CA ILE B 63 -2.61 29.06 -53.04
C ILE B 63 -1.53 27.99 -52.97
N ASN B 64 -1.88 26.84 -52.39
CA ASN B 64 -0.95 25.72 -52.33
C ASN B 64 -0.57 25.27 -53.73
N ILE B 65 -1.53 25.24 -54.65
CA ILE B 65 -1.24 24.88 -56.02
C ILE B 65 -0.21 25.85 -56.61
N MET B 66 -0.41 27.15 -56.38
CA MET B 66 0.50 28.14 -56.90
C MET B 66 1.91 27.96 -56.35
N ARG B 67 2.01 27.73 -55.04
CA ARG B 67 3.34 27.63 -54.42
C ARG B 67 4.04 26.35 -54.84
N ARG B 68 3.28 25.27 -55.04
CA ARG B 68 3.90 24.04 -55.53
C ARG B 68 4.52 24.24 -56.91
N ILE B 69 3.79 24.91 -57.81
CA ILE B 69 4.31 25.17 -59.14
C ILE B 69 5.51 26.09 -59.07
N LEU B 70 5.44 27.13 -58.23
CA LEU B 70 6.59 28.02 -58.09
C LEU B 70 7.82 27.28 -57.60
N GLN B 71 7.64 26.40 -56.62
CA GLN B 71 8.76 25.59 -56.16
C GLN B 71 9.30 24.72 -57.28
N SER B 72 8.41 24.09 -58.04
CA SER B 72 8.83 23.32 -59.21
C SER B 72 9.70 24.17 -60.13
N GLN B 73 9.36 25.45 -60.27
CA GLN B 73 10.20 26.36 -61.05
C GLN B 73 11.50 26.70 -60.37
N GLY B 74 11.81 26.05 -59.25
CA GLY B 74 13.09 26.22 -58.60
C GLY B 74 13.36 27.63 -58.11
N CYS B 75 12.37 28.22 -57.44
CA CYS B 75 12.51 29.56 -56.90
C CYS B 75 12.10 29.55 -55.43
N GLU B 76 12.55 30.55 -54.69
CA GLU B 76 12.26 30.60 -53.26
C GLU B 76 11.07 31.54 -53.02
N VAL B 77 10.17 31.09 -52.16
CA VAL B 77 8.96 31.84 -51.83
C VAL B 77 8.72 31.73 -50.33
N ILE B 78 8.36 32.86 -49.72
CA ILE B 78 8.03 32.91 -48.31
C ILE B 78 6.51 32.95 -48.22
N HIS B 79 5.89 31.77 -48.17
CA HIS B 79 4.44 31.66 -48.10
C HIS B 79 4.00 31.82 -46.66
N LEU B 80 3.19 32.84 -46.39
CA LEU B 80 2.84 33.22 -45.03
C LEU B 80 1.38 32.98 -44.69
N GLY B 81 0.72 32.03 -45.32
CA GLY B 81 -0.63 31.68 -44.93
C GLY B 81 -1.70 32.59 -45.49
N HIS B 82 -2.90 32.45 -44.93
CA HIS B 82 -4.09 33.12 -45.44
C HIS B 82 -4.64 34.10 -44.41
N ASN B 83 -5.67 34.85 -44.83
CA ASN B 83 -6.41 35.78 -43.97
C ASN B 83 -5.48 36.84 -43.39
N ARG B 84 -4.90 37.66 -44.26
CA ARG B 84 -3.90 38.64 -43.86
C ARG B 84 -4.37 40.04 -44.20
N SER B 85 -3.95 41.00 -43.39
CA SER B 85 -4.20 42.41 -43.69
C SER B 85 -3.16 42.94 -44.65
N VAL B 86 -3.54 43.99 -45.39
CA VAL B 86 -2.67 44.53 -46.42
C VAL B 86 -1.40 45.08 -45.79
N GLN B 87 -1.54 45.81 -44.67
CA GLN B 87 -0.37 46.39 -44.03
C GLN B 87 0.62 45.32 -43.61
N GLU B 88 0.12 44.22 -43.04
CA GLU B 88 0.99 43.12 -42.65
C GLU B 88 1.74 42.56 -43.85
N VAL B 89 1.02 42.35 -44.96
CA VAL B 89 1.65 41.79 -46.15
C VAL B 89 2.75 42.70 -46.66
N VAL B 90 2.46 44.01 -46.76
CA VAL B 90 3.45 44.94 -47.31
C VAL B 90 4.65 45.04 -46.39
N THR B 91 4.42 45.12 -45.08
CA THR B 91 5.53 45.17 -44.14
C THR B 91 6.38 43.92 -44.23
N ALA B 92 5.75 42.75 -44.31
CA ALA B 92 6.50 41.50 -44.43
C ALA B 92 7.32 41.48 -45.70
N ALA B 93 6.72 41.90 -46.82
CA ALA B 93 7.43 41.90 -48.08
C ALA B 93 8.63 42.81 -48.04
N LEU B 94 8.47 44.02 -47.48
CA LEU B 94 9.59 44.93 -47.36
C LEU B 94 10.67 44.36 -46.44
N GLN B 95 10.25 43.71 -45.35
CA GLN B 95 11.23 43.14 -44.42
C GLN B 95 12.04 42.05 -45.09
N GLU B 96 11.40 41.22 -45.91
CA GLU B 96 12.10 40.14 -46.58
C GLU B 96 12.73 40.56 -47.90
N ASP B 97 12.23 41.64 -48.50
CA ASP B 97 12.73 42.15 -49.77
C ASP B 97 12.62 41.09 -50.86
N VAL B 98 11.38 40.66 -51.08
CA VAL B 98 11.08 39.67 -52.10
C VAL B 98 10.71 40.40 -53.39
N GLN B 99 10.73 39.66 -54.49
CA GLN B 99 10.52 40.27 -55.79
C GLN B 99 9.08 40.23 -56.26
N GLY B 100 8.29 39.26 -55.80
CA GLY B 100 6.93 39.09 -56.30
C GLY B 100 5.95 38.82 -55.18
N ILE B 101 4.75 39.37 -55.35
CA ILE B 101 3.64 39.17 -54.42
C ILE B 101 2.51 38.49 -55.17
N ALA B 102 2.07 37.34 -54.68
CA ALA B 102 1.02 36.56 -55.31
C ALA B 102 -0.23 36.61 -54.44
N ILE B 103 -1.36 36.95 -55.05
CA ILE B 103 -2.62 37.10 -54.34
C ILE B 103 -3.70 36.35 -55.09
N SER B 104 -4.44 35.52 -54.37
CA SER B 104 -5.62 34.84 -54.90
C SER B 104 -6.85 35.54 -54.33
N SER B 105 -7.74 35.98 -55.21
CA SER B 105 -8.94 36.73 -54.82
C SER B 105 -10.15 36.11 -55.52
N TYR B 106 -10.98 35.41 -54.74
CA TYR B 106 -12.15 34.73 -55.27
C TYR B 106 -13.43 35.08 -54.51
N GLN B 107 -13.46 36.20 -53.81
CA GLN B 107 -14.66 36.62 -53.09
C GLN B 107 -15.23 37.93 -53.59
N GLY B 108 -14.58 38.60 -54.54
CA GLY B 108 -15.07 39.86 -55.07
C GLY B 108 -14.66 41.05 -54.23
N GLY B 109 -14.98 42.23 -54.74
CA GLY B 109 -14.67 43.47 -54.04
C GLY B 109 -13.20 43.70 -53.82
N HIS B 110 -12.34 42.98 -54.55
CA HIS B 110 -10.90 43.05 -54.35
C HIS B 110 -10.26 44.26 -55.03
N VAL B 111 -11.02 45.02 -55.82
CA VAL B 111 -10.45 46.12 -56.56
C VAL B 111 -9.81 47.14 -55.61
N GLU B 112 -10.50 47.44 -54.51
CA GLU B 112 -9.95 48.37 -53.53
C GLU B 112 -8.68 47.79 -52.89
N TYR B 113 -8.66 46.46 -52.70
CA TYR B 113 -7.47 45.82 -52.17
C TYR B 113 -6.27 46.05 -53.08
N PHE B 114 -6.45 45.79 -54.38
CA PHE B 114 -5.36 46.00 -55.31
C PHE B 114 -4.97 47.48 -55.38
N LYS B 115 -5.95 48.36 -55.33
CA LYS B 115 -5.66 49.80 -55.35
C LYS B 115 -4.78 50.19 -54.17
N TYR B 116 -5.13 49.75 -52.97
CA TYR B 116 -4.33 50.08 -51.80
C TYR B 116 -2.96 49.43 -51.88
N MET B 117 -2.89 48.22 -52.42
CA MET B 117 -1.59 47.58 -52.64
C MET B 117 -0.69 48.47 -53.48
N ILE B 118 -1.22 48.95 -54.61
CA ILE B 118 -0.44 49.83 -55.49
C ILE B 118 -0.04 51.10 -54.74
N ASP B 119 -0.99 51.71 -54.04
CA ASP B 119 -0.71 52.97 -53.35
C ASP B 119 0.38 52.81 -52.31
N LEU B 120 0.25 51.79 -51.45
CA LEU B 120 1.22 51.60 -50.38
C LEU B 120 2.58 51.19 -50.91
N LEU B 121 2.62 50.38 -51.98
CA LEU B 121 3.90 50.03 -52.58
C LEU B 121 4.59 51.27 -53.15
N ARG B 122 3.84 52.11 -53.87
CA ARG B 122 4.42 53.34 -54.38
C ARG B 122 4.78 54.31 -53.28
N GLU B 123 4.19 54.16 -52.09
CA GLU B 123 4.59 54.99 -50.96
C GLU B 123 6.07 54.84 -50.64
N HIS B 124 6.57 53.60 -50.59
CA HIS B 124 7.99 53.34 -50.41
C HIS B 124 8.63 52.89 -51.70
N GLY B 125 7.96 53.19 -52.82
CA GLY B 125 8.50 52.90 -54.14
C GLY B 125 8.55 51.42 -54.50
N GLY B 126 7.38 50.79 -54.60
CA GLY B 126 7.31 49.39 -54.94
C GLY B 126 7.17 49.16 -56.44
N GLU B 127 7.72 50.07 -57.24
CA GLU B 127 7.64 49.93 -58.69
C GLU B 127 8.35 48.67 -59.18
N HIS B 128 9.54 48.38 -58.66
CA HIS B 128 10.26 47.18 -59.08
C HIS B 128 9.64 45.91 -58.51
N ILE B 129 8.71 46.03 -57.57
CA ILE B 129 7.93 44.88 -57.11
C ILE B 129 6.64 44.82 -57.90
N GLN B 130 6.28 43.63 -58.36
CA GLN B 130 5.08 43.45 -59.16
C GLN B 130 4.08 42.58 -58.42
N VAL B 131 2.88 42.48 -58.97
CA VAL B 131 1.77 41.75 -58.36
C VAL B 131 1.26 40.76 -59.39
N PHE B 132 0.90 39.57 -58.94
CA PHE B 132 0.36 38.53 -59.81
C PHE B 132 -0.70 37.74 -59.07
N GLY B 133 -1.75 37.32 -59.78
CA GLY B 133 -2.80 36.53 -59.20
C GLY B 133 -3.82 36.07 -60.22
N GLY B 134 -4.69 35.18 -59.77
CA GLY B 134 -5.82 34.73 -60.56
C GLY B 134 -7.11 34.83 -59.76
N GLY B 135 -8.22 35.17 -60.40
CA GLY B 135 -9.44 35.43 -59.65
C GLY B 135 -10.71 34.89 -60.28
N GLY B 136 -10.58 33.90 -61.15
CA GLY B 136 -11.77 33.33 -61.78
C GLY B 136 -12.34 34.27 -62.82
N GLY B 137 -13.56 33.95 -63.26
CA GLY B 137 -14.22 34.71 -64.30
C GLY B 137 -14.96 35.93 -63.84
N VAL B 138 -14.73 36.35 -62.59
CA VAL B 138 -15.47 37.47 -62.02
C VAL B 138 -15.19 38.75 -62.80
N ILE B 139 -13.94 39.00 -63.14
CA ILE B 139 -13.53 40.27 -63.74
C ILE B 139 -13.99 40.32 -65.20
N VAL B 140 -14.63 41.42 -65.57
CA VAL B 140 -14.86 41.74 -66.98
C VAL B 140 -13.50 42.12 -67.56
N PRO B 141 -13.25 41.89 -68.85
CA PRO B 141 -11.95 42.28 -69.42
C PRO B 141 -11.67 43.77 -69.28
N ASP B 142 -12.70 44.61 -69.37
CA ASP B 142 -12.47 46.05 -69.32
C ASP B 142 -11.85 46.48 -67.99
N GLU B 143 -12.47 46.11 -66.88
CA GLU B 143 -11.99 46.55 -65.58
C GLU B 143 -10.60 45.97 -65.29
N ILE B 144 -10.39 44.70 -65.58
CA ILE B 144 -9.10 44.08 -65.28
C ILE B 144 -8.00 44.69 -66.15
N ARG B 145 -8.32 45.00 -67.41
CA ARG B 145 -7.31 45.61 -68.29
C ARG B 145 -6.99 47.03 -67.86
N GLU B 146 -8.02 47.79 -67.45
CA GLU B 146 -7.76 49.14 -66.96
C GLU B 146 -6.94 49.11 -65.69
N LEU B 147 -7.19 48.13 -64.82
CA LEU B 147 -6.35 47.98 -63.63
C LEU B 147 -4.94 47.54 -63.99
N GLN B 148 -4.80 46.73 -65.05
CA GLN B 148 -3.48 46.36 -65.51
C GLN B 148 -2.70 47.60 -65.96
N ALA B 149 -3.36 48.49 -66.69
CA ALA B 149 -2.76 49.78 -67.00
C ALA B 149 -2.55 50.61 -65.74
N TYR B 150 -3.33 50.34 -64.69
CA TYR B 150 -3.21 51.09 -63.45
C TYR B 150 -1.92 50.74 -62.72
N GLY B 151 -1.31 49.61 -63.03
CA GLY B 151 -0.04 49.27 -62.43
C GLY B 151 0.20 47.80 -62.14
N VAL B 152 -0.86 46.98 -62.07
CA VAL B 152 -0.64 45.57 -61.79
C VAL B 152 0.01 44.91 -63.01
N ALA B 153 0.91 43.97 -62.74
CA ALA B 153 1.74 43.40 -63.80
C ALA B 153 0.93 42.47 -64.69
N ARG B 154 0.44 41.37 -64.14
CA ARG B 154 -0.35 40.40 -64.89
C ARG B 154 -1.31 39.69 -63.95
N ILE B 155 -2.56 39.56 -64.39
CA ILE B 155 -3.59 38.87 -63.63
C ILE B 155 -4.03 37.68 -64.45
N TYR B 156 -4.25 36.54 -63.80
CA TYR B 156 -4.48 35.29 -64.50
C TYR B 156 -5.97 35.01 -64.62
N SER B 157 -6.43 34.83 -65.87
CA SER B 157 -7.78 34.54 -66.32
C SER B 157 -8.02 33.03 -66.35
N PRO B 158 -9.22 32.57 -65.96
CA PRO B 158 -9.48 31.13 -66.00
C PRO B 158 -9.52 30.58 -67.40
N GLU B 159 -10.31 31.17 -68.29
CA GLU B 159 -10.39 30.68 -69.65
C GLU B 159 -9.07 30.85 -70.38
N ASP B 160 -8.50 32.05 -70.34
CA ASP B 160 -7.23 32.30 -71.03
C ASP B 160 -6.11 31.47 -70.44
N GLY B 161 -6.00 31.44 -69.10
CA GLY B 161 -4.95 30.65 -68.47
C GLY B 161 -5.08 29.17 -68.77
N GLN B 162 -6.32 28.65 -68.76
CA GLN B 162 -6.55 27.25 -69.10
C GLN B 162 -6.20 26.96 -70.56
N ARG B 163 -6.54 27.87 -71.47
CA ARG B 163 -6.20 27.68 -72.88
C ARG B 163 -4.68 27.66 -73.07
N MET B 164 -3.98 28.57 -72.39
CA MET B 164 -2.52 28.61 -72.49
C MET B 164 -1.84 27.65 -71.52
N GLY B 165 -2.57 27.11 -70.56
CA GLY B 165 -1.95 26.26 -69.56
C GLY B 165 -1.30 27.05 -68.45
N LEU B 166 -1.45 26.55 -67.23
CA LEU B 166 -0.84 27.21 -66.07
C LEU B 166 0.67 27.22 -66.19
N ALA B 167 1.26 26.14 -66.72
CA ALA B 167 2.70 26.07 -66.85
C ALA B 167 3.24 27.19 -67.73
N GLY B 168 2.60 27.42 -68.87
CA GLY B 168 3.03 28.50 -69.74
C GLY B 168 2.93 29.86 -69.09
N MET B 169 1.83 30.11 -68.38
CA MET B 169 1.65 31.39 -67.71
C MET B 169 2.72 31.61 -66.65
N ILE B 170 2.99 30.58 -65.86
CA ILE B 170 3.99 30.70 -64.81
C ILE B 170 5.38 30.89 -65.41
N THR B 171 5.69 30.16 -66.48
CA THR B 171 6.99 30.33 -67.12
C THR B 171 7.15 31.74 -67.69
N ASP B 172 6.09 32.27 -68.29
CA ASP B 172 6.14 33.65 -68.79
C ASP B 172 6.35 34.63 -67.66
N MET B 173 5.65 34.45 -66.55
CA MET B 173 5.84 35.32 -65.40
C MET B 173 7.27 35.24 -64.88
N ALA B 174 7.80 34.02 -64.79
CA ALA B 174 9.12 33.82 -64.22
C ALA B 174 10.21 34.43 -65.12
N GLN B 175 10.32 33.93 -66.35
CA GLN B 175 11.35 34.42 -67.24
C GLN B 175 11.16 35.90 -67.56
N ARG B 176 9.92 36.38 -67.53
CA ARG B 176 9.68 37.81 -67.73
C ARG B 176 10.29 38.65 -66.62
N CYS B 177 10.18 38.20 -65.37
CA CYS B 177 10.71 38.93 -64.23
C CYS B 177 12.19 38.67 -64.01
N ASP B 178 12.87 38.01 -64.94
CA ASP B 178 14.30 37.74 -64.82
C ASP B 178 15.05 39.06 -65.04
N ILE B 179 15.28 39.76 -63.93
CA ILE B 179 16.02 41.01 -63.93
C ILE B 179 16.50 41.27 -62.51
N ASP B 180 17.70 41.81 -62.39
CA ASP B 180 18.42 41.82 -61.12
C ASP B 180 18.46 43.21 -60.51
N LEU B 181 18.89 43.28 -59.24
CA LEU B 181 19.04 44.53 -58.50
C LEU B 181 20.45 44.71 -57.97
N THR B 182 21.47 44.34 -58.74
CA THR B 182 22.85 44.44 -58.30
C THR B 182 23.37 45.88 -58.25
N ARG B 183 22.95 46.73 -59.17
CA ARG B 183 23.48 48.08 -59.23
C ARG B 183 23.03 48.95 -58.05
N TYR B 184 21.90 48.63 -57.43
CA TYR B 184 21.35 49.45 -56.36
C TYR B 184 22.04 49.21 -55.03
N ALA B 185 23.28 48.71 -55.05
CA ALA B 185 24.00 48.42 -53.82
C ALA B 185 24.27 49.69 -53.03
N PRO B 186 23.98 49.69 -51.73
CA PRO B 186 24.25 50.88 -50.91
C PRO B 186 25.73 50.96 -50.55
N THR B 187 26.28 52.14 -50.78
CA THR B 187 27.69 52.38 -50.51
C THR B 187 27.93 53.07 -49.18
N THR B 188 26.93 53.16 -48.31
CA THR B 188 27.05 53.86 -47.05
C THR B 188 26.36 53.09 -45.95
N LEU B 189 26.69 53.43 -44.71
CA LEU B 189 26.12 52.80 -43.52
C LEU B 189 25.33 53.78 -42.67
N ASP B 190 25.32 55.06 -43.02
CA ASP B 190 24.68 56.08 -42.19
C ASP B 190 23.20 55.81 -42.02
N THR B 191 22.50 55.53 -43.13
CA THR B 191 21.08 55.24 -43.04
C THR B 191 20.85 53.93 -42.31
N VAL B 192 21.81 53.01 -42.37
CA VAL B 192 21.68 51.74 -41.66
C VAL B 192 21.63 51.98 -40.15
N VAL B 193 22.60 52.73 -39.64
CA VAL B 193 22.64 53.01 -38.21
C VAL B 193 21.55 54.00 -37.80
N ALA B 194 21.05 54.79 -38.75
CA ALA B 194 19.98 55.74 -38.44
C ALA B 194 18.71 55.03 -38.01
N GLY B 195 18.35 53.94 -38.68
CA GLY B 195 17.17 53.19 -38.31
C GLY B 195 16.30 52.77 -39.48
N ASP B 196 16.79 52.97 -40.70
CA ASP B 196 16.07 52.52 -41.88
C ASP B 196 16.10 51.00 -41.96
N ARG B 197 15.06 50.42 -42.57
CA ARG B 197 15.04 48.99 -42.78
C ARG B 197 15.24 48.63 -44.24
N ARG B 198 14.90 49.54 -45.16
CA ARG B 198 15.14 49.27 -46.56
C ARG B 198 16.63 49.07 -46.83
N ALA B 199 17.47 49.97 -46.32
CA ALA B 199 18.90 49.79 -46.45
C ALA B 199 19.36 48.54 -45.71
N LEU B 200 18.69 48.21 -44.61
CA LEU B 200 19.02 46.99 -43.89
C LEU B 200 18.87 45.78 -44.80
N ALA B 201 17.73 45.65 -45.46
CA ALA B 201 17.50 44.52 -46.35
C ALA B 201 18.43 44.56 -47.54
N GLN B 202 18.70 45.76 -48.07
CA GLN B 202 19.64 45.89 -49.17
C GLN B 202 21.01 45.32 -48.78
N LEU B 203 21.49 45.71 -47.59
CA LEU B 203 22.78 45.19 -47.12
C LEU B 203 22.71 43.68 -46.90
N ILE B 204 21.58 43.18 -46.39
CA ILE B 204 21.45 41.74 -46.19
C ILE B 204 21.65 41.01 -47.51
N THR B 205 20.94 41.46 -48.55
CA THR B 205 21.06 40.80 -49.85
C THR B 205 22.47 40.94 -50.42
N ALA B 206 23.06 42.12 -50.27
CA ALA B 206 24.40 42.34 -50.81
C ALA B 206 25.43 41.44 -50.15
N LEU B 207 25.35 41.28 -48.83
CA LEU B 207 26.25 40.37 -48.14
C LEU B 207 25.97 38.92 -48.53
N GLU B 208 24.70 38.56 -48.69
CA GLU B 208 24.37 37.20 -49.12
C GLU B 208 25.03 36.87 -50.45
N ASN B 209 24.92 37.77 -51.41
CA ASN B 209 25.63 37.62 -52.67
C ASN B 209 27.10 37.96 -52.54
N GLY B 210 27.50 38.62 -51.46
CA GLY B 210 28.87 39.05 -51.28
C GLY B 210 29.36 39.98 -52.36
N LYS B 211 28.53 40.94 -52.77
CA LYS B 211 28.88 41.88 -53.83
C LYS B 211 29.38 43.22 -53.28
N ALA B 212 29.45 43.37 -51.96
CA ALA B 212 29.89 44.61 -51.34
C ALA B 212 31.41 44.70 -51.35
N ASP B 213 31.92 45.83 -50.86
CA ASP B 213 33.36 45.99 -50.74
C ASP B 213 33.83 45.37 -49.43
N PRO B 214 35.05 44.83 -49.38
CA PRO B 214 35.54 44.23 -48.14
C PRO B 214 35.69 45.21 -46.99
N GLU B 215 36.08 46.46 -47.27
CA GLU B 215 36.25 47.45 -46.20
C GLU B 215 34.94 47.67 -45.45
N LEU B 216 33.80 47.53 -46.14
CA LEU B 216 32.52 47.61 -45.47
C LEU B 216 32.38 46.49 -44.46
N VAL B 217 32.81 45.28 -44.83
CA VAL B 217 32.79 44.17 -43.89
C VAL B 217 33.68 44.45 -42.70
N SER B 218 34.86 45.02 -42.96
CA SER B 218 35.78 45.34 -41.88
C SER B 218 35.16 46.33 -40.90
N ALA B 219 34.54 47.37 -41.43
CA ALA B 219 33.88 48.35 -40.56
C ALA B 219 32.73 47.72 -39.78
N LEU B 220 31.95 46.86 -40.45
CA LEU B 220 30.85 46.18 -39.77
C LEU B 220 31.36 45.38 -38.58
N HIS B 221 32.42 44.61 -38.79
CA HIS B 221 32.95 43.79 -37.70
C HIS B 221 33.58 44.66 -36.62
N ALA B 222 34.15 45.80 -37.01
CA ALA B 222 34.63 46.75 -36.02
C ALA B 222 33.50 47.24 -35.14
N GLN B 223 32.35 47.55 -35.74
CA GLN B 223 31.18 47.94 -34.96
C GLN B 223 30.76 46.81 -34.02
N ALA B 224 30.71 45.59 -34.55
CA ALA B 224 30.26 44.46 -33.75
C ALA B 224 31.20 44.19 -32.58
N LYS B 225 32.48 44.53 -32.72
CA LYS B 225 33.40 44.38 -31.60
C LYS B 225 32.96 45.20 -30.40
N ALA B 226 32.57 46.45 -30.61
CA ALA B 226 32.15 47.31 -29.51
C ALA B 226 30.65 47.24 -29.24
N ALA B 227 29.89 46.50 -30.05
CA ALA B 227 28.45 46.46 -29.87
C ALA B 227 28.07 45.89 -28.51
N ALA B 228 28.60 44.71 -28.19
CA ALA B 228 28.29 44.02 -26.94
C ALA B 228 26.79 43.78 -26.80
N VAL B 229 26.26 42.96 -27.72
CA VAL B 229 24.83 42.69 -27.75
C VAL B 229 24.60 41.18 -27.75
N PRO B 230 23.47 40.71 -27.24
CA PRO B 230 23.29 39.27 -27.05
C PRO B 230 22.66 38.58 -28.25
N VAL B 231 23.12 37.36 -28.50
CA VAL B 231 22.62 36.53 -29.59
C VAL B 231 22.30 35.15 -29.02
N LEU B 232 21.05 34.74 -29.19
CA LEU B 232 20.57 33.43 -28.76
C LEU B 232 20.22 32.62 -30.00
N GLY B 233 20.77 31.41 -30.10
CA GLY B 233 20.46 30.50 -31.18
C GLY B 233 19.64 29.33 -30.66
N ILE B 234 18.72 28.87 -31.50
CA ILE B 234 17.82 27.78 -31.18
C ILE B 234 17.98 26.72 -32.28
N THR B 235 18.21 25.48 -31.87
CA THR B 235 18.43 24.38 -32.79
C THR B 235 17.62 23.17 -32.34
N GLY B 236 17.40 22.26 -33.28
CA GLY B 236 16.65 21.06 -32.97
C GLY B 236 16.43 20.21 -34.21
N THR B 237 15.76 19.09 -33.98
CA THR B 237 15.52 18.12 -35.03
C THR B 237 14.47 18.61 -36.01
N GLY B 238 14.32 17.87 -37.10
CA GLY B 238 13.42 18.28 -38.16
C GLY B 238 11.99 18.39 -37.66
N GLY B 239 11.47 19.61 -37.65
CA GLY B 239 10.09 19.83 -37.30
C GLY B 239 9.72 19.47 -35.88
N ALA B 240 10.70 19.34 -35.00
CA ALA B 240 10.41 19.07 -33.60
C ALA B 240 9.47 20.13 -33.04
N GLY B 241 9.64 21.37 -33.50
CA GLY B 241 8.81 22.48 -33.09
C GLY B 241 9.62 23.45 -32.26
N LYS B 242 10.10 24.52 -32.89
CA LYS B 242 10.86 25.53 -32.17
C LYS B 242 10.36 26.91 -32.52
N SER B 243 9.90 27.08 -33.75
CA SER B 243 9.45 28.38 -34.24
C SER B 243 8.26 28.84 -33.42
N SER B 244 7.37 27.90 -33.09
CA SER B 244 6.27 28.21 -32.19
C SER B 244 6.79 28.64 -30.83
N LEU B 245 7.80 27.94 -30.33
CA LEU B 245 8.41 28.35 -29.05
C LEU B 245 9.01 29.74 -29.16
N THR B 246 9.63 30.04 -30.30
CA THR B 246 10.18 31.39 -30.50
C THR B 246 9.09 32.45 -30.48
N ASP B 247 7.96 32.16 -31.12
CA ASP B 247 6.84 33.09 -31.08
C ASP B 247 6.35 33.29 -29.65
N GLU B 248 6.27 32.19 -28.89
CA GLU B 248 5.88 32.30 -27.49
C GLU B 248 6.86 33.17 -26.71
N LEU B 249 8.15 32.99 -26.96
CA LEU B 249 9.15 33.80 -26.28
C LEU B 249 8.99 35.27 -26.61
N ILE B 250 8.79 35.59 -27.89
CA ILE B 250 8.59 36.97 -28.30
C ILE B 250 7.36 37.55 -27.62
N ARG B 251 6.28 36.77 -27.55
CA ARG B 251 5.07 37.25 -26.90
C ARG B 251 5.31 37.50 -25.42
N ARG B 252 6.02 36.61 -24.75
CA ARG B 252 6.29 36.80 -23.33
C ARG B 252 7.08 38.09 -23.11
N PHE B 253 8.09 38.33 -23.94
CA PHE B 253 8.86 39.57 -23.83
C PHE B 253 7.96 40.78 -24.03
N ARG B 254 7.18 40.78 -25.12
CA ARG B 254 6.32 41.92 -25.42
C ARG B 254 5.36 42.19 -24.27
N LEU B 255 4.88 41.13 -23.62
CA LEU B 255 3.97 41.30 -22.50
C LEU B 255 4.69 41.90 -21.30
N ASP B 256 5.76 41.25 -20.85
CA ASP B 256 6.34 41.63 -19.56
C ASP B 256 7.14 42.92 -19.65
N GLN B 257 7.41 43.41 -20.85
CA GLN B 257 8.17 44.65 -20.97
C GLN B 257 7.51 45.70 -21.86
N ASP B 258 6.23 45.51 -22.19
CA ASP B 258 5.41 46.57 -22.78
C ASP B 258 6.05 47.13 -24.07
N ASP B 259 6.60 46.23 -24.88
CA ASP B 259 7.21 46.60 -26.15
C ASP B 259 8.26 47.69 -25.98
N ALA B 260 9.08 47.56 -24.94
CA ALA B 260 10.17 48.49 -24.68
C ALA B 260 11.51 47.98 -25.18
N LEU B 261 11.53 46.86 -25.90
CA LEU B 261 12.75 46.27 -26.42
C LEU B 261 12.68 46.18 -27.94
N SER B 262 13.84 46.12 -28.58
CA SER B 262 13.94 46.05 -30.03
C SER B 262 14.62 44.73 -30.39
N ILE B 263 13.88 43.83 -31.05
CA ILE B 263 14.31 42.46 -31.25
C ILE B 263 14.46 42.17 -32.73
N ALA B 264 15.49 41.41 -33.08
CA ALA B 264 15.71 40.98 -34.45
C ALA B 264 15.87 39.46 -34.48
N VAL B 265 15.09 38.79 -35.33
CA VAL B 265 15.04 37.35 -35.42
C VAL B 265 15.33 36.93 -36.86
N ILE B 266 16.20 35.95 -37.02
CA ILE B 266 16.63 35.46 -38.33
C ILE B 266 16.50 33.94 -38.32
N SER B 267 15.87 33.40 -39.37
CA SER B 267 15.68 31.97 -39.50
C SER B 267 16.49 31.43 -40.68
N ILE B 268 16.85 30.16 -40.61
CA ILE B 268 17.62 29.48 -41.64
C ILE B 268 16.84 28.26 -42.09
N ASP B 269 16.72 28.09 -43.40
CA ASP B 269 15.91 27.02 -43.96
C ASP B 269 16.69 26.23 -45.00
N PRO B 270 16.34 24.96 -45.20
CA PRO B 270 17.04 24.14 -46.19
C PRO B 270 16.61 24.46 -47.60
N SER B 271 17.37 23.93 -48.55
CA SER B 271 17.11 24.14 -49.97
C SER B 271 17.25 22.83 -50.74
N ARG B 272 16.49 22.71 -51.82
CA ARG B 272 16.52 21.50 -52.64
C ARG B 272 17.86 21.37 -53.36
N ARG B 273 18.33 20.13 -53.53
CA ARG B 273 19.58 19.91 -54.23
C ARG B 273 19.36 19.57 -55.70
N LYS B 274 18.20 19.00 -56.02
CA LYS B 274 17.91 18.64 -57.41
C LYS B 274 17.46 19.85 -58.22
N SER B 275 16.28 20.38 -57.89
CA SER B 275 15.71 21.46 -58.68
C SER B 275 16.49 22.76 -58.49
N GLY B 276 16.94 23.03 -57.27
CA GLY B 276 17.61 24.27 -56.95
C GLY B 276 16.74 25.29 -56.25
N GLY B 277 15.47 24.98 -56.02
CA GLY B 277 14.56 25.86 -55.32
C GLY B 277 14.47 25.53 -53.85
N ALA B 278 13.58 26.26 -53.16
CA ALA B 278 13.42 26.11 -51.73
C ALA B 278 12.12 26.79 -51.31
N LEU B 279 11.68 26.48 -50.09
CA LEU B 279 10.47 27.03 -49.50
C LEU B 279 10.79 27.49 -48.08
N LEU B 280 11.11 28.77 -47.93
CA LEU B 280 11.50 29.33 -46.64
C LEU B 280 10.25 29.57 -45.81
N GLY B 281 9.55 28.49 -45.51
CA GLY B 281 8.26 28.59 -44.85
C GLY B 281 8.28 28.49 -43.34
N ASP B 282 8.80 29.51 -42.66
CA ASP B 282 8.77 29.52 -41.20
C ASP B 282 8.04 30.72 -40.60
N ARG B 283 8.12 31.90 -41.21
CA ARG B 283 7.44 33.06 -40.65
C ARG B 283 5.94 32.89 -40.60
N ILE B 284 5.39 31.93 -41.35
CA ILE B 284 3.95 31.67 -41.29
C ILE B 284 3.54 31.32 -39.87
N ARG B 285 4.32 30.50 -39.20
CA ARG B 285 3.95 30.11 -37.86
C ARG B 285 3.95 31.27 -36.88
N MET B 286 4.96 32.13 -36.98
CA MET B 286 5.08 33.25 -36.07
C MET B 286 4.12 34.36 -36.46
N ASN B 287 3.45 34.95 -35.46
CA ASN B 287 2.50 36.02 -35.73
C ASN B 287 2.59 37.19 -34.77
N ALA B 288 3.56 37.20 -33.86
CA ALA B 288 3.74 38.29 -32.91
C ALA B 288 4.56 39.44 -33.47
N ILE B 289 4.57 39.58 -34.80
CA ILE B 289 5.51 40.47 -35.47
C ILE B 289 4.83 41.67 -36.10
N ASN B 290 3.69 42.10 -35.56
CA ASN B 290 3.00 43.27 -36.10
C ASN B 290 3.38 44.50 -35.27
N HIS B 291 4.61 44.97 -35.49
CA HIS B 291 5.11 46.14 -34.78
C HIS B 291 6.34 46.70 -35.47
N PRO B 292 6.48 48.04 -35.51
CA PRO B 292 7.72 48.63 -36.03
C PRO B 292 8.93 48.38 -35.14
N ASN B 293 8.81 47.52 -34.12
CA ASN B 293 9.90 47.32 -33.18
C ASN B 293 10.56 45.96 -33.29
N ILE B 294 9.99 45.02 -34.05
CA ILE B 294 10.52 43.67 -34.19
C ILE B 294 10.77 43.40 -35.66
N PHE B 295 11.95 42.86 -35.98
CA PHE B 295 12.33 42.62 -37.37
C PHE B 295 12.66 41.15 -37.58
N MET B 296 11.92 40.51 -38.49
CA MET B 296 12.04 39.08 -38.72
C MET B 296 12.45 38.83 -40.17
N ARG B 297 13.46 37.98 -40.35
CA ARG B 297 14.04 37.70 -41.66
C ARG B 297 14.29 36.21 -41.81
N SER B 298 14.22 35.72 -43.04
CA SER B 298 14.48 34.32 -43.34
C SER B 298 15.56 34.23 -44.41
N LEU B 299 16.42 33.22 -44.29
CA LEU B 299 17.45 32.95 -45.28
C LEU B 299 17.50 31.46 -45.54
N ALA B 300 17.87 31.11 -46.76
CA ALA B 300 17.89 29.72 -47.21
C ALA B 300 19.31 29.17 -47.22
N THR B 301 19.39 27.84 -47.23
CA THR B 301 20.69 27.18 -47.27
C THR B 301 21.47 27.58 -48.51
N ARG B 302 20.91 27.31 -49.69
CA ARG B 302 21.49 27.73 -50.96
C ARG B 302 22.85 27.08 -51.21
N GLU B 303 23.28 26.16 -50.36
CA GLU B 303 24.56 25.49 -50.54
C GLU B 303 24.38 24.00 -50.32
N ALA B 304 25.40 23.23 -50.71
CA ALA B 304 25.28 21.78 -50.73
C ALA B 304 25.12 21.20 -49.33
N GLY B 305 26.17 21.28 -48.51
CA GLY B 305 26.23 20.42 -47.34
C GLY B 305 25.94 21.03 -45.98
N SER B 306 26.51 22.19 -45.71
CA SER B 306 26.43 22.73 -44.36
C SER B 306 25.01 23.14 -44.01
N GLU B 307 24.75 23.23 -42.71
CA GLU B 307 23.45 23.65 -42.20
C GLU B 307 23.45 25.11 -41.76
N ILE B 308 24.49 25.85 -42.11
CA ILE B 308 24.61 27.26 -41.77
C ILE B 308 25.01 28.02 -43.01
N SER B 309 24.62 29.29 -43.07
CA SER B 309 24.89 30.09 -44.25
C SER B 309 26.39 30.26 -44.47
N GLN B 310 26.78 30.29 -45.74
CA GLN B 310 28.16 30.61 -46.08
C GLN B 310 28.52 32.04 -45.72
N ALA B 311 27.53 32.88 -45.43
CA ALA B 311 27.76 34.27 -45.03
C ALA B 311 27.05 34.60 -43.73
N LEU B 312 26.70 33.59 -42.94
CA LEU B 312 26.00 33.83 -41.68
C LEU B 312 26.75 34.80 -40.75
N PRO B 313 28.08 34.72 -40.58
CA PRO B 313 28.74 35.74 -39.77
C PRO B 313 28.50 37.16 -40.26
N ASP B 314 28.45 37.35 -41.57
CA ASP B 314 28.26 38.69 -42.12
C ASP B 314 26.88 39.24 -41.75
N VAL B 315 25.84 38.44 -41.96
CA VAL B 315 24.50 38.93 -41.65
C VAL B 315 24.32 39.09 -40.16
N ILE B 316 24.91 38.22 -39.35
CA ILE B 316 24.79 38.36 -37.91
C ILE B 316 25.46 39.64 -37.44
N ALA B 317 26.66 39.92 -37.96
CA ALA B 317 27.34 41.17 -37.60
C ALA B 317 26.55 42.38 -38.06
N ALA B 318 25.98 42.31 -39.26
CA ALA B 318 25.17 43.43 -39.74
C ALA B 318 23.97 43.66 -38.84
N CYS B 319 23.28 42.59 -38.45
CA CYS B 319 22.15 42.74 -37.54
C CYS B 319 22.59 43.32 -36.21
N LYS B 320 23.71 42.85 -35.67
CA LYS B 320 24.19 43.38 -34.41
C LYS B 320 24.52 44.86 -34.51
N ALA B 321 25.03 45.30 -35.65
CA ALA B 321 25.37 46.71 -35.82
C ALA B 321 24.14 47.61 -35.85
N ALA B 322 22.95 47.02 -35.94
CA ALA B 322 21.70 47.79 -35.99
C ALA B 322 21.32 48.40 -34.65
N ARG B 323 22.13 48.21 -33.61
CA ARG B 323 21.84 48.75 -32.28
C ARG B 323 20.47 48.28 -31.79
N PHE B 324 20.28 46.97 -31.79
CA PHE B 324 19.04 46.41 -31.28
C PHE B 324 19.26 45.79 -29.91
N ASP B 325 18.14 45.47 -29.24
CA ASP B 325 18.23 44.92 -27.90
C ASP B 325 18.69 43.46 -27.93
N LEU B 326 18.16 42.67 -28.85
CA LEU B 326 18.33 41.22 -28.78
C LEU B 326 18.36 40.62 -30.18
N VAL B 327 19.20 39.60 -30.36
CA VAL B 327 19.28 38.86 -31.61
C VAL B 327 18.93 37.42 -31.35
N ILE B 328 17.98 36.90 -32.12
CA ILE B 328 17.54 35.51 -32.03
C ILE B 328 17.72 34.88 -33.41
N VAL B 329 18.31 33.69 -33.44
CA VAL B 329 18.56 32.99 -34.70
C VAL B 329 18.11 31.55 -34.56
N GLU B 330 17.30 31.09 -35.50
CA GLU B 330 16.89 29.71 -35.59
C GLU B 330 17.54 29.06 -36.79
N THR B 331 18.12 27.89 -36.59
CA THR B 331 18.82 27.19 -37.65
C THR B 331 17.87 26.23 -38.35
N SER B 332 18.40 25.45 -39.29
CA SER B 332 17.62 24.42 -39.92
C SER B 332 17.49 23.22 -38.98
N GLY B 333 16.55 22.33 -39.31
CA GLY B 333 16.42 21.10 -38.56
C GLY B 333 17.73 20.33 -38.56
N ILE B 334 18.19 19.92 -37.39
CA ILE B 334 19.54 19.41 -37.23
C ILE B 334 19.50 17.89 -37.29
N GLY B 335 20.68 17.30 -37.47
CA GLY B 335 20.85 15.87 -37.39
C GLY B 335 21.40 15.45 -36.05
N GLN B 336 22.51 14.73 -36.05
CA GLN B 336 23.12 14.24 -34.83
C GLN B 336 24.54 14.74 -34.63
N GLY B 337 25.33 14.74 -35.70
CA GLY B 337 26.70 15.21 -35.64
C GLY B 337 26.89 16.67 -35.94
N ASP B 338 25.81 17.43 -36.07
CA ASP B 338 25.89 18.82 -36.48
C ASP B 338 25.73 19.75 -35.28
N ALA B 339 26.78 20.52 -34.99
CA ALA B 339 26.70 21.54 -33.95
C ALA B 339 27.42 22.81 -34.42
N ALA B 340 27.21 23.18 -35.68
CA ALA B 340 27.96 24.29 -36.26
C ALA B 340 27.67 25.63 -35.59
N ILE B 341 26.54 25.77 -34.92
CA ILE B 341 26.17 27.07 -34.34
C ILE B 341 26.99 27.44 -33.12
N VAL B 342 27.82 26.53 -32.61
CA VAL B 342 28.46 26.74 -31.32
C VAL B 342 29.28 28.03 -31.26
N PRO B 343 30.21 28.30 -32.19
CA PRO B 343 31.10 29.45 -31.99
C PRO B 343 30.55 30.77 -32.50
N HIS B 344 29.45 30.78 -33.24
CA HIS B 344 28.99 32.01 -33.89
C HIS B 344 28.05 32.84 -33.03
N VAL B 345 27.50 32.28 -31.96
CA VAL B 345 26.51 32.97 -31.14
C VAL B 345 26.97 32.94 -29.69
N ASP B 346 26.12 33.47 -28.82
CA ASP B 346 26.39 33.46 -27.39
C ASP B 346 25.64 32.38 -26.64
N LEU B 347 24.32 32.27 -26.83
CA LEU B 347 23.52 31.38 -26.00
C LEU B 347 22.88 30.29 -26.85
N SER B 348 22.73 29.11 -26.24
CA SER B 348 22.36 27.89 -26.95
C SER B 348 21.09 27.29 -26.35
N LEU B 349 20.04 27.22 -27.17
CA LEU B 349 18.78 26.57 -26.80
C LEU B 349 18.56 25.43 -27.78
N TYR B 350 18.34 24.23 -27.26
CA TYR B 350 18.11 23.06 -28.08
C TYR B 350 16.77 22.42 -27.72
N VAL B 351 15.95 22.19 -28.74
CA VAL B 351 14.61 21.66 -28.56
C VAL B 351 14.64 20.17 -28.89
N MET B 352 13.69 19.43 -28.32
CA MET B 352 13.68 17.99 -28.44
C MET B 352 12.25 17.49 -28.28
N THR B 353 12.01 16.28 -28.73
CA THR B 353 10.71 15.65 -28.68
C THR B 353 10.74 14.43 -27.77
N PRO B 354 9.61 14.07 -27.15
CA PRO B 354 9.59 12.86 -26.33
C PRO B 354 9.92 11.61 -27.11
N GLU B 355 9.48 11.52 -28.37
CA GLU B 355 9.84 10.39 -29.22
C GLU B 355 11.19 10.71 -29.86
N PHE B 356 12.24 10.14 -29.28
CA PHE B 356 13.60 10.40 -29.73
C PHE B 356 14.41 9.12 -29.87
N GLY B 357 13.93 8.01 -29.33
CA GLY B 357 14.69 6.78 -29.33
C GLY B 357 14.96 6.27 -27.93
N ALA B 358 15.84 5.27 -27.82
CA ALA B 358 16.12 4.63 -26.55
C ALA B 358 16.97 5.54 -25.66
N ALA B 359 16.90 5.28 -24.35
CA ALA B 359 17.67 6.09 -23.42
C ALA B 359 19.16 5.97 -23.68
N SER B 360 19.65 4.75 -23.90
CA SER B 360 21.07 4.57 -24.22
C SER B 360 21.45 5.31 -25.50
N ALA B 361 20.49 5.48 -26.41
CA ALA B 361 20.78 6.17 -27.66
C ALA B 361 21.14 7.63 -27.42
N LEU B 362 20.40 8.31 -26.53
CA LEU B 362 20.55 9.74 -26.40
C LEU B 362 21.96 10.17 -26.03
N GLU B 363 22.72 9.27 -25.43
CA GLU B 363 24.07 9.58 -24.98
C GLU B 363 25.02 9.83 -26.14
N LYS B 364 24.52 9.82 -27.37
CA LYS B 364 25.33 10.14 -28.53
C LYS B 364 24.87 11.40 -29.26
N ILE B 365 24.04 12.23 -28.62
CA ILE B 365 23.59 13.48 -29.23
C ILE B 365 24.59 14.56 -28.83
N ASP B 366 25.50 14.90 -29.74
CA ASP B 366 26.61 15.79 -29.39
C ASP B 366 26.15 17.18 -29.04
N MET B 367 24.96 17.59 -29.49
CA MET B 367 24.50 18.95 -29.21
C MET B 367 24.38 19.20 -27.71
N LEU B 368 24.16 18.14 -26.93
CA LEU B 368 24.06 18.29 -25.49
C LEU B 368 25.38 18.70 -24.84
N ASP B 369 26.48 18.65 -25.58
CA ASP B 369 27.77 19.03 -25.02
C ASP B 369 27.93 20.54 -24.87
N PHE B 370 27.06 21.33 -25.48
CA PHE B 370 27.20 22.77 -25.43
C PHE B 370 25.90 23.51 -25.17
N ALA B 371 24.74 22.87 -25.31
CA ALA B 371 23.48 23.57 -25.13
C ALA B 371 23.38 24.11 -23.72
N ASP B 372 23.22 25.43 -23.61
CA ASP B 372 23.00 26.01 -22.28
C ASP B 372 21.61 25.65 -21.76
N PHE B 373 20.66 25.42 -22.65
CA PHE B 373 19.34 24.99 -22.23
C PHE B 373 18.75 24.01 -23.24
N VAL B 374 18.02 23.02 -22.74
CA VAL B 374 17.37 22.02 -23.57
C VAL B 374 15.92 21.92 -23.14
N ALA B 375 15.01 21.94 -24.10
CA ALA B 375 13.58 21.92 -23.84
C ALA B 375 12.92 20.86 -24.70
N ILE B 376 12.18 19.96 -24.05
CA ILE B 376 11.29 19.04 -24.76
C ILE B 376 9.91 19.69 -24.82
N ASN B 377 9.32 19.72 -26.00
CA ASN B 377 8.12 20.51 -26.22
C ASN B 377 6.93 19.59 -26.50
N LYS B 378 5.79 19.94 -25.89
CA LYS B 378 4.50 19.31 -26.10
C LYS B 378 4.47 17.91 -25.51
N PHE B 379 3.54 17.68 -24.59
CA PHE B 379 3.33 16.33 -24.05
C PHE B 379 2.16 15.69 -24.79
N ASP B 380 2.29 15.70 -26.12
CA ASP B 380 1.31 15.07 -26.99
C ASP B 380 1.29 13.57 -26.73
N ARG B 381 2.43 12.93 -26.98
CA ARG B 381 2.52 11.49 -26.82
C ARG B 381 2.81 11.15 -25.38
N LYS B 382 3.18 9.90 -25.12
CA LYS B 382 3.48 9.47 -23.78
C LYS B 382 4.97 9.62 -23.51
N GLY B 383 5.44 9.07 -22.41
CA GLY B 383 6.86 9.08 -22.09
C GLY B 383 7.39 10.46 -21.81
N ALA B 384 6.49 11.43 -21.59
CA ALA B 384 6.94 12.79 -21.32
C ALA B 384 7.76 12.84 -20.04
N GLN B 385 7.21 12.30 -18.95
CA GLN B 385 7.96 12.28 -17.70
C GLN B 385 9.19 11.39 -17.79
N ASP B 386 9.06 10.25 -18.48
CA ASP B 386 10.21 9.38 -18.69
C ASP B 386 11.31 10.12 -19.44
N ALA B 387 10.95 10.80 -20.53
CA ALA B 387 11.93 11.56 -21.28
C ALA B 387 12.55 12.65 -20.42
N TRP B 388 11.73 13.31 -19.61
CA TRP B 388 12.24 14.37 -18.75
C TRP B 388 13.30 13.83 -17.80
N ARG B 389 12.99 12.72 -17.12
CA ARG B 389 13.95 12.15 -16.18
C ARG B 389 15.23 11.73 -16.88
N ASP B 390 15.10 11.03 -18.01
CA ASP B 390 16.28 10.55 -18.70
C ASP B 390 17.14 11.71 -19.21
N VAL B 391 16.51 12.72 -19.79
CA VAL B 391 17.25 13.85 -20.33
C VAL B 391 17.95 14.60 -19.22
N ALA B 392 17.26 14.84 -18.10
CA ALA B 392 17.89 15.54 -16.99
C ALA B 392 19.08 14.76 -16.46
N LYS B 393 18.91 13.45 -16.31
CA LYS B 393 20.01 12.64 -15.79
C LYS B 393 21.20 12.65 -16.74
N GLN B 394 20.94 12.58 -18.05
CA GLN B 394 22.05 12.59 -18.99
C GLN B 394 22.72 13.96 -19.05
N VAL B 395 21.95 15.04 -18.92
CA VAL B 395 22.54 16.37 -18.86
C VAL B 395 23.47 16.46 -17.67
N GLN B 396 23.02 15.95 -16.52
CA GLN B 396 23.92 15.90 -15.36
C GLN B 396 25.16 15.08 -15.67
N ARG B 397 24.98 13.93 -16.31
CA ARG B 397 26.11 13.04 -16.59
C ARG B 397 27.15 13.72 -17.46
N ASN B 398 26.70 14.47 -18.46
CA ASN B 398 27.64 15.16 -19.34
C ASN B 398 28.21 16.40 -18.68
N ARG B 399 27.49 16.98 -17.72
CA ARG B 399 27.90 18.23 -17.11
C ARG B 399 29.09 18.07 -16.17
N GLU B 400 29.24 16.92 -15.52
CA GLU B 400 30.25 16.67 -14.49
C GLU B 400 29.92 17.39 -13.18
N GLN B 401 28.67 17.85 -13.04
CA GLN B 401 28.22 18.43 -11.78
C GLN B 401 27.54 17.34 -10.95
N TRP B 402 28.36 16.36 -10.55
CA TRP B 402 27.86 15.17 -9.88
C TRP B 402 27.13 15.47 -8.58
N HIS B 403 27.67 16.35 -7.75
CA HIS B 403 27.20 16.53 -6.39
C HIS B 403 25.84 17.19 -6.30
N SER B 404 25.16 17.43 -7.42
CA SER B 404 23.85 18.04 -7.41
C SER B 404 22.79 17.05 -7.88
N ARG B 405 21.63 17.11 -7.25
CA ARG B 405 20.49 16.30 -7.65
C ARG B 405 19.93 16.80 -8.97
N ALA B 406 19.19 15.92 -9.65
CA ALA B 406 18.80 16.18 -11.03
C ALA B 406 17.70 17.23 -11.12
N GLU B 407 16.73 17.19 -10.21
CA GLU B 407 15.53 18.00 -10.34
C GLU B 407 15.81 19.50 -10.42
N ASP B 408 17.06 19.91 -10.22
CA ASP B 408 17.45 21.30 -10.32
C ASP B 408 18.19 21.64 -11.61
N MET B 409 18.37 20.67 -12.50
CA MET B 409 19.16 20.91 -13.69
C MET B 409 18.44 21.89 -14.62
N PRO B 410 19.17 22.59 -15.50
CA PRO B 410 18.55 23.61 -16.37
C PRO B 410 17.87 23.04 -17.61
N VAL B 411 16.99 22.06 -17.41
CA VAL B 411 16.23 21.45 -18.49
C VAL B 411 14.75 21.54 -18.13
N TYR B 412 13.96 22.10 -19.03
CA TYR B 412 12.54 22.33 -18.79
C TYR B 412 11.74 21.84 -19.98
N GLY B 413 10.57 21.26 -19.72
CA GLY B 413 9.72 20.70 -20.76
C GLY B 413 8.39 21.42 -20.80
N THR B 414 7.98 21.80 -22.01
CA THR B 414 6.85 22.69 -22.21
C THR B 414 5.92 22.17 -23.30
N GLN B 415 4.92 23.01 -23.62
CA GLN B 415 3.87 22.68 -24.59
C GLN B 415 3.58 23.92 -25.43
N ALA B 416 3.94 23.87 -26.70
CA ALA B 416 3.84 25.04 -27.58
C ALA B 416 2.40 25.44 -27.85
N SER B 417 1.59 24.50 -28.34
CA SER B 417 0.25 24.82 -28.83
C SER B 417 -0.61 25.44 -27.74
N ARG B 418 -0.55 24.89 -26.54
CA ARG B 418 -1.32 25.41 -25.42
C ARG B 418 -0.88 26.83 -25.08
N PHE B 419 -1.83 27.77 -25.07
CA PHE B 419 -1.49 29.14 -24.71
C PHE B 419 -1.32 29.26 -23.20
N ASN B 420 -0.53 30.25 -22.77
CA ASN B 420 -0.29 30.51 -21.34
C ASN B 420 0.22 29.26 -20.63
N ASP B 421 1.15 28.57 -21.28
CA ASP B 421 1.76 27.39 -20.68
C ASP B 421 2.63 27.80 -19.50
N ASP B 422 2.62 26.98 -18.44
CA ASP B 422 3.43 27.27 -17.27
C ASP B 422 4.92 27.09 -17.57
N GLY B 423 5.28 26.01 -18.26
CA GLY B 423 6.67 25.77 -18.57
C GLY B 423 7.29 26.87 -19.40
N VAL B 424 6.52 27.46 -20.31
CA VAL B 424 7.01 28.59 -21.07
C VAL B 424 7.42 29.72 -20.12
N THR B 425 6.57 29.99 -19.14
CA THR B 425 6.87 31.04 -18.18
C THR B 425 8.13 30.71 -17.39
N MET B 426 8.28 29.45 -16.98
CA MET B 426 9.48 29.05 -16.25
C MET B 426 10.72 29.25 -17.10
N LEU B 427 10.65 28.85 -18.37
CA LEU B 427 11.79 29.04 -19.26
C LEU B 427 12.10 30.51 -19.45
N TYR B 428 11.07 31.35 -19.54
CA TYR B 428 11.29 32.78 -19.68
C TYR B 428 11.99 33.36 -18.46
N GLN B 429 11.56 32.94 -17.26
CA GLN B 429 12.21 33.41 -16.05
C GLN B 429 13.68 32.98 -16.01
N GLY B 430 13.95 31.73 -16.38
CA GLY B 430 15.33 31.28 -16.43
C GLY B 430 16.17 32.04 -17.44
N LEU B 431 15.59 32.33 -18.61
CA LEU B 431 16.33 33.06 -19.63
C LEU B 431 16.57 34.50 -19.20
N VAL B 432 15.63 35.09 -18.46
CA VAL B 432 15.85 36.41 -17.89
C VAL B 432 17.04 36.37 -16.94
N GLY B 433 17.09 35.34 -16.09
CA GLY B 433 18.24 35.20 -15.22
C GLY B 433 19.54 35.07 -16.00
N ALA B 434 19.52 34.26 -17.06
CA ALA B 434 20.72 34.06 -17.86
C ALA B 434 21.18 35.36 -18.52
N LEU B 435 20.24 36.12 -19.08
CA LEU B 435 20.59 37.39 -19.70
C LEU B 435 21.15 38.35 -18.66
N GLY B 436 20.57 38.37 -17.47
CA GLY B 436 21.12 39.19 -16.41
C GLY B 436 22.54 38.79 -16.06
N ALA B 437 22.84 37.49 -16.13
CA ALA B 437 24.20 37.04 -15.88
C ALA B 437 25.19 37.63 -16.86
N ARG B 438 24.85 37.69 -18.15
CA ARG B 438 25.68 38.32 -19.16
C ARG B 438 25.65 39.84 -19.07
N GLY B 439 24.82 40.38 -18.19
CA GLY B 439 24.71 41.82 -18.04
C GLY B 439 23.98 42.52 -19.16
N MET B 440 22.68 42.27 -19.28
CA MET B 440 21.83 42.94 -20.27
C MET B 440 20.90 43.91 -19.56
N SER B 441 20.97 45.18 -19.95
CA SER B 441 20.16 46.22 -19.34
C SER B 441 18.69 45.95 -19.62
N LEU B 442 17.84 46.07 -18.60
CA LEU B 442 16.42 45.86 -18.73
C LEU B 442 15.70 46.29 -17.47
N LYS B 443 14.36 46.27 -17.52
CA LYS B 443 13.56 46.68 -16.39
C LYS B 443 13.31 45.50 -15.45
N PRO B 444 12.92 45.77 -14.20
CA PRO B 444 12.64 44.66 -13.28
C PRO B 444 11.43 43.85 -13.71
N GLY B 445 11.32 42.64 -13.17
CA GLY B 445 10.29 41.72 -13.60
C GLY B 445 8.90 42.18 -13.24
N THR B 446 7.93 41.67 -13.99
CA THR B 446 6.54 42.06 -13.83
C THR B 446 5.59 40.88 -13.76
N LEU B 447 5.93 39.76 -14.39
CA LEU B 447 5.05 38.60 -14.35
C LEU B 447 5.21 37.86 -13.03
N PRO B 448 4.18 37.14 -12.60
CA PRO B 448 4.30 36.34 -11.37
C PRO B 448 5.38 35.28 -11.53
N ASN B 449 6.47 35.47 -10.78
CA ASN B 449 7.66 34.63 -10.91
C ASN B 449 7.39 33.25 -10.30
N LEU B 450 6.70 32.43 -11.09
CA LEU B 450 6.35 31.10 -10.63
C LEU B 450 7.56 30.18 -10.65
N GLU B 451 7.48 29.11 -9.88
CA GLU B 451 8.52 28.10 -9.79
C GLU B 451 8.06 26.80 -10.43
N GLY B 452 9.00 25.88 -10.59
CA GLY B 452 8.72 24.56 -11.14
C GLY B 452 9.68 24.21 -12.26
N ARG B 453 9.58 22.96 -12.69
CA ARG B 453 10.39 22.46 -13.79
C ARG B 453 9.59 21.88 -14.93
N ILE B 454 8.37 21.40 -14.68
CA ILE B 454 7.50 20.89 -15.73
C ILE B 454 6.11 21.45 -15.52
N SER B 455 5.49 21.92 -16.61
CA SER B 455 4.13 22.41 -16.50
C SER B 455 3.18 21.28 -16.18
N THR B 456 2.11 21.60 -15.48
CA THR B 456 1.10 20.63 -15.10
C THR B 456 0.03 20.45 -16.17
N GLY B 457 0.16 21.14 -17.29
CA GLY B 457 -0.88 21.07 -18.31
C GLY B 457 -2.18 21.69 -17.86
N GLN B 458 -2.10 22.80 -17.11
CA GLN B 458 -3.29 23.49 -16.68
C GLN B 458 -4.06 24.06 -17.87
N ASN B 459 -5.32 24.41 -17.63
CA ASN B 459 -6.17 25.02 -18.65
C ASN B 459 -6.38 24.08 -19.85
N VAL B 460 -6.31 22.78 -19.60
CA VAL B 460 -6.51 21.80 -20.65
C VAL B 460 -7.99 21.53 -20.80
N ILE B 461 -8.44 21.34 -22.04
CA ILE B 461 -9.85 21.05 -22.27
C ILE B 461 -10.23 19.71 -21.67
N VAL B 462 -9.45 18.68 -21.92
CA VAL B 462 -9.85 17.39 -21.34
C VAL B 462 -8.73 16.61 -20.68
N PRO B 463 -8.97 16.15 -19.44
CA PRO B 463 -8.01 15.30 -18.75
C PRO B 463 -7.86 14.05 -19.58
N PRO B 464 -6.62 13.79 -20.04
CA PRO B 464 -6.28 12.65 -20.87
C PRO B 464 -6.90 11.36 -20.38
N ALA B 465 -7.39 11.35 -19.15
CA ALA B 465 -7.94 10.11 -18.62
C ALA B 465 -9.11 9.61 -19.43
N ARG B 466 -9.83 10.51 -20.12
CA ARG B 466 -11.02 10.13 -20.87
C ARG B 466 -10.87 10.38 -22.36
N SER B 467 -9.73 10.03 -22.95
CA SER B 467 -9.52 10.27 -24.38
C SER B 467 -10.53 9.51 -25.23
N ARG B 468 -10.80 8.25 -24.88
CA ARG B 468 -11.57 7.34 -25.74
C ARG B 468 -13.00 7.16 -25.27
N TYR B 469 -13.66 8.25 -24.87
CA TYR B 469 -15.04 8.16 -24.38
C TYR B 469 -15.98 7.54 -25.40
N LEU B 470 -15.71 7.76 -26.69
CA LEU B 470 -16.57 7.19 -27.72
C LEU B 470 -16.59 5.67 -27.63
N ALA B 471 -15.47 5.06 -27.26
CA ALA B 471 -15.46 3.63 -27.06
C ALA B 471 -16.41 3.23 -25.93
N GLU B 472 -16.42 4.02 -24.86
CA GLU B 472 -17.34 3.75 -23.76
C GLU B 472 -18.79 3.87 -24.22
N LEU B 473 -19.09 4.87 -25.03
CA LEU B 473 -20.46 5.03 -25.52
C LEU B 473 -20.86 3.87 -26.43
N ALA B 474 -19.95 3.44 -27.30
CA ALA B 474 -20.24 2.31 -28.18
C ALA B 474 -20.48 1.04 -27.38
N ASP B 475 -19.64 0.80 -26.37
CA ASP B 475 -19.86 -0.35 -25.50
C ASP B 475 -21.19 -0.22 -24.77
N THR B 476 -21.55 1.00 -24.37
CA THR B 476 -22.84 1.21 -23.72
C THR B 476 -23.99 0.79 -24.62
N VAL B 477 -23.95 1.25 -25.88
CA VAL B 477 -25.02 0.92 -26.82
C VAL B 477 -25.09 -0.59 -27.04
N ARG B 478 -23.93 -1.21 -27.26
CA ARG B 478 -23.93 -2.64 -27.54
C ARG B 478 -24.42 -3.45 -26.34
N ALA B 479 -23.99 -3.07 -25.13
CA ALA B 479 -24.48 -3.74 -23.94
C ALA B 479 -25.97 -3.55 -23.77
N TYR B 480 -26.46 -2.35 -24.11
CA TYR B 480 -27.91 -2.11 -24.06
C TYR B 480 -28.64 -3.09 -24.97
N HIS B 481 -28.17 -3.23 -26.21
CA HIS B 481 -28.83 -4.14 -27.14
C HIS B 481 -28.75 -5.59 -26.65
N ARG B 482 -27.60 -5.97 -26.09
CA ARG B 482 -27.45 -7.32 -25.57
C ARG B 482 -28.45 -7.60 -24.45
N ARG B 483 -28.60 -6.65 -23.52
CA ARG B 483 -29.58 -6.79 -22.46
C ARG B 483 -30.99 -6.86 -23.03
N VAL B 484 -31.27 -6.07 -24.07
CA VAL B 484 -32.59 -6.12 -24.69
C VAL B 484 -32.88 -7.52 -25.20
N VAL B 485 -31.94 -8.11 -25.92
CA VAL B 485 -32.15 -9.44 -26.49
C VAL B 485 -32.30 -10.48 -25.38
N ALA B 486 -31.47 -10.37 -24.33
CA ALA B 486 -31.55 -11.31 -23.23
C ALA B 486 -32.92 -11.26 -22.55
N GLN B 487 -33.40 -10.04 -22.26
CA GLN B 487 -34.73 -9.90 -21.68
C GLN B 487 -35.80 -10.42 -22.62
N SER B 488 -35.61 -10.24 -23.93
CA SER B 488 -36.59 -10.75 -24.88
C SER B 488 -36.68 -12.27 -24.82
N LYS B 489 -35.53 -12.94 -24.75
CA LYS B 489 -35.54 -14.40 -24.65
C LYS B 489 -36.18 -14.83 -23.34
N LEU B 490 -35.88 -14.13 -22.25
CA LEU B 490 -36.49 -14.47 -20.97
C LEU B 490 -38.01 -14.30 -21.04
N ALA B 491 -38.47 -13.23 -21.68
CA ALA B 491 -39.90 -13.00 -21.83
C ALA B 491 -40.55 -14.09 -22.68
N ARG B 492 -39.85 -14.52 -23.73
CA ARG B 492 -40.36 -15.63 -24.54
C ARG B 492 -40.52 -16.88 -23.69
N GLU B 493 -39.54 -17.16 -22.83
CA GLU B 493 -39.67 -18.30 -21.92
C GLU B 493 -40.86 -18.11 -20.98
N ARG B 494 -41.04 -16.89 -20.46
CA ARG B 494 -42.14 -16.63 -19.54
C ARG B 494 -43.48 -16.87 -20.21
N GLN B 495 -43.67 -16.35 -21.42
CA GLN B 495 -44.94 -16.51 -22.11
C GLN B 495 -45.16 -17.98 -22.47
N GLN B 496 -44.09 -18.68 -22.84
CA GLN B 496 -44.23 -20.10 -23.14
C GLN B 496 -44.66 -20.89 -21.92
N LEU B 497 -44.09 -20.57 -20.76
CA LEU B 497 -44.45 -21.28 -19.55
C LEU B 497 -45.87 -20.94 -19.10
N ARG B 498 -46.29 -19.69 -19.29
CA ARG B 498 -47.68 -19.33 -19.02
C ARG B 498 -48.64 -20.14 -19.88
N ALA B 499 -48.39 -20.18 -21.19
CA ALA B 499 -49.24 -20.95 -22.09
C ALA B 499 -49.23 -22.43 -21.74
N ALA B 500 -48.05 -22.97 -21.39
CA ALA B 500 -47.95 -24.38 -21.05
C ALA B 500 -48.73 -24.70 -19.80
N HIS B 501 -48.63 -23.85 -18.77
CA HIS B 501 -49.42 -24.07 -17.57
C HIS B 501 -50.91 -24.00 -17.86
N ASP B 502 -51.32 -23.03 -18.68
CA ASP B 502 -52.72 -22.92 -19.06
C ASP B 502 -53.22 -24.18 -19.73
N MET B 503 -52.46 -24.70 -20.70
CA MET B 503 -52.86 -25.92 -21.38
C MET B 503 -52.86 -27.12 -20.44
N LEU B 504 -51.85 -27.23 -19.58
CA LEU B 504 -51.72 -28.41 -18.74
C LEU B 504 -52.82 -28.47 -17.69
N GLN B 505 -53.19 -27.32 -17.12
CA GLN B 505 -54.29 -27.30 -16.17
C GLN B 505 -55.61 -27.71 -16.82
N GLY B 506 -55.78 -27.46 -18.12
CA GLY B 506 -57.00 -27.82 -18.79
C GLY B 506 -57.19 -29.30 -18.97
N ALA B 507 -56.11 -30.07 -19.01
CA ALA B 507 -56.19 -31.51 -19.21
C ALA B 507 -56.26 -32.29 -17.91
N GLY B 508 -55.86 -31.69 -16.79
CA GLY B 508 -55.87 -32.38 -15.52
C GLY B 508 -54.47 -32.77 -15.07
N HIS B 509 -53.62 -33.15 -16.02
CA HIS B 509 -52.23 -33.46 -15.72
C HIS B 509 -51.53 -32.23 -15.15
N GLU B 510 -50.71 -32.42 -14.13
CA GLU B 510 -50.01 -31.33 -13.46
C GLU B 510 -48.69 -31.83 -12.87
N SER B 511 -47.58 -31.30 -13.39
CA SER B 511 -46.27 -31.47 -12.77
C SER B 511 -45.76 -30.11 -12.31
N ALA B 512 -45.40 -30.02 -11.03
CA ALA B 512 -45.03 -28.75 -10.42
C ALA B 512 -43.70 -28.20 -10.93
N ALA B 513 -42.93 -28.99 -11.66
CA ALA B 513 -41.64 -28.52 -12.17
C ALA B 513 -41.83 -27.34 -13.12
N LEU B 514 -42.87 -27.38 -13.94
CA LEU B 514 -43.12 -26.28 -14.88
C LEU B 514 -43.33 -24.97 -14.14
N GLU B 515 -44.16 -24.99 -13.10
CA GLU B 515 -44.44 -23.77 -12.36
C GLU B 515 -43.22 -23.31 -11.56
N THR B 516 -42.43 -24.27 -11.07
CA THR B 516 -41.19 -23.92 -10.40
C THR B 516 -40.24 -23.21 -11.35
N LEU B 517 -40.11 -23.71 -12.57
CA LEU B 517 -39.28 -23.04 -13.57
C LEU B 517 -39.85 -21.67 -13.92
N ALA B 518 -41.18 -21.55 -13.96
CA ALA B 518 -41.80 -20.25 -14.21
C ALA B 518 -41.44 -19.25 -13.11
N SER B 519 -41.51 -19.70 -11.85
CA SER B 519 -41.13 -18.83 -10.74
C SER B 519 -39.66 -18.45 -10.83
N GLU B 520 -38.80 -19.41 -11.18
CA GLU B 520 -37.38 -19.11 -11.34
C GLU B 520 -37.14 -18.07 -12.43
N ARG B 521 -37.81 -18.23 -13.56
CA ARG B 521 -37.65 -17.28 -14.65
C ARG B 521 -38.18 -15.90 -14.28
N ASP B 522 -39.27 -15.85 -13.52
CA ASP B 522 -39.74 -14.57 -13.00
C ASP B 522 -38.69 -13.95 -12.07
N VAL B 523 -37.99 -14.81 -11.31
CA VAL B 523 -36.93 -14.32 -10.43
C VAL B 523 -35.79 -13.71 -11.24
N SER B 524 -35.38 -14.37 -12.33
CA SER B 524 -34.15 -13.98 -13.02
C SER B 524 -34.24 -12.60 -13.66
N LEU B 525 -35.45 -12.13 -13.97
CA LEU B 525 -35.60 -10.92 -14.78
C LEU B 525 -35.29 -9.67 -13.98
N GLY B 526 -34.85 -8.62 -14.68
CA GLY B 526 -34.74 -7.31 -14.09
C GLY B 526 -36.10 -6.72 -13.75
N ALA B 527 -36.10 -5.79 -12.79
CA ALA B 527 -37.35 -5.34 -12.20
C ALA B 527 -37.99 -4.19 -12.98
N VAL B 528 -37.17 -3.23 -13.43
CA VAL B 528 -37.73 -2.04 -14.07
C VAL B 528 -38.46 -2.41 -15.35
N GLU B 529 -37.80 -3.19 -16.20
CA GLU B 529 -38.45 -3.67 -17.42
C GLU B 529 -39.64 -4.56 -17.10
N ARG B 530 -39.57 -5.30 -16.00
CA ARG B 530 -40.72 -6.09 -15.57
C ARG B 530 -41.93 -5.20 -15.31
N LYS B 531 -41.73 -4.11 -14.57
CA LYS B 531 -42.83 -3.17 -14.32
C LYS B 531 -43.33 -2.55 -15.61
N LEU B 532 -42.41 -2.17 -16.49
CA LEU B 532 -42.81 -1.57 -17.76
C LEU B 532 -43.67 -2.52 -18.57
N LEU B 533 -43.26 -3.79 -18.64
CA LEU B 533 -44.07 -4.78 -19.35
C LEU B 533 -45.42 -4.96 -18.69
N ALA B 534 -45.45 -5.02 -17.35
CA ALA B 534 -46.71 -5.20 -16.64
C ALA B 534 -47.66 -4.02 -16.83
N MET B 535 -47.14 -2.85 -17.20
CA MET B 535 -48.00 -1.69 -17.43
C MET B 535 -48.71 -1.71 -18.78
N TRP B 536 -48.51 -2.76 -19.57
CA TRP B 536 -49.07 -2.81 -20.92
C TRP B 536 -50.60 -2.77 -20.97
N PRO B 537 -51.35 -3.55 -20.16
CA PRO B 537 -52.81 -3.46 -20.24
C PRO B 537 -53.36 -2.09 -19.91
N GLN B 538 -52.69 -1.34 -19.03
CA GLN B 538 -53.09 0.06 -18.81
C GLN B 538 -52.91 0.86 -20.10
N MET B 539 -51.85 0.59 -20.85
CA MET B 539 -51.68 1.26 -22.13
C MET B 539 -52.80 0.90 -23.09
N GLN B 540 -53.24 -0.36 -23.08
CA GLN B 540 -54.40 -0.76 -23.88
C GLN B 540 -55.63 0.03 -23.45
N GLN B 541 -55.83 0.20 -22.15
CA GLN B 541 -56.97 0.95 -21.65
C GLN B 541 -56.92 2.41 -22.06
N ALA B 542 -55.74 3.03 -22.00
CA ALA B 542 -55.65 4.48 -22.06
C ALA B 542 -56.03 5.02 -23.43
N TYR B 543 -55.32 4.59 -24.47
CA TYR B 543 -55.55 5.08 -25.81
C TYR B 543 -56.87 4.61 -26.39
N SER B 544 -57.51 3.63 -25.75
CA SER B 544 -58.80 3.13 -26.24
C SER B 544 -59.84 4.25 -26.31
N GLY B 545 -59.71 5.24 -25.43
CA GLY B 545 -60.61 6.37 -25.43
C GLY B 545 -60.28 7.36 -26.54
N ASP B 546 -61.11 8.40 -26.63
CA ASP B 546 -60.97 9.40 -27.67
C ASP B 546 -60.39 10.72 -27.17
N GLU B 547 -60.36 10.91 -25.85
CA GLU B 547 -59.70 12.06 -25.24
C GLU B 547 -58.85 11.56 -24.10
N TYR B 548 -57.75 12.26 -23.86
CA TYR B 548 -56.81 11.90 -22.81
C TYR B 548 -56.72 13.03 -21.81
N VAL B 549 -56.83 12.69 -20.53
CA VAL B 549 -56.68 13.64 -19.43
C VAL B 549 -55.60 13.11 -18.50
N VAL B 550 -54.59 13.95 -18.25
CA VAL B 550 -53.49 13.60 -17.36
C VAL B 550 -53.36 14.70 -16.31
N LYS B 551 -53.31 14.30 -15.04
CA LYS B 551 -53.23 15.23 -13.93
C LYS B 551 -51.77 15.54 -13.66
N ILE B 552 -51.37 16.79 -13.89
CA ILE B 552 -50.01 17.26 -13.68
C ILE B 552 -50.02 18.24 -12.52
N ARG B 553 -49.20 17.96 -11.50
CA ARG B 553 -49.11 18.76 -10.28
C ARG B 553 -50.52 18.84 -9.70
N ASP B 554 -51.14 20.02 -9.63
CA ASP B 554 -52.52 20.15 -9.21
C ASP B 554 -53.49 20.31 -10.36
N LYS B 555 -53.03 20.80 -11.51
CA LYS B 555 -53.87 20.98 -12.67
C LYS B 555 -53.92 19.68 -13.47
N GLU B 556 -54.60 19.73 -14.61
CA GLU B 556 -54.58 18.59 -15.52
C GLU B 556 -54.76 19.08 -16.95
N ILE B 557 -54.30 18.27 -17.89
CA ILE B 557 -54.38 18.56 -19.31
C ILE B 557 -55.30 17.55 -19.94
N ARG B 558 -56.36 18.03 -20.58
CA ARG B 558 -57.31 17.19 -21.31
C ARG B 558 -57.28 17.61 -22.77
N THR B 559 -57.26 16.63 -23.67
CA THR B 559 -57.22 16.90 -25.10
C THR B 559 -57.70 15.68 -25.87
N GLY B 560 -58.50 15.91 -26.91
CA GLY B 560 -59.03 14.83 -27.71
C GLY B 560 -57.94 14.13 -28.52
N LEU B 561 -58.25 12.90 -28.94
CA LEU B 561 -57.29 12.05 -29.61
C LEU B 561 -57.78 11.47 -30.93
N ILE B 562 -58.77 12.07 -31.57
CA ILE B 562 -59.42 11.48 -32.74
C ILE B 562 -59.64 12.55 -33.80
N SER B 563 -59.49 12.17 -35.06
CA SER B 563 -59.84 13.02 -36.19
C SER B 563 -60.86 12.29 -37.06
N THR B 564 -61.57 13.04 -37.89
CA THR B 564 -62.62 12.47 -38.74
C THR B 564 -62.30 12.76 -40.20
N THR B 565 -62.30 11.73 -41.02
CA THR B 565 -62.12 11.89 -42.45
C THR B 565 -63.45 12.24 -43.12
N LEU B 566 -63.39 12.45 -44.43
CA LEU B 566 -64.59 12.87 -45.16
C LEU B 566 -65.63 11.76 -45.27
N SER B 567 -65.20 10.54 -45.62
CA SER B 567 -66.15 9.45 -45.83
C SER B 567 -66.66 8.83 -44.54
N GLY B 568 -66.34 9.41 -43.39
CA GLY B 568 -66.87 8.92 -42.13
C GLY B 568 -65.95 8.02 -41.34
N THR B 569 -64.69 7.89 -41.74
CA THR B 569 -63.76 7.02 -41.03
C THR B 569 -63.10 7.80 -39.89
N LYS B 570 -63.14 7.24 -38.68
CA LYS B 570 -62.49 7.82 -37.52
C LYS B 570 -61.04 7.39 -37.52
N ILE B 571 -60.12 8.35 -37.46
CA ILE B 571 -58.69 8.08 -37.59
C ILE B 571 -57.99 8.50 -36.31
N ARG B 572 -57.18 7.58 -35.77
CA ARG B 572 -56.30 7.90 -34.66
C ARG B 572 -55.03 8.59 -35.16
N LYS B 573 -54.52 9.51 -34.36
CA LYS B 573 -53.19 10.04 -34.61
C LYS B 573 -52.11 9.01 -34.29
N VAL B 574 -52.38 8.13 -33.33
CA VAL B 574 -51.40 7.18 -32.82
C VAL B 574 -51.98 5.77 -32.97
N VAL B 575 -51.17 4.86 -33.48
CA VAL B 575 -51.59 3.49 -33.74
C VAL B 575 -50.78 2.56 -32.85
N LEU B 576 -51.45 1.65 -32.16
CA LEU B 576 -50.72 0.67 -31.39
C LEU B 576 -50.71 -0.68 -32.12
N PRO B 577 -49.68 -1.49 -31.91
CA PRO B 577 -49.63 -2.79 -32.57
C PRO B 577 -50.73 -3.72 -32.06
N ARG B 578 -50.89 -4.83 -32.77
CA ARG B 578 -51.95 -5.80 -32.50
C ARG B 578 -51.40 -7.16 -32.09
N PHE B 579 -50.40 -7.16 -31.21
CA PHE B 579 -49.73 -8.40 -30.83
C PHE B 579 -50.26 -8.92 -29.50
N GLU B 580 -49.95 -10.19 -29.23
CA GLU B 580 -50.30 -10.85 -27.98
C GLU B 580 -49.11 -11.41 -27.24
N ASP B 581 -48.13 -11.94 -27.96
CA ASP B 581 -46.98 -12.56 -27.31
C ASP B 581 -46.15 -11.50 -26.60
N GLU B 582 -45.62 -11.86 -25.43
CA GLU B 582 -44.91 -10.89 -24.59
C GLU B 582 -43.55 -10.50 -25.16
N GLY B 583 -42.93 -11.35 -25.99
CA GLY B 583 -41.63 -11.01 -26.52
C GLY B 583 -41.66 -9.78 -27.41
N GLU B 584 -42.58 -9.77 -28.38
CA GLU B 584 -42.70 -8.62 -29.27
C GLU B 584 -43.08 -7.38 -28.48
N ILE B 585 -43.98 -7.53 -27.53
CA ILE B 585 -44.43 -6.39 -26.73
C ILE B 585 -43.27 -5.82 -25.93
N LEU B 586 -42.47 -6.69 -25.32
CA LEU B 586 -41.32 -6.23 -24.55
C LEU B 586 -40.31 -5.52 -25.45
N LYS B 587 -40.03 -6.09 -26.61
CA LYS B 587 -39.09 -5.45 -27.53
C LYS B 587 -39.61 -4.08 -27.96
N TRP B 588 -40.90 -3.99 -28.30
CA TRP B 588 -41.46 -2.74 -28.78
C TRP B 588 -41.46 -1.68 -27.70
N LEU B 589 -41.79 -2.06 -26.46
CA LEU B 589 -41.72 -1.10 -25.37
C LEU B 589 -40.29 -0.69 -25.08
N MET B 590 -39.33 -1.60 -25.28
CA MET B 590 -37.95 -1.31 -24.97
C MET B 590 -37.27 -0.42 -26.00
N ARG B 591 -37.55 -0.62 -27.29
CA ARG B 591 -36.82 0.07 -28.35
C ARG B 591 -37.58 1.23 -28.95
N GLU B 592 -38.84 1.01 -29.35
CA GLU B 592 -39.63 2.04 -30.03
C GLU B 592 -40.97 2.15 -29.32
N ASN B 593 -41.01 2.98 -28.27
CA ASN B 593 -42.25 3.20 -27.53
C ASN B 593 -42.99 4.39 -28.12
N VAL B 594 -44.06 4.81 -27.45
CA VAL B 594 -44.83 5.97 -27.89
C VAL B 594 -44.03 7.23 -27.56
N PRO B 595 -44.02 8.22 -28.44
CA PRO B 595 -43.42 9.51 -28.08
C PRO B 595 -44.14 10.10 -26.88
N GLY B 596 -43.38 10.81 -26.05
CA GLY B 596 -43.86 11.22 -24.76
C GLY B 596 -43.54 10.26 -23.64
N SER B 597 -42.65 9.30 -23.88
CA SER B 597 -42.18 8.40 -22.85
C SER B 597 -40.79 7.90 -23.24
N PHE B 598 -40.06 7.38 -22.26
CA PHE B 598 -38.73 6.87 -22.54
C PHE B 598 -38.81 5.72 -23.54
N PRO B 599 -37.87 5.62 -24.47
CA PRO B 599 -36.72 6.51 -24.69
C PRO B 599 -36.98 7.57 -25.74
N TYR B 600 -38.24 7.89 -26.02
CA TYR B 600 -38.60 9.02 -26.87
C TYR B 600 -38.03 8.89 -28.28
N THR B 601 -37.77 7.65 -28.70
CA THR B 601 -37.17 7.44 -30.01
C THR B 601 -38.09 7.93 -31.11
N ALA B 602 -39.39 7.95 -30.86
CA ALA B 602 -40.38 8.38 -31.84
C ALA B 602 -40.87 9.80 -31.59
N GLY B 603 -40.16 10.57 -30.78
CA GLY B 603 -40.52 11.95 -30.49
C GLY B 603 -40.51 12.23 -29.00
N VAL B 604 -40.34 13.51 -28.67
CA VAL B 604 -40.31 13.92 -27.27
C VAL B 604 -41.68 14.36 -26.78
N PHE B 605 -42.34 15.27 -27.50
CA PHE B 605 -43.65 15.76 -27.11
C PHE B 605 -44.63 14.62 -26.98
N ALA B 606 -45.39 14.64 -25.89
CA ALA B 606 -46.42 13.62 -25.69
C ALA B 606 -47.51 13.74 -26.75
N PHE B 607 -47.73 14.95 -27.26
CA PHE B 607 -48.63 15.16 -28.38
C PHE B 607 -48.06 16.26 -29.26
N LYS B 608 -48.42 16.20 -30.54
CA LYS B 608 -47.97 17.22 -31.48
C LYS B 608 -48.55 18.57 -31.10
N ARG B 609 -47.71 19.60 -31.11
CA ARG B 609 -48.18 20.94 -30.80
C ARG B 609 -49.13 21.41 -31.88
N GLU B 610 -50.16 22.17 -31.47
CA GLU B 610 -51.23 22.58 -32.36
C GLU B 610 -50.72 23.49 -33.47
N GLY B 611 -51.60 23.84 -34.40
CA GLY B 611 -51.23 24.65 -35.55
C GLY B 611 -50.75 26.04 -35.21
N GLU B 612 -50.52 26.87 -36.23
CA GLU B 612 -49.94 28.20 -36.05
C GLU B 612 -48.57 28.11 -35.40
N ASP B 613 -47.61 27.56 -36.14
CA ASP B 613 -46.26 27.43 -35.65
C ASP B 613 -45.63 28.80 -35.43
N PRO B 614 -44.66 28.88 -34.53
CA PRO B 614 -44.03 30.19 -34.24
C PRO B 614 -43.13 30.63 -35.39
N THR B 615 -43.77 31.18 -36.42
CA THR B 615 -43.10 31.53 -37.68
C THR B 615 -42.19 32.73 -37.44
N ARG B 616 -40.89 32.47 -37.35
CA ARG B 616 -39.91 33.53 -37.17
C ARG B 616 -39.51 34.12 -38.52
N MET B 617 -39.06 35.37 -38.48
CA MET B 617 -38.67 36.12 -39.66
C MET B 617 -37.26 36.69 -39.47
N PHE B 618 -36.47 36.69 -40.53
CA PHE B 618 -35.11 37.20 -40.48
C PHE B 618 -34.94 38.36 -41.45
N ALA B 619 -34.22 39.40 -41.01
CA ALA B 619 -33.90 40.54 -41.86
C ALA B 619 -32.79 41.37 -41.24
N GLY B 620 -31.80 41.75 -42.05
CA GLY B 620 -30.74 42.62 -41.55
C GLY B 620 -29.73 43.01 -42.61
N GLU B 621 -29.44 44.30 -42.71
CA GLU B 621 -28.49 44.85 -43.69
C GLU B 621 -28.30 46.32 -43.42
N GLY B 622 -27.07 46.80 -43.60
CA GLY B 622 -26.80 48.22 -43.46
C GLY B 622 -26.76 48.68 -42.01
N ASP B 623 -27.15 49.94 -41.81
CA ASP B 623 -26.97 50.61 -40.53
C ASP B 623 -28.07 50.21 -39.54
N ALA B 624 -27.86 50.57 -38.27
CA ALA B 624 -28.82 50.23 -37.23
C ALA B 624 -30.18 50.85 -37.50
N PHE B 625 -30.20 52.08 -37.99
CA PHE B 625 -31.47 52.79 -38.17
C PHE B 625 -32.29 52.22 -39.31
N ARG B 626 -31.65 51.86 -40.42
CA ARG B 626 -32.38 51.23 -41.51
C ARG B 626 -32.93 49.88 -41.06
N THR B 627 -32.14 49.11 -40.32
CA THR B 627 -32.60 47.83 -39.80
C THR B 627 -33.77 48.00 -38.84
N ASN B 628 -33.70 48.99 -37.96
CA ASN B 628 -34.80 49.24 -37.03
C ASN B 628 -36.04 49.72 -37.76
N ARG B 629 -35.85 50.50 -38.82
CA ARG B 629 -36.97 50.91 -39.65
C ARG B 629 -37.65 49.70 -40.27
N ARG B 630 -36.85 48.77 -40.79
CA ARG B 630 -37.41 47.54 -41.35
C ARG B 630 -38.12 46.72 -40.28
N PHE B 631 -37.52 46.65 -39.08
CA PHE B 631 -38.11 45.87 -38.00
C PHE B 631 -39.45 46.44 -37.56
N LYS B 632 -39.51 47.75 -37.33
CA LYS B 632 -40.78 48.39 -37.03
C LYS B 632 -41.75 48.26 -38.19
N LEU B 633 -41.24 48.17 -39.41
CA LEU B 633 -42.10 47.93 -40.57
C LEU B 633 -42.78 46.58 -40.47
N VAL B 634 -42.03 45.54 -40.10
CA VAL B 634 -42.62 44.20 -40.00
C VAL B 634 -43.37 44.03 -38.69
N SER B 635 -42.90 44.67 -37.62
CA SER B 635 -43.43 44.45 -36.27
C SER B 635 -44.83 44.99 -36.09
N GLU B 636 -45.47 45.45 -37.17
CA GLU B 636 -46.79 46.05 -37.05
C GLU B 636 -47.84 44.97 -36.82
N GLY B 637 -48.76 45.26 -35.89
CA GLY B 637 -49.84 44.32 -35.61
C GLY B 637 -49.38 42.97 -35.12
N MET B 638 -48.37 42.96 -34.27
CA MET B 638 -47.81 41.71 -33.75
C MET B 638 -47.88 41.71 -32.22
N GLU B 639 -48.84 40.96 -31.69
CA GLU B 639 -48.92 40.77 -30.24
C GLU B 639 -47.71 40.00 -29.74
N ALA B 640 -47.12 39.17 -30.59
CA ALA B 640 -45.88 38.45 -30.29
C ALA B 640 -44.85 38.81 -31.35
N LYS B 641 -43.59 38.89 -30.94
CA LYS B 641 -42.51 39.26 -31.85
C LYS B 641 -41.42 38.20 -31.81
N ARG B 642 -40.97 37.77 -32.98
CA ARG B 642 -39.86 36.82 -33.10
C ARG B 642 -38.89 37.39 -34.13
N LEU B 643 -37.74 37.86 -33.67
CA LEU B 643 -36.80 38.59 -34.51
C LEU B 643 -35.52 37.79 -34.69
N SER B 644 -34.95 37.87 -35.89
CA SER B 644 -33.72 37.18 -36.24
C SER B 644 -32.73 38.18 -36.80
N THR B 645 -31.49 38.11 -36.33
CA THR B 645 -30.45 39.08 -36.68
C THR B 645 -29.21 38.36 -37.18
N ALA B 646 -28.66 38.87 -38.28
CA ALA B 646 -27.39 38.41 -38.84
C ALA B 646 -26.46 39.60 -38.96
N PHE B 647 -25.22 39.42 -38.53
CA PHE B 647 -24.23 40.48 -38.59
C PHE B 647 -23.46 40.43 -39.91
N ASP B 648 -22.70 41.49 -40.17
CA ASP B 648 -21.88 41.52 -41.37
C ASP B 648 -20.57 40.79 -41.13
N SER B 649 -19.80 40.63 -42.21
CA SER B 649 -18.53 39.93 -42.12
C SER B 649 -17.57 40.63 -41.17
N VAL B 650 -17.50 41.96 -41.24
CA VAL B 650 -16.51 42.70 -40.47
C VAL B 650 -16.72 42.48 -38.98
N THR B 651 -17.96 42.54 -38.52
CA THR B 651 -18.24 42.17 -37.15
C THR B 651 -18.11 40.66 -36.97
N LEU B 652 -18.41 39.88 -38.02
CA LEU B 652 -18.32 38.43 -37.91
C LEU B 652 -16.89 38.00 -37.57
N TYR B 653 -15.90 38.63 -38.18
CA TYR B 653 -14.53 38.45 -37.77
C TYR B 653 -14.18 39.26 -36.54
N GLY B 654 -15.05 40.19 -36.14
CA GLY B 654 -14.77 41.03 -35.00
C GLY B 654 -13.67 42.04 -35.17
N GLU B 655 -13.59 42.70 -36.32
CA GLU B 655 -12.63 43.78 -36.55
C GLU B 655 -13.35 45.12 -36.58
N ASP B 656 -12.86 46.06 -35.80
CA ASP B 656 -13.45 47.39 -35.90
C ASP B 656 -12.93 48.11 -37.14
N PRO B 657 -13.81 48.79 -37.86
CA PRO B 657 -13.42 49.36 -39.16
C PRO B 657 -12.55 50.60 -39.00
N HIS B 658 -12.09 51.10 -40.14
CA HIS B 658 -11.32 52.34 -40.21
C HIS B 658 -11.34 52.85 -41.64
N GLU B 659 -10.56 53.92 -41.85
CA GLU B 659 -10.58 54.63 -43.13
C GLU B 659 -9.99 53.84 -44.28
N ARG B 660 -9.25 52.78 -44.00
CA ARG B 660 -8.52 52.08 -45.06
C ARG B 660 -9.50 51.47 -46.06
N PRO B 661 -9.26 51.60 -47.36
CA PRO B 661 -10.23 51.10 -48.34
C PRO B 661 -10.46 49.61 -48.28
N ASP B 662 -9.47 48.84 -47.81
CA ASP B 662 -9.55 47.39 -47.86
C ASP B 662 -10.81 46.86 -47.18
N ILE B 663 -11.11 47.32 -45.97
CA ILE B 663 -12.24 46.79 -45.22
C ILE B 663 -13.44 47.74 -45.36
N TYR B 664 -13.15 49.02 -45.60
CA TYR B 664 -14.21 50.02 -45.65
C TYR B 664 -15.19 49.74 -46.79
N GLY B 665 -14.68 49.21 -47.90
CA GLY B 665 -15.54 48.95 -49.03
C GLY B 665 -16.60 47.91 -48.75
N LYS B 666 -16.21 46.75 -48.24
CA LYS B 666 -17.15 45.67 -47.98
C LYS B 666 -17.78 45.74 -46.60
N VAL B 667 -17.52 46.81 -45.84
CA VAL B 667 -18.11 46.92 -44.51
C VAL B 667 -19.62 47.01 -44.62
N GLY B 668 -20.31 46.53 -43.59
CA GLY B 668 -21.76 46.62 -43.53
C GLY B 668 -22.50 45.81 -44.56
N ASN B 669 -21.82 44.91 -45.27
CA ASN B 669 -22.45 44.11 -46.31
C ASN B 669 -23.25 42.96 -45.70
N SER B 670 -24.45 42.76 -46.22
CA SER B 670 -25.29 41.61 -45.89
C SER B 670 -25.53 41.48 -44.38
N GLY B 671 -25.76 42.60 -43.71
CA GLY B 671 -26.02 42.55 -42.29
C GLY B 671 -25.88 43.91 -41.66
N VAL B 672 -26.07 43.92 -40.34
CA VAL B 672 -25.94 45.13 -39.54
C VAL B 672 -24.57 45.11 -38.86
N SER B 673 -23.80 46.17 -39.07
CA SER B 673 -22.43 46.24 -38.56
C SER B 673 -22.42 47.06 -37.27
N ILE B 674 -22.22 46.37 -36.15
CA ILE B 674 -22.20 47.00 -34.83
C ILE B 674 -20.82 46.80 -34.23
N ALA B 675 -20.38 47.78 -33.43
CA ALA B 675 -19.06 47.73 -32.83
C ALA B 675 -19.02 48.19 -31.38
N THR B 676 -20.05 48.83 -30.86
CA THR B 676 -20.02 49.39 -29.52
C THR B 676 -21.16 48.83 -28.69
N LEU B 677 -21.32 49.39 -27.50
CA LEU B 677 -22.55 49.18 -26.74
C LEU B 677 -23.65 50.11 -27.24
N GLU B 678 -23.27 51.30 -27.73
CA GLU B 678 -24.26 52.28 -28.17
C GLU B 678 -25.05 51.76 -29.35
N ASP B 679 -24.38 51.18 -30.35
CA ASP B 679 -25.08 50.67 -31.52
C ASP B 679 -26.02 49.52 -31.16
N MET B 680 -25.54 48.59 -30.33
CA MET B 680 -26.40 47.49 -29.90
C MET B 680 -27.61 48.02 -29.13
N LYS B 681 -27.38 49.03 -28.28
CA LYS B 681 -28.48 49.64 -27.53
C LYS B 681 -29.49 50.27 -28.48
N VAL B 682 -29.02 50.99 -29.49
CA VAL B 682 -29.93 51.66 -30.41
C VAL B 682 -30.61 50.65 -31.34
N LEU B 683 -30.07 49.43 -31.41
CA LEU B 683 -30.63 48.44 -32.32
C LEU B 683 -32.08 48.11 -31.98
N TYR B 684 -32.39 47.96 -30.69
CA TYR B 684 -33.69 47.45 -30.26
C TYR B 684 -34.56 48.52 -29.61
N ASP B 685 -34.59 49.72 -30.17
CA ASP B 685 -35.46 50.76 -29.65
C ASP B 685 -36.92 50.35 -29.74
N GLY B 686 -37.65 50.58 -28.67
CA GLY B 686 -39.09 50.39 -28.65
C GLY B 686 -39.56 48.95 -28.62
N PHE B 687 -38.72 48.01 -28.19
CA PHE B 687 -39.08 46.61 -28.15
C PHE B 687 -38.87 46.07 -26.73
N ASP B 688 -39.90 45.44 -26.19
CA ASP B 688 -39.81 44.80 -24.88
C ASP B 688 -38.93 43.56 -24.98
N LEU B 689 -37.71 43.66 -24.47
CA LEU B 689 -36.80 42.52 -24.52
C LEU B 689 -37.05 41.52 -23.39
N THR B 690 -37.89 41.88 -22.41
CA THR B 690 -38.19 41.01 -21.30
C THR B 690 -39.61 40.43 -21.35
N ASN B 691 -40.41 40.85 -22.31
CA ASN B 691 -41.79 40.40 -22.38
C ASN B 691 -41.81 38.89 -22.66
N PRO B 692 -42.66 38.12 -21.98
CA PRO B 692 -42.65 36.66 -22.19
C PRO B 692 -43.20 36.22 -23.53
N SER B 693 -43.74 37.13 -24.34
CA SER B 693 -44.35 36.77 -25.62
C SER B 693 -43.49 37.16 -26.82
N THR B 694 -42.17 37.26 -26.63
CA THR B 694 -41.27 37.68 -27.70
C THR B 694 -39.94 36.95 -27.55
N SER B 695 -39.18 36.88 -28.64
CA SER B 695 -37.83 36.33 -28.63
C SER B 695 -37.02 36.86 -29.79
N VAL B 696 -35.73 37.09 -29.56
CA VAL B 696 -34.80 37.56 -30.58
C VAL B 696 -33.60 36.64 -30.59
N SER B 697 -33.14 36.28 -31.78
CA SER B 697 -32.02 35.38 -31.98
C SER B 697 -31.02 36.05 -32.93
N MET B 698 -29.80 36.24 -32.46
CA MET B 698 -28.73 36.78 -33.30
C MET B 698 -27.69 35.70 -33.54
N THR B 699 -27.30 35.52 -34.79
CA THR B 699 -26.46 34.38 -35.19
C THR B 699 -25.03 34.84 -35.40
N ILE B 700 -24.12 34.29 -34.59
CA ILE B 700 -22.68 34.51 -34.75
C ILE B 700 -21.97 33.48 -33.89
N ASN B 701 -20.72 33.19 -34.26
CA ASN B 701 -19.96 32.14 -33.58
C ASN B 701 -18.70 32.67 -32.92
N GLY B 702 -17.85 33.37 -33.66
CA GLY B 702 -16.55 33.77 -33.16
C GLY B 702 -16.62 34.82 -32.06
N PRO B 703 -17.07 36.01 -32.41
CA PRO B 703 -17.11 37.11 -31.44
C PRO B 703 -18.27 36.97 -30.47
N ALA B 704 -18.87 35.79 -30.45
CA ALA B 704 -20.04 35.54 -29.61
C ALA B 704 -19.85 35.92 -28.15
N PRO B 705 -18.71 35.65 -27.50
CA PRO B 705 -18.57 36.10 -26.11
C PRO B 705 -18.85 37.58 -25.94
N THR B 706 -18.06 38.44 -26.59
CA THR B 706 -18.28 39.88 -26.50
C THR B 706 -19.72 40.24 -26.79
N ILE B 707 -20.22 39.83 -27.97
CA ILE B 707 -21.62 40.06 -28.31
C ILE B 707 -22.52 39.74 -27.13
N LEU B 708 -22.39 38.51 -26.61
CA LEU B 708 -23.22 38.09 -25.49
C LEU B 708 -23.21 39.13 -24.39
N ALA B 709 -22.02 39.46 -23.88
CA ALA B 709 -21.93 40.40 -22.77
C ALA B 709 -22.68 41.68 -23.10
N MET B 710 -22.45 42.23 -24.29
CA MET B 710 -23.09 43.47 -24.65
C MET B 710 -24.60 43.37 -24.47
N PHE B 711 -25.20 42.34 -25.06
CA PHE B 711 -26.65 42.21 -25.00
C PHE B 711 -27.13 42.19 -23.55
N MET B 712 -26.41 41.46 -22.69
CA MET B 712 -26.82 41.37 -21.30
C MET B 712 -26.91 42.76 -20.68
N ASN B 713 -25.88 43.58 -20.85
CA ASN B 713 -25.91 44.92 -20.27
C ASN B 713 -27.08 45.71 -20.84
N THR B 714 -27.33 45.56 -22.14
CA THR B 714 -28.47 46.24 -22.74
C THR B 714 -29.75 45.84 -22.06
N ALA B 715 -29.92 44.53 -21.80
CA ALA B 715 -31.13 44.07 -21.15
C ALA B 715 -31.35 44.79 -19.83
N ILE B 716 -30.25 45.14 -19.15
CA ILE B 716 -30.36 45.95 -17.94
C ILE B 716 -30.72 47.38 -18.30
N ASP B 717 -29.90 48.00 -19.16
CA ASP B 717 -29.98 49.44 -19.35
C ASP B 717 -31.37 49.87 -19.77
N GLN B 718 -31.92 49.22 -20.81
CA GLN B 718 -33.28 49.54 -21.24
C GLN B 718 -34.24 49.48 -20.07
N GLN B 719 -34.22 48.36 -19.33
CA GLN B 719 -35.09 48.24 -18.17
C GLN B 719 -34.79 49.34 -17.16
N ILE B 720 -33.51 49.63 -16.92
CA ILE B 720 -33.15 50.74 -16.04
C ILE B 720 -33.83 52.01 -16.53
N ASP B 721 -33.71 52.30 -17.82
CA ASP B 721 -34.37 53.48 -18.38
C ASP B 721 -35.85 53.49 -18.02
N ARG B 722 -36.51 52.34 -18.16
CA ARG B 722 -37.92 52.24 -17.85
C ARG B 722 -38.21 52.78 -16.45
N PHE B 723 -37.45 52.33 -15.45
CA PHE B 723 -37.72 52.78 -14.10
C PHE B 723 -37.55 54.28 -13.99
N ARG B 724 -36.51 54.83 -14.62
CA ARG B 724 -36.27 56.27 -14.53
C ARG B 724 -37.43 57.06 -15.10
N ALA B 725 -38.20 56.43 -16.00
CA ALA B 725 -39.36 57.12 -16.57
C ALA B 725 -40.45 57.36 -15.54
N ASP B 726 -40.58 56.46 -14.57
CA ASP B 726 -41.73 56.51 -13.67
C ASP B 726 -41.44 57.17 -12.33
N ASN B 727 -40.24 56.97 -11.77
CA ASN B 727 -39.87 57.55 -10.50
C ASN B 727 -38.94 58.75 -10.62
N GLY B 728 -38.26 58.92 -11.75
CA GLY B 728 -37.42 60.09 -11.95
C GLY B 728 -36.26 60.20 -10.99
N ARG B 729 -35.58 59.11 -10.68
CA ARG B 729 -34.45 59.16 -9.75
C ARG B 729 -33.42 58.12 -10.17
N ASP B 730 -32.15 58.46 -9.96
CA ASP B 730 -31.08 57.52 -10.26
C ASP B 730 -31.13 56.35 -9.27
N PRO B 731 -30.75 55.15 -9.70
CA PRO B 731 -31.00 53.96 -8.88
C PRO B 731 -30.18 53.96 -7.60
N THR B 732 -30.75 53.35 -6.56
CA THR B 732 -29.99 53.00 -5.38
C THR B 732 -29.33 51.64 -5.59
N ALA B 733 -28.26 51.39 -4.83
CA ALA B 733 -27.49 50.16 -5.02
C ALA B 733 -28.35 48.93 -4.83
N ASP B 734 -29.13 48.89 -3.74
CA ASP B 734 -29.91 47.71 -3.43
C ASP B 734 -31.00 47.47 -4.46
N GLU B 735 -31.74 48.53 -4.82
CA GLU B 735 -32.80 48.38 -5.82
C GLU B 735 -32.21 48.00 -7.16
N GLU B 736 -31.05 48.56 -7.50
CA GLU B 736 -30.37 48.20 -8.73
C GLU B 736 -30.03 46.72 -8.75
N ALA B 737 -29.45 46.21 -7.65
CA ALA B 737 -29.07 44.81 -7.59
C ALA B 737 -30.30 43.90 -7.71
N LYS B 738 -31.38 44.25 -7.01
CA LYS B 738 -32.58 43.43 -7.05
C LYS B 738 -33.18 43.40 -8.45
N ILE B 739 -33.36 44.57 -9.06
CA ILE B 739 -33.93 44.61 -10.40
C ILE B 739 -33.01 43.91 -11.39
N ARG B 740 -31.70 43.99 -11.17
CA ARG B 740 -30.76 43.31 -12.06
C ARG B 740 -30.94 41.81 -11.99
N ALA B 741 -31.04 41.27 -10.77
CA ALA B 741 -31.28 39.83 -10.64
C ALA B 741 -32.58 39.44 -11.32
N TRP B 742 -33.63 40.25 -11.12
CA TRP B 742 -34.92 39.97 -11.73
C TRP B 742 -34.82 39.94 -13.26
N VAL B 743 -34.23 40.97 -13.86
CA VAL B 743 -34.18 41.07 -15.31
C VAL B 743 -33.28 39.98 -15.89
N LEU B 744 -32.20 39.64 -15.19
CA LEU B 744 -31.36 38.54 -15.65
C LEU B 744 -32.14 37.23 -15.65
N GLN B 745 -32.96 37.00 -14.64
CA GLN B 745 -33.77 35.80 -14.62
C GLN B 745 -34.79 35.78 -15.75
N ASN B 746 -35.45 36.92 -15.99
CA ASN B 746 -36.57 36.95 -16.92
C ASN B 746 -36.16 36.96 -18.38
N VAL B 747 -34.88 37.16 -18.69
CA VAL B 747 -34.46 37.45 -20.06
C VAL B 747 -34.74 36.27 -20.96
N ARG B 748 -35.06 36.56 -22.23
CA ARG B 748 -35.31 35.54 -23.26
C ARG B 748 -34.64 35.95 -24.56
N GLY B 749 -33.95 34.99 -25.17
CA GLY B 749 -33.24 35.25 -26.41
C GLY B 749 -32.67 33.97 -26.96
N THR B 750 -31.73 34.12 -27.90
CA THR B 750 -31.06 32.98 -28.49
C THR B 750 -29.76 33.42 -29.13
N VAL B 751 -28.67 32.72 -28.79
CA VAL B 751 -27.36 32.96 -29.37
C VAL B 751 -27.01 31.72 -30.19
N GLN B 752 -27.06 31.84 -31.51
CA GLN B 752 -26.75 30.73 -32.41
C GLN B 752 -25.25 30.71 -32.69
N ALA B 753 -24.54 29.97 -31.85
CA ALA B 753 -23.08 29.91 -31.88
C ALA B 753 -22.61 28.48 -31.81
N ASP B 754 -21.52 28.17 -32.50
CA ASP B 754 -20.84 26.88 -32.41
C ASP B 754 -19.38 27.08 -32.77
N ILE B 755 -18.49 26.55 -31.92
CA ILE B 755 -17.06 26.81 -32.11
C ILE B 755 -16.45 25.82 -33.08
N LEU B 756 -16.72 24.52 -32.88
CA LEU B 756 -15.99 23.49 -33.60
C LEU B 756 -16.27 23.54 -35.09
N LYS B 757 -17.47 23.95 -35.49
CA LYS B 757 -17.82 23.93 -36.90
C LYS B 757 -16.91 24.87 -37.70
N GLU B 758 -16.71 26.09 -37.22
CA GLU B 758 -15.91 27.04 -37.98
C GLU B 758 -14.47 26.55 -38.12
N ASP B 759 -13.87 26.08 -37.03
CA ASP B 759 -12.52 25.54 -37.12
C ASP B 759 -12.48 24.31 -38.02
N GLN B 760 -13.61 23.61 -38.14
CA GLN B 760 -13.65 22.45 -39.01
C GLN B 760 -13.75 22.84 -40.48
N GLY B 761 -14.34 24.00 -40.79
CA GLY B 761 -14.64 24.33 -42.16
C GLY B 761 -13.67 25.23 -42.92
N GLN B 762 -13.31 26.37 -42.33
CA GLN B 762 -12.58 27.40 -43.07
C GLN B 762 -11.32 27.87 -42.38
N ASN B 763 -11.17 27.59 -41.09
CA ASN B 763 -10.06 28.11 -40.28
C ASN B 763 -10.02 29.62 -40.25
N THR B 764 -11.17 30.25 -40.52
CA THR B 764 -11.34 31.68 -40.39
C THR B 764 -11.45 32.11 -38.93
N CYS B 765 -11.27 31.18 -38.00
CA CYS B 765 -11.29 31.51 -36.59
C CYS B 765 -10.16 32.49 -36.27
N ILE B 766 -10.40 33.37 -35.32
CA ILE B 766 -9.39 34.33 -34.90
C ILE B 766 -8.72 33.91 -33.60
N PHE B 767 -9.37 33.07 -32.80
CA PHE B 767 -8.85 32.65 -31.50
C PHE B 767 -8.47 31.17 -31.56
N SER B 768 -7.52 30.78 -30.71
CA SER B 768 -7.22 29.37 -30.56
C SER B 768 -8.41 28.63 -29.97
N THR B 769 -8.57 27.36 -30.36
CA THR B 769 -9.77 26.62 -30.01
C THR B 769 -9.93 26.49 -28.51
N GLU B 770 -8.86 26.10 -27.81
CA GLU B 770 -8.96 25.81 -26.39
C GLU B 770 -9.32 27.05 -25.59
N PHE B 771 -8.75 28.21 -25.95
CA PHE B 771 -9.09 29.44 -25.25
C PHE B 771 -10.57 29.78 -25.42
N SER B 772 -11.09 29.62 -26.64
CA SER B 772 -12.51 29.83 -26.86
C SER B 772 -13.35 28.86 -26.03
N LEU B 773 -12.91 27.61 -25.95
CA LEU B 773 -13.63 26.63 -25.14
C LEU B 773 -13.66 27.03 -23.67
N LYS B 774 -12.53 27.51 -23.16
CA LYS B 774 -12.48 27.98 -21.78
C LYS B 774 -13.42 29.15 -21.57
N VAL B 775 -13.46 30.07 -22.53
CA VAL B 775 -14.36 31.23 -22.41
C VAL B 775 -15.81 30.77 -22.38
N MET B 776 -16.18 29.85 -23.27
CA MET B 776 -17.55 29.36 -23.29
C MET B 776 -17.89 28.65 -21.98
N GLY B 777 -16.95 27.88 -21.45
CA GLY B 777 -17.18 27.23 -20.17
C GLY B 777 -17.40 28.21 -19.05
N ASP B 778 -16.59 29.28 -19.01
CA ASP B 778 -16.80 30.29 -17.99
C ASP B 778 -18.16 30.96 -18.15
N ILE B 779 -18.57 31.18 -19.41
CA ILE B 779 -19.87 31.78 -19.67
C ILE B 779 -20.99 30.90 -19.11
N GLN B 780 -20.91 29.60 -19.40
CA GLN B 780 -21.90 28.68 -18.85
C GLN B 780 -21.87 28.68 -17.33
N GLU B 781 -20.67 28.76 -16.75
CA GLU B 781 -20.55 28.79 -15.30
C GLU B 781 -21.28 29.98 -14.70
N TYR B 782 -21.03 31.18 -15.23
CA TYR B 782 -21.70 32.34 -14.70
C TYR B 782 -23.20 32.27 -14.91
N PHE B 783 -23.62 31.73 -16.06
CA PHE B 783 -25.04 31.59 -16.32
C PHE B 783 -25.70 30.69 -15.28
N VAL B 784 -25.06 29.56 -14.97
CA VAL B 784 -25.61 28.65 -13.98
C VAL B 784 -25.64 29.31 -12.60
N HIS B 785 -24.55 30.01 -12.25
CA HIS B 785 -24.39 30.48 -10.88
C HIS B 785 -25.46 31.50 -10.49
N HIS B 786 -26.02 32.23 -11.46
CA HIS B 786 -27.06 33.20 -11.19
C HIS B 786 -28.45 32.69 -11.58
N GLN B 787 -28.57 31.42 -11.94
CA GLN B 787 -29.86 30.75 -12.08
C GLN B 787 -30.75 31.39 -13.14
N VAL B 788 -30.15 31.90 -14.20
CA VAL B 788 -30.91 32.35 -15.37
C VAL B 788 -31.32 31.09 -16.12
N ARG B 789 -32.56 30.65 -15.89
CA ARG B 789 -32.99 29.32 -16.27
C ARG B 789 -33.81 29.29 -17.55
N ASN B 790 -33.89 30.41 -18.27
CA ASN B 790 -34.79 30.49 -19.41
C ASN B 790 -34.11 30.84 -20.72
N PHE B 791 -32.80 30.98 -20.76
CA PHE B 791 -32.07 31.28 -21.98
C PHE B 791 -30.83 30.40 -22.06
N TYR B 792 -30.44 30.04 -23.29
CA TYR B 792 -29.24 29.26 -23.55
C TYR B 792 -28.55 29.82 -24.78
N SER B 793 -27.24 29.63 -24.87
CA SER B 793 -26.43 30.28 -25.90
C SER B 793 -25.64 29.30 -26.76
N VAL B 794 -25.70 28.00 -26.45
CA VAL B 794 -24.90 27.01 -27.17
C VAL B 794 -25.83 26.19 -28.05
N SER B 795 -25.53 26.15 -29.34
CA SER B 795 -26.34 25.43 -30.33
C SER B 795 -25.39 24.62 -31.21
N ILE B 796 -25.74 23.36 -31.45
CA ILE B 796 -24.90 22.46 -32.25
C ILE B 796 -25.46 22.44 -33.66
N SER B 797 -24.62 22.78 -34.64
CA SER B 797 -25.03 22.79 -36.04
C SER B 797 -23.94 22.20 -36.93
N GLY B 798 -24.37 21.73 -38.09
CA GLY B 798 -23.45 21.21 -39.09
C GLY B 798 -23.87 21.64 -40.47
N TYR B 799 -24.60 22.76 -40.54
CA TYR B 799 -25.17 23.20 -41.80
C TYR B 799 -24.08 23.55 -42.82
N HIS B 800 -23.03 24.26 -42.38
CA HIS B 800 -21.89 24.46 -43.25
C HIS B 800 -21.17 23.16 -43.54
N ILE B 801 -21.11 22.27 -42.55
CA ILE B 801 -20.54 20.94 -42.78
C ILE B 801 -21.34 20.21 -43.85
N ALA B 802 -22.67 20.33 -43.78
CA ALA B 802 -23.52 19.74 -44.80
C ALA B 802 -23.26 20.39 -46.16
N GLU B 803 -23.18 21.71 -46.22
CA GLU B 803 -23.00 22.40 -47.49
C GLU B 803 -21.65 22.09 -48.10
N ALA B 804 -20.69 21.67 -47.28
CA ALA B 804 -19.44 21.13 -47.83
C ALA B 804 -19.73 19.92 -48.71
N GLY B 805 -20.73 19.12 -48.34
CA GLY B 805 -21.11 17.97 -49.14
C GLY B 805 -20.99 16.67 -48.39
N ALA B 806 -21.01 16.73 -47.07
CA ALA B 806 -20.72 15.57 -46.25
C ALA B 806 -21.74 14.46 -46.48
N ASN B 807 -21.29 13.23 -46.32
CA ASN B 807 -22.20 12.10 -46.32
C ASN B 807 -23.06 12.13 -45.05
N PRO B 808 -24.32 11.72 -45.16
CA PRO B 808 -25.25 11.93 -44.03
C PRO B 808 -24.78 11.29 -42.74
N ILE B 809 -24.29 10.05 -42.81
CA ILE B 809 -23.83 9.36 -41.62
C ILE B 809 -22.67 10.10 -40.98
N SER B 810 -21.73 10.57 -41.82
CA SER B 810 -20.59 11.31 -41.30
C SER B 810 -21.03 12.60 -40.61
N GLN B 811 -22.01 13.29 -41.20
CA GLN B 811 -22.55 14.48 -40.58
C GLN B 811 -23.14 14.17 -39.22
N LEU B 812 -23.97 13.13 -39.14
CA LEU B 812 -24.59 12.77 -37.87
C LEU B 812 -23.53 12.45 -36.84
N ALA B 813 -22.53 11.66 -37.21
CA ALA B 813 -21.49 11.27 -36.28
C ALA B 813 -20.71 12.48 -35.77
N PHE B 814 -20.33 13.37 -36.68
CA PHE B 814 -19.55 14.53 -36.26
C PHE B 814 -20.35 15.44 -35.35
N THR B 815 -21.63 15.66 -35.66
CA THR B 815 -22.45 16.51 -34.82
C THR B 815 -22.60 15.91 -33.43
N LEU B 816 -22.89 14.61 -33.35
CA LEU B 816 -23.03 13.98 -32.04
C LEU B 816 -21.72 14.02 -31.27
N ALA B 817 -20.60 13.84 -31.98
CA ALA B 817 -19.29 13.92 -31.32
C ALA B 817 -19.08 15.30 -30.73
N ASN B 818 -19.43 16.34 -31.49
CA ASN B 818 -19.29 17.70 -30.97
C ASN B 818 -20.13 17.90 -29.72
N GLY B 819 -21.38 17.44 -29.75
CA GLY B 819 -22.25 17.63 -28.60
C GLY B 819 -21.74 16.92 -27.36
N PHE B 820 -21.34 15.65 -27.52
CA PHE B 820 -20.83 14.91 -26.38
C PHE B 820 -19.52 15.51 -25.87
N THR B 821 -18.69 16.03 -26.79
CA THR B 821 -17.46 16.68 -26.37
C THR B 821 -17.78 17.91 -25.53
N TYR B 822 -18.76 18.70 -25.95
CA TYR B 822 -19.18 19.84 -25.14
C TYR B 822 -19.63 19.39 -23.76
N VAL B 823 -20.43 18.32 -23.71
CA VAL B 823 -20.93 17.81 -22.44
C VAL B 823 -19.76 17.43 -21.53
N GLU B 824 -18.81 16.66 -22.06
CA GLU B 824 -17.70 16.19 -21.24
C GLU B 824 -16.82 17.35 -20.80
N ALA B 825 -16.55 18.29 -21.70
CA ALA B 825 -15.71 19.43 -21.35
C ALA B 825 -16.33 20.25 -20.23
N TYR B 826 -17.63 20.49 -20.31
CA TYR B 826 -18.29 21.18 -19.21
C TYR B 826 -18.25 20.37 -17.93
N LEU B 827 -18.43 19.04 -18.04
CA LEU B 827 -18.34 18.18 -16.86
C LEU B 827 -16.97 18.31 -16.20
N ALA B 828 -15.93 18.52 -17.01
CA ALA B 828 -14.57 18.64 -16.49
C ALA B 828 -14.41 19.82 -15.55
N ARG B 829 -15.32 20.78 -15.56
CA ARG B 829 -15.30 21.90 -14.63
C ARG B 829 -15.78 21.52 -13.25
N GLY B 830 -16.10 20.26 -13.02
CA GLY B 830 -16.62 19.87 -11.72
C GLY B 830 -17.99 20.42 -11.39
N MET B 831 -18.87 20.53 -12.37
CA MET B 831 -20.23 21.00 -12.17
C MET B 831 -21.20 19.84 -12.29
N HIS B 832 -22.36 19.96 -11.63
CA HIS B 832 -23.36 18.92 -11.71
C HIS B 832 -23.94 18.84 -13.13
N ILE B 833 -24.46 17.67 -13.46
CA ILE B 833 -24.90 17.43 -14.84
C ILE B 833 -26.14 18.23 -15.17
N ASP B 834 -27.13 18.23 -14.28
CA ASP B 834 -28.48 18.64 -14.64
C ASP B 834 -28.63 20.14 -14.87
N ASP B 835 -27.56 20.90 -14.85
CA ASP B 835 -27.66 22.35 -15.03
C ASP B 835 -27.85 22.79 -16.47
N PHE B 836 -27.53 21.93 -17.43
CA PHE B 836 -27.56 22.36 -18.83
C PHE B 836 -28.14 21.35 -19.80
N ALA B 837 -28.68 20.23 -19.33
CA ALA B 837 -29.17 19.21 -20.27
C ALA B 837 -30.27 19.72 -21.18
N PRO B 838 -31.36 20.33 -20.69
CA PRO B 838 -32.38 20.82 -21.62
C PRO B 838 -31.96 22.05 -22.39
N ASN B 839 -30.92 22.75 -21.95
CA ASN B 839 -30.53 23.99 -22.60
C ASN B 839 -29.87 23.78 -23.95
N LEU B 840 -29.08 22.73 -24.12
CA LEU B 840 -28.37 22.50 -25.38
C LEU B 840 -29.36 22.17 -26.48
N SER B 841 -28.94 22.39 -27.73
CA SER B 841 -29.78 22.10 -28.89
C SER B 841 -28.90 21.68 -30.06
N PHE B 842 -29.54 21.10 -31.08
CA PHE B 842 -28.85 20.59 -32.26
C PHE B 842 -29.49 21.15 -33.52
N PHE B 843 -28.69 21.27 -34.58
CA PHE B 843 -29.15 21.89 -35.82
C PHE B 843 -28.54 21.12 -36.99
N PHE B 844 -29.40 20.57 -37.85
CA PHE B 844 -28.97 19.91 -39.07
C PHE B 844 -30.13 19.82 -40.05
N SER B 845 -29.86 19.26 -41.23
CA SER B 845 -30.79 19.28 -42.34
C SER B 845 -30.89 17.89 -42.99
N ASN B 846 -31.98 17.69 -43.73
CA ASN B 846 -32.25 16.43 -44.41
C ASN B 846 -32.03 16.60 -45.91
N GLY B 847 -31.19 15.74 -46.48
CA GLY B 847 -30.82 15.82 -47.87
C GLY B 847 -31.51 14.80 -48.74
N MET B 848 -30.86 14.45 -49.84
CA MET B 848 -31.49 13.67 -50.89
C MET B 848 -31.44 12.16 -50.64
N ASP B 849 -30.39 11.68 -49.97
CA ASP B 849 -30.25 10.24 -49.76
C ASP B 849 -31.37 9.73 -48.85
N PRO B 850 -31.83 8.50 -49.05
CA PRO B 850 -32.94 7.97 -48.26
C PRO B 850 -32.66 7.90 -46.78
N GLU B 851 -31.40 7.79 -46.37
CA GLU B 851 -31.07 7.58 -44.96
C GLU B 851 -31.59 8.72 -44.09
N TYR B 852 -31.65 9.94 -44.64
CA TYR B 852 -32.17 11.07 -43.87
C TYR B 852 -33.54 10.77 -43.30
N SER B 853 -34.33 9.96 -44.00
CA SER B 853 -35.69 9.66 -43.55
C SER B 853 -35.72 9.07 -42.16
N VAL B 854 -34.64 8.43 -41.72
CA VAL B 854 -34.54 7.94 -40.35
C VAL B 854 -33.42 8.62 -39.57
N LEU B 855 -32.64 9.49 -40.22
CA LEU B 855 -31.47 10.06 -39.57
C LEU B 855 -31.84 10.73 -38.25
N GLY B 856 -32.84 11.60 -38.28
CA GLY B 856 -33.27 12.25 -37.06
C GLY B 856 -33.69 11.27 -35.99
N ARG B 857 -34.39 10.20 -36.40
CA ARG B 857 -34.74 9.15 -35.45
C ARG B 857 -33.49 8.69 -34.69
N VAL B 858 -32.42 8.43 -35.43
CA VAL B 858 -31.18 7.98 -34.80
C VAL B 858 -30.74 8.98 -33.73
N ALA B 859 -30.79 10.27 -34.06
CA ALA B 859 -30.36 11.29 -33.11
C ALA B 859 -31.14 11.17 -31.81
N ARG B 860 -32.41 10.80 -31.89
CA ARG B 860 -33.18 10.61 -30.67
C ARG B 860 -32.63 9.44 -29.87
N ARG B 861 -32.45 8.28 -30.52
CA ARG B 861 -32.11 7.07 -29.79
C ARG B 861 -30.71 7.16 -29.19
N ILE B 862 -29.73 7.52 -30.02
CA ILE B 862 -28.33 7.48 -29.60
C ILE B 862 -28.12 8.34 -28.36
N TRP B 863 -28.74 9.53 -28.35
CA TRP B 863 -28.64 10.38 -27.17
C TRP B 863 -29.17 9.68 -25.93
N ALA B 864 -30.37 9.13 -26.02
CA ALA B 864 -31.11 8.75 -24.80
C ALA B 864 -30.31 7.78 -23.96
N VAL B 865 -29.85 6.68 -24.57
CA VAL B 865 -29.12 5.67 -23.81
C VAL B 865 -27.94 6.29 -23.09
N THR B 866 -27.21 7.17 -23.78
CA THR B 866 -26.01 7.74 -23.18
C THR B 866 -26.35 8.51 -21.90
N MET B 867 -27.49 9.18 -21.87
CA MET B 867 -27.85 9.93 -20.67
C MET B 867 -28.42 9.03 -19.59
N ARG B 868 -28.84 7.83 -19.93
CA ARG B 868 -29.55 6.99 -18.96
C ARG B 868 -28.60 6.41 -17.92
N ASP B 869 -27.64 5.60 -18.36
CA ASP B 869 -26.83 4.84 -17.40
C ASP B 869 -25.46 5.49 -17.17
N LYS B 870 -24.86 6.04 -18.23
CA LYS B 870 -23.49 6.56 -18.11
C LYS B 870 -23.44 7.74 -17.15
N TYR B 871 -24.46 8.58 -17.16
CA TYR B 871 -24.47 9.75 -16.29
C TYR B 871 -25.73 9.85 -15.45
N GLY B 872 -26.85 9.33 -15.92
CA GLY B 872 -28.06 9.31 -15.10
C GLY B 872 -28.67 10.65 -14.78
N ALA B 873 -28.79 11.53 -15.77
CA ALA B 873 -29.44 12.81 -15.55
C ALA B 873 -30.95 12.62 -15.36
N ASN B 874 -31.63 13.74 -15.18
CA ASN B 874 -33.07 13.70 -14.91
C ASN B 874 -33.84 13.24 -16.14
N ASP B 875 -35.07 12.78 -15.90
CA ASP B 875 -35.92 12.35 -16.99
C ASP B 875 -36.17 13.49 -17.97
N ARG B 876 -36.56 14.67 -17.47
CA ARG B 876 -36.72 15.82 -18.36
C ARG B 876 -35.39 16.19 -19.02
N SER B 877 -34.28 15.93 -18.33
CA SER B 877 -32.97 16.24 -18.89
C SER B 877 -32.67 15.40 -20.13
N GLN B 878 -33.25 14.20 -20.21
CA GLN B 878 -32.94 13.28 -21.30
C GLN B 878 -33.59 13.67 -22.62
N LYS B 879 -34.72 14.37 -22.59
CA LYS B 879 -35.45 14.69 -23.80
C LYS B 879 -34.64 15.68 -24.63
N LEU B 880 -34.02 15.18 -25.70
CA LEU B 880 -33.18 15.99 -26.57
C LEU B 880 -34.06 16.81 -27.51
N LYS B 881 -33.51 17.90 -28.05
CA LYS B 881 -34.21 18.74 -29.00
C LYS B 881 -33.34 18.99 -30.22
N TYR B 882 -33.96 19.12 -31.38
CA TYR B 882 -33.23 19.29 -32.63
C TYR B 882 -34.03 20.16 -33.59
N HIS B 883 -33.34 20.63 -34.63
CA HIS B 883 -33.92 21.48 -35.66
C HIS B 883 -33.61 20.90 -37.03
N ILE B 884 -34.53 21.10 -37.97
CA ILE B 884 -34.39 20.58 -39.33
C ILE B 884 -34.61 21.72 -40.31
N GLN B 885 -33.74 21.81 -41.29
CA GLN B 885 -33.82 22.86 -42.31
C GLN B 885 -33.81 22.21 -43.68
N THR B 886 -34.39 22.89 -44.66
CA THR B 886 -34.36 22.40 -46.03
C THR B 886 -32.94 22.39 -46.58
N SER B 887 -32.68 21.49 -47.50
CA SER B 887 -31.35 21.36 -48.08
C SER B 887 -31.34 21.90 -49.50
N GLY B 888 -30.45 22.86 -49.76
CA GLY B 888 -30.30 23.41 -51.10
C GLY B 888 -29.11 22.92 -51.89
N ARG B 889 -28.20 22.18 -51.25
CA ARG B 889 -26.97 21.79 -51.93
C ARG B 889 -27.24 20.87 -53.11
N SER B 890 -28.13 19.90 -52.93
CA SER B 890 -28.46 19.00 -54.03
C SER B 890 -29.06 19.78 -55.20
N LEU B 891 -29.84 20.82 -54.90
CA LEU B 891 -30.33 21.71 -55.94
C LEU B 891 -29.17 22.48 -56.55
N HIS B 892 -29.20 22.68 -57.86
CA HIS B 892 -28.17 23.41 -58.56
C HIS B 892 -28.77 24.62 -59.28
N ALA B 893 -27.91 25.40 -59.92
CA ALA B 893 -28.34 26.64 -60.54
C ALA B 893 -29.34 26.40 -61.67
N GLN B 894 -29.10 25.41 -62.51
CA GLN B 894 -29.95 25.21 -63.68
C GLN B 894 -31.28 24.56 -63.29
N GLU B 895 -32.34 24.94 -64.00
CA GLU B 895 -33.67 24.35 -63.85
C GLU B 895 -34.16 24.43 -62.41
N ILE B 896 -34.40 25.67 -61.96
CA ILE B 896 -34.68 25.92 -60.55
C ILE B 896 -35.99 25.30 -60.11
N ASP B 897 -37.04 25.40 -60.93
CA ASP B 897 -38.39 25.06 -60.48
C ASP B 897 -38.50 23.61 -60.03
N PHE B 898 -37.80 22.70 -60.69
CA PHE B 898 -37.86 21.29 -60.31
C PHE B 898 -37.20 21.04 -58.96
N ASN B 899 -36.25 21.89 -58.58
CA ASN B 899 -35.67 21.82 -57.24
C ASN B 899 -36.75 22.08 -56.19
N ASP B 900 -37.63 23.04 -56.47
CA ASP B 900 -38.77 23.25 -55.57
C ASP B 900 -39.61 21.99 -55.44
N ILE B 901 -39.87 21.31 -56.56
CA ILE B 901 -40.69 20.11 -56.52
C ILE B 901 -40.02 19.03 -55.68
N ARG B 902 -38.73 18.83 -55.87
CA ARG B 902 -38.04 17.77 -55.15
C ARG B 902 -37.90 18.09 -53.67
N THR B 903 -37.80 19.39 -53.33
CA THR B 903 -37.75 19.76 -51.92
C THR B 903 -39.03 19.43 -51.17
N THR B 904 -40.14 19.27 -51.89
CA THR B 904 -41.38 18.87 -51.23
C THR B 904 -41.22 17.50 -50.58
N LEU B 905 -40.51 16.59 -51.25
CA LEU B 905 -40.20 15.31 -50.64
C LEU B 905 -39.40 15.48 -49.36
N GLN B 906 -38.42 16.38 -49.38
CA GLN B 906 -37.64 16.63 -48.18
C GLN B 906 -38.52 17.15 -47.06
N ALA B 907 -39.45 18.04 -47.37
CA ALA B 907 -40.35 18.56 -46.34
C ALA B 907 -41.23 17.45 -45.78
N LEU B 908 -41.74 16.58 -46.65
CA LEU B 908 -42.68 15.55 -46.21
C LEU B 908 -42.01 14.57 -45.25
N ILE B 909 -40.79 14.14 -45.57
CA ILE B 909 -40.08 13.22 -44.69
C ILE B 909 -39.71 13.91 -43.39
N ALA B 910 -39.37 15.19 -43.42
CA ALA B 910 -39.09 15.91 -42.20
C ALA B 910 -40.32 15.97 -41.30
N ILE B 911 -41.49 16.21 -41.89
CA ILE B 911 -42.73 16.17 -41.11
C ILE B 911 -42.96 14.77 -40.55
N TYR B 912 -42.67 13.73 -41.35
CA TYR B 912 -42.78 12.36 -40.84
C TYR B 912 -41.79 12.10 -39.73
N ASP B 913 -40.80 12.97 -39.55
CA ASP B 913 -39.84 12.85 -38.47
C ASP B 913 -40.27 13.61 -37.22
N ASN B 914 -41.55 13.97 -37.11
CA ASN B 914 -42.08 14.69 -35.96
C ASN B 914 -41.23 15.94 -35.67
N CYS B 915 -41.01 16.72 -36.73
CA CYS B 915 -40.09 17.84 -36.66
C CYS B 915 -40.50 18.81 -35.55
N ASN B 916 -39.50 19.24 -34.79
CA ASN B 916 -39.69 20.29 -33.79
C ASN B 916 -39.90 21.66 -34.42
N SER B 917 -39.16 21.98 -35.47
CA SER B 917 -39.35 23.21 -36.21
C SER B 917 -38.63 23.04 -37.54
N LEU B 918 -39.37 23.12 -38.63
CA LEU B 918 -38.81 22.93 -39.96
C LEU B 918 -38.45 24.30 -40.53
N HIS B 919 -37.18 24.47 -40.86
CA HIS B 919 -36.69 25.70 -41.46
C HIS B 919 -36.73 25.56 -42.98
N THR B 920 -37.69 26.24 -43.61
CA THR B 920 -37.89 26.17 -45.06
C THR B 920 -37.42 27.50 -45.65
N ASN B 921 -36.12 27.60 -45.90
CA ASN B 921 -35.52 28.81 -46.45
C ASN B 921 -35.06 28.54 -47.87
N ALA B 922 -34.79 29.60 -48.61
CA ALA B 922 -34.29 29.47 -49.97
C ALA B 922 -32.81 29.09 -49.91
N TYR B 923 -32.14 29.12 -51.07
CA TYR B 923 -30.71 28.83 -51.11
C TYR B 923 -29.93 29.88 -50.31
N ASP B 924 -30.30 31.14 -50.44
CA ASP B 924 -29.67 32.20 -49.66
C ASP B 924 -30.14 32.13 -48.22
N GLU B 925 -29.32 31.50 -47.36
CA GLU B 925 -29.69 31.31 -45.97
C GLU B 925 -29.86 32.63 -45.23
N ALA B 926 -28.97 33.58 -45.45
CA ALA B 926 -29.06 34.92 -44.87
C ALA B 926 -29.68 35.90 -45.84
N ILE B 927 -30.12 35.44 -47.00
CA ILE B 927 -30.70 36.28 -48.05
C ILE B 927 -29.79 37.45 -48.34
N THR B 928 -28.59 37.16 -48.86
CA THR B 928 -27.72 38.23 -49.35
C THR B 928 -28.47 39.10 -50.34
N THR B 929 -29.21 38.48 -51.24
CA THR B 929 -30.16 39.17 -52.09
C THR B 929 -31.55 39.11 -51.49
N PRO B 930 -32.26 40.23 -51.42
CA PRO B 930 -33.64 40.20 -50.87
C PRO B 930 -34.54 39.20 -51.57
N THR B 931 -35.15 38.30 -50.79
CA THR B 931 -36.05 37.30 -51.37
C THR B 931 -37.33 37.95 -51.88
N ALA B 932 -38.25 37.13 -52.40
CA ALA B 932 -39.45 37.64 -53.04
C ALA B 932 -40.61 36.74 -52.67
N GLU B 933 -41.69 36.85 -53.45
CA GLU B 933 -42.95 36.14 -53.23
C GLU B 933 -42.78 34.65 -52.96
N SER B 934 -41.67 34.08 -53.43
CA SER B 934 -41.39 32.66 -53.23
C SER B 934 -41.67 32.20 -51.82
N VAL B 935 -41.22 32.97 -50.82
CA VAL B 935 -41.36 32.56 -49.43
C VAL B 935 -42.81 32.27 -49.08
N ARG B 936 -43.73 33.10 -49.57
CA ARG B 936 -45.16 32.82 -49.44
C ARG B 936 -45.46 31.37 -49.78
N ARG B 937 -45.20 30.97 -51.02
CA ARG B 937 -45.40 29.58 -51.40
C ARG B 937 -44.54 28.67 -50.53
N ALA B 938 -43.28 29.05 -50.32
CA ALA B 938 -42.41 28.25 -49.46
C ALA B 938 -42.99 28.11 -48.06
N LEU B 939 -43.67 29.14 -47.59
CA LEU B 939 -44.41 29.00 -46.35
C LEU B 939 -45.61 28.10 -46.51
N ALA B 940 -46.46 28.38 -47.51
CA ALA B 940 -47.75 27.72 -47.59
C ALA B 940 -47.61 26.22 -47.71
N ILE B 941 -46.66 25.76 -48.54
CA ILE B 941 -46.47 24.34 -48.73
C ILE B 941 -46.24 23.65 -47.40
N GLN B 942 -45.40 24.24 -46.54
CA GLN B 942 -45.24 23.69 -45.20
C GLN B 942 -46.58 23.62 -44.49
N LEU B 943 -47.27 24.76 -44.43
CA LEU B 943 -48.64 24.78 -43.92
C LEU B 943 -49.51 23.76 -44.65
N ILE B 944 -49.33 23.63 -45.97
CA ILE B 944 -50.11 22.66 -46.73
C ILE B 944 -49.90 21.27 -46.18
N ILE B 945 -48.64 20.92 -45.90
CA ILE B 945 -48.37 19.62 -45.29
C ILE B 945 -48.87 19.61 -43.85
N ASN B 946 -48.73 20.73 -43.15
CA ASN B 946 -48.96 20.75 -41.72
C ASN B 946 -50.42 20.65 -41.34
N ARG B 947 -51.28 21.51 -41.88
CA ARG B 947 -52.64 21.66 -41.39
C ARG B 947 -53.68 20.87 -42.15
N GLU B 948 -53.68 20.95 -43.49
CA GLU B 948 -54.75 20.39 -44.29
C GLU B 948 -54.46 18.99 -44.80
N TRP B 949 -53.22 18.53 -44.70
CA TRP B 949 -52.89 17.17 -45.10
C TRP B 949 -53.35 16.18 -44.04
N GLY B 950 -54.53 15.62 -44.23
CA GLY B 950 -55.13 14.77 -43.20
C GLY B 950 -54.41 13.44 -43.05
N VAL B 951 -53.76 12.97 -44.12
CA VAL B 951 -52.96 11.77 -44.01
C VAL B 951 -51.82 11.96 -43.02
N ALA B 952 -51.35 13.18 -42.84
CA ALA B 952 -50.29 13.47 -41.89
C ALA B 952 -50.72 13.31 -40.45
N LYS B 953 -52.01 13.12 -40.18
CA LYS B 953 -52.50 13.10 -38.81
C LYS B 953 -51.93 11.95 -38.00
N CYS B 954 -51.32 10.97 -38.65
CA CYS B 954 -50.62 9.90 -37.96
C CYS B 954 -49.19 10.32 -37.66
N GLU B 955 -48.69 9.95 -36.48
CA GLU B 955 -47.33 10.28 -36.08
C GLU B 955 -46.44 9.08 -35.86
N ASN B 956 -46.77 7.93 -36.43
CA ASN B 956 -45.95 6.72 -36.32
C ASN B 956 -46.20 5.81 -37.51
N PRO B 957 -45.62 6.14 -38.67
CA PRO B 957 -45.84 5.31 -39.86
C PRO B 957 -45.10 3.98 -39.86
N ASN B 958 -44.57 3.53 -38.72
CA ASN B 958 -43.79 2.29 -38.71
C ASN B 958 -44.68 1.06 -38.83
N GLN B 959 -45.99 1.22 -38.76
CA GLN B 959 -46.91 0.10 -38.90
C GLN B 959 -46.77 -0.56 -40.27
N GLY B 960 -46.22 -1.76 -40.29
CA GLY B 960 -46.03 -2.49 -41.54
C GLY B 960 -44.62 -2.41 -42.07
N SER B 961 -43.69 -1.87 -41.28
CA SER B 961 -42.37 -1.52 -41.77
C SER B 961 -41.30 -2.45 -41.22
N PHE B 962 -40.76 -3.30 -42.10
CA PHE B 962 -39.44 -3.89 -41.85
C PHE B 962 -38.35 -2.88 -42.15
N LEU B 963 -38.54 -2.08 -43.21
CA LEU B 963 -37.45 -1.31 -43.78
C LEU B 963 -36.96 -0.23 -42.83
N ILE B 964 -37.88 0.42 -42.12
CA ILE B 964 -37.48 1.49 -41.22
C ILE B 964 -36.55 0.93 -40.14
N GLU B 965 -36.94 -0.21 -39.54
CA GLU B 965 -36.11 -0.82 -38.51
C GLU B 965 -34.76 -1.26 -39.07
N GLU B 966 -34.77 -1.88 -40.25
CA GLU B 966 -33.51 -2.34 -40.84
C GLU B 966 -32.57 -1.17 -41.07
N LEU B 967 -33.06 -0.11 -41.70
CA LEU B 967 -32.24 1.05 -41.96
C LEU B 967 -31.75 1.67 -40.65
N THR B 968 -32.63 1.76 -39.65
CA THR B 968 -32.24 2.34 -38.38
C THR B 968 -31.07 1.59 -37.77
N ASP B 969 -31.18 0.26 -37.68
CA ASP B 969 -30.11 -0.52 -37.06
C ASP B 969 -28.81 -0.42 -37.85
N LEU B 970 -28.91 -0.49 -39.18
CA LEU B 970 -27.69 -0.43 -39.98
C LEU B 970 -27.00 0.91 -39.85
N VAL B 971 -27.77 2.01 -39.89
CA VAL B 971 -27.19 3.33 -39.74
C VAL B 971 -26.59 3.48 -38.34
N GLU B 972 -27.25 2.94 -37.33
CA GLU B 972 -26.71 2.99 -35.98
C GLU B 972 -25.36 2.30 -35.90
N GLU B 973 -25.27 1.10 -36.49
CA GLU B 973 -24.00 0.37 -36.46
C GLU B 973 -22.92 1.15 -37.18
N ALA B 974 -23.24 1.73 -38.34
CA ALA B 974 -22.24 2.51 -39.08
C ALA B 974 -21.77 3.70 -38.26
N VAL B 975 -22.71 4.41 -37.63
CA VAL B 975 -22.35 5.59 -36.85
C VAL B 975 -21.46 5.21 -35.67
N LEU B 976 -21.80 4.13 -34.97
CA LEU B 976 -20.97 3.72 -33.85
C LEU B 976 -19.59 3.27 -34.30
N GLN B 977 -19.51 2.62 -35.47
CA GLN B 977 -18.20 2.25 -36.00
C GLN B 977 -17.36 3.49 -36.29
N GLU B 978 -17.98 4.51 -36.88
CA GLU B 978 -17.27 5.75 -37.12
C GLU B 978 -16.85 6.40 -35.80
N PHE B 979 -17.69 6.27 -34.77
CA PHE B 979 -17.33 6.78 -33.44
C PHE B 979 -16.08 6.08 -32.93
N GLU B 980 -16.01 4.76 -33.09
CA GLU B 980 -14.84 4.02 -32.66
C GLU B 980 -13.59 4.47 -33.41
N ARG B 981 -13.73 4.70 -34.71
CA ARG B 981 -12.61 5.20 -35.49
C ARG B 981 -12.16 6.57 -34.98
N ILE B 982 -13.12 7.45 -34.68
CA ILE B 982 -12.79 8.77 -34.18
C ILE B 982 -12.04 8.66 -32.86
N ALA B 983 -12.51 7.80 -31.97
CA ALA B 983 -11.81 7.60 -30.70
C ALA B 983 -10.39 7.11 -30.93
N GLU B 984 -10.22 6.14 -31.82
CA GLU B 984 -8.88 5.68 -32.17
C GLU B 984 -8.03 6.78 -32.78
N ARG B 985 -8.64 7.79 -33.38
CA ARG B 985 -7.91 8.96 -33.86
C ARG B 985 -7.41 9.81 -32.71
N GLY B 986 -7.86 9.54 -31.48
CA GLY B 986 -7.31 10.20 -30.31
C GLY B 986 -7.96 11.49 -29.91
N GLY B 987 -9.28 11.55 -29.84
CA GLY B 987 -9.98 12.71 -29.36
C GLY B 987 -10.24 13.74 -30.44
N VAL B 988 -11.30 14.52 -30.22
CA VAL B 988 -11.71 15.51 -31.21
C VAL B 988 -10.65 16.59 -31.34
N LEU B 989 -10.01 16.97 -30.23
CA LEU B 989 -8.96 17.98 -30.30
C LEU B 989 -7.80 17.50 -31.15
N GLY B 990 -7.38 16.24 -30.96
CA GLY B 990 -6.34 15.68 -31.81
C GLY B 990 -6.77 15.64 -33.26
N ALA B 991 -8.03 15.29 -33.50
CA ALA B 991 -8.56 15.32 -34.86
C ALA B 991 -8.43 16.71 -35.47
N MET B 992 -8.80 17.73 -34.70
CA MET B 992 -8.69 19.11 -35.17
C MET B 992 -7.23 19.46 -35.49
N GLU B 993 -6.31 19.05 -34.62
CA GLU B 993 -4.91 19.36 -34.84
C GLU B 993 -4.40 18.69 -36.12
N THR B 994 -4.80 17.44 -36.35
CA THR B 994 -4.28 16.68 -37.48
C THR B 994 -5.09 16.86 -38.76
N GLY B 995 -6.21 17.56 -38.71
CA GLY B 995 -7.03 17.73 -39.90
C GLY B 995 -7.56 16.43 -40.47
N TYR B 996 -7.86 15.45 -39.63
CA TYR B 996 -8.38 14.18 -40.11
C TYR B 996 -9.70 14.35 -40.85
N GLN B 997 -10.71 14.84 -40.15
CA GLN B 997 -12.05 14.93 -40.73
C GLN B 997 -12.09 15.93 -41.88
N ARG B 998 -11.29 17.00 -41.81
CA ARG B 998 -11.25 17.93 -42.93
C ARG B 998 -10.83 17.23 -44.21
N GLY B 999 -9.74 16.48 -44.15
CA GLY B 999 -9.28 15.77 -45.33
C GLY B 999 -10.25 14.68 -45.76
N LYS B 1000 -10.88 14.02 -44.78
CA LYS B 1000 -11.87 13.00 -45.13
C LYS B 1000 -13.03 13.60 -45.89
N ILE B 1001 -13.53 14.75 -45.43
CA ILE B 1001 -14.61 15.43 -46.12
C ILE B 1001 -14.16 15.88 -47.50
N GLN B 1002 -12.92 16.35 -47.61
CA GLN B 1002 -12.38 16.71 -48.92
C GLN B 1002 -12.45 15.54 -49.88
N GLU B 1003 -11.97 14.38 -49.43
CA GLU B 1003 -11.96 13.20 -50.29
C GLU B 1003 -13.39 12.80 -50.68
N GLU B 1004 -14.30 12.81 -49.71
CA GLU B 1004 -15.66 12.37 -50.01
C GLU B 1004 -16.36 13.33 -50.95
N SER B 1005 -16.12 14.64 -50.79
CA SER B 1005 -16.68 15.61 -51.71
C SER B 1005 -16.11 15.43 -53.10
N LEU B 1006 -14.81 15.16 -53.21
CA LEU B 1006 -14.22 14.91 -54.53
C LEU B 1006 -14.86 13.69 -55.18
N TYR B 1007 -15.04 12.62 -54.40
CA TYR B 1007 -15.67 11.42 -54.93
C TYR B 1007 -17.10 11.69 -55.39
N TYR B 1008 -17.86 12.43 -54.58
CA TYR B 1008 -19.24 12.75 -54.93
C TYR B 1008 -19.30 13.58 -56.21
N GLU B 1009 -18.45 14.60 -56.32
CA GLU B 1009 -18.46 15.44 -57.51
C GLU B 1009 -18.02 14.65 -58.73
N GLN B 1010 -17.03 13.77 -58.57
CA GLN B 1010 -16.59 12.92 -59.68
C GLN B 1010 -17.73 12.03 -60.17
N LEU B 1011 -18.45 11.41 -59.24
CA LEU B 1011 -19.56 10.56 -59.64
C LEU B 1011 -20.66 11.36 -60.30
N LYS B 1012 -20.96 12.55 -59.76
CA LYS B 1012 -22.00 13.38 -60.36
C LYS B 1012 -21.64 13.77 -61.78
N HIS B 1013 -20.38 14.18 -62.00
CA HIS B 1013 -19.92 14.48 -63.35
C HIS B 1013 -19.92 13.25 -64.24
N ASP B 1014 -19.73 12.06 -63.66
CA ASP B 1014 -19.80 10.83 -64.45
C ASP B 1014 -21.21 10.59 -64.98
N GLY B 1015 -22.23 10.85 -64.16
CA GLY B 1015 -23.60 10.62 -64.56
C GLY B 1015 -24.13 9.24 -64.23
N THR B 1016 -23.35 8.39 -63.56
CA THR B 1016 -23.83 7.07 -63.19
C THR B 1016 -24.73 7.10 -61.95
N LEU B 1017 -25.17 8.29 -61.52
CA LEU B 1017 -26.11 8.41 -60.43
C LEU B 1017 -27.29 9.24 -60.88
N PRO B 1018 -28.53 8.75 -60.77
CA PRO B 1018 -29.66 9.48 -61.36
C PRO B 1018 -30.05 10.71 -60.54
N ILE B 1019 -29.76 11.87 -61.11
CA ILE B 1019 -30.23 13.15 -60.57
C ILE B 1019 -31.08 13.81 -61.63
N ILE B 1020 -32.35 14.07 -61.29
CA ILE B 1020 -33.34 14.45 -62.29
C ILE B 1020 -33.07 15.88 -62.75
N GLY B 1021 -33.12 16.10 -64.06
CA GLY B 1021 -33.11 17.44 -64.61
C GLY B 1021 -31.77 18.10 -64.77
N VAL B 1022 -30.67 17.38 -64.57
CA VAL B 1022 -29.33 17.93 -64.74
C VAL B 1022 -28.52 17.13 -65.75
N ASN B 1023 -28.49 15.81 -65.60
CA ASN B 1023 -27.80 14.93 -66.52
C ASN B 1023 -28.64 14.56 -67.72
N THR B 1024 -29.94 14.84 -67.69
CA THR B 1024 -30.83 14.53 -68.81
C THR B 1024 -31.98 15.53 -68.82
N PHE B 1025 -32.94 15.27 -69.71
CA PHE B 1025 -34.08 16.15 -69.91
C PHE B 1025 -33.64 17.55 -70.33
N ARG B 1026 -32.50 17.60 -71.03
CA ARG B 1026 -31.98 18.85 -71.56
C ARG B 1026 -32.84 19.32 -72.72
N ASN B 1027 -33.77 20.21 -72.43
CA ASN B 1027 -34.76 20.62 -73.42
C ASN B 1027 -34.08 21.40 -74.54
N PRO B 1028 -34.45 21.17 -75.80
CA PRO B 1028 -33.72 21.78 -76.92
C PRO B 1028 -33.77 23.30 -76.96
N ASN B 1029 -34.47 23.95 -76.03
CA ASN B 1029 -34.56 25.41 -76.05
C ASN B 1029 -33.30 26.11 -75.54
N GLY B 1030 -32.21 25.37 -75.31
CA GLY B 1030 -31.03 26.00 -74.77
C GLY B 1030 -31.19 26.32 -73.29
N ASP B 1031 -30.22 27.07 -72.78
CA ASP B 1031 -30.19 27.44 -71.36
C ASP B 1031 -29.95 28.94 -71.24
N PRO B 1032 -30.98 29.75 -71.46
CA PRO B 1032 -30.83 31.20 -71.27
C PRO B 1032 -30.60 31.57 -69.81
N THR B 1033 -31.49 31.15 -68.92
CA THR B 1033 -31.45 31.42 -67.49
C THR B 1033 -31.24 32.90 -67.19
N PRO B 1034 -32.25 33.74 -67.40
CA PRO B 1034 -32.13 35.15 -66.99
C PRO B 1034 -31.93 35.27 -65.49
N GLN B 1035 -31.06 36.18 -65.10
CA GLN B 1035 -30.73 36.37 -63.70
C GLN B 1035 -29.97 37.69 -63.55
N THR B 1036 -29.67 38.05 -62.31
CA THR B 1036 -28.83 39.18 -61.97
C THR B 1036 -28.21 38.89 -60.61
N LEU B 1037 -27.18 39.66 -60.26
CA LEU B 1037 -26.42 39.38 -59.04
C LEU B 1037 -27.17 39.81 -57.78
N GLU B 1038 -27.30 41.13 -57.57
CA GLU B 1038 -27.98 41.65 -56.39
C GLU B 1038 -28.09 43.17 -56.42
N LEU B 1039 -28.91 43.71 -55.52
CA LEU B 1039 -29.01 45.16 -55.29
C LEU B 1039 -29.01 45.33 -53.78
N ALA B 1040 -27.81 45.34 -53.20
CA ALA B 1040 -27.67 45.35 -51.73
C ALA B 1040 -26.38 46.10 -51.39
N ARG B 1041 -26.52 47.38 -51.07
CA ARG B 1041 -25.40 48.20 -50.64
C ARG B 1041 -25.86 49.16 -49.56
N SER B 1042 -25.08 50.21 -49.32
CA SER B 1042 -25.43 51.23 -48.34
C SER B 1042 -24.76 52.54 -48.72
N SER B 1043 -25.32 53.64 -48.24
CA SER B 1043 -24.79 54.96 -48.58
C SER B 1043 -23.41 55.15 -47.97
N GLU B 1044 -22.51 55.76 -48.75
CA GLU B 1044 -21.22 56.16 -48.24
C GLU B 1044 -21.36 57.14 -47.09
N ASP B 1045 -22.37 58.00 -47.14
CA ASP B 1045 -22.63 58.93 -46.05
C ASP B 1045 -22.95 58.18 -44.77
N GLU B 1046 -23.68 57.05 -44.88
CA GLU B 1046 -23.94 56.23 -43.70
C GLU B 1046 -22.65 55.72 -43.09
N LYS B 1047 -21.72 55.24 -43.93
CA LYS B 1047 -20.45 54.75 -43.43
C LYS B 1047 -19.66 55.87 -42.75
N GLN B 1048 -19.62 57.05 -43.37
CA GLN B 1048 -18.88 58.15 -42.77
C GLN B 1048 -19.50 58.58 -41.45
N SER B 1049 -20.83 58.59 -41.36
CA SER B 1049 -21.49 58.94 -40.11
C SER B 1049 -21.23 57.90 -39.03
N GLN B 1050 -21.21 56.62 -39.40
CA GLN B 1050 -20.87 55.59 -38.45
C GLN B 1050 -19.45 55.77 -37.93
N LEU B 1051 -18.52 56.10 -38.84
CA LEU B 1051 -17.15 56.39 -38.41
C LEU B 1051 -17.12 57.60 -37.49
N HIS B 1052 -17.97 58.59 -37.75
CA HIS B 1052 -18.04 59.76 -36.88
C HIS B 1052 -18.48 59.37 -35.47
N ARG B 1053 -19.50 58.53 -35.38
CA ARG B 1053 -19.95 58.08 -34.05
C ARG B 1053 -18.85 57.29 -33.35
N LEU B 1054 -18.18 56.41 -34.09
CA LEU B 1054 -17.10 55.62 -33.50
C LEU B 1054 -15.98 56.53 -33.01
N THR B 1055 -15.64 57.56 -33.80
CA THR B 1055 -14.58 58.47 -33.42
C THR B 1055 -14.97 59.29 -32.19
N GLU B 1056 -16.23 59.72 -32.11
CA GLU B 1056 -16.70 60.44 -30.93
C GLU B 1056 -16.55 59.57 -29.69
N PHE B 1057 -16.97 58.31 -29.77
CA PHE B 1057 -16.80 57.43 -28.63
C PHE B 1057 -15.33 57.20 -28.33
N HIS B 1058 -14.50 57.11 -29.36
CA HIS B 1058 -13.07 56.88 -29.20
C HIS B 1058 -12.42 58.03 -28.44
N GLY B 1059 -12.79 59.26 -28.77
CA GLY B 1059 -12.26 60.41 -28.07
C GLY B 1059 -12.91 60.65 -26.72
N ALA B 1060 -14.06 60.03 -26.47
CA ALA B 1060 -14.77 60.27 -25.22
C ALA B 1060 -13.95 59.81 -24.02
N HIS B 1061 -13.46 58.57 -24.03
CA HIS B 1061 -12.84 57.93 -22.87
C HIS B 1061 -11.43 57.49 -23.20
N GLN B 1062 -10.64 58.41 -23.77
CA GLN B 1062 -9.35 58.05 -24.32
C GLN B 1062 -8.37 57.53 -23.27
N ALA B 1063 -8.65 57.78 -21.99
CA ALA B 1063 -7.72 57.32 -20.95
C ALA B 1063 -8.34 56.23 -20.09
N ASP B 1064 -9.66 56.19 -19.99
CA ASP B 1064 -10.35 55.27 -19.08
C ASP B 1064 -10.09 53.80 -19.39
N ALA B 1065 -10.13 53.40 -20.67
CA ALA B 1065 -10.18 51.98 -20.99
C ALA B 1065 -8.91 51.25 -20.56
N GLU B 1066 -7.79 51.97 -20.47
CA GLU B 1066 -6.50 51.31 -20.28
C GLU B 1066 -6.47 50.49 -18.99
N ALA B 1067 -7.02 51.04 -17.91
CA ALA B 1067 -7.05 50.29 -16.65
C ALA B 1067 -7.86 49.01 -16.80
N MET B 1068 -8.99 49.09 -17.51
CA MET B 1068 -9.80 47.90 -17.73
C MET B 1068 -9.05 46.87 -18.56
N LEU B 1069 -8.30 47.33 -19.56
CA LEU B 1069 -7.49 46.40 -20.35
C LEU B 1069 -6.46 45.70 -19.49
N ALA B 1070 -5.80 46.46 -18.61
CA ALA B 1070 -4.83 45.84 -17.71
C ALA B 1070 -5.51 44.82 -16.80
N ARG B 1071 -6.71 45.15 -16.30
CA ARG B 1071 -7.45 44.21 -15.47
C ARG B 1071 -7.78 42.95 -16.25
N LEU B 1072 -8.18 43.09 -17.51
CA LEU B 1072 -8.48 41.93 -18.33
C LEU B 1072 -7.23 41.06 -18.52
N ARG B 1073 -6.08 41.70 -18.76
CA ARG B 1073 -4.83 40.95 -18.87
C ARG B 1073 -4.58 40.14 -17.60
N GLN B 1074 -4.67 40.81 -16.45
CA GLN B 1074 -4.42 40.12 -15.19
C GLN B 1074 -5.38 38.96 -15.00
N ALA B 1075 -6.64 39.15 -15.38
CA ALA B 1075 -7.63 38.09 -15.23
C ALA B 1075 -7.28 36.89 -16.11
N VAL B 1076 -6.87 37.14 -17.35
CA VAL B 1076 -6.53 36.05 -18.25
C VAL B 1076 -5.31 35.29 -17.72
N ILE B 1077 -4.28 36.01 -17.28
CA ILE B 1077 -3.06 35.35 -16.83
C ILE B 1077 -3.32 34.47 -15.61
N ASP B 1078 -4.13 34.97 -14.68
CA ASP B 1078 -4.36 34.26 -13.43
C ASP B 1078 -5.53 33.30 -13.51
N ASN B 1079 -6.12 33.12 -14.69
CA ASN B 1079 -7.21 32.17 -14.89
C ASN B 1079 -8.42 32.53 -14.03
N ARG B 1080 -9.02 33.67 -14.33
CA ARG B 1080 -10.22 34.13 -13.67
C ARG B 1080 -11.38 34.12 -14.66
N ASN B 1081 -12.59 34.37 -14.17
CA ASN B 1081 -13.78 34.35 -15.01
C ASN B 1081 -13.71 35.46 -16.05
N VAL B 1082 -13.47 35.07 -17.30
CA VAL B 1082 -13.32 36.04 -18.37
C VAL B 1082 -14.61 36.85 -18.55
N PHE B 1083 -15.76 36.19 -18.52
CA PHE B 1083 -17.01 36.90 -18.72
C PHE B 1083 -17.26 37.90 -17.61
N ALA B 1084 -16.78 37.61 -16.39
CA ALA B 1084 -16.94 38.55 -15.29
C ALA B 1084 -16.29 39.88 -15.61
N VAL B 1085 -15.05 39.85 -16.10
CA VAL B 1085 -14.40 41.09 -16.47
C VAL B 1085 -15.04 41.69 -17.72
N LEU B 1086 -15.40 40.84 -18.68
CA LEU B 1086 -15.95 41.34 -19.93
C LEU B 1086 -17.23 42.13 -19.70
N MET B 1087 -18.03 41.71 -18.71
CA MET B 1087 -19.24 42.47 -18.40
C MET B 1087 -18.94 43.91 -18.03
N ASP B 1088 -17.94 44.13 -17.19
CA ASP B 1088 -17.49 45.49 -16.92
C ASP B 1088 -16.88 46.17 -18.13
N ALA B 1089 -16.08 45.44 -18.89
CA ALA B 1089 -15.34 46.05 -19.99
C ALA B 1089 -16.26 46.57 -21.08
N VAL B 1090 -17.28 45.81 -21.46
CA VAL B 1090 -18.13 46.20 -22.57
C VAL B 1090 -18.85 47.51 -22.33
N ARG B 1091 -18.86 48.00 -21.10
CA ARG B 1091 -19.60 49.22 -20.78
C ARG B 1091 -19.09 50.42 -21.56
N VAL B 1092 -17.77 50.59 -21.67
CA VAL B 1092 -17.20 51.78 -22.28
C VAL B 1092 -16.10 51.48 -23.29
N CYS B 1093 -15.86 50.20 -23.60
CA CYS B 1093 -14.73 49.81 -24.44
C CYS B 1093 -15.18 49.42 -25.83
N SER B 1094 -14.33 49.70 -26.81
CA SER B 1094 -14.59 49.34 -28.19
C SER B 1094 -14.30 47.86 -28.45
N LEU B 1095 -15.12 47.27 -29.32
CA LEU B 1095 -15.02 45.84 -29.58
C LEU B 1095 -13.68 45.49 -30.20
N GLY B 1096 -13.26 46.25 -31.21
CA GLY B 1096 -11.99 45.96 -31.86
C GLY B 1096 -10.82 46.07 -30.89
N GLN B 1097 -10.89 47.01 -29.96
CA GLN B 1097 -9.86 47.11 -28.94
C GLN B 1097 -9.87 45.87 -28.05
N ILE B 1098 -11.06 45.35 -27.74
CA ILE B 1098 -11.13 44.11 -26.97
C ILE B 1098 -10.48 42.96 -27.74
N THR B 1099 -10.76 42.88 -29.05
CA THR B 1099 -10.16 41.81 -29.85
C THR B 1099 -8.64 41.96 -29.90
N HIS B 1100 -8.15 43.18 -30.05
CA HIS B 1100 -6.71 43.39 -30.08
C HIS B 1100 -6.08 43.09 -28.73
N ALA B 1101 -6.77 43.37 -27.64
CA ALA B 1101 -6.26 43.00 -26.33
C ALA B 1101 -6.19 41.48 -26.19
N LEU B 1102 -7.23 40.79 -26.63
CA LEU B 1102 -7.20 39.33 -26.59
C LEU B 1102 -6.05 38.79 -27.41
N PHE B 1103 -5.82 39.37 -28.59
CA PHE B 1103 -4.67 38.98 -29.40
C PHE B 1103 -3.36 39.25 -28.67
N GLU B 1104 -3.27 40.39 -28.00
CA GLU B 1104 -2.09 40.68 -27.19
C GLU B 1104 -1.86 39.61 -26.15
N VAL B 1105 -2.91 39.11 -25.51
CA VAL B 1105 -2.76 38.05 -24.54
C VAL B 1105 -2.29 36.76 -25.18
N GLY B 1106 -2.48 36.59 -26.49
CA GLY B 1106 -1.94 35.45 -27.21
C GLY B 1106 -2.88 34.28 -27.38
N GLY B 1107 -4.19 34.49 -27.32
CA GLY B 1107 -5.12 33.41 -27.60
C GLY B 1107 -5.47 33.24 -29.05
N GLN B 1108 -4.86 34.01 -29.93
CA GLN B 1108 -5.23 33.99 -31.33
C GLN B 1108 -4.87 32.65 -31.99
N TYR B 1109 -5.74 32.20 -32.89
CA TYR B 1109 -5.47 30.98 -33.64
C TYR B 1109 -4.31 31.20 -34.60
N ARG B 1110 -3.43 30.21 -34.71
CA ARG B 1110 -2.27 30.30 -35.57
C ARG B 1110 -2.40 29.32 -36.73
N ARG B 1111 -1.54 29.52 -37.73
CA ARG B 1111 -1.58 28.71 -38.94
C ARG B 1111 -0.81 27.41 -38.77
N ASN B 1112 -1.48 26.36 -38.33
CA ASN B 1112 -0.89 25.03 -38.25
C ASN B 1112 -1.07 24.24 -39.53
N MET B 1113 -1.69 24.82 -40.55
CA MET B 1113 -1.95 24.11 -41.79
C MET B 1113 -0.68 23.93 -42.61
N GLY C 42 3.91 -59.50 67.14
CA GLY C 42 3.88 -58.14 67.65
C GLY C 42 4.63 -57.98 68.97
N PRO C 43 5.68 -57.17 68.96
CA PRO C 43 6.47 -56.95 70.18
C PRO C 43 5.71 -56.10 71.18
N ALA C 44 6.17 -56.16 72.43
CA ALA C 44 5.52 -55.42 73.51
C ALA C 44 5.58 -53.91 73.27
N ASN C 45 6.57 -53.46 72.52
CA ASN C 45 6.76 -52.04 72.27
C ASN C 45 5.99 -51.57 71.05
N LYS C 46 5.67 -50.27 71.04
CA LYS C 46 5.09 -49.62 69.88
C LYS C 46 6.17 -48.79 69.20
N VAL C 47 6.27 -48.91 67.87
CA VAL C 47 7.41 -48.36 67.15
C VAL C 47 7.37 -46.83 67.21
N ARG C 48 8.40 -46.24 67.80
CA ARG C 48 8.50 -44.80 67.95
C ARG C 48 9.35 -44.23 66.82
N PHE C 49 8.91 -43.12 66.26
CA PHE C 49 9.60 -42.47 65.16
C PHE C 49 9.52 -40.96 65.31
N VAL C 50 10.48 -40.28 64.68
CA VAL C 50 10.53 -38.83 64.63
C VAL C 50 10.80 -38.43 63.20
N THR C 51 9.96 -37.54 62.66
CA THR C 51 10.09 -37.08 61.29
C THR C 51 10.23 -35.57 61.27
N ALA C 52 10.99 -35.05 60.30
CA ALA C 52 11.19 -33.61 60.19
C ALA C 52 11.73 -33.29 58.81
N ALA C 53 11.69 -32.01 58.48
CA ALA C 53 12.31 -31.47 57.28
C ALA C 53 13.31 -30.38 57.67
N SER C 54 14.38 -30.29 56.89
CA SER C 54 15.49 -29.41 57.21
C SER C 54 15.02 -27.95 57.25
N LEU C 55 15.85 -27.10 57.86
CA LEU C 55 15.56 -25.68 57.94
C LEU C 55 15.54 -25.07 56.54
N PHE C 56 14.58 -24.18 56.31
CA PHE C 56 14.44 -23.46 55.05
C PHE C 56 14.06 -24.39 53.89
N ASP C 57 13.13 -25.30 54.13
CA ASP C 57 12.64 -26.22 53.11
C ASP C 57 11.25 -25.78 52.69
N GLY C 58 11.02 -25.67 51.38
CA GLY C 58 9.74 -25.22 50.89
C GLY C 58 8.71 -26.30 50.66
N HIS C 59 9.10 -27.43 50.06
CA HIS C 59 8.19 -28.55 49.85
C HIS C 59 7.93 -29.24 51.18
N ASP C 60 6.73 -29.78 51.33
CA ASP C 60 6.32 -30.39 52.58
C ASP C 60 5.60 -31.72 52.42
N ALA C 61 5.18 -32.08 51.21
CA ALA C 61 4.33 -33.26 51.03
C ALA C 61 5.03 -34.55 51.43
N SER C 62 6.33 -34.65 51.18
CA SER C 62 7.06 -35.88 51.46
C SER C 62 7.03 -36.23 52.94
N ILE C 63 6.91 -35.22 53.80
CA ILE C 63 6.78 -35.46 55.23
C ILE C 63 5.53 -36.30 55.51
N ASN C 64 4.40 -35.88 54.96
CA ASN C 64 3.20 -36.68 55.08
C ASN C 64 3.36 -38.02 54.40
N ILE C 65 4.08 -38.04 53.27
CA ILE C 65 4.29 -39.29 52.53
C ILE C 65 4.95 -40.33 53.43
N MET C 66 5.96 -39.92 54.19
CA MET C 66 6.62 -40.84 55.09
C MET C 66 5.77 -41.16 56.32
N ARG C 67 5.17 -40.13 56.93
CA ARG C 67 4.55 -40.31 58.24
C ARG C 67 3.24 -41.07 58.15
N ARG C 68 2.42 -40.78 57.13
CA ARG C 68 1.19 -41.52 56.95
C ARG C 68 1.46 -43.00 56.72
N ILE C 69 2.50 -43.30 55.94
CA ILE C 69 2.87 -44.69 55.70
C ILE C 69 3.35 -45.34 56.99
N LEU C 70 4.12 -44.62 57.81
CA LEU C 70 4.60 -45.21 59.04
C LEU C 70 3.46 -45.44 60.03
N GLN C 71 2.51 -44.52 60.07
CA GLN C 71 1.32 -44.74 60.90
C GLN C 71 0.54 -45.94 60.41
N SER C 72 0.37 -46.08 59.09
CA SER C 72 -0.27 -47.27 58.55
C SER C 72 0.51 -48.53 58.91
N GLN C 73 1.81 -48.39 59.13
CA GLN C 73 2.59 -49.52 59.64
C GLN C 73 2.35 -49.77 61.13
N GLY C 74 1.35 -49.12 61.72
CA GLY C 74 1.03 -49.35 63.11
C GLY C 74 2.13 -48.87 64.03
N CYS C 75 2.67 -47.69 63.73
CA CYS C 75 3.81 -47.15 64.48
C CYS C 75 3.45 -45.79 65.02
N GLU C 76 3.99 -45.46 66.20
CA GLU C 76 3.79 -44.15 66.79
C GLU C 76 4.94 -43.23 66.43
N VAL C 77 4.62 -42.13 65.74
CA VAL C 77 5.64 -41.19 65.29
C VAL C 77 5.22 -39.79 65.72
N ILE C 78 6.15 -39.08 66.35
CA ILE C 78 5.97 -37.68 66.70
C ILE C 78 6.36 -36.89 65.45
N HIS C 79 5.42 -36.07 64.97
CA HIS C 79 5.69 -35.19 63.84
C HIS C 79 5.62 -33.74 64.32
N LEU C 80 6.70 -33.00 64.14
CA LEU C 80 6.78 -31.63 64.61
C LEU C 80 6.78 -30.60 63.49
N GLY C 81 6.90 -31.02 62.23
CA GLY C 81 6.85 -30.09 61.12
C GLY C 81 8.19 -29.83 60.48
N HIS C 82 8.17 -28.87 59.55
CA HIS C 82 9.31 -28.60 58.68
C HIS C 82 10.05 -27.34 59.14
N ASN C 83 11.26 -27.17 58.61
CA ASN C 83 12.10 -26.02 58.92
C ASN C 83 12.31 -25.89 60.43
N ARG C 84 12.63 -27.00 61.06
CA ARG C 84 12.83 -27.05 62.50
C ARG C 84 14.33 -27.09 62.79
N SER C 85 14.73 -26.41 63.88
CA SER C 85 16.13 -26.24 64.18
C SER C 85 16.79 -27.58 64.52
N VAL C 86 18.04 -27.73 64.07
CA VAL C 86 18.79 -28.95 64.33
C VAL C 86 18.96 -29.15 65.83
N GLN C 87 19.41 -28.10 66.53
CA GLN C 87 19.54 -28.17 67.97
C GLN C 87 18.18 -28.51 68.60
N GLU C 88 17.13 -27.86 68.12
CA GLU C 88 15.78 -28.17 68.61
C GLU C 88 15.41 -29.62 68.33
N VAL C 89 15.74 -30.10 67.14
CA VAL C 89 15.41 -31.48 66.80
C VAL C 89 16.06 -32.45 67.77
N VAL C 90 17.37 -32.30 67.97
CA VAL C 90 18.08 -33.24 68.84
C VAL C 90 17.62 -33.12 70.27
N THR C 91 17.44 -31.88 70.76
CA THR C 91 16.99 -31.69 72.12
C THR C 91 15.61 -32.30 72.35
N ALA C 92 14.69 -32.09 71.39
CA ALA C 92 13.37 -32.69 71.51
C ALA C 92 13.44 -34.21 71.49
N ALA C 93 14.32 -34.76 70.65
CA ALA C 93 14.48 -36.21 70.61
C ALA C 93 14.97 -36.75 71.94
N LEU C 94 15.92 -36.05 72.57
CA LEU C 94 16.36 -36.46 73.90
C LEU C 94 15.23 -36.29 74.91
N GLN C 95 14.39 -35.28 74.72
CA GLN C 95 13.24 -35.09 75.59
C GLN C 95 12.31 -36.30 75.51
N GLU C 96 12.03 -36.78 74.31
CA GLU C 96 11.11 -37.89 74.14
C GLU C 96 11.80 -39.24 74.08
N ASP C 97 13.12 -39.28 73.97
CA ASP C 97 13.90 -40.52 74.00
C ASP C 97 13.38 -41.50 72.95
N VAL C 98 13.47 -41.05 71.70
CA VAL C 98 12.82 -41.71 70.58
C VAL C 98 13.76 -42.70 69.93
N GLN C 99 13.19 -43.58 69.11
CA GLN C 99 13.93 -44.66 68.49
C GLN C 99 14.59 -44.28 67.19
N GLY C 100 13.96 -43.44 66.38
CA GLY C 100 14.50 -43.11 65.07
C GLY C 100 14.25 -41.66 64.73
N ILE C 101 15.00 -41.18 63.75
CA ILE C 101 14.86 -39.83 63.23
C ILE C 101 14.69 -39.92 61.73
N ALA C 102 13.61 -39.35 61.21
CA ALA C 102 13.31 -39.35 59.79
C ALA C 102 13.41 -37.93 59.26
N ILE C 103 14.18 -37.75 58.18
CA ILE C 103 14.40 -36.45 57.59
C ILE C 103 14.32 -36.58 56.07
N SER C 104 13.56 -35.70 55.44
CA SER C 104 13.54 -35.58 53.99
C SER C 104 14.23 -34.27 53.64
N SER C 105 15.39 -34.35 53.01
CA SER C 105 16.18 -33.17 52.66
C SER C 105 16.48 -33.24 51.16
N TYR C 106 15.54 -32.74 50.36
CA TYR C 106 15.69 -32.66 48.92
C TYR C 106 16.27 -31.33 48.49
N GLN C 107 16.56 -30.44 49.43
CA GLN C 107 17.13 -29.14 49.12
C GLN C 107 18.61 -29.21 48.77
N GLY C 108 19.29 -30.30 49.12
CA GLY C 108 20.72 -30.41 48.88
C GLY C 108 21.54 -29.95 50.06
N GLY C 109 22.85 -30.01 49.88
CA GLY C 109 23.77 -29.58 50.92
C GLY C 109 23.60 -30.31 52.23
N HIS C 110 23.14 -31.55 52.19
CA HIS C 110 22.82 -32.29 53.40
C HIS C 110 24.03 -32.83 54.14
N VAL C 111 25.23 -32.74 53.55
CA VAL C 111 26.39 -33.39 54.16
C VAL C 111 26.71 -32.79 55.52
N GLU C 112 26.81 -31.46 55.59
CA GLU C 112 27.12 -30.80 56.85
C GLU C 112 25.99 -31.00 57.86
N TYR C 113 24.74 -30.94 57.39
CA TYR C 113 23.60 -31.14 58.26
C TYR C 113 23.65 -32.52 58.94
N PHE C 114 23.83 -33.56 58.13
CA PHE C 114 23.86 -34.91 58.68
C PHE C 114 25.10 -35.14 59.55
N LYS C 115 26.24 -34.57 59.16
CA LYS C 115 27.44 -34.72 59.99
C LYS C 115 27.24 -34.05 61.35
N TYR C 116 26.61 -32.87 61.35
CA TYR C 116 26.30 -32.21 62.62
C TYR C 116 25.34 -33.05 63.44
N MET C 117 24.31 -33.61 62.79
CA MET C 117 23.39 -34.48 63.51
C MET C 117 24.12 -35.65 64.17
N ILE C 118 24.99 -36.31 63.41
CA ILE C 118 25.70 -37.48 63.92
C ILE C 118 26.62 -37.09 65.08
N ASP C 119 27.36 -35.99 64.91
CA ASP C 119 28.27 -35.57 65.97
C ASP C 119 27.51 -35.20 67.23
N LEU C 120 26.41 -34.46 67.08
CA LEU C 120 25.62 -34.09 68.24
C LEU C 120 25.02 -35.30 68.93
N LEU C 121 24.59 -36.30 68.15
CA LEU C 121 24.06 -37.52 68.74
C LEU C 121 25.14 -38.25 69.52
N ARG C 122 26.32 -38.44 68.92
CA ARG C 122 27.40 -39.12 69.62
C ARG C 122 27.97 -38.30 70.76
N GLU C 123 27.61 -37.01 70.83
CA GLU C 123 28.09 -36.18 71.92
C GLU C 123 27.46 -36.57 73.25
N HIS C 124 26.28 -37.16 73.24
CA HIS C 124 25.54 -37.42 74.48
C HIS C 124 24.99 -38.84 74.52
N GLY C 125 25.71 -39.79 73.93
CA GLY C 125 25.42 -41.21 74.08
C GLY C 125 24.02 -41.65 73.69
N GLY C 126 23.51 -41.14 72.57
CA GLY C 126 22.19 -41.52 72.11
C GLY C 126 22.24 -42.41 70.89
N GLU C 127 23.28 -43.25 70.79
CA GLU C 127 23.51 -44.02 69.57
C GLU C 127 22.40 -45.03 69.30
N HIS C 128 21.58 -45.37 70.30
CA HIS C 128 20.48 -46.30 70.10
C HIS C 128 19.50 -45.81 69.05
N ILE C 129 19.44 -44.50 68.82
CA ILE C 129 18.53 -43.95 67.82
C ILE C 129 19.06 -44.28 66.44
N GLN C 130 18.14 -44.49 65.49
CA GLN C 130 18.48 -44.84 64.13
C GLN C 130 18.20 -43.67 63.19
N VAL C 131 18.98 -43.58 62.12
CA VAL C 131 18.95 -42.45 61.20
C VAL C 131 18.70 -42.97 59.80
N PHE C 132 17.72 -42.38 59.11
CA PHE C 132 17.41 -42.69 57.72
C PHE C 132 17.09 -41.40 57.00
N GLY C 133 17.56 -41.29 55.75
CA GLY C 133 17.41 -40.05 55.00
C GLY C 133 16.76 -40.29 53.66
N GLY C 134 16.21 -39.21 53.11
CA GLY C 134 15.72 -39.19 51.75
C GLY C 134 15.91 -37.84 51.11
N GLY C 135 16.60 -37.79 49.98
CA GLY C 135 16.87 -36.53 49.31
C GLY C 135 16.79 -36.63 47.80
N GLY C 136 16.15 -37.69 47.31
CA GLY C 136 16.09 -37.88 45.88
C GLY C 136 17.42 -38.37 45.34
N GLY C 137 17.72 -37.95 44.11
CA GLY C 137 18.97 -38.32 43.45
C GLY C 137 20.11 -37.35 43.66
N VAL C 138 20.01 -36.47 44.67
CA VAL C 138 21.05 -35.47 44.87
C VAL C 138 22.38 -36.14 45.21
N ILE C 139 22.35 -37.14 46.10
CA ILE C 139 23.58 -37.79 46.55
C ILE C 139 24.01 -38.82 45.52
N VAL C 140 25.27 -38.75 45.09
CA VAL C 140 25.86 -39.78 44.26
C VAL C 140 26.04 -41.03 45.13
N PRO C 141 26.04 -42.23 44.55
CA PRO C 141 26.12 -43.44 45.39
C PRO C 141 27.35 -43.47 46.30
N ASP C 142 28.50 -43.00 45.82
CA ASP C 142 29.69 -43.02 46.66
C ASP C 142 29.55 -42.10 47.86
N GLU C 143 29.00 -40.90 47.66
CA GLU C 143 28.85 -39.95 48.75
C GLU C 143 27.87 -40.46 49.80
N ILE C 144 26.71 -40.94 49.36
CA ILE C 144 25.72 -41.45 50.31
C ILE C 144 26.25 -42.70 51.00
N ARG C 145 27.03 -43.52 50.29
CA ARG C 145 27.61 -44.70 50.91
C ARG C 145 28.65 -44.33 51.96
N GLU C 146 29.45 -43.29 51.68
CA GLU C 146 30.40 -42.81 52.68
C GLU C 146 29.69 -42.30 53.92
N LEU C 147 28.62 -41.52 53.74
CA LEU C 147 27.86 -41.05 54.88
C LEU C 147 27.24 -42.22 55.64
N GLN C 148 26.75 -43.23 54.91
CA GLN C 148 26.20 -44.42 55.53
C GLN C 148 27.25 -45.11 56.39
N ALA C 149 28.47 -45.27 55.86
CA ALA C 149 29.55 -45.86 56.64
C ALA C 149 29.89 -45.02 57.86
N TYR C 150 29.68 -43.70 57.77
CA TYR C 150 29.91 -42.86 58.95
C TYR C 150 28.94 -43.19 60.08
N GLY C 151 27.82 -43.83 59.78
CA GLY C 151 26.93 -44.29 60.83
C GLY C 151 25.44 -44.29 60.54
N VAL C 152 24.98 -43.51 59.57
CA VAL C 152 23.56 -43.55 59.22
C VAL C 152 23.27 -44.88 58.54
N ALA C 153 22.15 -45.50 58.93
CA ALA C 153 21.83 -46.82 58.43
C ALA C 153 21.61 -46.81 56.92
N ARG C 154 20.78 -45.89 56.43
CA ARG C 154 20.36 -45.90 55.03
C ARG C 154 19.99 -44.49 54.60
N ILE C 155 19.92 -44.29 53.28
CA ILE C 155 19.18 -43.19 52.69
C ILE C 155 18.35 -43.75 51.55
N TYR C 156 17.04 -43.50 51.58
CA TYR C 156 16.12 -44.15 50.66
C TYR C 156 16.10 -43.42 49.32
N SER C 157 16.47 -44.14 48.28
CA SER C 157 16.51 -43.57 46.94
C SER C 157 15.13 -43.53 46.33
N PRO C 158 14.86 -42.53 45.49
CA PRO C 158 13.56 -42.51 44.80
C PRO C 158 13.43 -43.61 43.75
N GLU C 159 14.44 -43.76 42.89
CA GLU C 159 14.37 -44.80 41.86
C GLU C 159 14.42 -46.20 42.48
N ASP C 160 15.40 -46.45 43.36
CA ASP C 160 15.49 -47.74 44.01
C ASP C 160 14.28 -47.97 44.92
N GLY C 161 13.81 -46.92 45.59
CA GLY C 161 12.62 -47.07 46.42
C GLY C 161 11.41 -47.47 45.61
N GLN C 162 11.18 -46.82 44.47
CA GLN C 162 10.05 -47.19 43.61
C GLN C 162 10.25 -48.58 43.02
N ARG C 163 11.50 -48.98 42.76
CA ARG C 163 11.75 -50.32 42.27
C ARG C 163 11.36 -51.37 43.30
N MET C 164 11.99 -51.35 44.47
CA MET C 164 11.67 -52.32 45.50
C MET C 164 10.35 -52.03 46.19
N GLY C 165 9.81 -50.84 46.03
CA GLY C 165 8.60 -50.46 46.74
C GLY C 165 8.91 -49.68 48.00
N LEU C 166 8.23 -48.55 48.16
CA LEU C 166 8.38 -47.74 49.37
C LEU C 166 7.97 -48.54 50.60
N ALA C 167 6.85 -49.28 50.50
CA ALA C 167 6.43 -50.13 51.60
C ALA C 167 7.49 -51.19 51.91
N GLY C 168 8.27 -51.59 50.91
CA GLY C 168 9.36 -52.53 51.17
C GLY C 168 10.41 -51.96 52.09
N MET C 169 10.85 -50.72 51.82
CA MET C 169 11.80 -50.06 52.72
C MET C 169 11.17 -49.83 54.09
N ILE C 170 9.88 -49.47 54.12
CA ILE C 170 9.21 -49.24 55.39
C ILE C 170 9.19 -50.50 56.24
N THR C 171 8.88 -51.64 55.61
CA THR C 171 8.88 -52.91 56.34
C THR C 171 10.29 -53.31 56.77
N ASP C 172 11.27 -53.10 55.89
CA ASP C 172 12.67 -53.35 56.26
C ASP C 172 13.02 -52.60 57.54
N MET C 173 12.73 -51.29 57.57
CA MET C 173 13.03 -50.49 58.73
C MET C 173 12.22 -50.94 59.95
N ALA C 174 10.93 -51.21 59.75
CA ALA C 174 10.04 -51.50 60.86
C ALA C 174 10.44 -52.81 61.56
N GLN C 175 10.72 -53.85 60.78
CA GLN C 175 11.15 -55.10 61.40
C GLN C 175 12.60 -55.02 61.88
N ARG C 176 13.43 -54.20 61.21
CA ARG C 176 14.81 -54.03 61.64
C ARG C 176 14.91 -53.43 63.03
N CYS C 177 14.08 -52.44 63.35
CA CYS C 177 14.16 -51.75 64.63
C CYS C 177 13.39 -52.46 65.74
N ASP C 178 12.78 -53.61 65.46
CA ASP C 178 11.98 -54.33 66.46
C ASP C 178 12.93 -54.96 67.48
N ILE C 179 13.40 -54.13 68.41
CA ILE C 179 14.27 -54.56 69.49
C ILE C 179 13.96 -53.71 70.72
N ASP C 180 13.83 -54.35 71.87
CA ASP C 180 13.49 -53.68 73.11
C ASP C 180 14.75 -53.41 73.92
N LEU C 181 14.73 -52.31 74.69
CA LEU C 181 15.86 -51.88 75.50
C LEU C 181 15.51 -51.75 76.97
N THR C 182 14.64 -52.62 77.49
CA THR C 182 14.21 -52.50 78.88
C THR C 182 15.33 -52.73 79.88
N ARG C 183 16.37 -53.46 79.50
CA ARG C 183 17.43 -53.81 80.46
C ARG C 183 18.17 -52.60 80.99
N TYR C 184 18.17 -51.49 80.25
CA TYR C 184 18.98 -50.33 80.58
C TYR C 184 18.29 -49.39 81.56
N ALA C 185 17.26 -49.87 82.26
CA ALA C 185 16.52 -49.01 83.19
C ALA C 185 17.41 -48.60 84.36
N PRO C 186 17.27 -47.37 84.86
CA PRO C 186 18.04 -46.94 86.02
C PRO C 186 17.56 -47.62 87.29
N THR C 187 18.47 -47.69 88.27
CA THR C 187 18.22 -48.40 89.52
C THR C 187 18.14 -47.49 90.73
N THR C 188 18.54 -46.22 90.63
CA THR C 188 18.54 -45.32 91.76
C THR C 188 17.94 -43.97 91.36
N LEU C 189 17.39 -43.27 92.34
CA LEU C 189 16.69 -42.01 92.12
C LEU C 189 17.58 -40.80 92.29
N ASP C 190 18.83 -40.98 92.71
CA ASP C 190 19.72 -39.83 92.90
C ASP C 190 19.97 -39.10 91.58
N THR C 191 20.16 -39.85 90.49
CA THR C 191 20.43 -39.22 89.20
C THR C 191 19.24 -38.38 88.73
N VAL C 192 18.03 -38.90 88.91
CA VAL C 192 16.84 -38.18 88.47
C VAL C 192 16.62 -36.94 89.33
N VAL C 193 16.71 -37.10 90.65
CA VAL C 193 16.51 -35.97 91.54
C VAL C 193 17.60 -34.92 91.37
N ALA C 194 18.77 -35.33 90.84
CA ALA C 194 19.80 -34.35 90.52
C ALA C 194 19.33 -33.38 89.44
N GLY C 195 18.39 -33.82 88.60
CA GLY C 195 17.83 -32.94 87.58
C GLY C 195 18.11 -33.40 86.17
N ASP C 196 18.61 -34.63 86.01
CA ASP C 196 18.90 -35.14 84.68
C ASP C 196 17.61 -35.48 83.95
N ARG C 197 17.57 -35.18 82.66
CA ARG C 197 16.35 -35.43 81.88
C ARG C 197 16.44 -36.72 81.08
N ARG C 198 17.64 -37.17 80.73
CA ARG C 198 17.77 -38.48 80.10
C ARG C 198 17.34 -39.58 81.05
N ALA C 199 17.80 -39.52 82.30
CA ALA C 199 17.36 -40.49 83.30
C ALA C 199 15.87 -40.38 83.55
N LEU C 200 15.33 -39.16 83.56
CA LEU C 200 13.90 -38.98 83.70
C LEU C 200 13.14 -39.66 82.57
N ALA C 201 13.64 -39.50 81.33
CA ALA C 201 12.98 -40.12 80.18
C ALA C 201 13.04 -41.65 80.28
N GLN C 202 14.20 -42.18 80.69
CA GLN C 202 14.32 -43.62 80.86
C GLN C 202 13.34 -44.13 81.91
N LEU C 203 13.23 -43.41 83.03
CA LEU C 203 12.28 -43.80 84.07
C LEU C 203 10.85 -43.76 83.55
N ILE C 204 10.51 -42.73 82.79
CA ILE C 204 9.14 -42.62 82.29
C ILE C 204 8.85 -43.76 81.33
N THR C 205 9.81 -44.10 80.47
CA THR C 205 9.63 -45.23 79.57
C THR C 205 9.45 -46.52 80.36
N ALA C 206 10.25 -46.71 81.41
CA ALA C 206 10.11 -47.91 82.23
C ALA C 206 8.73 -47.98 82.88
N LEU C 207 8.25 -46.84 83.40
CA LEU C 207 6.91 -46.81 84.00
C LEU C 207 5.84 -47.11 82.98
N GLU C 208 5.98 -46.60 81.76
CA GLU C 208 5.03 -46.91 80.70
C GLU C 208 5.03 -48.41 80.39
N ASN C 209 6.22 -49.01 80.32
CA ASN C 209 6.34 -50.44 80.18
C ASN C 209 6.08 -51.19 81.48
N GLY C 210 6.08 -50.49 82.62
CA GLY C 210 5.80 -51.12 83.90
C GLY C 210 6.85 -52.11 84.35
N LYS C 211 8.12 -51.83 84.09
CA LYS C 211 9.21 -52.68 84.54
C LYS C 211 9.77 -52.25 85.89
N ALA C 212 9.28 -51.14 86.42
CA ALA C 212 9.79 -50.60 87.67
C ALA C 212 9.41 -51.47 88.85
N ASP C 213 10.31 -51.55 89.82
CA ASP C 213 10.01 -52.29 91.04
C ASP C 213 9.05 -51.50 91.93
N PRO C 214 8.18 -52.17 92.68
CA PRO C 214 7.21 -51.44 93.51
C PRO C 214 7.85 -50.55 94.56
N GLU C 215 9.01 -50.92 95.10
CA GLU C 215 9.65 -50.10 96.12
C GLU C 215 10.09 -48.75 95.56
N LEU C 216 10.59 -48.73 94.33
CA LEU C 216 10.94 -47.47 93.69
C LEU C 216 9.71 -46.57 93.57
N VAL C 217 8.59 -47.14 93.14
CA VAL C 217 7.36 -46.37 93.03
C VAL C 217 6.89 -45.88 94.39
N SER C 218 7.08 -46.69 95.43
CA SER C 218 6.72 -46.28 96.78
C SER C 218 7.54 -45.09 97.23
N ALA C 219 8.86 -45.13 96.98
CA ALA C 219 9.70 -43.98 97.30
C ALA C 219 9.29 -42.75 96.50
N LEU C 220 8.95 -42.95 95.22
CA LEU C 220 8.49 -41.84 94.39
C LEU C 220 7.25 -41.19 94.98
N HIS C 221 6.25 -42.00 95.34
CA HIS C 221 5.04 -41.45 95.95
C HIS C 221 5.34 -40.78 97.28
N ALA C 222 6.29 -41.33 98.04
CA ALA C 222 6.66 -40.73 99.31
C ALA C 222 7.22 -39.33 99.09
N GLN C 223 8.09 -39.17 98.09
CA GLN C 223 8.61 -37.84 97.78
C GLN C 223 7.51 -36.93 97.24
N ALA C 224 6.62 -37.47 96.41
CA ALA C 224 5.53 -36.67 95.87
C ALA C 224 4.57 -36.22 96.97
N LYS C 225 4.55 -36.93 98.10
CA LYS C 225 3.72 -36.52 99.22
C LYS C 225 4.11 -35.14 99.73
N ALA C 226 5.41 -34.87 99.84
CA ALA C 226 5.89 -33.56 100.27
C ALA C 226 6.39 -32.69 99.13
N ALA C 227 6.23 -33.13 97.87
CA ALA C 227 6.72 -32.35 96.74
C ALA C 227 6.05 -30.98 96.68
N ALA C 228 4.73 -30.96 96.81
CA ALA C 228 3.95 -29.72 96.86
C ALA C 228 4.19 -28.85 95.62
N VAL C 229 3.79 -29.38 94.47
CA VAL C 229 3.88 -28.64 93.22
C VAL C 229 2.49 -28.54 92.61
N PRO C 230 2.18 -27.47 91.90
CA PRO C 230 0.83 -27.33 91.31
C PRO C 230 0.60 -28.34 90.21
N VAL C 231 -0.64 -28.82 90.12
CA VAL C 231 -1.08 -29.77 89.11
C VAL C 231 -2.23 -29.13 88.35
N LEU C 232 -2.05 -28.94 87.05
CA LEU C 232 -3.08 -28.35 86.20
C LEU C 232 -3.28 -29.25 84.98
N GLY C 233 -4.53 -29.56 84.69
CA GLY C 233 -4.89 -30.45 83.59
C GLY C 233 -5.83 -29.77 82.61
N ILE C 234 -5.43 -29.75 81.35
CA ILE C 234 -6.21 -29.15 80.27
C ILE C 234 -7.09 -30.23 79.67
N THR C 235 -8.37 -29.90 79.47
CA THR C 235 -9.37 -30.87 79.05
C THR C 235 -9.69 -30.82 77.56
N GLY C 236 -10.25 -31.90 77.04
CA GLY C 236 -10.94 -31.89 75.77
C GLY C 236 -11.85 -33.09 75.63
N THR C 237 -13.16 -32.84 75.46
CA THR C 237 -14.09 -33.95 75.24
C THR C 237 -15.08 -33.66 74.12
N GLY C 238 -15.21 -32.41 73.67
CA GLY C 238 -15.97 -32.11 72.48
C GLY C 238 -15.19 -31.33 71.46
N GLY C 239 -14.07 -30.73 71.88
CA GLY C 239 -13.26 -29.94 70.97
C GLY C 239 -11.77 -29.93 71.27
N ALA C 240 -11.29 -30.91 72.02
CA ALA C 240 -9.90 -30.91 72.46
C ALA C 240 -9.57 -29.58 73.14
N GLY C 241 -8.60 -28.86 72.59
CA GLY C 241 -8.31 -27.52 73.08
C GLY C 241 -6.92 -27.37 73.66
N LYS C 242 -6.07 -28.37 73.42
CA LYS C 242 -4.74 -28.36 73.99
C LYS C 242 -3.86 -27.33 73.27
N SER C 243 -2.61 -27.23 73.75
CA SER C 243 -1.56 -26.52 73.04
C SER C 243 -1.80 -25.02 72.95
N SER C 244 -2.77 -24.63 72.12
CA SER C 244 -3.06 -23.22 71.84
C SER C 244 -3.13 -22.36 73.10
N LEU C 245 -4.12 -22.64 73.95
CA LEU C 245 -4.21 -21.94 75.22
C LEU C 245 -2.97 -22.20 76.05
N THR C 246 -2.44 -23.43 75.99
CA THR C 246 -1.17 -23.72 76.64
C THR C 246 -0.06 -22.85 76.07
N ASP C 247 -0.05 -22.65 74.75
CA ASP C 247 0.94 -21.78 74.14
C ASP C 247 0.88 -20.38 74.72
N GLU C 248 -0.32 -19.79 74.73
CA GLU C 248 -0.44 -18.42 75.24
C GLU C 248 -0.05 -18.36 76.71
N LEU C 249 -0.47 -19.35 77.49
CA LEU C 249 -0.13 -19.38 78.91
C LEU C 249 1.39 -19.44 79.11
N ILE C 250 2.05 -20.30 78.34
CA ILE C 250 3.50 -20.44 78.47
C ILE C 250 4.19 -19.14 78.11
N ARG C 251 3.75 -18.48 77.04
CA ARG C 251 4.36 -17.22 76.65
C ARG C 251 4.15 -16.16 77.72
N ARG C 252 2.94 -16.10 78.29
CA ARG C 252 2.70 -15.14 79.37
C ARG C 252 3.62 -15.42 80.56
N PHE C 253 3.75 -16.70 80.94
CA PHE C 253 4.62 -17.07 82.04
C PHE C 253 6.05 -16.60 81.78
N ARG C 254 6.59 -16.95 80.62
CA ARG C 254 7.98 -16.62 80.32
C ARG C 254 8.18 -15.11 80.26
N LEU C 255 7.22 -14.38 79.67
CA LEU C 255 7.40 -12.94 79.48
C LEU C 255 7.24 -12.20 80.79
N ASP C 256 6.40 -12.69 81.70
CA ASP C 256 6.16 -11.93 82.92
C ASP C 256 7.16 -12.29 84.02
N GLN C 257 7.53 -13.56 84.16
CA GLN C 257 8.42 -13.96 85.24
C GLN C 257 9.87 -14.11 84.81
N ASP C 258 10.17 -13.74 83.56
CA ASP C 258 11.53 -13.82 83.03
C ASP C 258 12.08 -15.24 83.14
N ASP C 259 11.24 -16.22 82.82
CA ASP C 259 11.62 -17.63 82.80
C ASP C 259 12.19 -18.06 84.16
N ALA C 260 11.49 -17.69 85.23
CA ALA C 260 11.89 -18.07 86.58
C ALA C 260 11.19 -19.34 87.07
N LEU C 261 10.43 -20.00 86.21
CA LEU C 261 9.68 -21.20 86.59
C LEU C 261 10.03 -22.35 85.66
N SER C 262 10.05 -23.56 86.22
CA SER C 262 10.37 -24.78 85.47
C SER C 262 9.09 -25.57 85.25
N ILE C 263 8.60 -25.58 84.01
CA ILE C 263 7.32 -26.19 83.67
C ILE C 263 7.58 -27.57 83.07
N ALA C 264 6.85 -28.57 83.56
CA ALA C 264 6.90 -29.90 83.00
C ALA C 264 5.52 -30.25 82.48
N VAL C 265 5.43 -30.56 81.18
CA VAL C 265 4.16 -30.76 80.51
C VAL C 265 4.16 -32.14 79.89
N ILE C 266 3.07 -32.88 80.10
CA ILE C 266 2.87 -34.19 79.53
C ILE C 266 1.54 -34.18 78.79
N SER C 267 1.55 -34.58 77.54
CA SER C 267 0.33 -34.70 76.74
C SER C 267 -0.06 -36.16 76.61
N ILE C 268 -1.36 -36.41 76.50
CA ILE C 268 -1.89 -37.76 76.35
C ILE C 268 -2.80 -37.77 75.12
N ASP C 269 -2.64 -38.77 74.27
CA ASP C 269 -3.35 -38.85 73.01
C ASP C 269 -4.06 -40.20 72.88
N PRO C 270 -5.15 -40.24 72.12
CA PRO C 270 -5.84 -41.52 71.91
C PRO C 270 -5.08 -42.42 70.94
N SER C 271 -5.55 -43.65 70.86
CA SER C 271 -4.96 -44.66 69.98
C SER C 271 -6.00 -45.19 69.00
N ARG C 272 -5.59 -45.33 67.74
CA ARG C 272 -6.47 -45.89 66.73
C ARG C 272 -6.68 -47.38 67.00
N ARG C 273 -7.94 -47.75 67.26
CA ARG C 273 -8.23 -49.11 67.69
C ARG C 273 -8.02 -50.11 66.56
N LYS C 274 -8.17 -49.68 65.31
CA LYS C 274 -8.17 -50.63 64.20
C LYS C 274 -6.74 -51.03 63.81
N SER C 275 -5.94 -50.07 63.33
CA SER C 275 -4.58 -50.41 62.91
C SER C 275 -3.64 -50.56 64.09
N GLY C 276 -4.08 -50.17 65.28
CA GLY C 276 -3.29 -50.28 66.48
C GLY C 276 -2.32 -49.14 66.68
N GLY C 277 -2.16 -48.28 65.70
CA GLY C 277 -1.21 -47.18 65.76
C GLY C 277 -1.78 -45.95 66.42
N ALA C 278 -1.02 -44.86 66.32
CA ALA C 278 -1.39 -43.59 66.91
C ALA C 278 -0.63 -42.47 66.21
N LEU C 279 -1.07 -41.24 66.44
CA LEU C 279 -0.45 -40.05 65.87
C LEU C 279 -0.40 -38.98 66.96
N LEU C 280 0.73 -38.91 67.67
CA LEU C 280 0.91 -37.96 68.76
C LEU C 280 1.38 -36.63 68.18
N GLY C 281 0.50 -35.98 67.45
CA GLY C 281 0.82 -34.72 66.82
C GLY C 281 0.32 -33.50 67.56
N ASP C 282 0.85 -33.24 68.76
CA ASP C 282 0.53 -32.03 69.48
C ASP C 282 1.74 -31.15 69.76
N ARG C 283 2.96 -31.65 69.55
CA ARG C 283 4.13 -30.77 69.65
C ARG C 283 4.47 -30.13 68.32
N ILE C 284 3.70 -30.39 67.28
CA ILE C 284 3.75 -29.60 66.05
C ILE C 284 3.34 -28.19 66.40
N ARG C 285 2.56 -28.06 67.46
CA ARG C 285 2.17 -26.76 68.00
C ARG C 285 3.33 -26.13 68.74
N MET C 286 3.02 -25.18 69.61
CA MET C 286 3.93 -24.13 70.07
C MET C 286 5.37 -24.58 70.27
N ASN C 287 6.29 -23.83 69.67
CA ASN C 287 7.72 -24.05 69.89
C ASN C 287 8.20 -23.46 71.20
N ALA C 288 7.28 -23.13 72.11
CA ALA C 288 7.64 -22.45 73.34
C ALA C 288 8.28 -23.38 74.38
N ILE C 289 8.69 -24.58 73.99
CA ILE C 289 9.38 -25.50 74.89
C ILE C 289 10.89 -25.36 74.76
N ASN C 290 11.38 -24.41 73.97
CA ASN C 290 12.81 -24.27 73.73
C ASN C 290 13.46 -23.58 74.93
N HIS C 291 13.59 -24.34 76.01
CA HIS C 291 14.33 -23.91 77.19
C HIS C 291 14.67 -25.12 78.04
N PRO C 292 15.94 -25.29 78.44
CA PRO C 292 16.30 -26.48 79.21
C PRO C 292 15.55 -26.61 80.53
N ASN C 293 15.13 -25.49 81.12
CA ASN C 293 14.36 -25.53 82.36
C ASN C 293 12.93 -26.02 82.16
N ILE C 294 12.49 -26.20 80.92
CA ILE C 294 11.12 -26.59 80.61
C ILE C 294 11.17 -27.89 79.83
N PHE C 295 10.34 -28.85 80.24
CA PHE C 295 10.33 -30.18 79.63
C PHE C 295 8.95 -30.53 79.10
N MET C 296 8.93 -31.24 77.97
CA MET C 296 7.70 -31.69 77.35
C MET C 296 7.82 -33.18 77.05
N ARG C 297 6.70 -33.90 77.19
CA ARG C 297 6.66 -35.32 76.91
C ARG C 297 5.29 -35.69 76.39
N SER C 298 5.24 -36.53 75.35
CA SER C 298 3.99 -36.97 74.74
C SER C 298 3.80 -38.46 75.02
N LEU C 299 2.55 -38.85 75.27
CA LEU C 299 2.21 -40.24 75.54
C LEU C 299 0.87 -40.55 74.89
N ALA C 300 0.60 -41.84 74.71
CA ALA C 300 -0.62 -42.30 74.08
C ALA C 300 -1.55 -42.95 75.10
N THR C 301 -2.81 -43.15 74.70
CA THR C 301 -3.79 -43.75 75.59
C THR C 301 -3.46 -45.21 75.88
N ARG C 302 -3.05 -45.96 74.85
CA ARG C 302 -2.66 -47.38 74.97
C ARG C 302 -3.85 -48.28 75.29
N GLU C 303 -5.04 -47.69 75.46
CA GLU C 303 -6.19 -48.42 75.95
C GLU C 303 -7.40 -48.17 75.05
N ALA C 304 -8.27 -49.17 74.96
CA ALA C 304 -9.53 -49.00 74.25
C ALA C 304 -10.59 -48.43 75.17
N GLY C 305 -10.54 -48.79 76.45
CA GLY C 305 -11.56 -48.37 77.38
C GLY C 305 -11.44 -46.94 77.86
N SER C 306 -10.34 -46.62 78.54
CA SER C 306 -10.13 -45.27 79.03
C SER C 306 -9.38 -44.44 78.01
N GLU C 307 -9.10 -43.20 78.39
CA GLU C 307 -8.30 -42.26 77.61
C GLU C 307 -6.83 -42.26 78.00
N ILE C 308 -6.44 -43.05 78.99
CA ILE C 308 -5.15 -42.91 79.66
C ILE C 308 -4.46 -44.26 79.74
N SER C 309 -3.20 -44.22 80.13
CA SER C 309 -2.44 -45.42 80.45
C SER C 309 -2.73 -45.87 81.87
N GLN C 310 -2.30 -47.09 82.19
CA GLN C 310 -2.53 -47.65 83.52
C GLN C 310 -1.72 -46.95 84.60
N ALA C 311 -0.73 -46.13 84.25
CA ALA C 311 0.12 -45.48 85.23
C ALA C 311 0.01 -43.96 85.19
N LEU C 312 -1.18 -43.42 84.90
CA LEU C 312 -1.32 -41.97 84.82
C LEU C 312 -1.02 -41.28 86.14
N PRO C 313 -1.67 -41.60 87.27
CA PRO C 313 -1.30 -40.94 88.52
C PRO C 313 0.14 -41.20 88.92
N ASP C 314 0.65 -42.39 88.63
CA ASP C 314 2.04 -42.71 88.97
C ASP C 314 3.01 -41.84 88.20
N VAL C 315 2.78 -41.66 86.89
CA VAL C 315 3.67 -40.82 86.11
C VAL C 315 3.49 -39.35 86.49
N ILE C 316 2.29 -38.96 86.92
CA ILE C 316 2.09 -37.60 87.42
C ILE C 316 2.95 -37.38 88.65
N ALA C 317 2.92 -38.33 89.59
CA ALA C 317 3.75 -38.21 90.78
C ALA C 317 5.23 -38.24 90.43
N ALA C 318 5.61 -39.04 89.44
CA ALA C 318 7.00 -39.09 89.00
C ALA C 318 7.44 -37.73 88.46
N CYS C 319 6.58 -37.08 87.69
CA CYS C 319 6.86 -35.72 87.25
C CYS C 319 6.95 -34.76 88.44
N LYS C 320 6.10 -34.95 89.45
CA LYS C 320 6.14 -34.10 90.63
C LYS C 320 7.46 -34.24 91.39
N ALA C 321 8.01 -35.45 91.43
CA ALA C 321 9.14 -35.73 92.30
C ALA C 321 10.43 -35.04 91.87
N ALA C 322 10.47 -34.44 90.68
CA ALA C 322 11.67 -33.83 90.16
C ALA C 322 11.92 -32.41 90.69
N ARG C 323 11.09 -31.95 91.63
CA ARG C 323 11.22 -30.60 92.20
C ARG C 323 11.12 -29.52 91.13
N PHE C 324 10.27 -29.75 90.13
CA PHE C 324 9.98 -28.76 89.12
C PHE C 324 8.87 -27.83 89.59
N ASP C 325 8.73 -26.69 88.90
CA ASP C 325 7.82 -25.66 89.37
C ASP C 325 6.36 -26.09 89.26
N LEU C 326 5.97 -26.68 88.13
CA LEU C 326 4.55 -26.90 87.87
C LEU C 326 4.39 -28.07 86.91
N VAL C 327 3.27 -28.78 87.05
CA VAL C 327 2.92 -29.89 86.19
C VAL C 327 1.70 -29.52 85.37
N ILE C 328 1.82 -29.63 84.06
CA ILE C 328 0.75 -29.36 83.10
C ILE C 328 0.48 -30.64 82.33
N VAL C 329 -0.75 -31.10 82.35
CA VAL C 329 -1.11 -32.40 81.76
C VAL C 329 -2.31 -32.22 80.83
N GLU C 330 -2.15 -32.70 79.61
CA GLU C 330 -3.23 -32.73 78.63
C GLU C 330 -4.05 -34.00 78.79
N THR C 331 -5.25 -34.00 78.20
CA THR C 331 -6.22 -35.03 78.55
C THR C 331 -6.97 -35.58 77.34
N SER C 332 -6.30 -35.67 76.18
CA SER C 332 -6.82 -36.36 75.00
C SER C 332 -8.27 -36.03 74.68
N GLY C 333 -9.08 -37.05 74.40
CA GLY C 333 -10.47 -36.83 74.05
C GLY C 333 -11.36 -38.07 74.02
N ILE C 334 -12.50 -37.96 74.69
CA ILE C 334 -13.56 -38.97 74.71
C ILE C 334 -14.85 -38.23 74.36
N GLY C 335 -16.00 -38.88 74.56
CA GLY C 335 -17.27 -38.28 74.19
C GLY C 335 -17.70 -37.30 75.27
N GLN C 336 -18.80 -37.54 75.96
CA GLN C 336 -19.30 -36.51 76.86
C GLN C 336 -19.37 -36.95 78.32
N GLY C 337 -18.99 -38.18 78.62
CA GLY C 337 -19.14 -38.69 79.97
C GLY C 337 -17.88 -38.90 80.77
N ASP C 338 -16.76 -38.31 80.36
CA ASP C 338 -15.47 -38.58 81.00
C ASP C 338 -15.10 -37.50 81.98
N ALA C 339 -14.71 -37.92 83.18
CA ALA C 339 -14.18 -37.00 84.20
C ALA C 339 -13.03 -37.68 84.95
N ALA C 340 -12.32 -38.57 84.27
CA ALA C 340 -11.33 -39.44 84.92
C ALA C 340 -10.14 -38.69 85.47
N ILE C 341 -9.80 -37.54 84.91
CA ILE C 341 -8.61 -36.81 85.33
C ILE C 341 -8.80 -36.11 86.66
N VAL C 342 -10.03 -35.73 87.01
CA VAL C 342 -10.27 -34.92 88.21
C VAL C 342 -9.77 -35.59 89.48
N PRO C 343 -10.10 -36.87 89.77
CA PRO C 343 -9.72 -37.45 91.07
C PRO C 343 -8.23 -37.48 91.32
N HIS C 344 -7.41 -37.21 90.31
CA HIS C 344 -5.98 -37.23 90.44
C HIS C 344 -5.33 -35.88 90.13
N VAL C 345 -6.11 -34.81 90.02
CA VAL C 345 -5.59 -33.48 89.77
C VAL C 345 -6.20 -32.50 90.77
N ASP C 346 -5.40 -31.50 91.13
CA ASP C 346 -5.86 -30.40 91.98
C ASP C 346 -6.56 -29.30 91.19
N LEU C 347 -6.00 -28.90 90.05
CA LEU C 347 -6.63 -27.90 89.20
C LEU C 347 -6.86 -28.48 87.81
N SER C 348 -8.09 -28.33 87.32
CA SER C 348 -8.47 -28.80 86.00
C SER C 348 -9.05 -27.64 85.21
N LEU C 349 -8.30 -27.15 84.24
CA LEU C 349 -8.75 -26.09 83.36
C LEU C 349 -9.52 -26.74 82.21
N TYR C 350 -10.78 -26.36 82.08
CA TYR C 350 -11.67 -26.97 81.10
C TYR C 350 -11.93 -26.01 79.95
N VAL C 351 -12.09 -26.56 78.75
CA VAL C 351 -12.37 -25.79 77.54
C VAL C 351 -13.45 -26.52 76.75
N MET C 352 -14.39 -25.76 76.18
CA MET C 352 -15.44 -26.30 75.33
C MET C 352 -15.40 -25.58 74.00
N THR C 353 -15.62 -26.32 72.92
CA THR C 353 -15.53 -25.79 71.56
C THR C 353 -16.65 -24.81 71.26
N PRO C 354 -16.36 -23.72 70.55
CA PRO C 354 -17.41 -22.80 70.12
C PRO C 354 -18.46 -23.46 69.24
N GLU C 355 -18.02 -24.31 68.30
CA GLU C 355 -18.96 -24.95 67.39
C GLU C 355 -19.69 -26.06 68.11
N PHE C 356 -20.69 -25.70 68.92
CA PHE C 356 -21.46 -26.70 69.63
C PHE C 356 -22.95 -26.42 69.48
N GLY C 357 -23.30 -25.18 69.15
CA GLY C 357 -24.69 -24.77 69.07
C GLY C 357 -25.43 -25.20 70.31
N ALA C 358 -26.36 -26.14 70.14
CA ALA C 358 -26.95 -26.85 71.27
C ALA C 358 -27.52 -25.89 72.30
N ALA C 359 -28.53 -25.11 71.89
CA ALA C 359 -29.04 -23.98 72.64
C ALA C 359 -29.16 -24.24 74.14
N SER C 360 -29.56 -25.45 74.53
CA SER C 360 -29.63 -25.80 75.95
C SER C 360 -29.15 -27.22 76.20
N ALA C 361 -28.33 -27.78 75.30
CA ALA C 361 -27.81 -29.12 75.53
C ALA C 361 -26.57 -29.13 76.43
N LEU C 362 -26.00 -27.97 76.73
CA LEU C 362 -24.93 -27.93 77.72
C LEU C 362 -25.43 -28.43 79.06
N GLU C 363 -26.72 -28.27 79.34
CA GLU C 363 -27.30 -28.79 80.57
C GLU C 363 -27.09 -30.29 80.67
N LYS C 364 -27.43 -31.02 79.61
CA LYS C 364 -27.24 -32.46 79.62
C LYS C 364 -25.77 -32.83 79.51
N ILE C 365 -24.93 -31.89 79.05
CA ILE C 365 -23.49 -32.14 79.06
C ILE C 365 -23.04 -32.30 80.50
N ASP C 366 -22.20 -33.30 80.75
CA ASP C 366 -21.86 -33.68 82.12
C ASP C 366 -20.95 -32.66 82.78
N MET C 367 -19.78 -32.41 82.20
CA MET C 367 -18.75 -31.63 82.89
C MET C 367 -19.13 -30.16 82.99
N LEU C 368 -19.92 -29.81 84.01
CA LEU C 368 -20.30 -28.42 84.21
C LEU C 368 -19.71 -27.95 85.53
N ASP C 369 -20.08 -28.54 86.67
CA ASP C 369 -19.56 -28.12 87.97
C ASP C 369 -18.47 -29.08 88.41
N PHE C 370 -17.43 -29.18 87.59
CA PHE C 370 -16.33 -30.09 87.89
C PHE C 370 -14.99 -29.48 87.51
N ALA C 371 -14.93 -28.16 87.34
CA ALA C 371 -13.75 -27.53 86.77
C ALA C 371 -13.34 -26.24 87.49
N ASP C 372 -12.45 -25.47 86.86
CA ASP C 372 -11.94 -24.24 87.47
C ASP C 372 -12.42 -23.01 86.72
N PHE C 373 -12.40 -23.05 85.39
CA PHE C 373 -12.62 -21.88 84.56
C PHE C 373 -13.02 -22.32 83.16
N VAL C 374 -14.07 -21.67 82.64
CA VAL C 374 -14.58 -21.94 81.31
C VAL C 374 -13.60 -21.41 80.27
N ALA C 375 -13.65 -21.98 79.07
CA ALA C 375 -12.76 -21.55 77.99
C ALA C 375 -13.44 -21.82 76.65
N ILE C 376 -13.50 -20.81 75.80
CA ILE C 376 -14.02 -20.92 74.45
C ILE C 376 -13.11 -20.15 73.51
N ASN C 377 -12.79 -20.75 72.37
CA ASN C 377 -11.91 -20.13 71.39
C ASN C 377 -12.68 -19.79 70.12
N LYS C 378 -11.98 -19.26 69.12
CA LYS C 378 -12.52 -19.05 67.78
C LYS C 378 -13.77 -18.17 67.78
N PHE C 379 -13.64 -16.93 68.25
CA PHE C 379 -14.73 -15.97 68.20
C PHE C 379 -14.87 -15.31 66.84
N ASP C 380 -14.29 -15.93 65.81
CA ASP C 380 -14.47 -15.46 64.44
C ASP C 380 -15.91 -15.63 63.98
N ARG C 381 -16.72 -16.39 64.70
CA ARG C 381 -18.11 -16.62 64.35
C ARG C 381 -19.02 -15.84 65.28
N LYS C 382 -20.27 -15.67 64.86
CA LYS C 382 -21.24 -14.85 65.57
C LYS C 382 -21.80 -15.59 66.78
N GLY C 383 -22.75 -14.95 67.47
CA GLY C 383 -23.40 -15.56 68.62
C GLY C 383 -22.49 -15.79 69.81
N ALA C 384 -21.32 -15.16 69.80
CA ALA C 384 -20.37 -15.33 70.89
C ALA C 384 -20.90 -14.74 72.18
N GLN C 385 -21.49 -13.54 72.10
CA GLN C 385 -22.04 -12.91 73.30
C GLN C 385 -23.15 -13.77 73.91
N ASP C 386 -24.03 -14.30 73.06
CA ASP C 386 -25.13 -15.13 73.53
C ASP C 386 -24.61 -16.38 74.22
N ALA C 387 -23.64 -17.06 73.60
CA ALA C 387 -23.07 -18.26 74.21
C ALA C 387 -22.41 -17.94 75.54
N TRP C 388 -21.66 -16.83 75.60
CA TRP C 388 -21.03 -16.43 76.85
C TRP C 388 -22.07 -16.18 77.95
N ARG C 389 -23.14 -15.48 77.60
CA ARG C 389 -24.18 -15.18 78.59
C ARG C 389 -24.85 -16.45 79.09
N ASP C 390 -25.17 -17.37 78.17
CA ASP C 390 -25.82 -18.61 78.58
C ASP C 390 -24.89 -19.45 79.43
N VAL C 391 -23.60 -19.50 79.08
CA VAL C 391 -22.64 -20.24 79.90
C VAL C 391 -22.57 -19.65 81.29
N ALA C 392 -22.53 -18.31 81.38
CA ALA C 392 -22.46 -17.66 82.68
C ALA C 392 -23.71 -17.98 83.51
N LYS C 393 -24.88 -17.95 82.87
CA LYS C 393 -26.10 -18.27 83.58
C LYS C 393 -26.11 -19.70 84.09
N GLN C 394 -25.65 -20.64 83.26
CA GLN C 394 -25.60 -22.03 83.70
C GLN C 394 -24.61 -22.22 84.83
N VAL C 395 -23.47 -21.53 84.78
CA VAL C 395 -22.49 -21.62 85.86
C VAL C 395 -23.08 -21.06 87.14
N GLN C 396 -23.83 -19.95 87.03
CA GLN C 396 -24.50 -19.39 88.20
C GLN C 396 -25.49 -20.38 88.79
N ARG C 397 -26.28 -21.04 87.93
CA ARG C 397 -27.25 -22.01 88.40
C ARG C 397 -26.57 -23.19 89.08
N ASN C 398 -25.55 -23.76 88.45
CA ASN C 398 -24.88 -24.93 89.00
C ASN C 398 -24.13 -24.61 90.28
N ARG C 399 -23.50 -23.44 90.34
CA ARG C 399 -22.90 -22.94 91.58
C ARG C 399 -23.95 -22.52 92.59
N GLU C 400 -25.20 -22.34 92.16
CA GLU C 400 -26.30 -21.92 93.04
C GLU C 400 -25.96 -20.63 93.79
N GLN C 401 -25.18 -19.76 93.16
CA GLN C 401 -24.76 -18.52 93.80
C GLN C 401 -25.68 -17.37 93.36
N TRP C 402 -26.82 -17.28 94.07
CA TRP C 402 -27.76 -16.20 93.81
C TRP C 402 -27.43 -14.94 94.59
N HIS C 403 -26.41 -14.99 95.44
CA HIS C 403 -26.02 -13.84 96.23
C HIS C 403 -25.19 -12.83 95.43
N SER C 404 -24.79 -13.16 94.21
CA SER C 404 -24.02 -12.27 93.37
C SER C 404 -24.58 -12.25 91.96
N ARG C 405 -23.81 -11.66 91.05
CA ARG C 405 -24.24 -11.45 89.68
C ARG C 405 -23.35 -12.22 88.71
N ALA C 406 -23.95 -12.57 87.57
CA ALA C 406 -23.25 -13.39 86.58
C ALA C 406 -22.06 -12.67 85.99
N GLU C 407 -22.17 -11.36 85.77
CA GLU C 407 -21.05 -10.62 85.22
C GLU C 407 -19.83 -10.69 86.11
N ASP C 408 -20.01 -11.04 87.38
CA ASP C 408 -18.91 -11.29 88.28
C ASP C 408 -18.50 -12.76 88.34
N MET C 409 -19.21 -13.64 87.64
CA MET C 409 -18.87 -15.06 87.70
C MET C 409 -17.54 -15.30 86.98
N PRO C 410 -16.78 -16.31 87.39
CA PRO C 410 -15.50 -16.64 86.74
C PRO C 410 -15.66 -17.25 85.35
N VAL C 411 -16.09 -16.44 84.40
CA VAL C 411 -16.37 -16.88 83.04
C VAL C 411 -15.47 -16.09 82.08
N TYR C 412 -14.57 -16.79 81.40
CA TYR C 412 -13.64 -16.16 80.48
C TYR C 412 -13.59 -16.97 79.18
N GLY C 413 -13.57 -16.28 78.05
CA GLY C 413 -13.38 -16.89 76.74
C GLY C 413 -12.38 -16.11 75.93
N THR C 414 -11.61 -16.82 75.09
CA THR C 414 -10.54 -16.19 74.33
C THR C 414 -10.26 -16.97 73.04
N GLN C 415 -10.07 -16.22 71.96
CA GLN C 415 -9.62 -16.79 70.70
C GLN C 415 -8.13 -17.08 70.81
N ALA C 416 -7.53 -17.65 69.76
CA ALA C 416 -6.13 -18.07 69.86
C ALA C 416 -5.25 -17.51 68.75
N SER C 417 -5.79 -17.47 67.52
CA SER C 417 -4.96 -17.13 66.36
C SER C 417 -4.30 -15.77 66.53
N ARG C 418 -5.08 -14.78 66.92
CA ARG C 418 -4.53 -13.46 67.21
C ARG C 418 -3.84 -13.51 68.56
N PHE C 419 -2.53 -13.27 68.56
CA PHE C 419 -1.74 -13.37 69.78
C PHE C 419 -1.96 -12.14 70.66
N ASN C 420 -1.50 -12.24 71.91
CA ASN C 420 -1.62 -11.17 72.90
C ASN C 420 -3.05 -10.70 73.09
N ASP C 421 -4.00 -11.64 73.13
CA ASP C 421 -5.40 -11.28 73.32
C ASP C 421 -5.67 -10.88 74.76
N ASP C 422 -6.58 -9.92 74.93
CA ASP C 422 -6.93 -9.45 76.27
C ASP C 422 -7.47 -10.58 77.13
N GLY C 423 -8.33 -11.42 76.55
CA GLY C 423 -8.85 -12.55 77.31
C GLY C 423 -7.78 -13.49 77.79
N VAL C 424 -6.75 -13.73 76.96
CA VAL C 424 -5.63 -14.56 77.39
C VAL C 424 -4.96 -13.93 78.60
N THR C 425 -4.71 -12.62 78.55
CA THR C 425 -4.07 -11.94 79.66
C THR C 425 -4.91 -12.05 80.93
N MET C 426 -6.22 -11.88 80.80
CA MET C 426 -7.09 -11.95 81.97
C MET C 426 -7.14 -13.36 82.54
N LEU C 427 -7.13 -14.36 81.66
CA LEU C 427 -7.09 -15.75 82.13
C LEU C 427 -5.78 -16.02 82.86
N TYR C 428 -4.67 -15.49 82.35
CA TYR C 428 -3.39 -15.64 83.04
C TYR C 428 -3.42 -14.96 84.39
N GLN C 429 -4.01 -13.77 84.46
CA GLN C 429 -4.13 -13.07 85.74
C GLN C 429 -4.95 -13.88 86.73
N GLY C 430 -6.06 -14.46 86.27
CA GLY C 430 -6.89 -15.29 87.14
C GLY C 430 -6.16 -16.53 87.61
N LEU C 431 -5.40 -17.16 86.71
CA LEU C 431 -4.62 -18.34 87.11
C LEU C 431 -3.55 -17.97 88.12
N VAL C 432 -2.90 -16.81 87.94
CA VAL C 432 -1.89 -16.37 88.90
C VAL C 432 -2.54 -16.12 90.26
N GLY C 433 -3.71 -15.48 90.26
CA GLY C 433 -4.43 -15.28 91.50
C GLY C 433 -4.80 -16.59 92.18
N ALA C 434 -5.25 -17.57 91.38
CA ALA C 434 -5.59 -18.87 91.94
C ALA C 434 -4.37 -19.56 92.53
N LEU C 435 -3.23 -19.44 91.85
CA LEU C 435 -1.99 -20.01 92.38
C LEU C 435 -1.59 -19.33 93.67
N GLY C 436 -1.75 -18.01 93.75
CA GLY C 436 -1.52 -17.32 95.00
C GLY C 436 -2.47 -17.78 96.10
N ALA C 437 -3.71 -18.11 95.72
CA ALA C 437 -4.68 -18.62 96.69
C ALA C 437 -4.30 -19.98 97.24
N ARG C 438 -3.58 -20.79 96.46
CA ARG C 438 -3.08 -22.09 96.92
C ARG C 438 -1.63 -22.01 97.37
N GLY C 439 -1.08 -20.81 97.50
CA GLY C 439 0.27 -20.63 97.98
C GLY C 439 1.33 -21.13 97.03
N MET C 440 1.45 -20.49 95.87
CA MET C 440 2.46 -20.83 94.88
C MET C 440 3.53 -19.75 94.89
N SER C 441 4.77 -20.14 95.15
CA SER C 441 5.86 -19.18 95.34
C SER C 441 6.24 -18.56 94.00
N LEU C 442 6.20 -17.24 93.93
CA LEU C 442 6.56 -16.51 92.73
C LEU C 442 6.75 -15.03 93.07
N LYS C 443 7.38 -14.32 92.15
CA LYS C 443 7.67 -12.91 92.36
C LYS C 443 6.47 -12.04 91.95
N PRO C 444 6.43 -10.79 92.39
CA PRO C 444 5.36 -9.89 91.95
C PRO C 444 5.39 -9.68 90.44
N GLY C 445 4.21 -9.40 89.87
CA GLY C 445 4.08 -9.38 88.44
C GLY C 445 4.90 -8.30 87.77
N THR C 446 5.10 -8.48 86.46
CA THR C 446 5.85 -7.54 85.64
C THR C 446 5.01 -6.90 84.55
N LEU C 447 3.75 -7.24 84.46
CA LEU C 447 2.86 -6.65 83.47
C LEU C 447 1.62 -6.07 84.13
N PRO C 448 1.12 -4.94 83.63
CA PRO C 448 -0.08 -4.34 84.24
C PRO C 448 -1.29 -5.24 84.09
N ASN C 449 -2.05 -5.38 85.19
CA ASN C 449 -3.20 -6.28 85.20
C ASN C 449 -4.46 -5.51 84.78
N LEU C 450 -4.73 -5.56 83.49
CA LEU C 450 -5.94 -4.94 82.97
C LEU C 450 -7.17 -5.75 83.39
N GLU C 451 -8.33 -5.10 83.35
CA GLU C 451 -9.58 -5.69 83.77
C GLU C 451 -10.47 -5.97 82.57
N GLY C 452 -11.41 -6.90 82.75
CA GLY C 452 -12.40 -7.20 81.74
C GLY C 452 -12.84 -8.65 81.79
N ARG C 453 -14.01 -8.89 81.18
CA ARG C 453 -14.57 -10.24 81.08
C ARG C 453 -14.47 -10.83 79.69
N ILE C 454 -14.63 -10.02 78.64
CA ILE C 454 -14.55 -10.50 77.26
C ILE C 454 -13.78 -9.47 76.45
N SER C 455 -12.93 -9.95 75.54
CA SER C 455 -12.20 -9.06 74.65
C SER C 455 -13.15 -8.40 73.66
N THR C 456 -12.83 -7.15 73.31
CA THR C 456 -13.57 -6.43 72.28
C THR C 456 -12.96 -6.62 70.90
N GLY C 457 -12.28 -7.73 70.66
CA GLY C 457 -11.59 -7.93 69.40
C GLY C 457 -10.44 -6.97 69.20
N GLN C 458 -9.61 -6.80 70.24
CA GLN C 458 -8.55 -5.80 70.18
C GLN C 458 -7.56 -6.10 69.07
N ASN C 459 -7.13 -5.04 68.39
CA ASN C 459 -6.12 -5.12 67.34
C ASN C 459 -6.59 -5.99 66.18
N VAL C 460 -7.89 -6.13 66.01
CA VAL C 460 -8.45 -6.97 64.96
C VAL C 460 -8.03 -6.45 63.60
N ILE C 461 -7.62 -7.38 62.76
CA ILE C 461 -7.16 -7.05 61.43
C ILE C 461 -8.23 -6.39 60.58
N VAL C 462 -9.49 -6.56 60.98
CA VAL C 462 -10.62 -5.98 60.26
C VAL C 462 -11.87 -6.12 61.09
N PRO C 463 -12.55 -4.99 61.35
CA PRO C 463 -13.95 -4.93 61.77
C PRO C 463 -14.77 -5.89 60.93
N PRO C 464 -15.35 -6.92 61.56
CA PRO C 464 -16.04 -7.94 60.75
C PRO C 464 -17.18 -7.37 59.94
N ALA C 465 -17.70 -6.19 60.32
CA ALA C 465 -18.81 -5.59 59.60
C ALA C 465 -18.51 -5.44 58.12
N ARG C 466 -17.23 -5.43 57.74
CA ARG C 466 -16.82 -5.31 56.34
C ARG C 466 -16.29 -6.62 55.77
N SER C 467 -16.90 -7.74 56.14
CA SER C 467 -16.40 -9.04 55.70
C SER C 467 -16.60 -9.28 54.21
N ARG C 468 -17.80 -9.04 53.70
CA ARG C 468 -18.24 -9.55 52.40
C ARG C 468 -18.14 -8.49 51.30
N TYR C 469 -17.09 -7.68 51.33
CA TYR C 469 -16.99 -6.53 50.43
C TYR C 469 -16.84 -6.95 48.96
N LEU C 470 -16.25 -8.11 48.69
CA LEU C 470 -16.08 -8.54 47.31
C LEU C 470 -17.42 -8.59 46.58
N ALA C 471 -18.47 -9.06 47.27
CA ALA C 471 -19.79 -9.05 46.67
C ALA C 471 -20.24 -7.64 46.35
N GLU C 472 -19.91 -6.68 47.23
CA GLU C 472 -20.24 -5.30 46.95
C GLU C 472 -19.55 -4.82 45.69
N LEU C 473 -18.28 -5.19 45.51
CA LEU C 473 -17.56 -4.83 44.30
C LEU C 473 -18.22 -5.43 43.07
N ALA C 474 -18.62 -6.70 43.16
CA ALA C 474 -19.23 -7.36 42.01
C ALA C 474 -20.54 -6.69 41.62
N ASP C 475 -21.39 -6.42 42.61
CA ASP C 475 -22.61 -5.70 42.33
C ASP C 475 -22.32 -4.32 41.76
N THR C 476 -21.24 -3.68 42.23
CA THR C 476 -20.85 -2.39 41.68
C THR C 476 -20.57 -2.49 40.19
N VAL C 477 -19.78 -3.48 39.80
CA VAL C 477 -19.43 -3.63 38.38
C VAL C 477 -20.68 -3.91 37.55
N ARG C 478 -21.54 -4.81 38.03
CA ARG C 478 -22.74 -5.13 37.28
C ARG C 478 -23.66 -3.93 37.16
N ALA C 479 -23.75 -3.13 38.22
CA ALA C 479 -24.56 -1.91 38.15
C ALA C 479 -23.97 -0.91 37.17
N TYR C 480 -22.64 -0.81 37.13
CA TYR C 480 -22.02 0.07 36.14
C TYR C 480 -22.41 -0.35 34.74
N HIS C 481 -22.32 -1.65 34.45
CA HIS C 481 -22.70 -2.12 33.11
C HIS C 481 -24.18 -1.90 32.84
N ARG C 482 -25.03 -2.07 33.86
CA ARG C 482 -26.45 -1.85 33.68
C ARG C 482 -26.74 -0.40 33.31
N ARG C 483 -26.10 0.53 34.01
CA ARG C 483 -26.20 1.94 33.64
C ARG C 483 -25.72 2.17 32.22
N VAL C 484 -24.63 1.49 31.83
CA VAL C 484 -24.13 1.63 30.47
C VAL C 484 -25.21 1.25 29.47
N VAL C 485 -25.83 0.10 29.67
CA VAL C 485 -26.84 -0.38 28.72
C VAL C 485 -28.03 0.58 28.69
N ALA C 486 -28.48 1.01 29.87
CA ALA C 486 -29.65 1.88 29.94
C ALA C 486 -29.40 3.20 29.24
N GLN C 487 -28.29 3.86 29.56
CA GLN C 487 -27.99 5.13 28.93
C GLN C 487 -27.68 4.96 27.44
N SER C 488 -27.20 3.78 27.04
CA SER C 488 -27.02 3.53 25.61
C SER C 488 -28.37 3.52 24.90
N LYS C 489 -29.35 2.84 25.47
CA LYS C 489 -30.69 2.88 24.90
C LYS C 489 -31.23 4.30 24.89
N LEU C 490 -30.95 5.06 25.95
CA LEU C 490 -31.37 6.45 25.99
C LEU C 490 -30.77 7.25 24.84
N ALA C 491 -29.47 7.07 24.59
CA ALA C 491 -28.83 7.80 23.51
C ALA C 491 -29.37 7.39 22.15
N ARG C 492 -29.63 6.10 21.97
CA ARG C 492 -30.26 5.64 20.74
C ARG C 492 -31.58 6.33 20.53
N GLU C 493 -32.39 6.43 21.58
CA GLU C 493 -33.66 7.13 21.48
C GLU C 493 -33.46 8.60 21.14
N ARG C 494 -32.45 9.23 21.75
CA ARG C 494 -32.19 10.64 21.53
C ARG C 494 -31.89 10.91 20.06
N GLN C 495 -30.91 10.18 19.51
CA GLN C 495 -30.55 10.42 18.11
C GLN C 495 -31.67 9.98 17.19
N GLN C 496 -32.43 8.95 17.59
CA GLN C 496 -33.58 8.53 16.82
C GLN C 496 -34.57 9.66 16.66
N LEU C 497 -34.98 10.28 17.76
CA LEU C 497 -35.95 11.35 17.71
C LEU C 497 -35.40 12.56 16.96
N ARG C 498 -34.12 12.90 17.19
CA ARG C 498 -33.56 14.06 16.53
C ARG C 498 -33.56 13.89 15.02
N ALA C 499 -33.01 12.78 14.53
CA ALA C 499 -33.01 12.56 13.09
C ALA C 499 -34.42 12.37 12.56
N ALA C 500 -35.33 11.85 13.39
CA ALA C 500 -36.72 11.73 12.99
C ALA C 500 -37.32 13.08 12.67
N HIS C 501 -37.16 14.03 13.58
CA HIS C 501 -37.70 15.37 13.32
C HIS C 501 -36.97 16.03 12.18
N ASP C 502 -35.68 15.77 12.04
CA ASP C 502 -34.93 16.31 10.90
C ASP C 502 -35.52 15.86 9.58
N MET C 503 -35.85 14.57 9.46
CA MET C 503 -36.54 14.11 8.26
C MET C 503 -37.94 14.68 8.16
N LEU C 504 -38.66 14.76 9.28
CA LEU C 504 -40.08 15.12 9.25
C LEU C 504 -40.26 16.57 8.80
N GLN C 505 -39.34 17.45 9.18
CA GLN C 505 -39.49 18.85 8.81
C GLN C 505 -39.54 19.03 7.29
N GLY C 506 -39.01 18.05 6.54
CA GLY C 506 -39.17 18.07 5.10
C GLY C 506 -40.55 17.69 4.63
N ALA C 507 -41.41 17.23 5.53
CA ALA C 507 -42.78 16.89 5.18
C ALA C 507 -43.75 18.04 5.39
N GLY C 508 -43.42 18.98 6.26
CA GLY C 508 -44.25 20.16 6.43
C GLY C 508 -45.22 20.04 7.59
N HIS C 509 -45.84 18.87 7.71
CA HIS C 509 -46.81 18.65 8.79
C HIS C 509 -46.06 18.61 10.11
N GLU C 510 -46.53 19.41 11.07
CA GLU C 510 -45.83 19.62 12.32
C GLU C 510 -46.62 18.95 13.44
N SER C 511 -46.04 17.89 14.01
CA SER C 511 -46.56 17.29 15.22
C SER C 511 -45.53 17.47 16.32
N ALA C 512 -45.72 18.51 17.15
CA ALA C 512 -44.70 18.94 18.09
C ALA C 512 -44.52 17.99 19.26
N ALA C 513 -45.42 17.02 19.45
CA ALA C 513 -45.28 16.10 20.56
C ALA C 513 -43.96 15.34 20.50
N LEU C 514 -43.44 15.13 19.29
CA LEU C 514 -42.16 14.47 19.13
C LEU C 514 -41.05 15.27 19.82
N GLU C 515 -41.07 16.59 19.64
CA GLU C 515 -40.09 17.44 20.32
C GLU C 515 -40.24 17.36 21.83
N THR C 516 -41.47 17.28 22.31
CA THR C 516 -41.71 17.12 23.75
C THR C 516 -41.10 15.83 24.25
N LEU C 517 -41.31 14.74 23.50
CA LEU C 517 -40.72 13.45 23.88
C LEU C 517 -39.20 13.52 23.87
N ALA C 518 -38.63 14.22 22.88
CA ALA C 518 -37.18 14.36 22.82
C ALA C 518 -36.64 15.12 24.02
N SER C 519 -37.31 16.21 24.39
CA SER C 519 -36.89 16.97 25.56
C SER C 519 -36.98 16.12 26.82
N GLU C 520 -38.07 15.35 26.94
CA GLU C 520 -38.22 14.44 28.07
C GLU C 520 -37.08 13.43 28.12
N ARG C 521 -36.76 12.84 26.97
CA ARG C 521 -35.67 11.88 26.90
C ARG C 521 -34.36 12.52 27.32
N ASP C 522 -34.08 13.73 26.84
CA ASP C 522 -32.85 14.40 27.21
C ASP C 522 -32.80 14.67 28.71
N VAL C 523 -33.92 15.10 29.29
CA VAL C 523 -33.93 15.37 30.73
C VAL C 523 -33.69 14.10 31.53
N SER C 524 -34.27 12.97 31.08
CA SER C 524 -34.05 11.72 31.78
C SER C 524 -32.61 11.25 31.70
N LEU C 525 -31.84 11.79 30.77
CA LEU C 525 -30.46 11.36 30.57
C LEU C 525 -29.56 11.90 31.69
N GLY C 526 -28.45 11.22 31.92
CA GLY C 526 -27.45 11.70 32.86
C GLY C 526 -26.69 12.91 32.34
N ALA C 527 -25.88 13.49 33.23
CA ALA C 527 -25.24 14.76 32.91
C ALA C 527 -23.80 14.57 32.44
N VAL C 528 -22.98 13.89 33.24
CA VAL C 528 -21.57 13.73 32.90
C VAL C 528 -21.42 13.00 31.58
N GLU C 529 -22.20 11.95 31.39
CA GLU C 529 -22.25 11.26 30.12
C GLU C 529 -22.70 12.18 28.99
N ARG C 530 -23.62 13.10 29.27
CA ARG C 530 -24.03 14.06 28.25
C ARG C 530 -22.86 14.94 27.83
N LYS C 531 -22.07 15.41 28.81
CA LYS C 531 -20.89 16.20 28.48
C LYS C 531 -19.91 15.39 27.65
N LEU C 532 -19.69 14.13 28.05
CA LEU C 532 -18.79 13.28 27.29
C LEU C 532 -19.26 13.14 25.86
N LEU C 533 -20.56 12.93 25.66
CA LEU C 533 -21.11 12.80 24.32
C LEU C 533 -20.94 14.07 23.52
N ALA C 534 -21.16 15.23 24.15
CA ALA C 534 -20.97 16.49 23.45
C ALA C 534 -19.51 16.72 23.07
N MET C 535 -18.59 16.13 23.82
CA MET C 535 -17.17 16.32 23.55
C MET C 535 -16.71 15.69 22.24
N TRP C 536 -17.54 14.87 21.59
CA TRP C 536 -17.06 14.05 20.48
C TRP C 536 -16.51 14.86 19.31
N PRO C 537 -17.19 15.86 18.76
CA PRO C 537 -16.59 16.62 17.66
C PRO C 537 -15.27 17.27 18.05
N GLN C 538 -15.16 17.73 19.30
CA GLN C 538 -13.89 18.25 19.77
C GLN C 538 -12.84 17.15 19.83
N MET C 539 -13.25 15.93 20.20
CA MET C 539 -12.31 14.81 20.16
C MET C 539 -11.79 14.57 18.76
N GLN C 540 -12.69 14.60 17.77
CA GLN C 540 -12.28 14.39 16.39
C GLN C 540 -11.32 15.48 15.92
N GLN C 541 -11.69 16.73 16.15
CA GLN C 541 -10.83 17.83 15.72
C GLN C 541 -9.52 17.86 16.49
N ALA C 542 -9.49 17.22 17.67
CA ALA C 542 -8.27 17.22 18.47
C ALA C 542 -7.17 16.42 17.79
N TYR C 543 -7.48 15.21 17.33
CA TYR C 543 -6.46 14.32 16.80
C TYR C 543 -6.35 14.38 15.28
N SER C 544 -7.04 15.32 14.65
CA SER C 544 -6.95 15.42 13.20
C SER C 544 -5.57 15.89 12.76
N GLY C 545 -4.98 16.84 13.50
CA GLY C 545 -3.75 17.46 13.09
C GLY C 545 -2.54 16.57 13.32
N ASP C 546 -1.36 17.17 13.15
CA ASP C 546 -0.10 16.46 13.31
C ASP C 546 0.39 16.43 14.74
N GLU C 547 0.28 17.55 15.46
CA GLU C 547 0.82 17.64 16.80
C GLU C 547 -0.30 17.99 17.77
N TYR C 548 -0.31 17.27 18.88
CA TYR C 548 -1.28 17.49 19.94
C TYR C 548 -0.74 18.55 20.88
N VAL C 549 -1.61 19.50 21.24
CA VAL C 549 -1.26 20.60 22.13
C VAL C 549 -2.28 20.63 23.27
N VAL C 550 -1.79 20.82 24.49
CA VAL C 550 -2.65 21.02 25.65
C VAL C 550 -1.92 21.95 26.62
N LYS C 551 -2.51 23.12 26.88
CA LYS C 551 -1.93 24.10 27.79
C LYS C 551 -2.58 23.93 29.16
N ILE C 552 -1.78 23.49 30.14
CA ILE C 552 -2.27 23.20 31.48
C ILE C 552 -1.36 23.88 32.50
N ARG C 553 -1.96 24.38 33.58
CA ARG C 553 -1.26 25.06 34.68
C ARG C 553 -0.50 26.22 34.06
N ASP C 554 0.82 26.27 34.16
CA ASP C 554 1.59 27.32 33.53
C ASP C 554 2.29 26.85 32.26
N LYS C 555 2.31 25.55 32.01
CA LYS C 555 3.03 25.01 30.87
C LYS C 555 2.05 24.66 29.75
N GLU C 556 2.60 24.31 28.59
CA GLU C 556 1.80 23.78 27.51
C GLU C 556 2.60 22.66 26.85
N ILE C 557 2.00 21.48 26.82
CA ILE C 557 2.65 20.26 26.35
C ILE C 557 2.24 20.04 24.91
N ARG C 558 3.23 19.95 24.03
CA ARG C 558 3.04 19.67 22.62
C ARG C 558 3.82 18.42 22.26
N THR C 559 3.23 17.58 21.41
CA THR C 559 3.91 16.36 20.97
C THR C 559 3.40 15.94 19.60
N GLY C 560 4.32 15.55 18.73
CA GLY C 560 3.93 15.05 17.42
C GLY C 560 3.23 13.71 17.50
N LEU C 561 2.26 13.52 16.61
CA LEU C 561 1.43 12.32 16.62
C LEU C 561 1.43 11.57 15.31
N ILE C 562 2.31 11.89 14.38
CA ILE C 562 2.30 11.31 13.04
C ILE C 562 3.67 10.72 12.75
N SER C 563 3.69 9.56 12.09
CA SER C 563 4.93 8.92 11.71
C SER C 563 4.92 8.60 10.22
N THR C 564 6.09 8.39 9.66
CA THR C 564 6.26 8.16 8.23
C THR C 564 6.77 6.74 7.99
N THR C 565 6.12 6.04 7.08
CA THR C 565 6.56 4.71 6.68
C THR C 565 7.64 4.79 5.61
N LEU C 566 8.05 3.62 5.14
CA LEU C 566 9.04 3.59 4.06
C LEU C 566 8.43 3.96 2.73
N SER C 567 7.14 3.67 2.53
CA SER C 567 6.51 3.91 1.23
C SER C 567 5.79 5.24 1.16
N GLY C 568 6.01 6.13 2.12
CA GLY C 568 5.34 7.41 2.11
C GLY C 568 3.96 7.42 2.70
N THR C 569 3.46 6.28 3.16
CA THR C 569 2.17 6.24 3.82
C THR C 569 2.30 6.80 5.22
N LYS C 570 1.39 7.70 5.60
CA LYS C 570 1.47 8.42 6.85
C LYS C 570 0.61 7.71 7.91
N ILE C 571 1.22 7.34 9.01
CA ILE C 571 0.53 6.55 10.01
C ILE C 571 0.27 7.43 11.24
N ARG C 572 -0.99 7.45 11.67
CA ARG C 572 -1.34 8.07 12.94
C ARG C 572 -1.03 7.14 14.10
N LYS C 573 -0.50 7.71 15.19
CA LYS C 573 -0.21 6.91 16.36
C LYS C 573 -1.49 6.41 17.02
N VAL C 574 -2.59 7.15 16.85
CA VAL C 574 -3.88 6.79 17.40
C VAL C 574 -4.91 6.94 16.28
N VAL C 575 -5.88 6.03 16.25
CA VAL C 575 -6.93 6.05 15.23
C VAL C 575 -8.27 6.20 15.93
N LEU C 576 -9.13 7.00 15.35
CA LEU C 576 -10.41 7.33 15.98
C LEU C 576 -11.56 6.65 15.25
N PRO C 577 -12.67 6.42 15.95
CA PRO C 577 -13.81 5.74 15.33
C PRO C 577 -14.37 6.49 14.13
N ARG C 578 -14.86 5.71 13.18
CA ARG C 578 -15.52 6.24 11.98
C ARG C 578 -17.03 6.22 12.13
N PHE C 579 -17.51 5.80 13.30
CA PHE C 579 -18.93 5.63 13.52
C PHE C 579 -19.65 6.98 13.51
N GLU C 580 -20.95 6.93 13.27
CA GLU C 580 -21.79 8.10 13.37
C GLU C 580 -23.03 7.88 14.23
N ASP C 581 -23.48 6.64 14.39
CA ASP C 581 -24.62 6.38 15.24
C ASP C 581 -24.24 6.59 16.71
N GLU C 582 -25.04 7.38 17.41
CA GLU C 582 -24.65 7.87 18.72
C GLU C 582 -24.50 6.77 19.76
N GLY C 583 -25.37 5.76 19.74
CA GLY C 583 -25.33 4.74 20.78
C GLY C 583 -23.99 4.04 20.87
N GLU C 584 -23.46 3.63 19.72
CA GLU C 584 -22.15 2.99 19.71
C GLU C 584 -21.09 3.93 20.23
N ILE C 585 -21.19 5.21 19.88
CA ILE C 585 -20.22 6.19 20.35
C ILE C 585 -20.22 6.28 21.86
N LEU C 586 -21.41 6.41 22.46
CA LEU C 586 -21.49 6.50 23.91
C LEU C 586 -20.95 5.23 24.55
N LYS C 587 -21.34 4.07 24.02
CA LYS C 587 -20.90 2.82 24.62
C LYS C 587 -19.39 2.70 24.59
N TRP C 588 -18.79 2.97 23.42
CA TRP C 588 -17.34 2.83 23.30
C TRP C 588 -16.61 3.84 24.19
N LEU C 589 -17.12 5.07 24.25
CA LEU C 589 -16.50 6.06 25.13
C LEU C 589 -16.63 5.66 26.59
N MET C 590 -17.65 4.87 26.92
CA MET C 590 -17.81 4.41 28.30
C MET C 590 -16.97 3.19 28.61
N ARG C 591 -16.71 2.33 27.64
CA ARG C 591 -15.94 1.10 27.87
C ARG C 591 -14.48 1.23 27.46
N GLU C 592 -14.21 1.81 26.31
CA GLU C 592 -12.84 1.90 25.77
C GLU C 592 -12.62 3.33 25.26
N ASN C 593 -12.12 4.18 26.14
CA ASN C 593 -11.76 5.55 25.78
C ASN C 593 -10.42 5.56 25.06
N VAL C 594 -9.94 6.76 24.74
CA VAL C 594 -8.56 6.93 24.29
C VAL C 594 -7.67 6.78 25.50
N PRO C 595 -6.43 6.33 25.35
CA PRO C 595 -5.55 6.18 26.52
C PRO C 595 -5.23 7.54 27.13
N GLY C 596 -4.86 7.53 28.40
CA GLY C 596 -4.67 8.75 29.13
C GLY C 596 -5.95 9.43 29.56
N SER C 597 -7.07 8.72 29.55
CA SER C 597 -8.35 9.29 29.95
C SER C 597 -9.13 8.28 30.77
N PHE C 598 -10.17 8.77 31.45
CA PHE C 598 -11.04 7.87 32.18
C PHE C 598 -11.77 6.95 31.21
N PRO C 599 -11.99 5.67 31.58
CA PRO C 599 -11.57 5.01 32.81
C PRO C 599 -10.27 4.26 32.63
N TYR C 600 -9.40 4.74 31.74
CA TYR C 600 -8.03 4.23 31.64
C TYR C 600 -8.00 2.76 31.28
N THR C 601 -8.99 2.31 30.50
CA THR C 601 -9.03 0.93 30.06
C THR C 601 -7.79 0.57 29.24
N ALA C 602 -7.40 1.45 28.32
CA ALA C 602 -6.35 1.16 27.37
C ALA C 602 -5.02 1.80 27.70
N GLY C 603 -4.72 2.00 28.98
CA GLY C 603 -3.43 2.51 29.40
C GLY C 603 -3.50 3.80 30.19
N VAL C 604 -2.60 3.93 31.15
CA VAL C 604 -2.62 5.08 32.05
C VAL C 604 -2.04 6.34 31.40
N PHE C 605 -0.78 6.30 30.99
CA PHE C 605 -0.16 7.47 30.39
C PHE C 605 -0.93 7.91 29.16
N ALA C 606 -0.84 9.20 28.85
CA ALA C 606 -1.54 9.73 27.68
C ALA C 606 -0.99 9.11 26.40
N PHE C 607 0.32 8.99 26.31
CA PHE C 607 0.97 8.41 25.15
C PHE C 607 2.15 7.57 25.60
N LYS C 608 2.68 6.79 24.68
CA LYS C 608 3.83 5.96 24.99
C LYS C 608 5.05 6.84 25.23
N ARG C 609 5.82 6.50 26.25
CA ARG C 609 7.08 7.19 26.49
C ARG C 609 8.07 6.89 25.38
N GLU C 610 9.02 7.80 25.18
CA GLU C 610 10.03 7.60 24.15
C GLU C 610 10.97 6.48 24.54
N GLY C 611 12.00 6.25 23.73
CA GLY C 611 12.94 5.16 23.95
C GLY C 611 13.81 5.32 25.18
N GLU C 612 14.98 4.68 25.17
CA GLU C 612 15.91 4.68 26.30
C GLU C 612 15.25 4.07 27.54
N ASP C 613 14.97 2.78 27.45
CA ASP C 613 14.28 2.08 28.53
C ASP C 613 15.08 2.17 29.82
N PRO C 614 14.39 2.30 30.97
CA PRO C 614 15.05 2.38 32.29
C PRO C 614 15.24 0.99 32.90
N THR C 615 15.94 0.14 32.16
CA THR C 615 16.13 -1.26 32.55
C THR C 615 17.18 -1.32 33.66
N ARG C 616 16.73 -1.68 34.86
CA ARG C 616 17.66 -1.89 35.96
C ARG C 616 18.54 -3.12 35.67
N MET C 617 19.78 -3.06 36.14
CA MET C 617 20.72 -4.16 36.03
C MET C 617 20.97 -4.74 37.41
N PHE C 618 20.69 -6.03 37.58
CA PHE C 618 20.71 -6.66 38.88
C PHE C 618 21.98 -7.46 39.07
N ALA C 619 22.61 -7.29 40.24
CA ALA C 619 23.79 -8.06 40.58
C ALA C 619 24.02 -8.04 42.09
N GLY C 620 24.01 -9.21 42.72
CA GLY C 620 24.26 -9.28 44.14
C GLY C 620 24.46 -10.69 44.66
N GLU C 621 25.54 -10.90 45.41
CA GLU C 621 25.87 -12.21 45.96
C GLU C 621 27.00 -12.05 46.96
N GLY C 622 26.86 -12.71 48.11
CA GLY C 622 27.97 -12.79 49.06
C GLY C 622 28.16 -11.54 49.88
N ASP C 623 29.43 -11.20 50.09
CA ASP C 623 29.80 -10.13 51.01
C ASP C 623 29.54 -8.76 50.38
N ALA C 624 29.65 -7.72 51.21
CA ALA C 624 29.37 -6.37 50.74
C ALA C 624 30.49 -5.82 49.86
N PHE C 625 31.73 -6.22 50.13
CA PHE C 625 32.86 -5.66 49.40
C PHE C 625 32.82 -6.05 47.93
N ARG C 626 32.65 -7.34 47.65
CA ARG C 626 32.63 -7.79 46.27
C ARG C 626 31.40 -7.27 45.54
N THR C 627 30.25 -7.21 46.23
CA THR C 627 29.05 -6.66 45.61
C THR C 627 29.24 -5.20 45.25
N ASN C 628 29.83 -4.41 46.16
CA ASN C 628 30.11 -3.02 45.86
C ASN C 628 31.10 -2.91 44.70
N ARG C 629 32.08 -3.81 44.67
CA ARG C 629 33.01 -3.85 43.56
C ARG C 629 32.28 -4.04 42.23
N ARG C 630 31.37 -5.02 42.19
CA ARG C 630 30.62 -5.29 40.96
C ARG C 630 29.71 -4.12 40.60
N PHE C 631 29.08 -3.51 41.61
CA PHE C 631 28.22 -2.36 41.36
C PHE C 631 29.00 -1.23 40.71
N LYS C 632 30.15 -0.88 41.29
CA LYS C 632 31.02 0.10 40.66
C LYS C 632 31.43 -0.36 39.27
N LEU C 633 31.60 -1.67 39.09
CA LEU C 633 32.05 -2.20 37.81
C LEU C 633 31.03 -1.96 36.71
N VAL C 634 29.75 -2.15 37.01
CA VAL C 634 28.75 -2.13 35.95
C VAL C 634 28.11 -0.74 35.82
N SER C 635 28.08 0.03 36.90
CA SER C 635 27.41 1.34 36.91
C SER C 635 28.33 2.46 36.43
N GLU C 636 29.55 2.14 36.03
CA GLU C 636 30.53 3.16 35.70
C GLU C 636 30.15 3.93 34.44
N GLY C 637 30.36 5.24 34.46
CA GLY C 637 30.17 6.07 33.28
C GLY C 637 28.73 6.14 32.82
N MET C 638 27.79 6.00 33.74
CA MET C 638 26.37 6.07 33.42
C MET C 638 25.65 6.96 34.42
N GLU C 639 24.67 7.71 33.92
CA GLU C 639 23.96 8.67 34.77
C GLU C 639 22.77 8.02 35.45
N ALA C 640 21.81 7.52 34.68
CA ALA C 640 20.59 6.92 35.20
C ALA C 640 20.94 5.55 35.77
N LYS C 641 21.11 5.48 37.09
CA LYS C 641 21.56 4.27 37.75
C LYS C 641 20.37 3.62 38.45
N ARG C 642 20.20 2.32 38.24
CA ARG C 642 19.07 1.57 38.79
C ARG C 642 19.56 0.19 39.22
N LEU C 643 19.84 0.04 40.50
CA LEU C 643 20.40 -1.18 41.05
C LEU C 643 19.31 -2.06 41.66
N SER C 644 19.54 -3.37 41.61
CA SER C 644 18.62 -4.35 42.19
C SER C 644 19.41 -5.27 43.10
N THR C 645 18.87 -5.54 44.28
CA THR C 645 19.53 -6.32 45.31
C THR C 645 18.75 -7.58 45.60
N ALA C 646 19.44 -8.71 45.56
CA ALA C 646 18.90 -9.99 46.01
C ALA C 646 19.77 -10.51 47.14
N PHE C 647 19.21 -10.55 48.34
CA PHE C 647 19.94 -11.01 49.50
C PHE C 647 19.96 -12.54 49.52
N ASP C 648 20.65 -13.09 50.51
CA ASP C 648 20.66 -14.52 50.68
C ASP C 648 19.44 -14.97 51.46
N SER C 649 19.24 -16.29 51.51
CA SER C 649 18.11 -16.84 52.23
C SER C 649 18.21 -16.56 53.73
N VAL C 650 19.41 -16.63 54.29
CA VAL C 650 19.57 -16.39 55.72
C VAL C 650 19.01 -15.02 56.09
N THR C 651 19.29 -14.02 55.26
CA THR C 651 18.71 -12.70 55.48
C THR C 651 17.19 -12.75 55.36
N LEU C 652 16.66 -13.49 54.37
CA LEU C 652 15.22 -13.55 54.21
C LEU C 652 14.55 -14.18 55.42
N TYR C 653 15.12 -15.25 55.96
CA TYR C 653 14.66 -15.81 57.21
C TYR C 653 15.14 -15.03 58.41
N GLY C 654 16.12 -14.15 58.22
CA GLY C 654 16.55 -13.28 59.30
C GLY C 654 17.07 -13.98 60.53
N GLU C 655 17.77 -15.09 60.38
CA GLU C 655 18.36 -15.80 61.50
C GLU C 655 19.79 -15.35 61.69
N ASP C 656 20.19 -15.20 62.94
CA ASP C 656 21.54 -14.72 63.19
C ASP C 656 22.55 -15.83 62.94
N PRO C 657 23.50 -15.61 62.04
CA PRO C 657 24.53 -16.62 61.79
C PRO C 657 25.43 -16.80 63.00
N HIS C 658 25.97 -18.01 63.13
CA HIS C 658 26.77 -18.37 64.30
C HIS C 658 27.73 -19.47 63.90
N GLU C 659 28.36 -20.07 64.91
CA GLU C 659 29.37 -21.10 64.71
C GLU C 659 28.83 -22.35 64.03
N ARG C 660 27.52 -22.60 64.10
CA ARG C 660 26.97 -23.85 63.61
C ARG C 660 27.22 -23.98 62.11
N PRO C 661 27.87 -25.06 61.66
CA PRO C 661 28.11 -25.22 60.21
C PRO C 661 26.83 -25.35 59.41
N ASP C 662 25.74 -25.79 60.05
CA ASP C 662 24.47 -25.92 59.35
C ASP C 662 24.01 -24.60 58.75
N ILE C 663 24.10 -23.52 59.51
CA ILE C 663 23.74 -22.20 59.00
C ILE C 663 24.95 -21.62 58.29
N TYR C 664 26.15 -21.98 58.76
CA TYR C 664 27.38 -21.48 58.17
C TYR C 664 27.59 -22.05 56.78
N GLY C 665 27.09 -23.26 56.53
CA GLY C 665 27.35 -23.92 55.25
C GLY C 665 26.72 -23.22 54.06
N LYS C 666 25.40 -23.22 53.98
CA LYS C 666 24.70 -22.65 52.83
C LYS C 666 24.72 -21.12 52.82
N VAL C 667 25.41 -20.48 53.75
CA VAL C 667 25.37 -19.03 53.84
C VAL C 667 26.10 -18.42 52.66
N GLY C 668 25.74 -17.19 52.32
CA GLY C 668 26.45 -16.39 51.34
C GLY C 668 26.22 -16.77 49.89
N ASN C 669 25.78 -18.00 49.62
CA ASN C 669 25.56 -18.44 48.24
C ASN C 669 24.14 -18.07 47.81
N SER C 670 24.01 -17.65 46.55
CA SER C 670 22.74 -17.25 45.97
C SER C 670 22.14 -16.05 46.69
N GLY C 671 22.94 -15.03 46.93
CA GLY C 671 22.46 -13.80 47.52
C GLY C 671 23.55 -13.12 48.32
N VAL C 672 23.23 -11.91 48.77
CA VAL C 672 24.14 -11.14 49.61
C VAL C 672 23.67 -11.24 51.06
N SER C 673 24.57 -11.69 51.93
CA SER C 673 24.25 -11.87 53.34
C SER C 673 24.67 -10.62 54.10
N ILE C 674 23.77 -10.10 54.93
CA ILE C 674 24.03 -8.92 55.75
C ILE C 674 23.56 -9.23 57.16
N ALA C 675 24.17 -8.55 58.15
CA ALA C 675 23.81 -8.76 59.54
C ALA C 675 23.50 -7.49 60.32
N THR C 676 24.24 -6.40 60.13
CA THR C 676 24.10 -5.22 60.96
C THR C 676 23.89 -3.98 60.09
N LEU C 677 23.64 -2.86 60.74
CA LEU C 677 23.61 -1.58 60.03
C LEU C 677 24.97 -1.24 59.46
N GLU C 678 26.04 -1.65 60.13
CA GLU C 678 27.38 -1.36 59.63
C GLU C 678 27.60 -2.00 58.26
N ASP C 679 27.33 -3.30 58.15
CA ASP C 679 27.55 -3.98 56.88
C ASP C 679 26.59 -3.46 55.82
N MET C 680 25.35 -3.15 56.20
CA MET C 680 24.42 -2.58 55.24
C MET C 680 24.96 -1.28 54.68
N LYS C 681 25.48 -0.41 55.54
CA LYS C 681 26.07 0.83 55.07
C LYS C 681 27.28 0.57 54.18
N VAL C 682 28.17 -0.33 54.60
CA VAL C 682 29.38 -0.58 53.82
C VAL C 682 29.03 -1.17 52.46
N LEU C 683 27.88 -1.85 52.36
CA LEU C 683 27.44 -2.37 51.08
C LEU C 683 27.20 -1.24 50.09
N TYR C 684 26.51 -0.19 50.53
CA TYR C 684 26.17 0.94 49.68
C TYR C 684 27.12 2.12 49.88
N ASP C 685 28.40 1.83 50.14
CA ASP C 685 29.35 2.90 50.39
C ASP C 685 29.56 3.76 49.16
N GLY C 686 29.63 5.08 49.38
CA GLY C 686 30.06 6.01 48.37
C GLY C 686 29.09 6.28 47.25
N PHE C 687 27.92 5.67 47.27
CA PHE C 687 26.93 5.87 46.22
C PHE C 687 25.92 6.90 46.70
N ASP C 688 25.71 7.94 45.88
CA ASP C 688 24.89 9.07 46.29
C ASP C 688 23.43 8.66 46.34
N LEU C 689 22.96 8.30 47.54
CA LEU C 689 21.56 7.97 47.73
C LEU C 689 20.66 9.19 47.54
N THR C 690 21.24 10.38 47.48
CA THR C 690 20.50 11.61 47.24
C THR C 690 20.34 11.93 45.77
N ASN C 691 20.91 11.14 44.88
CA ASN C 691 20.78 11.43 43.46
C ASN C 691 19.33 11.23 43.05
N PRO C 692 18.65 12.25 42.53
CA PRO C 692 17.25 12.09 42.13
C PRO C 692 17.05 11.06 41.02
N SER C 693 17.99 10.93 40.10
CA SER C 693 17.83 10.08 38.93
C SER C 693 18.38 8.68 39.16
N THR C 694 18.35 8.21 40.41
CA THR C 694 18.86 6.88 40.75
C THR C 694 17.78 6.11 41.48
N SER C 695 17.81 4.78 41.32
CA SER C 695 16.84 3.89 41.92
C SER C 695 17.53 2.68 42.50
N VAL C 696 17.04 2.22 43.66
CA VAL C 696 17.50 0.99 44.28
C VAL C 696 16.28 0.15 44.63
N SER C 697 16.30 -1.12 44.22
CA SER C 697 15.17 -2.03 44.45
C SER C 697 15.72 -3.33 45.00
N MET C 698 15.38 -3.66 46.23
CA MET C 698 15.81 -4.90 46.85
C MET C 698 14.62 -5.81 47.11
N THR C 699 14.84 -7.11 46.94
CA THR C 699 13.75 -8.10 47.00
C THR C 699 13.87 -8.92 48.29
N ILE C 700 12.97 -8.65 49.23
CA ILE C 700 12.87 -9.41 50.47
C ILE C 700 11.60 -8.98 51.18
N ASN C 701 10.95 -9.91 51.87
CA ASN C 701 9.64 -9.67 52.43
C ASN C 701 9.57 -9.93 53.92
N GLY C 702 10.28 -10.94 54.42
CA GLY C 702 10.20 -11.29 55.81
C GLY C 702 10.62 -10.16 56.73
N PRO C 703 11.91 -9.85 56.72
CA PRO C 703 12.41 -8.75 57.58
C PRO C 703 12.14 -7.37 56.99
N ALA C 704 11.24 -7.30 56.03
CA ALA C 704 10.95 -6.04 55.34
C ALA C 704 10.87 -4.83 56.26
N PRO C 705 10.24 -4.88 57.44
CA PRO C 705 10.33 -3.73 58.35
C PRO C 705 11.76 -3.42 58.77
N THR C 706 12.44 -4.40 59.39
CA THR C 706 13.71 -4.15 60.06
C THR C 706 14.73 -3.55 59.11
N ILE C 707 15.08 -4.27 58.04
CA ILE C 707 16.06 -3.78 57.07
C ILE C 707 15.66 -2.39 56.57
N LEU C 708 14.35 -2.16 56.45
CA LEU C 708 13.88 -0.85 56.01
C LEU C 708 14.45 0.25 56.89
N ALA C 709 14.30 0.11 58.21
CA ALA C 709 14.93 1.06 59.11
C ALA C 709 16.41 1.18 58.81
N MET C 710 17.11 0.04 58.70
CA MET C 710 18.50 0.06 58.29
C MET C 710 18.70 0.95 57.08
N PHE C 711 17.97 0.69 56.01
CA PHE C 711 18.07 1.53 54.83
C PHE C 711 17.86 2.99 55.19
N MET C 712 16.75 3.28 55.88
CA MET C 712 16.48 4.65 56.30
C MET C 712 17.66 5.23 57.06
N ASN C 713 18.20 4.48 58.02
CA ASN C 713 19.32 4.99 58.79
C ASN C 713 20.50 5.30 57.88
N THR C 714 20.81 4.38 56.97
CA THR C 714 21.89 4.65 56.03
C THR C 714 21.56 5.86 55.18
N ALA C 715 20.30 5.99 54.77
CA ALA C 715 19.87 7.17 54.03
C ALA C 715 20.24 8.43 54.80
N ILE C 716 20.08 8.40 56.12
CA ILE C 716 20.60 9.47 56.95
C ILE C 716 22.12 9.49 56.87
N ASP C 717 22.75 8.38 57.30
CA ASP C 717 24.15 8.40 57.70
C ASP C 717 25.03 9.06 56.65
N GLN C 718 25.06 8.51 55.43
CA GLN C 718 25.89 9.05 54.36
C GLN C 718 25.80 10.56 54.31
N GLN C 719 24.60 11.10 54.12
CA GLN C 719 24.48 12.55 53.91
C GLN C 719 25.00 13.32 55.11
N ILE C 720 24.71 12.87 56.33
CA ILE C 720 25.23 13.57 57.50
C ILE C 720 26.75 13.59 57.45
N ASP C 721 27.37 12.43 57.19
CA ASP C 721 28.81 12.38 57.09
C ASP C 721 29.31 13.31 56.02
N ARG C 722 28.51 13.51 54.96
CA ARG C 722 28.87 14.44 53.91
C ARG C 722 29.18 15.82 54.50
N PHE C 723 28.26 16.35 55.30
CA PHE C 723 28.51 17.67 55.89
C PHE C 723 29.60 17.58 56.94
N ARG C 724 29.76 16.40 57.56
CA ARG C 724 30.89 16.19 58.45
C ARG C 724 32.20 16.41 57.71
N ALA C 725 32.25 16.04 56.44
CA ALA C 725 33.41 16.35 55.63
C ALA C 725 33.43 17.83 55.23
N ASP C 726 32.26 18.43 55.04
CA ASP C 726 32.19 19.82 54.59
C ASP C 726 32.23 20.82 55.72
N ASN C 727 31.83 20.43 56.94
CA ASN C 727 31.81 21.36 58.06
C ASN C 727 32.78 21.00 59.18
N GLY C 728 33.09 19.72 59.38
CA GLY C 728 34.06 19.35 60.39
C GLY C 728 33.63 19.59 61.82
N ARG C 729 32.33 19.58 62.09
CA ARG C 729 31.83 19.76 63.45
C ARG C 729 30.53 18.98 63.60
N ASP C 730 30.18 18.72 64.86
CA ASP C 730 28.91 18.08 65.13
C ASP C 730 27.77 19.03 64.78
N PRO C 731 26.86 18.62 63.91
CA PRO C 731 25.73 19.49 63.56
C PRO C 731 24.80 19.68 64.74
N THR C 732 24.14 20.84 64.76
CA THR C 732 23.17 21.11 65.81
C THR C 732 21.98 20.17 65.69
N ALA C 733 21.25 20.02 66.80
CA ALA C 733 20.08 19.16 66.80
C ALA C 733 19.03 19.67 65.83
N ASP C 734 18.81 20.98 65.80
CA ASP C 734 17.82 21.56 64.91
C ASP C 734 18.17 21.32 63.44
N GLU C 735 19.40 21.64 63.05
CA GLU C 735 19.81 21.40 61.67
C GLU C 735 19.89 19.91 61.38
N GLU C 736 20.20 19.10 62.39
CA GLU C 736 20.14 17.66 62.20
C GLU C 736 18.74 17.21 61.82
N ALA C 737 17.73 17.71 62.55
CA ALA C 737 16.35 17.35 62.25
C ALA C 737 15.95 17.87 60.87
N LYS C 738 16.39 19.09 60.53
CA LYS C 738 16.09 19.64 59.21
C LYS C 738 16.68 18.76 58.11
N ILE C 739 17.93 18.32 58.31
CA ILE C 739 18.59 17.46 57.32
C ILE C 739 17.84 16.14 57.19
N ARG C 740 17.46 15.55 58.33
CA ARG C 740 16.73 14.29 58.28
C ARG C 740 15.41 14.45 57.54
N ALA C 741 14.68 15.53 57.83
CA ALA C 741 13.43 15.78 57.13
C ALA C 741 13.66 15.94 55.64
N TRP C 742 14.65 16.73 55.25
CA TRP C 742 14.91 16.95 53.84
C TRP C 742 15.27 15.65 53.13
N VAL C 743 16.18 14.87 53.71
CA VAL C 743 16.64 13.66 53.05
C VAL C 743 15.52 12.63 52.98
N LEU C 744 14.68 12.55 54.02
CA LEU C 744 13.53 11.67 53.96
C LEU C 744 12.57 12.10 52.86
N GLN C 745 12.36 13.41 52.71
CA GLN C 745 11.51 13.89 51.63
C GLN C 745 12.10 13.58 50.27
N ASN C 746 13.42 13.53 50.17
CA ASN C 746 14.09 13.43 48.87
C ASN C 746 14.60 12.02 48.55
N VAL C 747 14.79 11.16 49.55
CA VAL C 747 15.36 9.84 49.29
C VAL C 747 14.37 9.00 48.48
N ARG C 748 14.89 8.03 47.74
CA ARG C 748 14.10 7.20 46.85
C ARG C 748 14.48 5.73 47.01
N GLY C 749 13.55 4.85 46.70
CA GLY C 749 13.83 3.43 46.73
C GLY C 749 12.59 2.61 46.48
N THR C 750 12.73 1.31 46.69
CA THR C 750 11.62 0.37 46.57
C THR C 750 12.04 -0.97 47.14
N VAL C 751 11.17 -1.58 47.95
CA VAL C 751 11.40 -2.90 48.51
C VAL C 751 10.23 -3.76 48.03
N GLN C 752 10.53 -4.78 47.21
CA GLN C 752 9.50 -5.69 46.72
C GLN C 752 9.11 -6.62 47.86
N ALA C 753 8.23 -6.12 48.72
CA ALA C 753 7.80 -6.82 49.92
C ALA C 753 6.35 -7.25 49.75
N ASP C 754 6.02 -8.45 50.23
CA ASP C 754 4.67 -9.00 50.16
C ASP C 754 4.51 -10.04 51.25
N ILE C 755 3.27 -10.24 51.69
CA ILE C 755 3.04 -11.20 52.78
C ILE C 755 2.17 -12.36 52.30
N LEU C 756 1.11 -12.06 51.57
CA LEU C 756 0.13 -13.08 51.25
C LEU C 756 0.71 -14.17 50.35
N LYS C 757 1.52 -13.78 49.37
CA LYS C 757 2.04 -14.77 48.42
C LYS C 757 2.92 -15.80 49.11
N GLU C 758 3.80 -15.36 50.01
CA GLU C 758 4.69 -16.31 50.67
C GLU C 758 3.90 -17.26 51.55
N ASP C 759 2.95 -16.73 52.32
CA ASP C 759 2.14 -17.59 53.18
C ASP C 759 1.33 -18.57 52.36
N GLN C 760 0.87 -18.17 51.18
CA GLN C 760 0.12 -19.08 50.34
C GLN C 760 1.01 -20.12 49.66
N GLY C 761 2.28 -19.79 49.43
CA GLY C 761 3.10 -20.59 48.53
C GLY C 761 4.01 -21.63 49.15
N GLN C 762 4.60 -21.33 50.30
CA GLN C 762 5.55 -22.25 50.93
C GLN C 762 5.27 -22.50 52.40
N ASN C 763 4.51 -21.61 53.05
CA ASN C 763 4.35 -21.62 54.51
C ASN C 763 5.68 -21.43 55.22
N THR C 764 6.67 -20.91 54.50
CA THR C 764 8.00 -20.66 55.06
C THR C 764 8.08 -19.31 55.74
N CYS C 765 6.95 -18.69 56.07
CA CYS C 765 6.97 -17.46 56.84
C CYS C 765 7.55 -17.71 58.22
N ILE C 766 8.24 -16.70 58.75
CA ILE C 766 8.73 -16.76 60.12
C ILE C 766 7.85 -15.98 61.08
N PHE C 767 6.83 -15.29 60.59
CA PHE C 767 5.95 -14.45 61.39
C PHE C 767 4.50 -14.76 61.09
N SER C 768 3.62 -14.38 62.01
CA SER C 768 2.19 -14.48 61.75
C SER C 768 1.78 -13.48 60.69
N THR C 769 0.87 -13.91 59.81
CA THR C 769 0.43 -13.05 58.72
C THR C 769 -0.15 -11.74 59.23
N GLU C 770 -1.09 -11.82 60.16
CA GLU C 770 -1.70 -10.61 60.72
C GLU C 770 -0.65 -9.75 61.41
N PHE C 771 0.29 -10.39 62.09
CA PHE C 771 1.37 -9.64 62.73
C PHE C 771 2.11 -8.78 61.71
N SER C 772 2.55 -9.40 60.61
CA SER C 772 3.30 -8.66 59.60
C SER C 772 2.44 -7.59 58.95
N LEU C 773 1.17 -7.89 58.68
CA LEU C 773 0.29 -6.91 58.07
C LEU C 773 0.10 -5.69 58.96
N LYS C 774 -0.10 -5.92 60.26
CA LYS C 774 -0.21 -4.81 61.21
C LYS C 774 1.08 -4.00 61.26
N VAL C 775 2.22 -4.68 61.25
CA VAL C 775 3.49 -3.95 61.26
C VAL C 775 3.60 -3.08 60.01
N MET C 776 3.25 -3.64 58.85
CA MET C 776 3.30 -2.88 57.61
C MET C 776 2.38 -1.67 57.67
N GLY C 777 1.18 -1.85 58.23
CA GLY C 777 0.27 -0.73 58.39
C GLY C 777 0.83 0.35 59.29
N ASP C 778 1.49 -0.04 60.38
CA ASP C 778 2.12 0.94 61.25
C ASP C 778 3.21 1.70 60.52
N ILE C 779 4.01 0.98 59.72
CA ILE C 779 5.07 1.64 58.96
C ILE C 779 4.48 2.62 57.97
N GLN C 780 3.41 2.22 57.29
CA GLN C 780 2.71 3.12 56.39
C GLN C 780 2.18 4.33 57.15
N GLU C 781 1.71 4.12 58.38
CA GLU C 781 1.25 5.23 59.21
C GLU C 781 2.37 6.22 59.46
N TYR C 782 3.55 5.72 59.81
CA TYR C 782 4.66 6.62 60.06
C TYR C 782 5.08 7.35 58.79
N PHE C 783 5.10 6.64 57.66
CA PHE C 783 5.48 7.26 56.41
C PHE C 783 4.51 8.38 56.02
N VAL C 784 3.21 8.12 56.14
CA VAL C 784 2.22 9.13 55.83
C VAL C 784 2.32 10.29 56.82
N HIS C 785 2.54 9.98 58.09
CA HIS C 785 2.72 11.04 59.09
C HIS C 785 3.91 11.93 58.77
N HIS C 786 5.04 11.33 58.40
CA HIS C 786 6.23 12.07 58.00
C HIS C 786 6.19 12.50 56.55
N GLN C 787 5.17 12.07 55.79
CA GLN C 787 4.80 12.69 54.53
C GLN C 787 5.91 12.59 53.48
N VAL C 788 6.24 11.37 53.07
CA VAL C 788 7.10 11.14 51.92
C VAL C 788 6.19 10.78 50.75
N ARG C 789 6.33 11.50 49.65
CA ARG C 789 5.41 11.39 48.53
C ARG C 789 6.00 10.64 47.34
N ASN C 790 7.17 10.05 47.49
CA ASN C 790 7.88 9.52 46.33
C ASN C 790 8.32 8.06 46.46
N PHE C 791 8.49 7.54 47.67
CA PHE C 791 8.97 6.18 47.87
C PHE C 791 7.82 5.29 48.32
N TYR C 792 7.77 4.07 47.77
CA TYR C 792 6.79 3.07 48.18
C TYR C 792 7.51 1.75 48.43
N SER C 793 6.95 0.94 49.34
CA SER C 793 7.50 -0.37 49.67
C SER C 793 6.49 -1.49 49.49
N VAL C 794 5.35 -1.23 48.85
CA VAL C 794 4.28 -2.20 48.70
C VAL C 794 4.37 -2.79 47.31
N SER C 795 4.38 -4.12 47.24
CA SER C 795 4.50 -4.84 45.97
C SER C 795 3.52 -5.99 45.98
N ILE C 796 2.35 -5.80 45.38
CA ILE C 796 1.33 -6.84 45.32
C ILE C 796 1.65 -7.71 44.11
N SER C 797 2.49 -8.71 44.30
CA SER C 797 2.96 -9.55 43.21
C SER C 797 2.21 -10.88 43.22
N GLY C 798 2.31 -11.59 42.10
CA GLY C 798 1.67 -12.88 41.98
C GLY C 798 2.51 -13.89 41.20
N TYR C 799 3.80 -13.61 41.08
CA TYR C 799 4.64 -14.41 40.20
C TYR C 799 4.70 -15.86 40.64
N HIS C 800 4.91 -16.11 41.93
CA HIS C 800 5.05 -17.48 42.40
C HIS C 800 3.76 -18.28 42.23
N ILE C 801 2.61 -17.61 42.28
CA ILE C 801 1.34 -18.30 42.12
C ILE C 801 1.28 -18.96 40.74
N ALA C 802 1.57 -18.19 39.70
CA ALA C 802 1.65 -18.77 38.36
C ALA C 802 2.83 -19.72 38.25
N GLU C 803 3.90 -19.45 39.01
CA GLU C 803 5.07 -20.31 38.96
C GLU C 803 4.74 -21.74 39.34
N ALA C 804 3.93 -21.92 40.39
CA ALA C 804 3.41 -23.24 40.69
C ALA C 804 2.60 -23.78 39.52
N GLY C 805 1.95 -22.91 38.76
CA GLY C 805 1.18 -23.36 37.62
C GLY C 805 -0.28 -22.97 37.66
N ALA C 806 -0.59 -21.87 38.33
CA ALA C 806 -1.98 -21.46 38.52
C ALA C 806 -2.64 -21.12 37.19
N ASN C 807 -3.96 -21.27 37.16
CA ASN C 807 -4.73 -20.87 36.00
C ASN C 807 -4.75 -19.35 35.87
N PRO C 808 -4.76 -18.83 34.64
CA PRO C 808 -4.68 -17.37 34.46
C PRO C 808 -5.78 -16.61 35.18
N ILE C 809 -7.04 -17.00 34.95
CA ILE C 809 -8.15 -16.28 35.56
C ILE C 809 -8.06 -16.35 37.08
N SER C 810 -7.73 -17.53 37.61
CA SER C 810 -7.57 -17.69 39.04
C SER C 810 -6.49 -16.76 39.55
N GLN C 811 -5.37 -16.68 38.85
CA GLN C 811 -4.28 -15.81 39.24
C GLN C 811 -4.73 -14.36 39.30
N LEU C 812 -5.39 -13.89 38.25
CA LEU C 812 -5.83 -12.50 38.21
C LEU C 812 -6.80 -12.21 39.34
N ALA C 813 -7.77 -13.09 39.54
CA ALA C 813 -8.76 -12.87 40.59
C ALA C 813 -8.10 -12.82 41.96
N PHE C 814 -7.18 -13.75 42.22
CA PHE C 814 -6.55 -13.78 43.54
C PHE C 814 -5.70 -12.55 43.77
N THR C 815 -4.96 -12.11 42.76
CA THR C 815 -4.16 -10.89 42.92
C THR C 815 -5.06 -9.69 43.20
N LEU C 816 -6.16 -9.57 42.46
CA LEU C 816 -7.05 -8.44 42.68
C LEU C 816 -7.65 -8.48 44.09
N ALA C 817 -8.05 -9.67 44.52
CA ALA C 817 -8.60 -9.79 45.87
C ALA C 817 -7.56 -9.40 46.91
N ASN C 818 -6.32 -9.84 46.74
CA ASN C 818 -5.27 -9.50 47.69
C ASN C 818 -5.05 -7.99 47.74
N GLY C 819 -5.01 -7.35 46.58
CA GLY C 819 -4.81 -5.91 46.55
C GLY C 819 -5.94 -5.16 47.25
N PHE C 820 -7.18 -5.57 46.97
CA PHE C 820 -8.31 -4.90 47.61
C PHE C 820 -8.32 -5.17 49.11
N THR C 821 -7.86 -6.35 49.53
CA THR C 821 -7.76 -6.62 50.96
C THR C 821 -6.74 -5.71 51.62
N TYR C 822 -5.60 -5.49 50.96
CA TYR C 822 -4.65 -4.52 51.48
C TYR C 822 -5.26 -3.12 51.56
N VAL C 823 -6.05 -2.76 50.55
CA VAL C 823 -6.69 -1.45 50.54
C VAL C 823 -7.62 -1.31 51.74
N GLU C 824 -8.44 -2.33 51.99
CA GLU C 824 -9.34 -2.29 53.13
C GLU C 824 -8.57 -2.23 54.45
N ALA C 825 -7.49 -3.01 54.55
CA ALA C 825 -6.69 -2.99 55.77
C ALA C 825 -6.13 -1.60 56.04
N TYR C 826 -5.60 -0.95 55.00
CA TYR C 826 -5.11 0.41 55.17
C TYR C 826 -6.24 1.35 55.55
N LEU C 827 -7.42 1.17 54.96
CA LEU C 827 -8.56 1.97 55.35
C LEU C 827 -8.87 1.81 56.83
N ALA C 828 -8.66 0.61 57.35
CA ALA C 828 -8.99 0.30 58.74
C ALA C 828 -8.09 0.98 59.75
N ARG C 829 -6.93 1.49 59.35
CA ARG C 829 -5.97 2.06 60.28
C ARG C 829 -6.08 3.57 60.42
N GLY C 830 -7.23 4.15 60.08
CA GLY C 830 -7.43 5.57 60.23
C GLY C 830 -6.58 6.43 59.33
N MET C 831 -6.35 6.01 58.09
CA MET C 831 -5.66 6.81 57.10
C MET C 831 -6.56 7.00 55.90
N HIS C 832 -6.57 8.21 55.35
CA HIS C 832 -7.45 8.48 54.22
C HIS C 832 -6.92 7.82 52.97
N ILE C 833 -7.84 7.57 52.02
CA ILE C 833 -7.51 6.80 50.83
C ILE C 833 -6.49 7.54 49.97
N ASP C 834 -6.67 8.85 49.82
CA ASP C 834 -5.92 9.63 48.84
C ASP C 834 -4.44 9.74 49.14
N ASP C 835 -3.94 9.08 50.17
CA ASP C 835 -2.54 9.22 50.55
C ASP C 835 -1.69 8.02 50.18
N PHE C 836 -2.29 6.91 49.75
CA PHE C 836 -1.52 5.72 49.42
C PHE C 836 -1.91 5.04 48.11
N ALA C 837 -3.04 5.38 47.51
CA ALA C 837 -3.48 4.66 46.31
C ALA C 837 -2.45 4.70 45.20
N PRO C 838 -1.90 5.84 44.78
CA PRO C 838 -0.99 5.84 43.63
C PRO C 838 0.35 5.18 43.89
N ASN C 839 0.62 4.76 45.13
CA ASN C 839 1.90 4.11 45.39
C ASN C 839 1.82 2.60 45.34
N LEU C 840 0.66 2.03 45.03
CA LEU C 840 0.55 0.59 44.93
C LEU C 840 1.02 0.10 43.57
N SER C 841 1.29 -1.19 43.46
CA SER C 841 1.75 -1.79 42.22
C SER C 841 1.32 -3.24 42.15
N PHE C 842 1.58 -3.86 41.00
CA PHE C 842 1.26 -5.26 40.78
C PHE C 842 2.29 -5.91 39.87
N PHE C 843 2.50 -7.21 40.09
CA PHE C 843 3.60 -7.93 39.45
C PHE C 843 3.08 -9.34 39.14
N PHE C 844 2.91 -9.65 37.86
CA PHE C 844 2.36 -10.93 37.46
C PHE C 844 2.84 -11.28 36.06
N SER C 845 2.61 -12.53 35.67
CA SER C 845 3.23 -13.11 34.50
C SER C 845 2.18 -13.55 33.50
N ASN C 846 2.56 -13.49 32.22
CA ASN C 846 1.72 -13.93 31.12
C ASN C 846 2.20 -15.29 30.63
N GLY C 847 1.25 -16.18 30.32
CA GLY C 847 1.54 -17.47 29.79
C GLY C 847 1.12 -17.60 28.34
N MET C 848 0.85 -18.85 27.95
CA MET C 848 0.54 -19.13 26.54
C MET C 848 -0.95 -19.11 26.25
N ASP C 849 -1.79 -19.06 27.28
CA ASP C 849 -3.22 -19.12 27.05
C ASP C 849 -3.71 -17.83 26.41
N PRO C 850 -4.81 -17.87 25.67
CA PRO C 850 -5.31 -16.64 25.02
C PRO C 850 -5.72 -15.56 26.01
N GLU C 851 -6.10 -15.94 27.24
CA GLU C 851 -6.58 -14.95 28.20
C GLU C 851 -5.53 -13.90 28.50
N TYR C 852 -4.26 -14.30 28.56
CA TYR C 852 -3.19 -13.33 28.79
C TYR C 852 -3.24 -12.21 27.76
N SER C 853 -3.59 -12.53 26.51
CA SER C 853 -3.62 -11.53 25.46
C SER C 853 -4.56 -10.38 25.78
N VAL C 854 -5.55 -10.61 26.64
CA VAL C 854 -6.43 -9.54 27.11
C VAL C 854 -6.31 -9.30 28.59
N LEU C 855 -5.46 -10.07 29.29
CA LEU C 855 -5.44 -10.04 30.75
C LEU C 855 -5.27 -8.63 31.28
N GLY C 856 -4.25 -7.93 30.79
CA GLY C 856 -3.99 -6.58 31.29
C GLY C 856 -5.19 -5.67 31.15
N ARG C 857 -5.91 -5.81 30.04
CA ARG C 857 -7.13 -5.04 29.86
C ARG C 857 -8.02 -5.16 31.08
N VAL C 858 -8.39 -6.40 31.45
CA VAL C 858 -9.23 -6.60 32.62
C VAL C 858 -8.58 -5.98 33.84
N ALA C 859 -7.26 -6.15 33.97
CA ALA C 859 -6.54 -5.60 35.12
C ALA C 859 -6.83 -4.13 35.28
N ARG C 860 -6.82 -3.38 34.18
CA ARG C 860 -7.13 -1.96 34.28
C ARG C 860 -8.58 -1.74 34.67
N ARG C 861 -9.50 -2.44 34.00
CA ARG C 861 -10.91 -2.10 34.13
C ARG C 861 -11.42 -2.32 35.54
N ILE C 862 -11.19 -3.52 36.10
CA ILE C 862 -11.82 -3.89 37.36
C ILE C 862 -11.38 -2.94 38.47
N TRP C 863 -10.09 -2.62 38.52
CA TRP C 863 -9.62 -1.64 39.48
C TRP C 863 -10.29 -0.29 39.26
N ALA C 864 -10.30 0.16 37.99
CA ALA C 864 -10.69 1.53 37.70
C ALA C 864 -12.04 1.88 38.32
N VAL C 865 -13.08 1.14 37.93
CA VAL C 865 -14.42 1.46 38.41
C VAL C 865 -14.45 1.48 39.94
N THR C 866 -13.74 0.54 40.56
CA THR C 866 -13.80 0.43 42.02
C THR C 866 -13.30 1.70 42.70
N MET C 867 -12.35 2.40 42.07
CA MET C 867 -11.84 3.61 42.69
C MET C 867 -12.74 4.81 42.49
N ARG C 868 -13.70 4.74 41.55
CA ARG C 868 -14.46 5.93 41.20
C ARG C 868 -15.69 6.11 42.09
N ASP C 869 -16.59 5.13 42.10
CA ASP C 869 -17.82 5.30 42.85
C ASP C 869 -17.70 4.77 44.28
N LYS C 870 -16.96 3.68 44.47
CA LYS C 870 -16.94 3.01 45.77
C LYS C 870 -16.23 3.84 46.82
N TYR C 871 -15.15 4.53 46.43
CA TYR C 871 -14.43 5.37 47.38
C TYR C 871 -14.17 6.77 46.86
N GLY C 872 -14.18 6.97 45.54
CA GLY C 872 -14.01 8.30 44.98
C GLY C 872 -12.67 8.94 45.27
N ALA C 873 -11.59 8.19 45.13
CA ALA C 873 -10.26 8.76 45.33
C ALA C 873 -9.91 9.71 44.19
N ASN C 874 -8.69 10.24 44.25
CA ASN C 874 -8.22 11.12 43.20
C ASN C 874 -8.10 10.37 41.88
N ASP C 875 -8.26 11.13 40.80
CA ASP C 875 -8.02 10.56 39.47
C ASP C 875 -6.62 10.00 39.36
N ARG C 876 -5.62 10.75 39.85
CA ARG C 876 -4.27 10.22 39.91
C ARG C 876 -4.19 9.00 40.79
N SER C 877 -4.99 8.97 41.87
CA SER C 877 -5.04 7.79 42.71
C SER C 877 -5.74 6.63 42.00
N GLN C 878 -6.70 6.94 41.13
CA GLN C 878 -7.46 5.89 40.46
C GLN C 878 -6.63 5.09 39.47
N LYS C 879 -5.65 5.71 38.81
CA LYS C 879 -4.85 5.05 37.79
C LYS C 879 -4.13 3.85 38.40
N LEU C 880 -3.98 2.78 37.62
CA LEU C 880 -3.32 1.57 38.09
C LEU C 880 -2.11 1.25 37.22
N LYS C 881 -0.99 0.92 37.85
CA LYS C 881 0.23 0.56 37.15
C LYS C 881 0.61 -0.88 37.46
N TYR C 882 1.22 -1.56 36.50
CA TYR C 882 1.51 -2.98 36.65
C TYR C 882 2.91 -3.30 36.15
N HIS C 883 3.40 -4.47 36.57
CA HIS C 883 4.65 -5.04 36.08
C HIS C 883 4.37 -6.41 35.48
N ILE C 884 4.98 -6.66 34.33
CA ILE C 884 4.79 -7.91 33.59
C ILE C 884 6.15 -8.58 33.42
N GLN C 885 6.23 -9.84 33.80
CA GLN C 885 7.46 -10.62 33.66
C GLN C 885 7.14 -11.93 32.96
N THR C 886 8.07 -12.41 32.15
CA THR C 886 7.86 -13.66 31.44
C THR C 886 7.78 -14.81 32.44
N SER C 887 7.13 -15.89 32.01
CA SER C 887 6.92 -17.04 32.88
C SER C 887 7.90 -18.15 32.53
N GLY C 888 8.81 -18.46 33.46
CA GLY C 888 9.80 -19.49 33.25
C GLY C 888 9.32 -20.90 33.35
N ARG C 889 8.14 -21.13 33.95
CA ARG C 889 7.57 -22.46 33.99
C ARG C 889 7.25 -22.95 32.59
N SER C 890 6.76 -22.06 31.72
CA SER C 890 6.53 -22.42 30.33
C SER C 890 7.84 -22.74 29.62
N LEU C 891 8.90 -22.03 29.97
CA LEU C 891 10.21 -22.28 29.36
C LEU C 891 10.90 -23.41 30.11
N HIS C 892 10.69 -24.64 29.65
CA HIS C 892 11.28 -25.81 30.32
C HIS C 892 12.66 -26.09 29.74
N ALA C 893 13.54 -26.59 30.61
CA ALA C 893 14.94 -26.80 30.22
C ALA C 893 15.05 -27.73 29.03
N GLN C 894 14.16 -28.73 28.96
CA GLN C 894 14.13 -29.59 27.79
C GLN C 894 13.91 -28.75 26.53
N GLU C 895 14.81 -28.93 25.56
CA GLU C 895 14.81 -28.13 24.33
C GLU C 895 14.77 -26.65 24.66
N ILE C 896 15.80 -26.16 25.34
CA ILE C 896 15.84 -24.78 25.79
C ILE C 896 15.81 -23.81 24.62
N ASP C 897 16.27 -24.25 23.44
CA ASP C 897 16.34 -23.34 22.30
C ASP C 897 14.97 -22.84 21.89
N PHE C 898 13.96 -23.71 21.89
CA PHE C 898 12.61 -23.32 21.50
C PHE C 898 12.01 -22.30 22.46
N ASN C 899 12.41 -22.34 23.73
CA ASN C 899 11.87 -21.43 24.72
C ASN C 899 12.18 -19.99 24.36
N ASP C 900 13.41 -19.73 23.90
CA ASP C 900 13.77 -18.37 23.52
C ASP C 900 12.90 -17.86 22.39
N ILE C 901 12.64 -18.70 21.39
CA ILE C 901 11.79 -18.27 20.29
C ILE C 901 10.37 -18.00 20.78
N ARG C 902 9.82 -18.90 21.59
CA ARG C 902 8.43 -18.74 21.98
C ARG C 902 8.25 -17.61 22.99
N THR C 903 9.35 -17.15 23.61
CA THR C 903 9.25 -15.99 24.48
C THR C 903 8.88 -14.73 23.71
N THR C 904 9.26 -14.64 22.44
CA THR C 904 8.84 -13.51 21.62
C THR C 904 7.32 -13.43 21.55
N LEU C 905 6.66 -14.58 21.45
CA LEU C 905 5.21 -14.60 21.44
C LEU C 905 4.66 -13.99 22.72
N GLN C 906 5.27 -14.33 23.86
CA GLN C 906 4.87 -13.70 25.12
C GLN C 906 5.08 -12.20 25.08
N ALA C 907 6.24 -11.76 24.60
CA ALA C 907 6.57 -10.35 24.66
C ALA C 907 5.64 -9.51 23.80
N LEU C 908 5.19 -10.07 22.67
CA LEU C 908 4.39 -9.29 21.72
C LEU C 908 3.10 -8.80 22.36
N ILE C 909 2.35 -9.70 23.00
CA ILE C 909 1.09 -9.29 23.61
C ILE C 909 1.32 -8.34 24.77
N ALA C 910 2.40 -8.53 25.53
CA ALA C 910 2.71 -7.60 26.61
C ALA C 910 2.93 -6.19 26.07
N ILE C 911 3.68 -6.08 24.97
CA ILE C 911 3.87 -4.78 24.35
C ILE C 911 2.54 -4.23 23.85
N TYR C 912 1.73 -5.08 23.21
CA TYR C 912 0.45 -4.63 22.67
C TYR C 912 -0.45 -4.06 23.73
N ASP C 913 -0.33 -4.53 24.97
CA ASP C 913 -1.22 -4.13 26.04
C ASP C 913 -0.73 -2.91 26.80
N ASN C 914 0.06 -2.05 26.15
CA ASN C 914 0.63 -0.86 26.78
C ASN C 914 1.41 -1.23 28.04
N CYS C 915 2.44 -2.04 27.85
CA CYS C 915 3.28 -2.43 28.97
C CYS C 915 3.91 -1.22 29.62
N ASN C 916 3.81 -1.17 30.95
CA ASN C 916 4.43 -0.11 31.72
C ASN C 916 5.88 -0.38 32.06
N SER C 917 6.27 -1.65 32.13
CA SER C 917 7.63 -2.04 32.47
C SER C 917 7.78 -3.51 32.11
N LEU C 918 8.77 -3.80 31.26
CA LEU C 918 8.94 -5.13 30.71
C LEU C 918 10.27 -5.71 31.14
N HIS C 919 10.23 -6.94 31.65
CA HIS C 919 11.43 -7.72 31.92
C HIS C 919 11.50 -8.87 30.95
N THR C 920 12.69 -9.22 30.51
CA THR C 920 12.94 -10.43 29.74
C THR C 920 14.04 -11.20 30.45
N ASN C 921 13.64 -12.01 31.42
CA ASN C 921 14.57 -12.68 32.31
C ASN C 921 14.69 -14.13 31.90
N ALA C 922 15.80 -14.75 32.31
CA ALA C 922 16.01 -16.18 32.06
C ALA C 922 15.14 -16.97 33.04
N TYR C 923 15.37 -18.30 33.08
CA TYR C 923 14.60 -19.14 33.99
C TYR C 923 14.75 -18.67 35.43
N ASP C 924 15.97 -18.67 35.94
CA ASP C 924 16.23 -18.11 37.27
C ASP C 924 15.92 -16.62 37.29
N GLU C 925 15.17 -16.21 38.32
CA GLU C 925 14.79 -14.81 38.43
C GLU C 925 16.00 -13.91 38.66
N ALA C 926 17.04 -14.43 39.31
CA ALA C 926 18.21 -13.64 39.67
C ALA C 926 19.51 -14.20 39.13
N ILE C 927 19.46 -14.90 37.99
CA ILE C 927 20.65 -15.54 37.42
C ILE C 927 21.30 -16.42 38.47
N THR C 928 20.58 -17.45 38.93
CA THR C 928 21.11 -18.36 39.93
C THR C 928 22.49 -18.86 39.54
N THR C 929 22.69 -19.11 38.26
CA THR C 929 24.03 -19.34 37.74
C THR C 929 24.50 -18.10 37.00
N PRO C 930 25.80 -17.78 37.04
CA PRO C 930 26.30 -16.63 36.27
C PRO C 930 26.02 -16.80 34.79
N THR C 931 25.15 -15.94 34.26
CA THR C 931 24.67 -16.08 32.89
C THR C 931 25.75 -15.71 31.88
N ALA C 932 25.38 -15.67 30.61
CA ALA C 932 26.33 -15.54 29.52
C ALA C 932 25.74 -14.59 28.48
N GLU C 933 26.26 -14.66 27.25
CA GLU C 933 25.78 -13.87 26.13
C GLU C 933 24.26 -13.85 26.00
N SER C 934 23.60 -14.86 26.59
CA SER C 934 22.15 -14.95 26.51
C SER C 934 21.45 -13.66 26.93
N VAL C 935 22.00 -12.95 27.92
CA VAL C 935 21.39 -11.69 28.35
C VAL C 935 21.26 -10.74 27.17
N ARG C 936 22.31 -10.63 26.36
CA ARG C 936 22.21 -9.92 25.09
C ARG C 936 20.93 -10.31 24.37
N ARG C 937 20.80 -11.60 24.03
CA ARG C 937 19.57 -12.09 23.42
C ARG C 937 18.36 -11.70 24.24
N ALA C 938 18.42 -11.93 25.56
CA ALA C 938 17.32 -11.56 26.43
C ALA C 938 16.92 -10.10 26.21
N LEU C 939 17.89 -9.20 26.17
CA LEU C 939 17.58 -7.81 25.89
C LEU C 939 17.14 -7.61 24.46
N ALA C 940 17.85 -8.21 23.51
CA ALA C 940 17.72 -7.83 22.11
C ALA C 940 16.26 -7.86 21.67
N ILE C 941 15.57 -8.96 21.99
CA ILE C 941 14.22 -9.16 21.50
C ILE C 941 13.34 -7.96 21.87
N GLN C 942 13.42 -7.53 23.13
CA GLN C 942 12.61 -6.38 23.54
C GLN C 942 12.87 -5.20 22.63
N LEU C 943 14.15 -4.84 22.46
CA LEU C 943 14.50 -3.78 21.54
C LEU C 943 13.89 -4.04 20.17
N ILE C 944 14.08 -5.25 19.64
CA ILE C 944 13.62 -5.57 18.29
C ILE C 944 12.16 -5.18 18.11
N ILE C 945 11.37 -5.33 19.17
CA ILE C 945 9.95 -5.02 19.03
C ILE C 945 9.71 -3.53 19.15
N ASN C 946 10.25 -2.91 20.20
CA ASN C 946 9.80 -1.57 20.54
C ASN C 946 10.39 -0.50 19.64
N ARG C 947 11.57 -0.73 19.08
CA ARG C 947 12.28 0.28 18.32
C ARG C 947 12.06 0.16 16.82
N GLU C 948 11.81 -1.04 16.30
CA GLU C 948 11.83 -1.23 14.86
C GLU C 948 10.61 -1.97 14.31
N TRP C 949 9.91 -2.75 15.13
CA TRP C 949 8.74 -3.44 14.60
C TRP C 949 7.69 -2.43 14.16
N GLY C 950 7.15 -2.64 12.95
CA GLY C 950 6.30 -1.63 12.36
C GLY C 950 4.98 -1.44 13.07
N VAL C 951 4.22 -2.53 13.25
CA VAL C 951 2.91 -2.43 13.85
C VAL C 951 2.98 -1.85 15.26
N ALA C 952 4.12 -2.04 15.93
CA ALA C 952 4.29 -1.52 17.28
C ALA C 952 4.17 -0.01 17.36
N LYS C 953 4.32 0.71 16.24
CA LYS C 953 4.11 2.15 16.29
C LYS C 953 2.65 2.50 16.56
N CYS C 954 1.72 1.59 16.33
CA CYS C 954 0.36 1.77 16.82
C CYS C 954 0.34 1.45 18.31
N GLU C 955 -0.70 1.90 19.00
CA GLU C 955 -0.86 1.60 20.41
C GLU C 955 -2.25 1.10 20.77
N ASN C 956 -3.22 1.20 19.87
CA ASN C 956 -4.63 1.04 20.24
C ASN C 956 -5.33 0.07 19.30
N PRO C 957 -5.19 -1.23 19.54
CA PRO C 957 -6.17 -2.18 19.01
C PRO C 957 -7.58 -1.96 19.55
N ASN C 958 -8.40 -1.09 18.93
CA ASN C 958 -9.71 -0.78 19.50
C ASN C 958 -10.88 -1.20 18.60
N GLN C 959 -10.80 -1.05 17.27
CA GLN C 959 -11.90 -1.48 16.40
C GLN C 959 -11.42 -2.13 15.11
N GLY C 960 -11.57 -3.44 15.01
CA GLY C 960 -10.91 -4.29 14.02
C GLY C 960 -10.26 -5.55 14.57
N SER C 961 -10.61 -6.00 15.77
CA SER C 961 -10.21 -7.29 16.32
C SER C 961 -11.24 -7.76 17.36
N PHE C 962 -12.21 -8.56 16.92
CA PHE C 962 -13.39 -8.90 17.75
C PHE C 962 -13.00 -9.57 19.05
N LEU C 963 -12.08 -10.54 18.97
CA LEU C 963 -11.80 -11.40 20.11
C LEU C 963 -11.42 -10.59 21.33
N ILE C 964 -10.77 -9.44 21.10
CA ILE C 964 -10.41 -8.58 22.23
C ILE C 964 -11.65 -8.25 23.06
N GLU C 965 -12.65 -7.63 22.43
CA GLU C 965 -13.84 -7.24 23.17
C GLU C 965 -14.58 -8.45 23.73
N GLU C 966 -14.75 -9.49 22.93
CA GLU C 966 -15.55 -10.62 23.39
C GLU C 966 -14.91 -11.29 24.60
N LEU C 967 -13.64 -11.65 24.49
CA LEU C 967 -12.94 -12.26 25.60
C LEU C 967 -12.88 -11.31 26.78
N THR C 968 -12.79 -10.00 26.53
CA THR C 968 -12.81 -9.04 27.63
C THR C 968 -14.07 -9.20 28.47
N ASP C 969 -15.22 -9.18 27.80
CA ASP C 969 -16.48 -9.32 28.54
C ASP C 969 -16.53 -10.66 29.28
N LEU C 970 -16.16 -11.74 28.59
CA LEU C 970 -16.26 -13.06 29.20
C LEU C 970 -15.36 -13.17 30.43
N VAL C 971 -14.12 -12.69 30.32
CA VAL C 971 -13.18 -12.77 31.42
C VAL C 971 -13.64 -11.91 32.58
N GLU C 972 -14.19 -10.73 32.29
CA GLU C 972 -14.73 -9.90 33.36
C GLU C 972 -15.80 -10.66 34.14
N GLU C 973 -16.73 -11.29 33.43
CA GLU C 973 -17.78 -12.03 34.11
C GLU C 973 -17.18 -13.15 34.95
N ALA C 974 -16.21 -13.88 34.40
CA ALA C 974 -15.63 -15.00 35.13
C ALA C 974 -14.93 -14.52 36.40
N VAL C 975 -14.18 -13.43 36.30
CA VAL C 975 -13.45 -12.93 37.47
C VAL C 975 -14.42 -12.45 38.53
N LEU C 976 -15.51 -11.80 38.13
CA LEU C 976 -16.50 -11.38 39.12
C LEU C 976 -17.13 -12.58 39.82
N GLN C 977 -17.43 -13.64 39.06
CA GLN C 977 -17.97 -14.84 39.68
C GLN C 977 -16.98 -15.46 40.66
N GLU C 978 -15.69 -15.46 40.31
CA GLU C 978 -14.68 -15.98 41.24
C GLU C 978 -14.59 -15.11 42.49
N PHE C 979 -14.74 -13.80 42.34
CA PHE C 979 -14.83 -12.93 43.50
C PHE C 979 -15.99 -13.33 44.39
N GLU C 980 -17.13 -13.64 43.77
CA GLU C 980 -18.28 -14.09 44.55
C GLU C 980 -17.97 -15.36 45.32
N ARG C 981 -17.32 -16.32 44.67
CA ARG C 981 -16.92 -17.54 45.35
C ARG C 981 -16.03 -17.23 46.55
N ILE C 982 -15.01 -16.41 46.34
CA ILE C 982 -14.06 -16.10 47.41
C ILE C 982 -14.79 -15.44 48.57
N ALA C 983 -15.67 -14.49 48.28
CA ALA C 983 -16.43 -13.87 49.34
C ALA C 983 -17.28 -14.88 50.09
N GLU C 984 -17.92 -15.78 49.36
CA GLU C 984 -18.78 -16.78 49.98
C GLU C 984 -18.00 -17.76 50.85
N ARG C 985 -16.73 -18.02 50.57
CA ARG C 985 -15.97 -19.00 51.33
C ARG C 985 -15.52 -18.46 52.68
N GLY C 986 -16.05 -17.33 53.12
CA GLY C 986 -15.81 -16.86 54.46
C GLY C 986 -14.61 -15.96 54.66
N GLY C 987 -14.50 -14.89 53.88
CA GLY C 987 -13.48 -13.89 54.10
C GLY C 987 -12.12 -14.32 53.59
N VAL C 988 -11.33 -13.32 53.22
CA VAL C 988 -10.00 -13.58 52.69
C VAL C 988 -9.12 -14.24 53.76
N LEU C 989 -9.10 -13.67 54.96
CA LEU C 989 -8.32 -14.28 56.03
C LEU C 989 -8.91 -15.61 56.45
N GLY C 990 -10.22 -15.77 56.34
CA GLY C 990 -10.81 -17.09 56.58
C GLY C 990 -10.26 -18.14 55.63
N ALA C 991 -10.24 -17.81 54.34
CA ALA C 991 -9.65 -18.72 53.36
C ALA C 991 -8.19 -18.97 53.67
N MET C 992 -7.46 -17.92 54.07
CA MET C 992 -6.07 -18.09 54.51
C MET C 992 -5.97 -19.14 55.59
N GLU C 993 -6.85 -19.07 56.58
CA GLU C 993 -6.82 -20.06 57.65
C GLU C 993 -7.15 -21.45 57.13
N THR C 994 -8.12 -21.54 56.21
CA THR C 994 -8.60 -22.85 55.75
C THR C 994 -7.77 -23.42 54.61
N GLY C 995 -6.83 -22.67 54.07
CA GLY C 995 -6.02 -23.18 52.98
C GLY C 995 -6.81 -23.48 51.72
N TYR C 996 -7.86 -22.72 51.45
CA TYR C 996 -8.66 -22.94 50.25
C TYR C 996 -7.81 -22.74 49.00
N GLN C 997 -7.04 -21.65 48.96
CA GLN C 997 -6.28 -21.32 47.76
C GLN C 997 -5.20 -22.36 47.50
N ARG C 998 -4.51 -22.83 48.54
CA ARG C 998 -3.47 -23.83 48.33
C ARG C 998 -4.05 -25.09 47.71
N GLY C 999 -5.21 -25.52 48.21
CA GLY C 999 -5.85 -26.70 47.64
C GLY C 999 -6.29 -26.48 46.21
N LYS C 1000 -6.85 -25.30 45.91
CA LYS C 1000 -7.27 -25.02 44.55
C LYS C 1000 -6.09 -25.04 43.60
N ILE C 1001 -4.98 -24.42 44.01
CA ILE C 1001 -3.78 -24.38 43.17
C ILE C 1001 -3.23 -25.78 42.98
N GLN C 1002 -3.16 -26.56 44.05
CA GLN C 1002 -2.66 -27.92 43.93
C GLN C 1002 -3.52 -28.73 42.97
N GLU C 1003 -4.85 -28.62 43.09
CA GLU C 1003 -5.74 -29.37 42.22
C GLU C 1003 -5.54 -29.00 40.76
N GLU C 1004 -5.54 -27.69 40.47
CA GLU C 1004 -5.42 -27.27 39.08
C GLU C 1004 -4.05 -27.61 38.52
N SER C 1005 -2.99 -27.50 39.34
CA SER C 1005 -1.66 -27.86 38.86
C SER C 1005 -1.56 -29.34 38.56
N LEU C 1006 -2.17 -30.17 39.42
CA LEU C 1006 -2.18 -31.61 39.16
C LEU C 1006 -2.93 -31.91 37.87
N TYR C 1007 -4.05 -31.23 37.65
CA TYR C 1007 -4.79 -31.41 36.40
C TYR C 1007 -3.93 -31.01 35.21
N TYR C 1008 -3.21 -29.89 35.33
CA TYR C 1008 -2.32 -29.45 34.27
C TYR C 1008 -1.27 -30.49 33.96
N GLU C 1009 -0.59 -31.01 34.99
CA GLU C 1009 0.46 -31.99 34.76
C GLU C 1009 -0.10 -33.28 34.18
N GLN C 1010 -1.32 -33.65 34.60
CA GLN C 1010 -1.97 -34.84 34.04
C GLN C 1010 -2.22 -34.67 32.55
N LEU C 1011 -2.82 -33.55 32.17
CA LEU C 1011 -3.03 -33.28 30.74
C LEU C 1011 -1.70 -33.22 30.02
N LYS C 1012 -0.66 -32.71 30.67
CA LYS C 1012 0.65 -32.61 30.06
C LYS C 1012 1.18 -33.98 29.70
N HIS C 1013 1.32 -34.85 30.70
CA HIS C 1013 1.83 -36.19 30.44
C HIS C 1013 0.88 -37.04 29.61
N ASP C 1014 -0.39 -36.64 29.52
CA ASP C 1014 -1.31 -37.37 28.67
C ASP C 1014 -1.36 -36.80 27.26
N GLY C 1015 -1.23 -35.48 27.12
CA GLY C 1015 -1.23 -34.85 25.82
C GLY C 1015 -2.58 -34.45 25.28
N THR C 1016 -3.65 -34.59 26.07
CA THR C 1016 -4.96 -34.09 25.64
C THR C 1016 -4.89 -32.64 25.23
N LEU C 1017 -4.12 -31.83 25.96
CA LEU C 1017 -3.64 -30.57 25.42
C LEU C 1017 -2.21 -30.79 24.95
N PRO C 1018 -1.95 -30.76 23.65
CA PRO C 1018 -0.58 -30.96 23.19
C PRO C 1018 0.30 -29.80 23.61
N ILE C 1019 1.61 -30.06 23.67
CA ILE C 1019 2.60 -29.02 23.88
C ILE C 1019 3.76 -29.29 22.94
N ILE C 1020 4.16 -28.28 22.19
CA ILE C 1020 5.19 -28.45 21.17
C ILE C 1020 6.52 -28.76 21.84
N GLY C 1021 7.34 -29.56 21.19
CA GLY C 1021 8.73 -29.71 21.55
C GLY C 1021 9.02 -30.52 22.80
N VAL C 1022 8.02 -31.17 23.38
CA VAL C 1022 8.21 -31.98 24.57
C VAL C 1022 7.69 -33.40 24.39
N ASN C 1023 6.42 -33.54 24.00
CA ASN C 1023 5.83 -34.84 23.76
C ASN C 1023 5.85 -35.22 22.29
N THR C 1024 6.40 -34.38 21.43
CA THR C 1024 6.35 -34.66 19.99
C THR C 1024 7.46 -33.88 19.30
N PHE C 1025 7.78 -34.31 18.08
CA PHE C 1025 8.83 -33.71 17.27
C PHE C 1025 10.18 -33.72 17.99
N ARG C 1026 10.47 -34.82 18.66
CA ARG C 1026 11.76 -34.98 19.31
C ARG C 1026 12.84 -35.32 18.30
N ASN C 1027 14.07 -35.08 18.68
CA ASN C 1027 15.20 -35.29 17.77
C ASN C 1027 15.60 -36.77 17.78
N PRO C 1028 15.69 -37.42 16.62
CA PRO C 1028 16.14 -38.82 16.60
C PRO C 1028 17.55 -39.00 17.14
N ASN C 1029 18.38 -37.97 17.11
CA ASN C 1029 19.71 -38.02 17.69
C ASN C 1029 19.69 -38.02 19.20
N GLY C 1030 18.53 -37.84 19.81
CA GLY C 1030 18.43 -37.78 21.25
C GLY C 1030 18.78 -36.41 21.78
N ASP C 1031 18.72 -36.30 23.11
CA ASP C 1031 18.99 -35.04 23.81
C ASP C 1031 20.04 -35.31 24.88
N PRO C 1032 21.32 -35.34 24.49
CA PRO C 1032 22.38 -35.54 25.48
C PRO C 1032 22.38 -34.48 26.57
N THR C 1033 21.98 -33.26 26.24
CA THR C 1033 21.91 -32.11 27.14
C THR C 1033 23.21 -31.92 27.92
N PRO C 1034 24.34 -31.69 27.25
CA PRO C 1034 25.59 -31.43 27.99
C PRO C 1034 25.59 -30.02 28.57
N GLN C 1035 25.86 -29.93 29.85
CA GLN C 1035 25.81 -28.66 30.58
C GLN C 1035 26.53 -28.83 31.90
N THR C 1036 26.42 -27.82 32.77
CA THR C 1036 26.96 -27.85 34.12
C THR C 1036 25.96 -27.15 35.03
N LEU C 1037 26.06 -27.42 36.33
CA LEU C 1037 25.03 -26.99 37.27
C LEU C 1037 25.16 -25.50 37.62
N GLU C 1038 26.25 -25.13 38.30
CA GLU C 1038 26.39 -23.77 38.80
C GLU C 1038 27.80 -23.50 39.30
N LEU C 1039 28.19 -22.22 39.32
CA LEU C 1039 29.48 -21.80 39.86
C LEU C 1039 29.22 -20.58 40.73
N ALA C 1040 28.91 -20.83 42.00
CA ALA C 1040 28.69 -19.75 42.97
C ALA C 1040 29.21 -20.23 44.32
N ARG C 1041 30.45 -19.85 44.64
CA ARG C 1041 31.06 -20.28 45.90
C ARG C 1041 31.31 -19.08 46.80
N SER C 1042 32.00 -19.32 47.91
CA SER C 1042 32.47 -18.26 48.79
C SER C 1042 33.60 -18.82 49.64
N SER C 1043 34.65 -18.03 49.80
CA SER C 1043 35.80 -18.47 50.57
C SER C 1043 35.42 -18.60 52.05
N GLU C 1044 36.01 -19.60 52.71
CA GLU C 1044 35.81 -19.75 54.15
C GLU C 1044 36.32 -18.54 54.92
N ASP C 1045 37.38 -17.91 54.41
CA ASP C 1045 37.94 -16.73 55.08
C ASP C 1045 36.94 -15.59 55.11
N GLU C 1046 36.18 -15.41 54.04
CA GLU C 1046 35.12 -14.39 54.03
C GLU C 1046 34.12 -14.65 55.15
N LYS C 1047 33.70 -15.90 55.31
CA LYS C 1047 32.76 -16.25 56.36
C LYS C 1047 33.34 -16.00 57.73
N GLN C 1048 34.61 -16.36 57.94
CA GLN C 1048 35.25 -16.14 59.23
C GLN C 1048 35.34 -14.65 59.54
N SER C 1049 35.69 -13.84 58.53
CA SER C 1049 35.79 -12.40 58.72
C SER C 1049 34.43 -11.80 59.06
N GLN C 1050 33.39 -12.20 58.34
CA GLN C 1050 32.05 -11.70 58.67
C GLN C 1050 31.63 -12.13 60.07
N LEU C 1051 31.97 -13.36 60.46
CA LEU C 1051 31.62 -13.83 61.79
C LEU C 1051 32.29 -12.99 62.86
N HIS C 1052 33.57 -12.69 62.71
CA HIS C 1052 34.21 -11.90 63.75
C HIS C 1052 33.78 -10.44 63.67
N ARG C 1053 33.33 -9.97 62.51
CA ARG C 1053 32.74 -8.64 62.42
C ARG C 1053 31.49 -8.57 63.28
N LEU C 1054 30.63 -9.56 63.14
CA LEU C 1054 29.47 -9.66 64.04
C LEU C 1054 29.94 -9.75 65.49
N THR C 1055 31.02 -10.49 65.75
CA THR C 1055 31.53 -10.63 67.10
C THR C 1055 31.91 -9.28 67.70
N GLU C 1056 32.64 -8.46 66.94
CA GLU C 1056 33.09 -7.16 67.43
C GLU C 1056 31.91 -6.22 67.63
N PHE C 1057 31.01 -6.15 66.64
CA PHE C 1057 29.86 -5.27 66.79
C PHE C 1057 29.00 -5.69 67.98
N HIS C 1058 28.93 -7.00 68.24
CA HIS C 1058 28.19 -7.48 69.40
C HIS C 1058 28.88 -7.07 70.70
N GLY C 1059 30.18 -7.34 70.81
CA GLY C 1059 30.90 -7.02 72.03
C GLY C 1059 31.00 -5.54 72.30
N ALA C 1060 30.73 -4.71 71.30
CA ALA C 1060 30.86 -3.26 71.47
C ALA C 1060 29.85 -2.73 72.49
N HIS C 1061 28.59 -3.14 72.38
CA HIS C 1061 27.47 -2.45 73.01
C HIS C 1061 26.61 -3.39 73.84
N GLN C 1062 27.26 -4.18 74.73
CA GLN C 1062 26.51 -5.20 75.46
C GLN C 1062 25.46 -4.61 76.40
N ALA C 1063 25.73 -3.45 77.00
CA ALA C 1063 24.77 -2.88 77.94
C ALA C 1063 23.60 -2.23 77.22
N ASP C 1064 23.84 -1.71 76.02
CA ASP C 1064 22.85 -0.91 75.30
C ASP C 1064 21.67 -1.73 74.79
N ALA C 1065 21.92 -2.90 74.22
CA ALA C 1065 20.86 -3.64 73.54
C ALA C 1065 19.73 -4.00 74.50
N GLU C 1066 20.05 -4.24 75.76
CA GLU C 1066 19.03 -4.64 76.72
C GLU C 1066 17.96 -3.58 76.88
N ALA C 1067 18.36 -2.31 76.95
CA ALA C 1067 17.38 -1.24 77.10
C ALA C 1067 16.46 -1.17 75.90
N MET C 1068 17.01 -1.30 74.68
CA MET C 1068 16.17 -1.26 73.50
C MET C 1068 15.24 -2.47 73.44
N LEU C 1069 15.73 -3.64 73.87
CA LEU C 1069 14.86 -4.81 73.91
C LEU C 1069 13.69 -4.60 74.86
N ALA C 1070 13.96 -4.07 76.04
CA ALA C 1070 12.89 -3.80 77.00
C ALA C 1070 11.91 -2.77 76.45
N ARG C 1071 12.41 -1.72 75.80
CA ARG C 1071 11.52 -0.73 75.21
C ARG C 1071 10.67 -1.35 74.11
N LEU C 1072 11.26 -2.23 73.31
CA LEU C 1072 10.49 -2.91 72.28
C LEU C 1072 9.39 -3.76 72.90
N ARG C 1073 9.71 -4.48 73.97
CA ARG C 1073 8.69 -5.21 74.71
C ARG C 1073 7.55 -4.29 75.11
N GLN C 1074 7.89 -3.17 75.76
CA GLN C 1074 6.87 -2.24 76.23
C GLN C 1074 6.00 -1.74 75.09
N ALA C 1075 6.63 -1.36 73.98
CA ALA C 1075 5.88 -0.79 72.86
C ALA C 1075 4.95 -1.82 72.23
N VAL C 1076 5.44 -3.03 71.99
CA VAL C 1076 4.59 -4.05 71.36
C VAL C 1076 3.44 -4.42 72.28
N ILE C 1077 3.71 -4.50 73.59
CA ILE C 1077 2.65 -4.82 74.54
C ILE C 1077 1.59 -3.73 74.55
N ASP C 1078 2.00 -2.47 74.36
CA ASP C 1078 1.13 -1.33 74.55
C ASP C 1078 0.48 -0.81 73.27
N ASN C 1079 0.58 -1.54 72.16
CA ASN C 1079 -0.08 -1.17 70.90
C ASN C 1079 0.43 0.18 70.39
N ARG C 1080 1.71 0.25 70.07
CA ARG C 1080 2.31 1.48 69.59
C ARG C 1080 3.10 1.23 68.32
N ASN C 1081 3.82 2.26 67.86
CA ASN C 1081 4.54 2.18 66.59
C ASN C 1081 5.83 1.38 66.77
N VAL C 1082 5.78 0.11 66.40
CA VAL C 1082 6.96 -0.74 66.53
C VAL C 1082 8.08 -0.23 65.64
N PHE C 1083 7.74 0.27 64.45
CA PHE C 1083 8.76 0.77 63.55
C PHE C 1083 9.51 1.95 64.14
N ALA C 1084 8.83 2.75 64.97
CA ALA C 1084 9.50 3.85 65.64
C ALA C 1084 10.61 3.34 66.55
N VAL C 1085 10.31 2.31 67.33
CA VAL C 1085 11.33 1.74 68.20
C VAL C 1085 12.44 1.10 67.37
N LEU C 1086 12.07 0.47 66.25
CA LEU C 1086 13.07 -0.13 65.39
C LEU C 1086 14.04 0.91 64.85
N MET C 1087 13.52 2.09 64.47
CA MET C 1087 14.36 3.14 63.89
C MET C 1087 15.52 3.52 64.80
N ASP C 1088 15.35 3.41 66.11
CA ASP C 1088 16.44 3.67 67.03
C ASP C 1088 17.21 2.41 67.42
N ALA C 1089 16.53 1.27 67.51
CA ALA C 1089 17.21 0.05 67.92
C ALA C 1089 18.21 -0.41 66.87
N VAL C 1090 17.87 -0.27 65.58
CA VAL C 1090 18.73 -0.77 64.52
C VAL C 1090 20.13 -0.17 64.57
N ARG C 1091 20.28 1.04 65.10
CA ARG C 1091 21.60 1.62 65.24
C ARG C 1091 22.45 0.86 66.24
N VAL C 1092 21.83 0.14 67.17
CA VAL C 1092 22.53 -0.46 68.29
C VAL C 1092 22.20 -1.92 68.51
N CYS C 1093 21.29 -2.50 67.73
CA CYS C 1093 20.82 -3.86 67.98
C CYS C 1093 21.05 -4.75 66.77
N SER C 1094 21.32 -6.02 67.04
CA SER C 1094 21.55 -7.01 66.01
C SER C 1094 20.24 -7.42 65.33
N LEU C 1095 20.36 -7.75 64.04
CA LEU C 1095 19.20 -8.28 63.33
C LEU C 1095 18.72 -9.57 63.95
N GLY C 1096 19.65 -10.47 64.28
CA GLY C 1096 19.25 -11.73 64.90
C GLY C 1096 18.67 -11.53 66.28
N GLN C 1097 19.26 -10.61 67.06
CA GLN C 1097 18.67 -10.26 68.34
C GLN C 1097 17.27 -9.69 68.16
N ILE C 1098 17.08 -8.89 67.11
CA ILE C 1098 15.75 -8.36 66.82
C ILE C 1098 14.77 -9.49 66.52
N THR C 1099 15.22 -10.48 65.73
CA THR C 1099 14.34 -11.59 65.40
C THR C 1099 13.99 -12.40 66.65
N HIS C 1100 14.98 -12.62 67.51
CA HIS C 1100 14.71 -13.38 68.73
C HIS C 1100 13.80 -12.62 69.68
N ALA C 1101 13.95 -11.29 69.74
CA ALA C 1101 13.03 -10.49 70.54
C ALA C 1101 11.62 -10.59 70.00
N LEU C 1102 11.46 -10.51 68.68
CA LEU C 1102 10.14 -10.66 68.08
C LEU C 1102 9.57 -12.05 68.38
N PHE C 1103 10.42 -13.07 68.37
CA PHE C 1103 10.00 -14.40 68.82
C PHE C 1103 9.49 -14.34 70.25
N GLU C 1104 10.27 -13.70 71.13
CA GLU C 1104 9.91 -13.61 72.55
C GLU C 1104 8.57 -12.93 72.74
N VAL C 1105 8.24 -11.95 71.91
CA VAL C 1105 6.93 -11.33 71.99
C VAL C 1105 5.84 -12.19 71.35
N GLY C 1106 6.22 -13.29 70.70
CA GLY C 1106 5.26 -14.18 70.10
C GLY C 1106 5.02 -14.01 68.62
N GLY C 1107 5.89 -13.28 67.93
CA GLY C 1107 5.70 -13.08 66.51
C GLY C 1107 6.01 -14.27 65.64
N GLN C 1108 6.45 -15.38 66.22
CA GLN C 1108 6.84 -16.54 65.43
C GLN C 1108 5.66 -17.12 64.66
N TYR C 1109 5.91 -17.54 63.43
CA TYR C 1109 4.90 -18.24 62.64
C TYR C 1109 4.83 -19.70 63.08
N ARG C 1110 3.63 -20.17 63.37
CA ARG C 1110 3.41 -21.52 63.84
C ARG C 1110 3.01 -22.43 62.70
N ARG C 1111 3.05 -23.74 62.95
CA ARG C 1111 2.63 -24.73 61.98
C ARG C 1111 1.13 -24.98 62.08
N ASN C 1112 0.36 -24.27 61.26
CA ASN C 1112 -1.10 -24.34 61.32
C ASN C 1112 -1.71 -25.06 60.13
N MET C 1113 -1.00 -26.00 59.52
CA MET C 1113 -1.55 -26.76 58.41
C MET C 1113 -2.74 -27.60 58.85
PB GDP D . 19.47 3.72 -34.29
O1B GDP D . 18.57 3.52 -35.48
O2B GDP D . 20.63 2.77 -34.36
O3B GDP D . 20.00 5.13 -34.28
O3A GDP D . 18.64 3.43 -32.95
PA GDP D . 18.26 1.90 -32.65
O1A GDP D . 18.11 1.14 -33.95
O2A GDP D . 19.31 1.27 -31.78
O5' GDP D . 16.87 1.94 -31.87
C5' GDP D . 16.48 0.80 -31.11
C4' GDP D . 15.28 1.20 -30.27
O4' GDP D . 14.20 1.56 -31.12
C3' GDP D . 14.80 0.05 -29.40
O3' GDP D . 15.23 0.24 -28.06
C2' GDP D . 13.29 0.10 -29.50
O2' GDP D . 12.74 0.56 -28.25
C1' GDP D . 12.97 1.10 -30.59
N9 GDP D . 12.23 0.38 -31.63
C8 GDP D . 12.79 -0.32 -32.63
N7 GDP D . 11.84 -0.88 -33.42
C5 GDP D . 10.64 -0.54 -32.92
C6 GDP D . 9.23 -0.79 -33.25
O6 GDP D . 8.93 -1.49 -34.24
N1 GDP D . 8.29 -0.25 -32.46
C2 GDP D . 8.60 0.49 -31.39
N2 GDP D . 7.60 1.00 -30.64
N3 GDP D . 9.88 0.77 -31.02
C4 GDP D . 10.91 0.28 -31.73
MG MG E . 22.56 4.47 -33.87
PB GDP F . 10.07 24.90 -38.85
O1B GDP F . 10.92 24.66 -40.09
O2B GDP F . 8.65 25.14 -39.26
O3B GDP F . 10.59 26.10 -38.11
O3A GDP F . 10.11 23.59 -37.93
PA GDP F . 9.57 23.64 -36.41
O1A GDP F . 9.55 25.05 -35.86
O2A GDP F . 10.43 22.74 -35.57
O5' GDP F . 8.08 23.08 -36.54
C5' GDP F . 7.00 23.80 -35.94
C4' GDP F . 5.69 23.19 -36.42
O4' GDP F . 5.17 22.29 -35.44
C3' GDP F . 4.62 24.23 -36.64
O3' GDP F . 4.59 24.63 -38.01
C2' GDP F . 3.33 23.53 -36.26
O2' GDP F . 2.63 23.13 -37.43
C1' GDP F . 3.74 22.30 -35.46
N9 GDP F . 3.27 22.51 -34.09
C8 GDP F . 2.41 23.48 -33.71
N7 GDP F . 2.17 23.43 -32.37
C5 GDP F . 2.89 22.42 -31.87
C6 GDP F . 3.11 21.83 -30.55
O6 GDP F . 2.53 22.29 -29.54
N1 GDP F . 3.94 20.79 -30.46
C2 GDP F . 4.58 20.28 -31.51
N2 GDP F . 5.40 19.22 -31.31
N3 GDP F . 4.43 20.76 -32.76
C4 GDP F . 3.62 21.82 -33.01
PB GDP G . -6.53 -28.33 69.75
O1B GDP G . -6.14 -26.95 69.31
O2B GDP G . -5.94 -28.62 71.10
O3B GDP G . -6.00 -29.34 68.75
O3A GDP G . -8.13 -28.43 69.79
PA GDP G . -8.91 -28.75 68.42
O1A GDP G . -10.34 -28.26 68.44
O2A GDP G . -8.82 -30.21 68.11
O5' GDP G . -8.09 -27.87 67.34
C5' GDP G . -8.73 -27.48 66.12
C4' GDP G . -7.76 -26.64 65.31
O4' GDP G . -8.21 -25.29 65.21
C3' GDP G . -6.40 -26.58 65.97
O3' GDP G . -5.55 -27.58 65.44
C2' GDP G . -5.88 -25.20 65.66
O2' GDP G . -4.87 -25.28 64.65
C1' GDP G . -7.08 -24.42 65.12
N9 GDP G . -7.29 -23.23 65.97
C8 GDP G . -6.95 -23.12 67.26
N7 GDP G . -7.28 -21.90 67.75
C5 GDP G . -7.87 -21.21 66.75
C6 GDP G . -8.46 -19.88 66.60
O6 GDP G . -8.48 -19.08 67.56
N1 GDP G . -8.97 -19.55 65.40
C2 GDP G . -8.95 -20.39 64.36
N2 GDP G . -9.49 -20.00 63.19
N3 GDP G . -8.43 -21.65 64.43
C4 GDP G . -7.88 -22.09 65.58
#